data_1P4Q
#
_entry.id   1P4Q
#
loop_
_entity.id
_entity.type
_entity.pdbx_description
1 polymer 'Cbp/p300-interacting transactivator 2'
2 polymer 'E1A-associated protein p300'
3 non-polymer 'ZINC ION'
#
loop_
_entity_poly.entity_id
_entity_poly.type
_entity_poly.pdbx_seq_one_letter_code
_entity_poly.pdbx_strand_id
1 'polypeptide(L)' GSGSGSGSNVIDTDFIDEEVLMSLVIEMGLDRIKELPELWLGQNEFDFMTDF A
2 'polypeptide(L)'
;MGSGAHTADPEKRKLIQQQLVLLLHAHKCQRREQANGEVRQCNLPHCRTMKNVLNHMTHCQSGKSCQVAHCASSRQIISH
WKNCTRHDCPVCLPLKNAGDK
;
B
#
# COMPACT_ATOMS: atom_id res chain seq x y z
N GLY A 1 24.61 -0.89 22.72
CA GLY A 1 23.76 -1.94 22.10
C GLY A 1 22.35 -1.44 21.83
N SER A 2 21.90 -1.60 20.59
CA SER A 2 20.56 -1.16 20.21
C SER A 2 19.98 -2.08 19.12
N GLY A 3 19.56 -3.28 19.54
CA GLY A 3 19.00 -4.22 18.60
C GLY A 3 17.66 -3.76 18.04
N SER A 4 17.13 -4.53 17.10
CA SER A 4 15.84 -4.19 16.47
C SER A 4 15.42 -5.28 15.50
N GLY A 5 14.17 -5.70 15.59
CA GLY A 5 13.66 -6.73 14.70
C GLY A 5 12.77 -6.17 13.61
N SER A 6 11.98 -5.15 13.95
CA SER A 6 11.08 -4.53 12.99
C SER A 6 10.79 -3.08 13.37
N GLY A 7 10.61 -2.23 12.36
CA GLY A 7 10.33 -0.84 12.62
C GLY A 7 8.85 -0.51 12.51
N SER A 8 8.46 0.07 11.39
CA SER A 8 7.06 0.44 11.16
C SER A 8 6.78 0.62 9.68
N ASN A 9 6.39 -0.46 9.01
CA ASN A 9 6.08 -0.42 7.58
C ASN A 9 7.29 0.05 6.79
N VAL A 10 8.41 -0.66 6.94
CA VAL A 10 9.64 -0.31 6.24
C VAL A 10 9.44 -0.23 4.75
N ILE A 11 8.88 -1.29 4.21
CA ILE A 11 8.60 -1.41 2.79
C ILE A 11 9.84 -1.12 1.94
N ASP A 12 9.84 -1.66 0.73
CA ASP A 12 10.96 -1.48 -0.19
C ASP A 12 10.68 -0.36 -1.19
N THR A 13 10.17 0.74 -0.69
CA THR A 13 9.85 1.89 -1.53
C THR A 13 10.49 3.18 -0.98
N ASP A 14 11.47 3.02 -0.09
CA ASP A 14 12.15 4.18 0.49
C ASP A 14 13.25 4.68 -0.45
N PHE A 15 13.46 3.94 -1.53
CA PHE A 15 14.45 4.29 -2.53
C PHE A 15 13.78 4.79 -3.81
N ILE A 16 12.50 4.45 -3.95
CA ILE A 16 11.72 4.83 -5.11
C ILE A 16 11.42 6.33 -5.11
N ASP A 17 11.18 6.85 -6.31
CA ASP A 17 10.88 8.26 -6.47
C ASP A 17 9.38 8.48 -6.63
N GLU A 18 8.86 9.46 -5.90
CA GLU A 18 7.44 9.78 -5.94
C GLU A 18 7.03 10.32 -7.32
N GLU A 19 8.01 10.62 -8.17
CA GLU A 19 7.74 11.13 -9.50
C GLU A 19 7.56 9.99 -10.48
N VAL A 20 8.31 8.91 -10.27
CA VAL A 20 8.23 7.75 -11.12
C VAL A 20 6.85 7.11 -11.07
N LEU A 21 6.44 6.70 -9.86
CA LEU A 21 5.14 6.09 -9.69
C LEU A 21 4.04 7.05 -10.11
N MET A 22 4.33 8.35 -10.04
CA MET A 22 3.37 9.38 -10.44
C MET A 22 2.96 9.18 -11.89
N SER A 23 3.96 9.06 -12.76
CA SER A 23 3.71 8.85 -14.19
C SER A 23 2.96 7.54 -14.39
N LEU A 24 3.28 6.55 -13.56
CA LEU A 24 2.63 5.25 -13.64
C LEU A 24 1.18 5.34 -13.15
N VAL A 25 0.91 6.29 -12.26
CA VAL A 25 -0.41 6.48 -11.72
C VAL A 25 -1.37 7.00 -12.80
N ILE A 26 -0.90 7.95 -13.58
CA ILE A 26 -1.71 8.53 -14.66
C ILE A 26 -1.84 7.54 -15.80
N GLU A 27 -0.77 6.80 -16.05
CA GLU A 27 -0.75 5.82 -17.14
C GLU A 27 -1.79 4.74 -16.93
N MET A 28 -1.94 4.27 -15.70
CA MET A 28 -2.90 3.23 -15.39
C MET A 28 -4.27 3.83 -15.07
N GLY A 29 -4.26 4.93 -14.34
CA GLY A 29 -5.50 5.58 -13.96
C GLY A 29 -5.74 5.49 -12.47
N LEU A 30 -4.66 5.64 -11.72
CA LEU A 30 -4.70 5.57 -10.27
C LEU A 30 -5.10 6.90 -9.65
N ASP A 31 -4.94 7.99 -10.40
CA ASP A 31 -5.29 9.32 -9.92
C ASP A 31 -6.70 9.72 -10.38
N ARG A 32 -7.39 8.80 -11.05
CA ARG A 32 -8.74 9.08 -11.53
C ARG A 32 -9.71 7.97 -11.11
N ILE A 33 -9.52 7.47 -9.89
CA ILE A 33 -10.38 6.42 -9.36
C ILE A 33 -11.58 6.99 -8.62
N LYS A 34 -12.76 6.46 -8.91
CA LYS A 34 -13.99 6.93 -8.27
C LYS A 34 -14.40 5.99 -7.13
N GLU A 35 -14.10 4.70 -7.31
CA GLU A 35 -14.45 3.70 -6.30
C GLU A 35 -13.24 2.82 -5.99
N LEU A 36 -12.72 2.93 -4.78
CA LEU A 36 -11.57 2.14 -4.36
C LEU A 36 -12.00 0.73 -3.95
N PRO A 37 -11.67 -0.29 -4.77
CA PRO A 37 -12.03 -1.69 -4.48
C PRO A 37 -11.47 -2.17 -3.14
N GLU A 38 -11.99 -3.29 -2.67
CA GLU A 38 -11.57 -3.89 -1.40
C GLU A 38 -10.38 -4.82 -1.62
N LEU A 39 -9.45 -4.82 -0.67
CA LEU A 39 -8.28 -5.69 -0.76
C LEU A 39 -8.21 -6.65 0.42
N TRP A 40 -8.72 -7.86 0.22
CA TRP A 40 -8.70 -8.89 1.25
C TRP A 40 -8.22 -10.22 0.66
N LEU A 41 -7.47 -10.98 1.45
CA LEU A 41 -6.94 -12.28 1.00
C LEU A 41 -7.94 -13.00 0.09
N GLY A 42 -7.85 -12.74 -1.21
CA GLY A 42 -8.75 -13.36 -2.17
C GLY A 42 -8.14 -14.57 -2.83
N GLN A 43 -7.27 -14.33 -3.81
CA GLN A 43 -6.62 -15.42 -4.53
C GLN A 43 -5.89 -16.36 -3.56
N ASN A 44 -5.44 -17.48 -4.09
CA ASN A 44 -4.72 -18.48 -3.30
C ASN A 44 -3.23 -18.47 -3.61
N GLU A 45 -2.87 -17.87 -4.76
CA GLU A 45 -1.48 -17.80 -5.17
C GLU A 45 -0.76 -16.63 -4.52
N PHE A 46 -1.50 -15.85 -3.75
CA PHE A 46 -0.92 -14.68 -3.07
C PHE A 46 -1.17 -14.75 -1.56
N ASP A 47 -1.47 -15.94 -1.07
CA ASP A 47 -1.73 -16.15 0.35
C ASP A 47 -0.50 -15.80 1.21
N PHE A 48 0.64 -15.60 0.55
CA PHE A 48 1.87 -15.27 1.24
C PHE A 48 1.77 -13.93 1.98
N MET A 49 0.72 -13.17 1.70
CA MET A 49 0.52 -11.87 2.34
C MET A 49 -0.13 -12.01 3.72
N THR A 50 -0.19 -13.24 4.23
CA THR A 50 -0.78 -13.49 5.54
C THR A 50 0.03 -12.81 6.64
N ASP A 51 1.29 -13.23 6.77
CA ASP A 51 2.19 -12.66 7.78
C ASP A 51 1.73 -13.00 9.19
N PHE A 52 0.78 -13.91 9.27
CA PHE A 52 0.23 -14.34 10.55
C PHE A 52 1.26 -15.11 11.36
N MET B 1 -23.79 -0.18 8.02
CA MET B 1 -22.48 -0.29 7.32
C MET B 1 -22.57 -1.24 6.13
N GLY B 2 -22.92 -2.49 6.40
CA GLY B 2 -23.03 -3.49 5.35
C GLY B 2 -21.86 -4.45 5.33
N SER B 3 -22.16 -5.74 5.22
CA SER B 3 -21.12 -6.76 5.18
C SER B 3 -21.36 -7.73 4.02
N GLY B 4 -20.38 -8.61 3.79
CA GLY B 4 -20.50 -9.58 2.72
C GLY B 4 -19.32 -9.53 1.76
N ALA B 5 -18.13 -9.33 2.30
CA ALA B 5 -16.92 -9.26 1.48
C ALA B 5 -15.68 -9.10 2.35
N HIS B 6 -15.43 -10.09 3.20
CA HIS B 6 -14.27 -10.06 4.08
C HIS B 6 -13.04 -10.68 3.40
N THR B 7 -13.28 -11.58 2.45
CA THR B 7 -12.20 -12.23 1.73
C THR B 7 -11.91 -11.51 0.41
N ALA B 8 -12.76 -10.58 0.06
CA ALA B 8 -12.60 -9.80 -1.17
C ALA B 8 -12.56 -10.72 -2.39
N ASP B 9 -12.28 -10.13 -3.54
CA ASP B 9 -12.21 -10.88 -4.79
C ASP B 9 -10.76 -11.17 -5.18
N PRO B 10 -10.54 -12.09 -6.13
CA PRO B 10 -9.20 -12.46 -6.59
C PRO B 10 -8.51 -11.30 -7.31
N GLU B 11 -9.32 -10.46 -7.96
CA GLU B 11 -8.80 -9.30 -8.67
C GLU B 11 -8.15 -8.32 -7.68
N LYS B 12 -8.38 -8.56 -6.39
CA LYS B 12 -7.82 -7.72 -5.35
C LYS B 12 -6.30 -7.80 -5.37
N ARG B 13 -5.77 -8.99 -5.66
CA ARG B 13 -4.33 -9.18 -5.73
C ARG B 13 -3.77 -8.23 -6.78
N LYS B 14 -4.50 -8.09 -7.88
CA LYS B 14 -4.10 -7.20 -8.95
C LYS B 14 -4.18 -5.77 -8.44
N LEU B 15 -5.25 -5.49 -7.71
CA LEU B 15 -5.45 -4.17 -7.12
C LEU B 15 -4.44 -3.95 -6.01
N ILE B 16 -3.91 -5.04 -5.46
CA ILE B 16 -2.90 -4.95 -4.42
C ILE B 16 -1.69 -4.23 -4.95
N GLN B 17 -1.22 -4.67 -6.11
CA GLN B 17 -0.07 -4.05 -6.75
C GLN B 17 -0.37 -2.58 -7.04
N GLN B 18 -1.53 -2.33 -7.66
CA GLN B 18 -1.94 -0.96 -7.96
C GLN B 18 -2.16 -0.18 -6.68
N GLN B 19 -2.82 -0.81 -5.71
CA GLN B 19 -3.07 -0.16 -4.44
C GLN B 19 -1.76 0.14 -3.75
N LEU B 20 -0.86 -0.84 -3.73
CA LEU B 20 0.43 -0.63 -3.12
C LEU B 20 1.02 0.67 -3.61
N VAL B 21 0.80 0.98 -4.89
CA VAL B 21 1.31 2.21 -5.45
C VAL B 21 0.66 3.41 -4.79
N LEU B 22 -0.65 3.31 -4.56
CA LEU B 22 -1.38 4.38 -3.90
C LEU B 22 -0.98 4.43 -2.43
N LEU B 23 -0.66 3.26 -1.88
CA LEU B 23 -0.21 3.15 -0.49
C LEU B 23 1.28 3.46 -0.42
N LEU B 24 1.96 3.23 -1.55
CA LEU B 24 3.39 3.48 -1.64
C LEU B 24 3.62 4.99 -1.72
N HIS B 25 2.90 5.63 -2.64
CA HIS B 25 2.99 7.07 -2.80
C HIS B 25 2.48 7.74 -1.54
N ALA B 26 1.27 7.35 -1.14
CA ALA B 26 0.65 7.88 0.06
C ALA B 26 1.60 7.77 1.25
N HIS B 27 2.44 6.74 1.22
CA HIS B 27 3.41 6.53 2.29
C HIS B 27 4.40 7.69 2.33
N LYS B 28 5.23 7.77 1.31
CA LYS B 28 6.21 8.86 1.22
C LYS B 28 5.49 10.20 1.12
N CYS B 29 4.23 10.15 0.70
CA CYS B 29 3.41 11.35 0.58
C CYS B 29 2.92 11.81 1.95
N GLN B 30 2.75 10.83 2.86
CA GLN B 30 2.29 11.13 4.20
C GLN B 30 3.45 11.47 5.13
N ARG B 31 4.66 11.02 4.76
CA ARG B 31 5.84 11.28 5.56
C ARG B 31 6.54 12.57 5.14
N ARG B 32 6.18 13.09 3.98
CA ARG B 32 6.78 14.32 3.46
C ARG B 32 6.19 15.55 4.14
N GLU B 33 5.07 15.36 4.81
CA GLU B 33 4.38 16.45 5.51
C GLU B 33 4.70 16.43 6.99
N GLN B 34 4.59 15.25 7.60
CA GLN B 34 4.86 15.10 9.02
C GLN B 34 6.34 15.25 9.33
N ALA B 35 7.19 15.05 8.32
CA ALA B 35 8.63 15.16 8.51
C ALA B 35 9.13 16.57 8.24
N ASN B 36 8.22 17.44 7.87
CA ASN B 36 8.55 18.83 7.60
C ASN B 36 7.64 19.78 8.39
N GLY B 37 6.69 19.22 9.10
CA GLY B 37 5.77 20.01 9.90
C GLY B 37 4.67 20.67 9.08
N GLU B 38 4.92 20.87 7.78
CA GLU B 38 3.94 21.50 6.91
C GLU B 38 3.50 20.54 5.81
N VAL B 39 2.41 20.87 5.14
CA VAL B 39 1.89 20.04 4.05
C VAL B 39 1.80 20.82 2.76
N ARG B 40 1.86 20.10 1.65
CA ARG B 40 1.79 20.72 0.32
C ARG B 40 0.72 20.05 -0.54
N GLN B 41 0.20 20.79 -1.51
CA GLN B 41 -0.82 20.27 -2.41
C GLN B 41 -0.29 19.06 -3.19
N CYS B 42 -1.08 18.00 -3.23
CA CYS B 42 -0.70 16.79 -3.93
C CYS B 42 -1.40 16.69 -5.29
N ASN B 43 -0.71 16.13 -6.28
CA ASN B 43 -1.27 15.99 -7.61
C ASN B 43 -2.55 15.16 -7.59
N LEU B 44 -2.39 13.85 -7.34
CA LEU B 44 -3.53 12.95 -7.28
C LEU B 44 -4.18 12.98 -5.91
N PRO B 45 -5.48 13.34 -5.84
CA PRO B 45 -6.21 13.40 -4.57
C PRO B 45 -6.54 12.03 -3.99
N HIS B 46 -6.23 10.98 -4.75
CA HIS B 46 -6.50 9.62 -4.31
C HIS B 46 -5.68 9.26 -3.07
N CYS B 47 -4.50 9.88 -2.94
CA CYS B 47 -3.63 9.63 -1.81
C CYS B 47 -4.30 10.03 -0.49
N ARG B 48 -5.33 10.86 -0.57
CA ARG B 48 -6.05 11.32 0.62
C ARG B 48 -6.51 10.13 1.46
N THR B 49 -7.27 9.23 0.86
CA THR B 49 -7.78 8.05 1.56
C THR B 49 -6.67 7.34 2.32
N MET B 50 -5.58 7.04 1.61
CA MET B 50 -4.44 6.37 2.21
C MET B 50 -3.92 7.16 3.41
N LYS B 51 -3.81 8.47 3.26
CA LYS B 51 -3.34 9.34 4.33
C LYS B 51 -4.15 9.11 5.60
N ASN B 52 -5.44 8.85 5.42
CA ASN B 52 -6.34 8.59 6.54
C ASN B 52 -6.11 7.19 7.08
N VAL B 53 -5.60 6.30 6.23
CA VAL B 53 -5.32 4.93 6.61
C VAL B 53 -3.97 4.85 7.31
N LEU B 54 -2.92 5.35 6.65
CA LEU B 54 -1.60 5.35 7.23
C LEU B 54 -1.63 6.03 8.60
N ASN B 55 -2.49 7.03 8.72
CA ASN B 55 -2.65 7.76 9.97
C ASN B 55 -3.41 6.91 10.96
N HIS B 56 -4.40 6.17 10.45
CA HIS B 56 -5.20 5.29 11.26
C HIS B 56 -4.35 4.12 11.74
N MET B 57 -3.46 3.66 10.86
CA MET B 57 -2.57 2.56 11.21
C MET B 57 -1.79 2.89 12.47
N THR B 58 -1.65 4.19 12.72
CA THR B 58 -0.95 4.67 13.90
C THR B 58 -1.85 4.51 15.12
N HIS B 59 -3.15 4.58 14.86
CA HIS B 59 -4.15 4.42 15.92
C HIS B 59 -4.62 2.97 15.92
N CYS B 60 -4.17 2.24 14.90
CA CYS B 60 -4.50 0.84 14.72
C CYS B 60 -3.58 -0.03 15.57
N GLN B 61 -4.11 -0.53 16.68
CA GLN B 61 -3.34 -1.34 17.62
C GLN B 61 -3.52 -2.84 17.40
N SER B 62 -4.31 -3.20 16.41
CA SER B 62 -4.54 -4.61 16.10
C SER B 62 -3.86 -4.94 14.80
N GLY B 63 -3.76 -3.93 13.94
CA GLY B 63 -3.13 -4.08 12.66
C GLY B 63 -3.69 -5.23 11.86
N LYS B 64 -3.17 -6.41 12.13
CA LYS B 64 -3.61 -7.62 11.46
C LYS B 64 -4.94 -8.11 12.03
N SER B 65 -5.39 -7.49 13.11
CA SER B 65 -6.65 -7.85 13.74
C SER B 65 -7.69 -6.76 13.50
N CYS B 66 -7.24 -5.63 12.96
CA CYS B 66 -8.11 -4.51 12.65
C CYS B 66 -8.81 -4.76 11.34
N GLN B 67 -9.96 -4.15 11.18
CA GLN B 67 -10.73 -4.29 9.98
C GLN B 67 -11.30 -2.95 9.55
N VAL B 68 -10.72 -1.87 10.10
CA VAL B 68 -11.16 -0.54 9.76
C VAL B 68 -10.89 -0.27 8.30
N ALA B 69 -11.95 0.07 7.57
CA ALA B 69 -11.85 0.35 6.14
C ALA B 69 -10.77 -0.53 5.48
N HIS B 70 -9.61 0.05 5.19
CA HIS B 70 -8.51 -0.67 4.56
C HIS B 70 -7.42 -1.05 5.56
N CYS B 71 -7.54 -0.60 6.81
CA CYS B 71 -6.54 -0.85 7.85
C CYS B 71 -5.89 -2.23 7.70
N ALA B 72 -6.69 -3.28 7.87
CA ALA B 72 -6.17 -4.64 7.76
C ALA B 72 -5.49 -4.86 6.42
N SER B 73 -6.00 -4.19 5.38
CA SER B 73 -5.43 -4.32 4.04
C SER B 73 -4.13 -3.53 3.93
N SER B 74 -4.15 -2.29 4.40
CA SER B 74 -2.95 -1.46 4.37
C SER B 74 -1.86 -2.10 5.20
N ARG B 75 -2.26 -2.79 6.26
CA ARG B 75 -1.31 -3.47 7.14
C ARG B 75 -0.92 -4.82 6.53
N GLN B 76 -1.91 -5.53 6.02
CA GLN B 76 -1.67 -6.83 5.39
C GLN B 76 -0.90 -6.65 4.09
N ILE B 77 -1.30 -5.65 3.31
CA ILE B 77 -0.62 -5.35 2.05
C ILE B 77 0.83 -4.97 2.30
N ILE B 78 1.06 -3.82 2.94
CA ILE B 78 2.41 -3.36 3.26
C ILE B 78 3.21 -4.50 3.90
N SER B 79 2.51 -5.40 4.59
CA SER B 79 3.14 -6.54 5.24
C SER B 79 3.82 -7.41 4.19
N HIS B 80 3.04 -7.89 3.22
CA HIS B 80 3.57 -8.72 2.15
C HIS B 80 4.78 -8.03 1.54
N TRP B 81 4.53 -6.82 1.08
CA TRP B 81 5.55 -5.99 0.46
C TRP B 81 6.77 -5.82 1.37
N LYS B 82 6.57 -6.00 2.67
CA LYS B 82 7.65 -5.84 3.64
C LYS B 82 8.43 -7.13 3.83
N ASN B 83 7.72 -8.25 4.00
CA ASN B 83 8.36 -9.54 4.20
C ASN B 83 8.74 -10.19 2.87
N CYS B 84 7.95 -9.90 1.84
CA CYS B 84 8.20 -10.45 0.51
C CYS B 84 9.61 -10.14 0.03
N THR B 85 10.26 -11.14 -0.57
CA THR B 85 11.62 -10.96 -1.07
C THR B 85 12.04 -12.16 -1.92
N ARG B 86 12.59 -11.88 -3.09
CA ARG B 86 13.03 -12.94 -4.01
C ARG B 86 11.85 -13.79 -4.46
N HIS B 87 12.15 -14.95 -5.05
CA HIS B 87 11.11 -15.85 -5.52
C HIS B 87 10.35 -15.23 -6.69
N ASP B 88 9.19 -15.80 -7.01
CA ASP B 88 8.35 -15.29 -8.10
C ASP B 88 7.43 -14.19 -7.60
N CYS B 89 8.04 -13.14 -7.04
CA CYS B 89 7.27 -12.01 -6.51
C CYS B 89 7.39 -10.79 -7.43
N PRO B 90 6.42 -10.59 -8.33
CA PRO B 90 6.43 -9.46 -9.26
C PRO B 90 5.83 -8.19 -8.67
N VAL B 91 5.83 -8.09 -7.35
CA VAL B 91 5.30 -6.92 -6.67
C VAL B 91 6.41 -5.94 -6.27
N CYS B 92 7.16 -6.30 -5.23
CA CYS B 92 8.25 -5.47 -4.71
C CYS B 92 9.45 -5.47 -5.67
N LEU B 93 9.78 -6.64 -6.22
CA LEU B 93 10.90 -6.76 -7.14
C LEU B 93 10.83 -5.75 -8.28
N PRO B 94 9.85 -5.91 -9.20
CA PRO B 94 9.69 -4.99 -10.33
C PRO B 94 9.54 -3.55 -9.89
N LEU B 95 8.71 -3.32 -8.87
CA LEU B 95 8.50 -1.97 -8.36
C LEU B 95 9.83 -1.40 -7.83
N LYS B 96 10.77 -2.29 -7.53
CA LYS B 96 12.08 -1.88 -7.03
C LYS B 96 13.04 -1.60 -8.17
N ASN B 97 12.74 -2.20 -9.31
CA ASN B 97 13.55 -2.04 -10.51
C ASN B 97 13.29 -0.69 -11.17
N ALA B 98 12.08 -0.51 -11.69
CA ALA B 98 11.70 0.72 -12.35
C ALA B 98 12.61 1.01 -13.55
N GLY B 99 13.23 -0.04 -14.09
CA GLY B 99 14.11 0.12 -15.22
C GLY B 99 13.40 0.72 -16.43
N ASP B 100 12.28 0.12 -16.82
CA ASP B 100 11.51 0.61 -17.96
C ASP B 100 10.02 0.57 -17.65
N LYS B 101 9.36 1.72 -17.83
CA LYS B 101 7.93 1.83 -17.57
C LYS B 101 7.61 1.46 -16.12
N GLY A 1 13.59 -11.69 11.87
CA GLY A 1 13.66 -11.56 13.35
C GLY A 1 13.28 -10.17 13.83
N SER A 2 12.01 -10.00 14.21
CA SER A 2 11.53 -8.71 14.68
C SER A 2 11.72 -7.63 13.63
N GLY A 3 11.44 -6.39 14.00
CA GLY A 3 11.59 -5.28 13.08
C GLY A 3 10.28 -4.90 12.41
N SER A 4 9.79 -3.71 12.73
CA SER A 4 8.54 -3.22 12.16
C SER A 4 8.38 -1.72 12.40
N GLY A 5 8.15 -1.35 13.65
CA GLY A 5 7.98 0.05 13.99
C GLY A 5 9.31 0.75 14.23
N SER A 6 10.11 0.87 13.18
CA SER A 6 11.41 1.53 13.27
C SER A 6 12.06 1.63 11.91
N GLY A 7 13.06 2.52 11.80
CA GLY A 7 13.75 2.69 10.54
C GLY A 7 14.68 1.55 10.22
N SER A 8 14.25 0.68 9.31
CA SER A 8 15.06 -0.48 8.90
C SER A 8 14.55 -1.07 7.60
N ASN A 9 14.33 -0.21 6.61
CA ASN A 9 13.85 -0.66 5.31
C ASN A 9 12.46 -1.29 5.42
N VAL A 10 11.43 -0.45 5.43
CA VAL A 10 10.07 -0.93 5.53
C VAL A 10 9.58 -1.49 4.19
N ILE A 11 8.98 -0.64 3.39
CA ILE A 11 8.47 -1.03 2.08
C ILE A 11 9.60 -0.98 1.04
N ASP A 12 9.25 -0.89 -0.24
CA ASP A 12 10.25 -0.88 -1.29
C ASP A 12 10.10 0.33 -2.23
N THR A 13 9.78 1.47 -1.65
CA THR A 13 9.62 2.69 -2.43
C THR A 13 10.53 3.81 -1.89
N ASP A 14 11.37 3.48 -0.92
CA ASP A 14 12.28 4.45 -0.34
C ASP A 14 13.38 4.82 -1.32
N PHE A 15 13.63 3.92 -2.24
CA PHE A 15 14.65 4.11 -3.28
C PHE A 15 14.03 4.59 -4.57
N ILE A 16 12.74 4.31 -4.75
CA ILE A 16 12.02 4.70 -5.95
C ILE A 16 11.78 6.20 -5.99
N ASP A 17 11.61 6.72 -7.19
CA ASP A 17 11.36 8.14 -7.38
C ASP A 17 9.88 8.42 -7.44
N GLU A 18 9.47 9.44 -6.70
CA GLU A 18 8.06 9.84 -6.64
C GLU A 18 7.49 10.14 -8.02
N GLU A 19 8.36 10.36 -9.00
CA GLU A 19 7.93 10.65 -10.36
C GLU A 19 7.74 9.36 -11.14
N VAL A 20 8.54 8.35 -10.81
CA VAL A 20 8.45 7.06 -11.47
C VAL A 20 7.09 6.42 -11.27
N LEU A 21 6.70 6.26 -10.00
CA LEU A 21 5.41 5.66 -9.68
C LEU A 21 4.28 6.55 -10.20
N MET A 22 4.56 7.84 -10.29
CA MET A 22 3.57 8.80 -10.77
C MET A 22 3.19 8.48 -12.22
N SER A 23 4.19 8.32 -13.06
CA SER A 23 3.97 8.00 -14.46
C SER A 23 3.21 6.69 -14.58
N LEU A 24 3.50 5.76 -13.68
CA LEU A 24 2.85 4.46 -13.67
C LEU A 24 1.40 4.60 -13.23
N VAL A 25 1.12 5.61 -12.40
CA VAL A 25 -0.21 5.85 -11.91
C VAL A 25 -1.15 6.28 -13.05
N ILE A 26 -0.67 7.18 -13.89
CA ILE A 26 -1.45 7.66 -15.02
C ILE A 26 -1.64 6.55 -16.05
N GLU A 27 -0.62 5.73 -16.21
CA GLU A 27 -0.66 4.63 -17.16
C GLU A 27 -1.80 3.66 -16.84
N MET A 28 -1.92 3.29 -15.57
CA MET A 28 -2.95 2.37 -15.13
C MET A 28 -4.27 3.10 -14.92
N GLY A 29 -4.18 4.28 -14.31
CA GLY A 29 -5.37 5.07 -14.04
C GLY A 29 -5.58 5.24 -12.55
N LEU A 30 -4.50 5.51 -11.85
CA LEU A 30 -4.53 5.68 -10.40
C LEU A 30 -4.63 7.15 -10.00
N ASP A 31 -4.91 8.01 -10.97
CA ASP A 31 -5.04 9.44 -10.71
C ASP A 31 -6.41 9.96 -11.12
N ARG A 32 -7.41 9.08 -11.09
CA ARG A 32 -8.77 9.46 -11.45
C ARG A 32 -9.72 8.27 -11.29
N ILE A 33 -9.55 7.52 -10.22
CA ILE A 33 -10.40 6.37 -9.95
C ILE A 33 -11.78 6.79 -9.45
N LYS A 34 -12.80 6.49 -10.23
CA LYS A 34 -14.17 6.84 -9.87
C LYS A 34 -14.58 6.14 -8.57
N GLU A 35 -14.28 4.86 -8.48
CA GLU A 35 -14.61 4.08 -7.29
C GLU A 35 -13.43 3.22 -6.86
N LEU A 36 -13.00 3.40 -5.61
CA LEU A 36 -11.88 2.64 -5.08
C LEU A 36 -12.32 1.26 -4.56
N PRO A 37 -11.92 0.18 -5.26
CA PRO A 37 -12.28 -1.19 -4.88
C PRO A 37 -11.62 -1.62 -3.57
N GLU A 38 -12.16 -2.66 -2.95
CA GLU A 38 -11.61 -3.17 -1.70
C GLU A 38 -10.24 -3.79 -1.94
N LEU A 39 -9.39 -3.77 -0.92
CA LEU A 39 -8.06 -4.34 -1.02
C LEU A 39 -7.85 -5.45 0.00
N TRP A 40 -8.03 -6.69 -0.44
CA TRP A 40 -7.85 -7.84 0.44
C TRP A 40 -7.02 -8.92 -0.26
N LEU A 41 -6.48 -9.84 0.55
CA LEU A 41 -5.65 -10.94 0.03
C LEU A 41 -6.14 -11.41 -1.33
N GLY A 42 -7.34 -11.98 -1.38
CA GLY A 42 -7.91 -12.45 -2.62
C GLY A 42 -7.58 -13.90 -2.91
N GLN A 43 -6.93 -14.15 -4.03
CA GLN A 43 -6.56 -15.51 -4.43
C GLN A 43 -5.80 -16.23 -3.32
N ASN A 44 -5.62 -17.53 -3.49
CA ASN A 44 -4.91 -18.34 -2.51
C ASN A 44 -3.41 -18.43 -2.84
N GLU A 45 -3.06 -18.07 -4.06
CA GLU A 45 -1.67 -18.12 -4.49
C GLU A 45 -0.89 -16.90 -3.98
N PHE A 46 -1.59 -16.00 -3.31
CA PHE A 46 -0.98 -14.80 -2.75
C PHE A 46 -0.91 -14.88 -1.23
N ASP A 47 -1.01 -16.10 -0.71
CA ASP A 47 -0.97 -16.33 0.74
C ASP A 47 0.35 -15.83 1.35
N PHE A 48 1.32 -15.53 0.49
CA PHE A 48 2.61 -15.04 0.95
C PHE A 48 2.50 -13.70 1.67
N MET A 49 1.31 -13.08 1.61
CA MET A 49 1.10 -11.80 2.26
C MET A 49 0.77 -11.95 3.74
N THR A 50 0.95 -13.16 4.26
CA THR A 50 0.67 -13.43 5.68
C THR A 50 1.94 -13.87 6.40
N ASP A 51 2.69 -14.77 5.78
CA ASP A 51 3.93 -15.27 6.35
C ASP A 51 3.68 -16.03 7.65
N PHE A 52 2.42 -16.32 7.90
CA PHE A 52 2.02 -17.05 9.09
C PHE A 52 1.01 -18.15 8.75
N MET B 1 -14.46 -26.41 -7.07
CA MET B 1 -14.25 -26.39 -5.60
C MET B 1 -13.12 -25.44 -5.21
N GLY B 2 -13.24 -24.18 -5.64
CA GLY B 2 -12.22 -23.20 -5.34
C GLY B 2 -12.76 -21.78 -5.36
N SER B 3 -13.35 -21.39 -6.49
CA SER B 3 -13.91 -20.06 -6.64
C SER B 3 -15.04 -19.83 -5.64
N GLY B 4 -14.71 -19.25 -4.49
CA GLY B 4 -15.71 -19.00 -3.48
C GLY B 4 -15.13 -18.35 -2.24
N ALA B 5 -14.79 -17.07 -2.35
CA ALA B 5 -14.21 -16.33 -1.22
C ALA B 5 -14.87 -14.96 -1.08
N HIS B 6 -16.00 -14.92 -0.39
CA HIS B 6 -16.72 -13.67 -0.17
C HIS B 6 -15.98 -12.76 0.81
N THR B 7 -15.03 -13.33 1.55
CA THR B 7 -14.26 -12.56 2.52
C THR B 7 -13.29 -11.60 1.83
N ALA B 8 -13.13 -11.79 0.53
CA ALA B 8 -12.24 -10.95 -0.26
C ALA B 8 -12.16 -11.43 -1.70
N ASP B 9 -12.24 -10.50 -2.65
CA ASP B 9 -12.16 -10.86 -4.06
C ASP B 9 -10.73 -11.20 -4.47
N PRO B 10 -10.56 -12.08 -5.48
CA PRO B 10 -9.24 -12.47 -5.96
C PRO B 10 -8.59 -11.41 -6.83
N GLU B 11 -9.42 -10.66 -7.54
CA GLU B 11 -8.92 -9.59 -8.40
C GLU B 11 -8.24 -8.50 -7.56
N LYS B 12 -8.42 -8.58 -6.24
CA LYS B 12 -7.84 -7.62 -5.33
C LYS B 12 -6.33 -7.68 -5.38
N ARG B 13 -5.77 -8.90 -5.41
CA ARG B 13 -4.32 -9.05 -5.48
C ARG B 13 -3.77 -8.13 -6.56
N LYS B 14 -4.54 -7.97 -7.63
CA LYS B 14 -4.16 -7.08 -8.72
C LYS B 14 -4.28 -5.63 -8.28
N LEU B 15 -5.38 -5.33 -7.60
CA LEU B 15 -5.62 -3.99 -7.09
C LEU B 15 -4.66 -3.67 -5.96
N ILE B 16 -4.19 -4.72 -5.28
CA ILE B 16 -3.25 -4.56 -4.19
C ILE B 16 -1.95 -4.00 -4.75
N GLN B 17 -1.57 -4.50 -5.92
CA GLN B 17 -0.35 -4.02 -6.58
C GLN B 17 -0.50 -2.53 -6.92
N GLN B 18 -1.59 -2.19 -7.62
CA GLN B 18 -1.82 -0.81 -7.98
C GLN B 18 -2.04 0.03 -6.73
N GLN B 19 -2.76 -0.54 -5.77
CA GLN B 19 -3.01 0.14 -4.52
C GLN B 19 -1.71 0.36 -3.79
N LEU B 20 -0.86 -0.66 -3.78
CA LEU B 20 0.44 -0.53 -3.14
C LEU B 20 1.08 0.76 -3.58
N VAL B 21 0.94 1.07 -4.87
CA VAL B 21 1.51 2.29 -5.40
C VAL B 21 0.89 3.50 -4.73
N LEU B 22 -0.43 3.44 -4.53
CA LEU B 22 -1.12 4.53 -3.87
C LEU B 22 -0.70 4.58 -2.41
N LEU B 23 -0.45 3.41 -1.84
CA LEU B 23 0.01 3.32 -0.46
C LEU B 23 1.51 3.58 -0.39
N LEU B 24 2.19 3.30 -1.49
CA LEU B 24 3.63 3.51 -1.59
C LEU B 24 3.90 5.00 -1.71
N HIS B 25 3.22 5.64 -2.66
CA HIS B 25 3.35 7.07 -2.87
C HIS B 25 2.83 7.80 -1.65
N ALA B 26 1.58 7.52 -1.30
CA ALA B 26 0.96 8.14 -0.14
C ALA B 26 1.88 8.04 1.08
N HIS B 27 2.67 6.97 1.13
CA HIS B 27 3.60 6.78 2.22
C HIS B 27 4.62 7.91 2.25
N LYS B 28 5.43 7.97 1.21
CA LYS B 28 6.43 9.03 1.10
C LYS B 28 5.75 10.39 0.93
N CYS B 29 4.46 10.36 0.57
CA CYS B 29 3.69 11.58 0.38
C CYS B 29 3.15 12.07 1.73
N GLN B 30 2.94 11.14 2.66
CA GLN B 30 2.41 11.48 3.97
C GLN B 30 3.54 11.64 4.99
N ARG B 31 4.67 10.98 4.74
CA ARG B 31 5.81 11.05 5.64
C ARG B 31 6.68 12.28 5.34
N ARG B 32 6.45 12.90 4.19
CA ARG B 32 7.21 14.09 3.80
C ARG B 32 6.60 15.36 4.35
N GLU B 33 5.36 15.26 4.81
CA GLU B 33 4.65 16.39 5.38
C GLU B 33 4.67 16.34 6.90
N GLN B 34 4.39 15.16 7.44
CA GLN B 34 4.38 14.98 8.90
C GLN B 34 5.79 15.11 9.47
N ALA B 35 6.80 15.03 8.61
CA ALA B 35 8.18 15.13 9.05
C ALA B 35 8.64 16.58 9.16
N ASN B 36 7.74 17.49 8.86
CA ASN B 36 8.03 18.92 8.93
C ASN B 36 7.07 19.64 9.87
N GLY B 37 6.18 18.87 10.49
CA GLY B 37 5.21 19.43 11.41
C GLY B 37 3.99 19.99 10.71
N GLU B 38 4.15 20.36 9.45
CA GLU B 38 3.04 20.91 8.66
C GLU B 38 2.71 20.00 7.48
N VAL B 39 1.44 19.97 7.10
CA VAL B 39 1.00 19.14 5.98
C VAL B 39 0.67 19.99 4.77
N ARG B 40 0.81 19.40 3.59
CA ARG B 40 0.51 20.09 2.35
C ARG B 40 -0.42 19.26 1.47
N GLN B 41 -1.21 19.94 0.65
CA GLN B 41 -2.15 19.27 -0.24
C GLN B 41 -1.41 18.52 -1.34
N CYS B 42 -1.69 17.23 -1.48
CA CYS B 42 -1.05 16.41 -2.50
C CYS B 42 -1.85 16.44 -3.79
N ASN B 43 -1.14 16.58 -4.91
CA ASN B 43 -1.78 16.62 -6.23
C ASN B 43 -2.68 15.40 -6.44
N LEU B 44 -2.12 14.22 -6.24
CA LEU B 44 -2.87 12.98 -6.40
C LEU B 44 -4.04 12.92 -5.43
N PRO B 45 -5.29 13.02 -5.93
CA PRO B 45 -6.49 12.98 -5.09
C PRO B 45 -6.57 11.71 -4.25
N HIS B 46 -6.35 10.57 -4.89
CA HIS B 46 -6.40 9.28 -4.21
C HIS B 46 -5.46 9.25 -3.00
N CYS B 47 -4.40 10.05 -3.06
CA CYS B 47 -3.43 10.11 -1.97
C CYS B 47 -4.11 10.45 -0.65
N ARG B 48 -5.28 11.09 -0.73
CA ARG B 48 -6.03 11.47 0.46
C ARG B 48 -6.48 10.24 1.24
N THR B 49 -7.01 9.25 0.52
CA THR B 49 -7.49 8.01 1.14
C THR B 49 -6.40 7.37 1.98
N MET B 50 -5.26 7.08 1.35
CA MET B 50 -4.14 6.46 2.04
C MET B 50 -3.73 7.30 3.25
N LYS B 51 -3.72 8.62 3.08
CA LYS B 51 -3.36 9.53 4.16
C LYS B 51 -4.21 9.25 5.41
N ASN B 52 -5.47 8.91 5.17
CA ASN B 52 -6.38 8.60 6.26
C ASN B 52 -6.04 7.26 6.87
N VAL B 53 -5.53 6.37 6.04
CA VAL B 53 -5.13 5.03 6.47
C VAL B 53 -3.81 5.10 7.22
N LEU B 54 -2.79 5.66 6.58
CA LEU B 54 -1.50 5.80 7.19
C LEU B 54 -1.62 6.51 8.53
N ASN B 55 -2.64 7.37 8.63
CA ASN B 55 -2.89 8.10 9.87
C ASN B 55 -3.67 7.23 10.84
N HIS B 56 -4.59 6.45 10.29
CA HIS B 56 -5.41 5.55 11.08
C HIS B 56 -4.54 4.42 11.62
N MET B 57 -3.61 3.95 10.79
CA MET B 57 -2.70 2.89 11.18
C MET B 57 -1.93 3.30 12.44
N THR B 58 -1.85 4.61 12.66
CA THR B 58 -1.18 5.16 13.83
C THR B 58 -2.09 5.02 15.04
N HIS B 59 -3.39 5.02 14.77
CA HIS B 59 -4.39 4.86 15.80
C HIS B 59 -4.82 3.40 15.85
N CYS B 60 -4.36 2.66 14.85
CA CYS B 60 -4.64 1.24 14.72
C CYS B 60 -3.70 0.43 15.59
N GLN B 61 -4.23 -0.15 16.67
CA GLN B 61 -3.44 -0.92 17.62
C GLN B 61 -3.54 -2.43 17.40
N SER B 62 -4.30 -2.83 16.40
CA SER B 62 -4.48 -4.24 16.10
C SER B 62 -3.79 -4.55 14.80
N GLY B 63 -3.72 -3.53 13.94
CA GLY B 63 -3.08 -3.67 12.66
C GLY B 63 -3.59 -4.85 11.87
N LYS B 64 -2.99 -5.99 12.15
CA LYS B 64 -3.36 -7.24 11.48
C LYS B 64 -4.68 -7.78 12.04
N SER B 65 -5.14 -7.20 13.14
CA SER B 65 -6.40 -7.62 13.76
C SER B 65 -7.49 -6.59 13.50
N CYS B 66 -7.08 -5.44 12.95
CA CYS B 66 -8.00 -4.37 12.62
C CYS B 66 -8.63 -4.63 11.27
N GLN B 67 -9.81 -4.09 11.08
CA GLN B 67 -10.52 -4.27 9.83
C GLN B 67 -11.11 -2.94 9.37
N VAL B 68 -10.63 -1.84 9.95
CA VAL B 68 -11.10 -0.52 9.59
C VAL B 68 -10.78 -0.24 8.13
N ALA B 69 -11.81 0.06 7.36
CA ALA B 69 -11.66 0.34 5.94
C ALA B 69 -10.53 -0.50 5.32
N HIS B 70 -9.37 0.13 5.10
CA HIS B 70 -8.23 -0.56 4.51
C HIS B 70 -7.16 -0.93 5.56
N CYS B 71 -7.36 -0.49 6.80
CA CYS B 71 -6.41 -0.75 7.89
C CYS B 71 -5.74 -2.11 7.76
N ALA B 72 -6.53 -3.18 7.91
CA ALA B 72 -6.00 -4.52 7.80
C ALA B 72 -5.26 -4.73 6.50
N SER B 73 -5.74 -4.09 5.44
CA SER B 73 -5.11 -4.21 4.14
C SER B 73 -3.77 -3.48 4.14
N SER B 74 -3.74 -2.29 4.72
CA SER B 74 -2.51 -1.53 4.80
C SER B 74 -1.42 -2.33 5.49
N ARG B 75 -1.74 -2.89 6.64
CA ARG B 75 -0.79 -3.68 7.40
C ARG B 75 -0.49 -5.00 6.69
N GLN B 76 -1.54 -5.64 6.18
CA GLN B 76 -1.39 -6.90 5.47
C GLN B 76 -0.68 -6.69 4.13
N ILE B 77 -1.05 -5.63 3.44
CA ILE B 77 -0.45 -5.32 2.15
C ILE B 77 1.03 -4.95 2.32
N ILE B 78 1.31 -3.80 2.95
CA ILE B 78 2.68 -3.36 3.19
C ILE B 78 3.51 -4.52 3.74
N SER B 79 2.87 -5.40 4.49
CA SER B 79 3.54 -6.56 5.07
C SER B 79 4.10 -7.44 3.98
N HIS B 80 3.27 -7.80 3.01
CA HIS B 80 3.70 -8.63 1.89
C HIS B 80 4.90 -8.00 1.21
N TRP B 81 4.66 -6.82 0.66
CA TRP B 81 5.67 -6.06 -0.05
C TRP B 81 7.00 -6.04 0.70
N LYS B 82 6.93 -6.14 2.03
CA LYS B 82 8.14 -6.11 2.86
C LYS B 82 8.61 -7.53 3.20
N ASN B 83 7.68 -8.43 3.46
CA ASN B 83 8.01 -9.81 3.82
C ASN B 83 8.41 -10.62 2.59
N CYS B 84 7.90 -10.23 1.43
CA CYS B 84 8.20 -10.93 0.19
C CYS B 84 9.71 -11.10 0.00
N THR B 85 10.14 -12.34 -0.17
CA THR B 85 11.56 -12.63 -0.37
C THR B 85 11.96 -12.43 -1.82
N ARG B 86 13.16 -12.89 -2.17
CA ARG B 86 13.66 -12.76 -3.53
C ARG B 86 13.45 -14.06 -4.31
N HIS B 87 12.25 -14.63 -4.18
CA HIS B 87 11.91 -15.86 -4.87
C HIS B 87 11.13 -15.57 -6.16
N ASP B 88 9.91 -15.06 -6.00
CA ASP B 88 9.06 -14.73 -7.13
C ASP B 88 7.90 -13.84 -6.72
N CYS B 89 8.17 -12.54 -6.61
CA CYS B 89 7.15 -11.57 -6.21
C CYS B 89 6.89 -10.57 -7.34
N PRO B 90 5.67 -10.58 -7.92
CA PRO B 90 5.31 -9.66 -9.00
C PRO B 90 4.83 -8.30 -8.49
N VAL B 91 4.83 -8.12 -7.18
CA VAL B 91 4.38 -6.86 -6.59
C VAL B 91 5.55 -5.92 -6.26
N CYS B 92 6.26 -6.25 -5.18
CA CYS B 92 7.41 -5.45 -4.71
C CYS B 92 8.62 -5.61 -5.62
N LEU B 93 9.00 -6.84 -5.92
CA LEU B 93 10.16 -7.10 -6.78
C LEU B 93 10.16 -6.21 -8.02
N PRO B 94 9.16 -6.34 -8.91
CA PRO B 94 9.07 -5.52 -10.12
C PRO B 94 9.07 -4.04 -9.79
N LEU B 95 8.19 -3.62 -8.88
CA LEU B 95 8.11 -2.23 -8.49
C LEU B 95 9.46 -1.76 -7.91
N LYS B 96 10.26 -2.71 -7.45
CA LYS B 96 11.58 -2.40 -6.89
C LYS B 96 12.62 -2.25 -7.98
N ASN B 97 12.33 -2.85 -9.12
CA ASN B 97 13.23 -2.81 -10.27
C ASN B 97 13.28 -1.41 -10.87
N ALA B 98 12.16 -0.69 -10.78
CA ALA B 98 12.08 0.67 -11.31
C ALA B 98 12.40 0.69 -12.81
N GLY B 99 12.25 -0.45 -13.46
CA GLY B 99 12.51 -0.53 -14.89
C GLY B 99 13.76 -1.33 -15.20
N ASP B 100 14.29 -2.03 -14.20
CA ASP B 100 15.49 -2.83 -14.38
C ASP B 100 16.68 -1.97 -14.77
N LYS B 101 17.75 -2.04 -13.98
CA LYS B 101 18.95 -1.26 -14.25
C LYS B 101 20.12 -1.74 -13.38
N GLY A 1 12.30 9.69 28.12
CA GLY A 1 11.14 9.06 27.43
C GLY A 1 10.59 9.96 26.33
N SER A 2 9.31 9.77 26.01
CA SER A 2 8.66 10.56 24.98
C SER A 2 9.32 10.35 23.62
N GLY A 3 9.74 9.11 23.37
CA GLY A 3 10.38 8.79 22.10
C GLY A 3 9.55 7.86 21.25
N SER A 4 9.48 6.60 21.65
CA SER A 4 8.72 5.60 20.91
C SER A 4 9.25 5.44 19.50
N GLY A 5 10.27 4.61 19.35
CA GLY A 5 10.86 4.37 18.04
C GLY A 5 9.94 3.61 17.12
N SER A 6 10.53 2.79 16.25
CA SER A 6 9.75 1.98 15.32
C SER A 6 10.58 0.82 14.77
N GLY A 7 9.91 -0.10 14.08
CA GLY A 7 10.60 -1.24 13.53
C GLY A 7 11.67 -0.85 12.53
N SER A 8 11.44 0.26 11.82
CA SER A 8 12.39 0.75 10.82
C SER A 8 12.56 -0.27 9.71
N ASN A 9 11.48 -0.54 8.98
CA ASN A 9 11.50 -1.48 7.86
C ASN A 9 10.07 -1.87 7.47
N VAL A 10 9.27 -0.88 7.11
CA VAL A 10 7.90 -1.11 6.71
C VAL A 10 7.83 -1.60 5.27
N ILE A 11 7.69 -0.69 4.33
CA ILE A 11 7.62 -1.02 2.93
C ILE A 11 9.01 -0.99 2.29
N ASP A 12 9.08 -0.90 0.97
CA ASP A 12 10.35 -0.87 0.26
C ASP A 12 10.47 0.36 -0.62
N THR A 13 10.01 1.48 -0.09
CA THR A 13 10.05 2.76 -0.81
C THR A 13 11.36 3.50 -0.56
N ASP A 14 12.44 2.75 -0.40
CA ASP A 14 13.75 3.37 -0.16
C ASP A 14 14.54 3.53 -1.46
N PHE A 15 14.01 2.95 -2.53
CA PHE A 15 14.65 3.03 -3.84
C PHE A 15 13.69 3.56 -4.90
N ILE A 16 12.46 3.84 -4.50
CA ILE A 16 11.45 4.35 -5.41
C ILE A 16 11.73 5.78 -5.80
N ASP A 17 11.33 6.14 -7.00
CA ASP A 17 11.52 7.48 -7.52
C ASP A 17 10.21 8.26 -7.48
N GLU A 18 10.30 9.49 -7.00
CA GLU A 18 9.13 10.36 -6.89
C GLU A 18 8.42 10.50 -8.24
N GLU A 19 9.14 10.25 -9.33
CA GLU A 19 8.58 10.37 -10.67
C GLU A 19 8.04 9.02 -11.15
N VAL A 20 8.51 7.94 -10.53
CA VAL A 20 8.07 6.61 -10.88
C VAL A 20 6.65 6.39 -10.36
N LEU A 21 6.45 6.75 -9.10
CA LEU A 21 5.14 6.63 -8.46
C LEU A 21 4.10 7.33 -9.29
N MET A 22 4.23 8.64 -9.37
CA MET A 22 3.30 9.47 -10.14
C MET A 22 3.02 8.88 -11.51
N SER A 23 4.09 8.49 -12.21
CA SER A 23 3.95 7.90 -13.54
C SER A 23 3.01 6.69 -13.52
N LEU A 24 3.09 5.91 -12.44
CA LEU A 24 2.26 4.73 -12.29
C LEU A 24 0.82 5.12 -11.95
N VAL A 25 0.65 6.27 -11.30
CA VAL A 25 -0.66 6.75 -10.92
C VAL A 25 -1.47 7.16 -12.15
N ILE A 26 -0.76 7.63 -13.17
CA ILE A 26 -1.42 8.05 -14.41
C ILE A 26 -1.51 6.90 -15.40
N GLU A 27 -0.46 6.09 -15.45
CA GLU A 27 -0.40 4.96 -16.36
C GLU A 27 -1.60 4.04 -16.18
N MET A 28 -1.90 3.68 -14.94
CA MET A 28 -3.02 2.80 -14.65
C MET A 28 -4.33 3.56 -14.57
N GLY A 29 -4.27 4.78 -14.03
CA GLY A 29 -5.45 5.60 -13.89
C GLY A 29 -5.84 5.77 -12.44
N LEU A 30 -4.83 5.78 -11.58
CA LEU A 30 -5.02 5.92 -10.15
C LEU A 30 -5.52 7.31 -9.77
N ASP A 31 -5.31 8.28 -10.67
CA ASP A 31 -5.75 9.64 -10.43
C ASP A 31 -7.09 9.93 -11.09
N ARG A 32 -7.95 8.91 -11.12
CA ARG A 32 -9.27 9.05 -11.73
C ARG A 32 -10.10 7.79 -11.52
N ILE A 33 -10.14 7.31 -10.28
CA ILE A 33 -10.91 6.12 -9.95
C ILE A 33 -12.23 6.48 -9.28
N LYS A 34 -13.33 5.97 -9.83
CA LYS A 34 -14.66 6.23 -9.28
C LYS A 34 -14.91 5.35 -8.05
N GLU A 35 -15.01 4.05 -8.29
CA GLU A 35 -15.25 3.10 -7.21
C GLU A 35 -13.97 2.37 -6.84
N LEU A 36 -13.53 2.54 -5.59
CA LEU A 36 -12.31 1.90 -5.12
C LEU A 36 -12.59 0.51 -4.57
N PRO A 37 -12.24 -0.55 -5.33
CA PRO A 37 -12.46 -1.94 -4.91
C PRO A 37 -11.76 -2.27 -3.60
N GLU A 38 -12.15 -3.39 -2.99
CA GLU A 38 -11.56 -3.82 -1.72
C GLU A 38 -10.36 -4.73 -1.95
N LEU A 39 -9.43 -4.72 -0.99
CA LEU A 39 -8.23 -5.54 -1.08
C LEU A 39 -8.17 -6.51 0.09
N TRP A 40 -8.58 -7.75 -0.14
CA TRP A 40 -8.56 -8.76 0.91
C TRP A 40 -7.93 -10.06 0.41
N LEU A 41 -7.53 -10.91 1.35
CA LEU A 41 -6.91 -12.18 1.02
C LEU A 41 -7.93 -13.15 0.42
N GLY A 42 -8.49 -12.78 -0.73
CA GLY A 42 -9.47 -13.62 -1.39
C GLY A 42 -8.85 -14.87 -1.98
N GLN A 43 -8.34 -14.74 -3.19
CA GLN A 43 -7.71 -15.87 -3.87
C GLN A 43 -6.57 -16.45 -3.03
N ASN A 44 -6.13 -17.65 -3.39
CA ASN A 44 -5.05 -18.31 -2.69
C ASN A 44 -3.81 -18.47 -3.57
N GLU A 45 -3.63 -17.53 -4.50
CA GLU A 45 -2.49 -17.57 -5.40
C GLU A 45 -1.39 -16.61 -4.95
N PHE A 46 -1.67 -15.85 -3.90
CA PHE A 46 -0.71 -14.90 -3.36
C PHE A 46 -0.62 -15.01 -1.84
N ASP A 47 -0.93 -16.18 -1.34
CA ASP A 47 -0.92 -16.43 0.11
C ASP A 47 0.47 -16.18 0.71
N PHE A 48 1.47 -15.99 -0.15
CA PHE A 48 2.83 -15.72 0.31
C PHE A 48 2.93 -14.40 1.08
N MET A 49 1.85 -13.62 1.08
CA MET A 49 1.83 -12.34 1.78
C MET A 49 1.86 -12.52 3.30
N THR A 50 1.80 -13.77 3.75
CA THR A 50 1.81 -14.06 5.18
C THR A 50 3.22 -13.94 5.74
N ASP A 51 4.01 -14.99 5.60
CA ASP A 51 5.38 -14.99 6.10
C ASP A 51 6.37 -14.65 4.99
N PHE A 52 5.83 -14.16 3.88
CA PHE A 52 6.64 -13.79 2.72
C PHE A 52 6.15 -12.48 2.11
N MET B 1 -23.77 -13.78 5.17
CA MET B 1 -23.01 -15.06 5.17
C MET B 1 -22.02 -15.11 4.00
N GLY B 2 -20.99 -15.94 4.14
CA GLY B 2 -20.00 -16.06 3.09
C GLY B 2 -20.54 -16.76 1.85
N SER B 3 -20.12 -16.31 0.68
CA SER B 3 -20.57 -16.88 -0.57
C SER B 3 -19.69 -16.43 -1.74
N GLY B 4 -18.71 -17.25 -2.09
CA GLY B 4 -17.82 -16.91 -3.18
C GLY B 4 -16.94 -15.71 -2.87
N ALA B 5 -17.38 -14.53 -3.30
CA ALA B 5 -16.62 -13.32 -3.07
C ALA B 5 -17.39 -12.36 -2.17
N HIS B 6 -17.60 -11.14 -2.64
CA HIS B 6 -18.33 -10.12 -1.88
C HIS B 6 -17.47 -9.57 -0.75
N THR B 7 -17.11 -10.44 0.19
CA THR B 7 -16.29 -10.04 1.32
C THR B 7 -14.81 -9.93 0.93
N ALA B 8 -14.49 -10.43 -0.25
CA ALA B 8 -13.13 -10.41 -0.76
C ALA B 8 -13.03 -11.14 -2.09
N ASP B 9 -12.67 -10.41 -3.15
CA ASP B 9 -12.55 -10.98 -4.48
C ASP B 9 -11.08 -11.17 -4.88
N PRO B 10 -10.84 -11.98 -5.92
CA PRO B 10 -9.47 -12.24 -6.43
C PRO B 10 -8.86 -11.01 -7.07
N GLU B 11 -9.71 -10.03 -7.42
CA GLU B 11 -9.22 -8.79 -8.01
C GLU B 11 -8.28 -8.08 -7.03
N LYS B 12 -8.28 -8.56 -5.79
CA LYS B 12 -7.43 -8.00 -4.76
C LYS B 12 -5.98 -8.00 -5.20
N ARG B 13 -5.49 -9.16 -5.66
CA ARG B 13 -4.11 -9.25 -6.13
C ARG B 13 -3.83 -8.13 -7.11
N LYS B 14 -4.80 -7.84 -7.97
CA LYS B 14 -4.66 -6.76 -8.94
C LYS B 14 -4.56 -5.44 -8.20
N LEU B 15 -5.31 -5.34 -7.11
CA LEU B 15 -5.30 -4.15 -6.28
C LEU B 15 -4.06 -4.15 -5.40
N ILE B 16 -3.53 -5.33 -5.10
CA ILE B 16 -2.34 -5.45 -4.29
C ILE B 16 -1.23 -4.60 -4.88
N GLN B 17 -0.98 -4.80 -6.17
CA GLN B 17 0.04 -4.04 -6.87
C GLN B 17 -0.37 -2.57 -6.99
N GLN B 18 -1.58 -2.34 -7.51
CA GLN B 18 -2.09 -0.98 -7.68
C GLN B 18 -2.19 -0.26 -6.34
N GLN B 19 -2.87 -0.87 -5.39
CA GLN B 19 -3.03 -0.26 -4.07
C GLN B 19 -1.67 0.06 -3.47
N LEU B 20 -0.75 -0.90 -3.53
CA LEU B 20 0.58 -0.66 -3.01
C LEU B 20 1.11 0.66 -3.53
N VAL B 21 0.80 0.96 -4.79
CA VAL B 21 1.26 2.21 -5.38
C VAL B 21 0.57 3.40 -4.73
N LEU B 22 -0.67 3.19 -4.31
CA LEU B 22 -1.42 4.24 -3.63
C LEU B 22 -0.99 4.32 -2.17
N LEU B 23 -0.57 3.17 -1.64
CA LEU B 23 -0.11 3.10 -0.26
C LEU B 23 1.37 3.45 -0.21
N LEU B 24 2.06 3.22 -1.32
CA LEU B 24 3.48 3.52 -1.43
C LEU B 24 3.65 5.02 -1.57
N HIS B 25 2.90 5.59 -2.51
CA HIS B 25 2.91 7.02 -2.74
C HIS B 25 2.38 7.74 -1.51
N ALA B 26 1.17 7.36 -1.11
CA ALA B 26 0.54 7.94 0.07
C ALA B 26 1.49 7.92 1.25
N HIS B 27 2.36 6.91 1.29
CA HIS B 27 3.33 6.78 2.37
C HIS B 27 4.29 7.96 2.34
N LYS B 28 5.16 7.99 1.34
CA LYS B 28 6.12 9.08 1.21
C LYS B 28 5.38 10.40 1.00
N CYS B 29 4.12 10.30 0.57
CA CYS B 29 3.30 11.48 0.34
C CYS B 29 2.78 12.02 1.66
N GLN B 30 2.60 11.13 2.63
CA GLN B 30 2.11 11.52 3.95
C GLN B 30 3.26 11.97 4.84
N ARG B 31 4.46 11.47 4.57
CA ARG B 31 5.64 11.81 5.36
C ARG B 31 6.31 13.08 4.82
N ARG B 32 5.90 13.53 3.65
CA ARG B 32 6.47 14.73 3.04
C ARG B 32 6.17 15.97 3.85
N GLU B 33 5.21 15.85 4.74
CA GLU B 33 4.80 16.95 5.60
C GLU B 33 5.44 16.84 6.98
N GLN B 34 5.69 15.60 7.40
CA GLN B 34 6.31 15.36 8.71
C GLN B 34 7.83 15.33 8.62
N ALA B 35 8.38 15.67 7.44
CA ALA B 35 9.82 15.67 7.26
C ALA B 35 10.36 17.07 7.06
N ASN B 36 9.47 18.04 6.99
CA ASN B 36 9.84 19.44 6.81
C ASN B 36 9.20 20.32 7.87
N GLY B 37 8.43 19.70 8.77
CA GLY B 37 7.77 20.43 9.83
C GLY B 37 6.45 21.05 9.38
N GLU B 38 6.32 21.29 8.07
CA GLU B 38 5.10 21.88 7.52
C GLU B 38 4.43 20.92 6.56
N VAL B 39 3.17 21.20 6.22
CA VAL B 39 2.42 20.34 5.30
C VAL B 39 2.34 20.99 3.92
N ARG B 40 2.18 20.16 2.90
CA ARG B 40 2.09 20.64 1.52
C ARG B 40 0.86 20.07 0.83
N GLN B 41 0.36 20.80 -0.17
CA GLN B 41 -0.82 20.36 -0.91
C GLN B 41 -0.48 19.16 -1.80
N CYS B 42 -1.21 18.07 -1.60
CA CYS B 42 -0.99 16.86 -2.37
C CYS B 42 -1.85 16.85 -3.63
N ASN B 43 -1.19 16.98 -4.79
CA ASN B 43 -1.90 16.99 -6.06
C ASN B 43 -2.67 15.69 -6.26
N LEU B 44 -2.15 14.61 -5.68
CA LEU B 44 -2.78 13.30 -5.80
C LEU B 44 -4.12 13.28 -5.05
N PRO B 45 -5.24 13.16 -5.77
CA PRO B 45 -6.58 13.13 -5.17
C PRO B 45 -6.87 11.80 -4.46
N HIS B 46 -6.54 10.70 -5.12
CA HIS B 46 -6.77 9.37 -4.55
C HIS B 46 -5.95 9.16 -3.28
N CYS B 47 -4.84 9.87 -3.16
CA CYS B 47 -3.97 9.74 -2.00
C CYS B 47 -4.74 10.00 -0.70
N ARG B 48 -5.85 10.72 -0.81
CA ARG B 48 -6.68 11.03 0.35
C ARG B 48 -7.09 9.75 1.09
N THR B 49 -7.41 8.71 0.34
CA THR B 49 -7.83 7.44 0.93
C THR B 49 -6.74 6.89 1.85
N MET B 50 -5.60 6.54 1.27
CA MET B 50 -4.48 6.01 2.05
C MET B 50 -4.10 6.97 3.17
N LYS B 51 -4.27 8.26 2.92
CA LYS B 51 -3.96 9.28 3.92
C LYS B 51 -4.74 9.00 5.20
N ASN B 52 -6.02 8.72 5.04
CA ASN B 52 -6.88 8.42 6.19
C ASN B 52 -6.51 7.06 6.78
N VAL B 53 -5.90 6.21 5.97
CA VAL B 53 -5.49 4.90 6.40
C VAL B 53 -4.19 4.99 7.21
N LEU B 54 -3.14 5.53 6.61
CA LEU B 54 -1.88 5.69 7.29
C LEU B 54 -2.09 6.43 8.62
N ASN B 55 -3.11 7.28 8.65
CA ASN B 55 -3.43 8.03 9.86
C ASN B 55 -4.20 7.13 10.83
N HIS B 56 -5.06 6.30 10.26
CA HIS B 56 -5.85 5.37 11.04
C HIS B 56 -4.94 4.27 11.59
N MET B 57 -3.94 3.90 10.80
CA MET B 57 -2.98 2.89 11.23
C MET B 57 -2.32 3.31 12.54
N THR B 58 -2.33 4.62 12.78
CA THR B 58 -1.77 5.19 14.00
C THR B 58 -2.74 4.94 15.15
N HIS B 59 -4.02 4.87 14.80
CA HIS B 59 -5.07 4.60 15.77
C HIS B 59 -5.38 3.11 15.76
N CYS B 60 -4.84 2.44 14.75
CA CYS B 60 -5.02 1.01 14.57
C CYS B 60 -4.10 0.24 15.50
N GLN B 61 -4.69 -0.48 16.45
CA GLN B 61 -3.92 -1.23 17.44
C GLN B 61 -4.06 -2.74 17.27
N SER B 62 -4.83 -3.16 16.27
CA SER B 62 -5.02 -4.58 16.02
C SER B 62 -4.32 -4.93 14.72
N GLY B 63 -4.28 -3.96 13.83
CA GLY B 63 -3.62 -4.13 12.55
C GLY B 63 -4.11 -5.35 11.82
N LYS B 64 -3.52 -6.48 12.15
CA LYS B 64 -3.88 -7.75 11.54
C LYS B 64 -5.28 -8.18 11.96
N SER B 65 -5.81 -7.54 13.01
CA SER B 65 -7.15 -7.85 13.50
C SER B 65 -8.09 -6.68 13.25
N CYS B 66 -7.53 -5.56 12.80
CA CYS B 66 -8.29 -4.37 12.50
C CYS B 66 -8.84 -4.46 11.09
N GLN B 67 -10.16 -4.58 11.00
CA GLN B 67 -10.81 -4.69 9.71
C GLN B 67 -11.41 -3.34 9.33
N VAL B 68 -10.82 -2.27 9.84
CA VAL B 68 -11.28 -0.93 9.55
C VAL B 68 -10.94 -0.57 8.12
N ALA B 69 -11.96 -0.22 7.35
CA ALA B 69 -11.79 0.14 5.95
C ALA B 69 -10.68 -0.71 5.29
N HIS B 70 -9.53 -0.10 5.07
CA HIS B 70 -8.40 -0.80 4.45
C HIS B 70 -7.33 -1.19 5.48
N CYS B 71 -7.49 -0.74 6.73
CA CYS B 71 -6.53 -1.03 7.80
C CYS B 71 -5.89 -2.41 7.66
N ALA B 72 -6.70 -3.45 7.81
CA ALA B 72 -6.20 -4.82 7.71
C ALA B 72 -5.52 -5.03 6.36
N SER B 73 -6.07 -4.42 5.31
CA SER B 73 -5.50 -4.55 3.99
C SER B 73 -4.15 -3.84 3.92
N SER B 74 -4.09 -2.63 4.46
CA SER B 74 -2.87 -1.86 4.48
C SER B 74 -1.76 -2.64 5.18
N ARG B 75 -2.06 -3.13 6.37
CA ARG B 75 -1.08 -3.91 7.14
C ARG B 75 -0.80 -5.23 6.45
N GLN B 76 -1.85 -5.88 5.96
CA GLN B 76 -1.71 -7.15 5.26
C GLN B 76 -0.86 -6.96 4.00
N ILE B 77 -1.19 -5.94 3.22
CA ILE B 77 -0.44 -5.66 2.00
C ILE B 77 0.98 -5.22 2.31
N ILE B 78 1.12 -4.05 2.95
CA ILE B 78 2.44 -3.53 3.32
C ILE B 78 3.28 -4.62 3.97
N SER B 79 2.61 -5.57 4.64
CA SER B 79 3.30 -6.67 5.28
C SER B 79 4.04 -7.49 4.23
N HIS B 80 3.31 -7.89 3.18
CA HIS B 80 3.91 -8.65 2.09
C HIS B 80 5.12 -7.91 1.56
N TRP B 81 4.87 -6.69 1.10
CA TRP B 81 5.91 -5.84 0.54
C TRP B 81 7.09 -5.70 1.49
N LYS B 82 6.82 -5.80 2.79
CA LYS B 82 7.86 -5.68 3.80
C LYS B 82 8.79 -6.88 3.78
N ASN B 83 8.20 -8.07 3.89
CA ASN B 83 8.98 -9.31 3.87
C ASN B 83 9.52 -9.60 2.48
N CYS B 84 8.64 -9.52 1.48
CA CYS B 84 9.03 -9.76 0.09
C CYS B 84 10.12 -8.79 -0.35
N THR B 85 11.32 -9.32 -0.60
CA THR B 85 12.44 -8.50 -1.03
C THR B 85 13.50 -9.35 -1.72
N ARG B 86 13.11 -10.03 -2.80
CA ARG B 86 14.02 -10.88 -3.54
C ARG B 86 13.33 -11.49 -4.76
N HIS B 87 14.12 -12.10 -5.64
CA HIS B 87 13.58 -12.72 -6.84
C HIS B 87 12.57 -13.81 -6.48
N ASP B 88 11.31 -13.43 -6.36
CA ASP B 88 10.25 -14.37 -6.02
C ASP B 88 8.88 -13.79 -6.36
N CYS B 89 8.67 -12.53 -6.01
CA CYS B 89 7.40 -11.86 -6.27
C CYS B 89 7.60 -10.64 -7.16
N PRO B 90 6.67 -10.40 -8.11
CA PRO B 90 6.74 -9.27 -9.03
C PRO B 90 6.08 -8.01 -8.47
N VAL B 91 6.07 -7.88 -7.15
CA VAL B 91 5.46 -6.73 -6.50
C VAL B 91 6.50 -5.68 -6.16
N CYS B 92 7.30 -5.95 -5.13
CA CYS B 92 8.34 -5.03 -4.68
C CYS B 92 9.47 -4.91 -5.70
N LEU B 93 9.91 -6.05 -6.25
CA LEU B 93 10.99 -6.04 -7.22
C LEU B 93 10.68 -5.15 -8.41
N PRO B 94 9.69 -5.51 -9.26
CA PRO B 94 9.33 -4.69 -10.42
C PRO B 94 9.11 -3.23 -10.07
N LEU B 95 8.49 -2.97 -8.92
CA LEU B 95 8.23 -1.60 -8.49
C LEU B 95 9.52 -0.88 -8.11
N LYS B 96 10.58 -1.64 -7.82
CA LYS B 96 11.85 -1.05 -7.43
C LYS B 96 12.67 -0.63 -8.65
N ASN B 97 12.48 -1.37 -9.71
CA ASN B 97 13.19 -1.11 -10.97
C ASN B 97 12.21 -0.86 -12.11
N ALA B 98 10.98 -0.48 -11.77
CA ALA B 98 9.96 -0.20 -12.77
C ALA B 98 9.80 -1.39 -13.72
N GLY B 99 8.86 -2.27 -13.40
CA GLY B 99 8.62 -3.43 -14.23
C GLY B 99 7.66 -3.15 -15.36
N ASP B 100 6.45 -2.70 -15.01
CA ASP B 100 5.44 -2.38 -16.02
C ASP B 100 5.91 -1.27 -16.94
N LYS B 101 5.71 -1.45 -18.24
CA LYS B 101 6.12 -0.46 -19.23
C LYS B 101 5.17 0.72 -19.23
N GLY A 1 22.39 3.40 11.47
CA GLY A 1 21.82 2.58 12.57
C GLY A 1 22.01 3.24 13.93
N SER A 2 20.93 3.32 14.70
CA SER A 2 20.98 3.92 16.02
C SER A 2 20.37 3.00 17.07
N GLY A 3 19.06 2.77 16.97
CA GLY A 3 18.38 1.90 17.91
C GLY A 3 16.88 2.09 17.88
N SER A 4 16.37 2.90 18.80
CA SER A 4 14.93 3.16 18.88
C SER A 4 14.48 4.03 17.72
N GLY A 5 13.17 4.03 17.45
CA GLY A 5 12.64 4.83 16.37
C GLY A 5 11.14 4.60 16.17
N SER A 6 10.76 4.27 14.95
CA SER A 6 9.35 4.03 14.63
C SER A 6 9.21 3.27 13.32
N GLY A 7 8.95 1.97 13.41
CA GLY A 7 8.79 1.16 12.22
C GLY A 7 10.02 0.31 11.95
N SER A 8 11.10 0.94 11.54
CA SER A 8 12.34 0.24 11.24
C SER A 8 12.14 -0.77 10.11
N ASN A 9 12.42 -0.34 8.89
CA ASN A 9 12.28 -1.20 7.72
C ASN A 9 10.83 -1.64 7.54
N VAL A 10 10.00 -0.74 7.02
CA VAL A 10 8.60 -1.03 6.80
C VAL A 10 8.38 -1.64 5.41
N ILE A 11 8.05 -0.81 4.44
CA ILE A 11 7.83 -1.26 3.07
C ILE A 11 9.17 -1.37 2.33
N ASP A 12 9.15 -1.33 1.01
CA ASP A 12 10.36 -1.43 0.21
C ASP A 12 10.54 -0.21 -0.67
N THR A 13 10.15 0.94 -0.14
CA THR A 13 10.26 2.20 -0.86
C THR A 13 11.65 2.80 -0.72
N ASP A 14 12.56 2.09 -0.05
CA ASP A 14 13.93 2.58 0.13
C ASP A 14 14.64 2.76 -1.19
N PHE A 15 14.11 2.12 -2.22
CA PHE A 15 14.69 2.21 -3.56
C PHE A 15 13.68 2.77 -4.57
N ILE A 16 12.41 2.77 -4.19
CA ILE A 16 11.35 3.26 -5.04
C ILE A 16 11.40 4.78 -5.16
N ASP A 17 10.98 5.27 -6.32
CA ASP A 17 10.96 6.70 -6.58
C ASP A 17 9.53 7.23 -6.48
N GLU A 18 9.41 8.42 -5.93
CA GLU A 18 8.10 9.06 -5.76
C GLU A 18 7.46 9.37 -7.12
N GLU A 19 8.23 9.24 -8.19
CA GLU A 19 7.73 9.49 -9.54
C GLU A 19 7.17 8.22 -10.15
N VAL A 20 7.65 7.07 -9.68
CA VAL A 20 7.19 5.79 -10.18
C VAL A 20 5.69 5.65 -10.02
N LEU A 21 5.19 5.95 -8.83
CA LEU A 21 3.75 5.88 -8.55
C LEU A 21 3.00 6.77 -9.53
N MET A 22 3.41 8.03 -9.57
CA MET A 22 2.79 9.02 -10.45
C MET A 22 2.58 8.45 -11.85
N SER A 23 3.64 7.90 -12.44
CA SER A 23 3.56 7.33 -13.78
C SER A 23 2.50 6.23 -13.84
N LEU A 24 2.41 5.45 -12.77
CA LEU A 24 1.43 4.36 -12.71
C LEU A 24 0.04 4.91 -12.40
N VAL A 25 -0.03 6.09 -11.78
CA VAL A 25 -1.29 6.70 -11.43
C VAL A 25 -1.96 7.24 -12.68
N ILE A 26 -1.20 7.95 -13.51
CA ILE A 26 -1.73 8.52 -14.74
C ILE A 26 -1.91 7.44 -15.80
N GLU A 27 -1.00 6.47 -15.79
CA GLU A 27 -1.04 5.38 -16.75
C GLU A 27 -2.29 4.52 -16.57
N MET A 28 -2.62 4.18 -15.33
CA MET A 28 -3.77 3.36 -15.04
C MET A 28 -5.02 4.21 -14.85
N GLY A 29 -4.87 5.33 -14.15
CA GLY A 29 -5.99 6.21 -13.89
C GLY A 29 -6.31 6.28 -12.42
N LEU A 30 -5.25 6.30 -11.61
CA LEU A 30 -5.37 6.35 -10.16
C LEU A 30 -5.66 7.77 -9.66
N ASP A 31 -5.65 8.74 -10.57
CA ASP A 31 -5.91 10.13 -10.21
C ASP A 31 -7.38 10.49 -10.42
N ARG A 32 -8.24 9.47 -10.50
CA ARG A 32 -9.67 9.69 -10.71
C ARG A 32 -10.43 8.36 -10.68
N ILE A 33 -10.12 7.54 -9.69
CA ILE A 33 -10.77 6.23 -9.55
C ILE A 33 -12.25 6.40 -9.19
N LYS A 34 -13.12 5.84 -10.02
CA LYS A 34 -14.55 5.93 -9.78
C LYS A 34 -14.93 5.24 -8.47
N GLU A 35 -14.45 4.02 -8.29
CA GLU A 35 -14.73 3.26 -7.08
C GLU A 35 -13.52 2.44 -6.65
N LEU A 36 -13.06 2.68 -5.42
CA LEU A 36 -11.90 1.96 -4.89
C LEU A 36 -12.28 0.55 -4.45
N PRO A 37 -11.76 -0.48 -5.14
CA PRO A 37 -12.06 -1.88 -4.80
C PRO A 37 -11.46 -2.31 -3.46
N GLU A 38 -11.93 -3.44 -2.95
CA GLU A 38 -11.46 -3.97 -1.67
C GLU A 38 -10.31 -4.95 -1.85
N LEU A 39 -9.38 -4.96 -0.91
CA LEU A 39 -8.24 -5.87 -0.98
C LEU A 39 -8.21 -6.80 0.24
N TRP A 40 -8.76 -8.00 0.09
CA TRP A 40 -8.78 -8.99 1.17
C TRP A 40 -8.33 -10.35 0.67
N LEU A 41 -7.10 -10.73 0.99
CA LEU A 41 -6.55 -12.01 0.58
C LEU A 41 -6.76 -12.26 -0.91
N GLY A 42 -7.91 -12.84 -1.27
CA GLY A 42 -8.20 -13.12 -2.66
C GLY A 42 -7.56 -14.39 -3.17
N GLN A 43 -6.72 -14.26 -4.18
CA GLN A 43 -6.03 -15.41 -4.77
C GLN A 43 -5.31 -16.23 -3.71
N ASN A 44 -4.91 -17.44 -4.07
CA ASN A 44 -4.21 -18.33 -3.15
C ASN A 44 -2.73 -18.43 -3.49
N GLU A 45 -2.37 -17.99 -4.69
CA GLU A 45 -0.97 -18.02 -5.13
C GLU A 45 -0.16 -16.88 -4.52
N PHE A 46 -0.84 -16.01 -3.77
CA PHE A 46 -0.19 -14.88 -3.13
C PHE A 46 -0.44 -14.90 -1.62
N ASP A 47 -0.75 -16.08 -1.10
CA ASP A 47 -1.02 -16.26 0.31
C ASP A 47 0.16 -15.83 1.18
N PHE A 48 1.31 -15.64 0.56
CA PHE A 48 2.52 -15.24 1.26
C PHE A 48 2.37 -13.87 1.92
N MET A 49 1.26 -13.18 1.62
CA MET A 49 1.02 -11.85 2.19
C MET A 49 0.48 -11.94 3.62
N THR A 50 0.47 -13.14 4.18
CA THR A 50 -0.01 -13.35 5.54
C THR A 50 1.11 -13.85 6.44
N ASP A 51 1.50 -15.11 6.25
CA ASP A 51 2.57 -15.72 7.04
C ASP A 51 2.20 -15.81 8.50
N PHE A 52 0.94 -15.58 8.79
CA PHE A 52 0.43 -15.64 10.15
C PHE A 52 0.37 -17.07 10.65
N MET B 1 -18.99 -17.52 -11.75
CA MET B 1 -18.94 -16.22 -11.05
C MET B 1 -17.88 -16.22 -9.95
N GLY B 2 -17.97 -17.20 -9.05
CA GLY B 2 -17.02 -17.30 -7.96
C GLY B 2 -16.80 -18.72 -7.51
N SER B 3 -15.65 -18.97 -6.86
CA SER B 3 -15.32 -20.30 -6.38
C SER B 3 -14.21 -20.24 -5.33
N GLY B 4 -14.40 -19.39 -4.32
CA GLY B 4 -13.43 -19.25 -3.27
C GLY B 4 -13.16 -17.80 -2.92
N ALA B 5 -14.23 -17.03 -2.77
CA ALA B 5 -14.11 -15.61 -2.43
C ALA B 5 -15.48 -14.99 -2.18
N HIS B 6 -15.84 -14.87 -0.91
CA HIS B 6 -17.13 -14.29 -0.53
C HIS B 6 -17.01 -12.79 -0.32
N THR B 7 -15.84 -12.34 0.10
CA THR B 7 -15.60 -10.93 0.34
C THR B 7 -14.89 -10.30 -0.86
N ALA B 8 -13.61 -10.01 -0.70
CA ALA B 8 -12.82 -9.40 -1.75
C ALA B 8 -12.84 -10.25 -3.02
N ASP B 9 -12.12 -9.80 -4.04
CA ASP B 9 -12.06 -10.53 -5.31
C ASP B 9 -10.61 -10.74 -5.76
N PRO B 10 -10.38 -11.66 -6.73
CA PRO B 10 -9.05 -11.94 -7.26
C PRO B 10 -8.34 -10.70 -7.78
N GLU B 11 -9.13 -9.65 -8.03
CA GLU B 11 -8.57 -8.39 -8.49
C GLU B 11 -7.61 -7.84 -7.43
N LYS B 12 -7.64 -8.46 -6.25
CA LYS B 12 -6.80 -8.07 -5.14
C LYS B 12 -5.34 -8.07 -5.53
N ARG B 13 -4.87 -9.20 -6.05
CA ARG B 13 -3.47 -9.29 -6.46
C ARG B 13 -3.13 -8.18 -7.45
N LYS B 14 -4.05 -7.92 -8.36
CA LYS B 14 -3.86 -6.87 -9.36
C LYS B 14 -4.01 -5.50 -8.71
N LEU B 15 -5.02 -5.38 -7.85
CA LEU B 15 -5.28 -4.14 -7.15
C LEU B 15 -4.25 -3.91 -6.06
N ILE B 16 -3.68 -4.98 -5.55
CA ILE B 16 -2.66 -4.89 -4.52
C ILE B 16 -1.46 -4.15 -5.09
N GLN B 17 -1.05 -4.54 -6.29
CA GLN B 17 0.06 -3.89 -6.97
C GLN B 17 -0.25 -2.40 -7.15
N GLN B 18 -1.41 -2.13 -7.74
CA GLN B 18 -1.83 -0.75 -7.97
C GLN B 18 -2.03 -0.03 -6.64
N GLN B 19 -2.68 -0.72 -5.70
CA GLN B 19 -2.92 -0.14 -4.39
C GLN B 19 -1.60 0.17 -3.71
N LEU B 20 -0.69 -0.80 -3.69
CA LEU B 20 0.61 -0.58 -3.10
C LEU B 20 1.18 0.74 -3.59
N VAL B 21 0.92 1.05 -4.86
CA VAL B 21 1.43 2.29 -5.44
C VAL B 21 0.75 3.49 -4.79
N LEU B 22 -0.52 3.34 -4.48
CA LEU B 22 -1.26 4.41 -3.83
C LEU B 22 -0.87 4.46 -2.36
N LEU B 23 -0.48 3.31 -1.82
CA LEU B 23 -0.04 3.22 -0.44
C LEU B 23 1.43 3.57 -0.36
N LEU B 24 2.14 3.31 -1.46
CA LEU B 24 3.55 3.60 -1.55
C LEU B 24 3.75 5.10 -1.70
N HIS B 25 3.08 5.67 -2.69
CA HIS B 25 3.13 7.11 -2.92
C HIS B 25 2.63 7.82 -1.68
N ALA B 26 1.40 7.48 -1.27
CA ALA B 26 0.80 8.07 -0.09
C ALA B 26 1.76 7.99 1.09
N HIS B 27 2.60 6.96 1.09
CA HIS B 27 3.57 6.78 2.17
C HIS B 27 4.56 7.94 2.18
N LYS B 28 5.43 7.98 1.18
CA LYS B 28 6.41 9.07 1.09
C LYS B 28 5.69 10.40 0.88
N CYS B 29 4.45 10.33 0.41
CA CYS B 29 3.63 11.52 0.19
C CYS B 29 3.10 12.04 1.52
N GLN B 30 2.89 11.13 2.47
CA GLN B 30 2.39 11.51 3.78
C GLN B 30 3.53 11.68 4.78
N ARG B 31 4.65 11.01 4.52
CA ARG B 31 5.80 11.08 5.40
C ARG B 31 6.65 12.32 5.12
N ARG B 32 6.50 12.87 3.92
CA ARG B 32 7.25 14.06 3.53
C ARG B 32 6.66 15.32 4.15
N GLU B 33 5.44 15.19 4.65
CA GLU B 33 4.74 16.30 5.28
C GLU B 33 4.89 16.26 6.78
N GLN B 34 4.53 15.12 7.37
CA GLN B 34 4.62 14.94 8.82
C GLN B 34 6.08 14.96 9.29
N ALA B 35 7.01 14.75 8.36
CA ALA B 35 8.43 14.75 8.70
C ALA B 35 9.01 16.15 8.69
N ASN B 36 8.17 17.12 8.40
CA ASN B 36 8.60 18.52 8.37
C ASN B 36 7.73 19.38 9.28
N GLY B 37 6.77 18.75 9.95
CA GLY B 37 5.89 19.45 10.85
C GLY B 37 4.74 20.15 10.14
N GLU B 38 4.93 20.46 8.86
CA GLU B 38 3.89 21.13 8.08
C GLU B 38 3.42 20.25 6.93
N VAL B 39 2.28 20.58 6.35
CA VAL B 39 1.73 19.82 5.23
C VAL B 39 1.50 20.70 4.02
N ARG B 40 1.57 20.09 2.84
CA ARG B 40 1.36 20.80 1.59
C ARG B 40 0.31 20.09 0.72
N GLN B 41 -0.31 20.85 -0.17
CA GLN B 41 -1.32 20.30 -1.06
C GLN B 41 -0.73 19.19 -1.93
N CYS B 42 -1.33 18.01 -1.85
CA CYS B 42 -0.86 16.86 -2.62
C CYS B 42 -1.52 16.82 -4.00
N ASN B 43 -0.70 16.77 -5.04
CA ASN B 43 -1.21 16.72 -6.41
C ASN B 43 -2.09 15.50 -6.61
N LEU B 44 -1.72 14.39 -5.98
CA LEU B 44 -2.47 13.15 -6.07
C LEU B 44 -3.80 13.29 -5.35
N PRO B 45 -4.93 13.29 -6.09
CA PRO B 45 -6.27 13.42 -5.51
C PRO B 45 -6.70 12.16 -4.75
N HIS B 46 -6.20 11.01 -5.18
CA HIS B 46 -6.56 9.75 -4.53
C HIS B 46 -5.74 9.52 -3.27
N CYS B 47 -4.56 10.14 -3.21
CA CYS B 47 -3.69 10.00 -2.04
C CYS B 47 -4.45 10.29 -0.75
N ARG B 48 -5.50 11.10 -0.85
CA ARG B 48 -6.32 11.45 0.32
C ARG B 48 -6.77 10.19 1.06
N THR B 49 -7.14 9.16 0.31
CA THR B 49 -7.59 7.91 0.91
C THR B 49 -6.51 7.30 1.79
N MET B 50 -5.39 6.91 1.17
CA MET B 50 -4.28 6.33 1.89
C MET B 50 -3.82 7.26 3.01
N LYS B 51 -3.92 8.56 2.77
CA LYS B 51 -3.51 9.56 3.76
C LYS B 51 -4.24 9.33 5.07
N ASN B 52 -5.55 9.12 4.98
CA ASN B 52 -6.37 8.86 6.16
C ASN B 52 -6.11 7.46 6.70
N VAL B 53 -5.57 6.59 5.84
CA VAL B 53 -5.28 5.22 6.23
C VAL B 53 -3.95 5.15 6.95
N LEU B 54 -2.87 5.62 6.31
CA LEU B 54 -1.57 5.63 6.92
C LEU B 54 -1.62 6.36 8.25
N ASN B 55 -2.48 7.37 8.33
CA ASN B 55 -2.65 8.14 9.55
C ASN B 55 -3.41 7.31 10.56
N HIS B 56 -4.38 6.56 10.08
CA HIS B 56 -5.19 5.69 10.91
C HIS B 56 -4.33 4.52 11.40
N MET B 57 -3.43 4.05 10.53
CA MET B 57 -2.54 2.96 10.87
C MET B 57 -1.68 3.36 12.06
N THR B 58 -1.55 4.67 12.27
CA THR B 58 -0.78 5.21 13.38
C THR B 58 -1.61 5.11 14.64
N HIS B 59 -2.92 5.18 14.47
CA HIS B 59 -3.86 5.06 15.58
C HIS B 59 -4.37 3.63 15.64
N CYS B 60 -3.96 2.84 14.66
CA CYS B 60 -4.34 1.45 14.54
C CYS B 60 -3.42 0.57 15.39
N GLN B 61 -3.93 0.14 16.54
CA GLN B 61 -3.16 -0.68 17.49
C GLN B 61 -3.36 -2.17 17.27
N SER B 62 -4.11 -2.52 16.26
CA SER B 62 -4.37 -3.92 15.94
C SER B 62 -3.61 -4.29 14.69
N GLY B 63 -3.40 -3.28 13.86
CA GLY B 63 -2.68 -3.45 12.63
C GLY B 63 -3.28 -4.53 11.75
N LYS B 64 -2.91 -5.76 12.05
CA LYS B 64 -3.40 -6.91 11.31
C LYS B 64 -4.68 -7.45 11.93
N SER B 65 -5.20 -6.75 12.94
CA SER B 65 -6.42 -7.16 13.62
C SER B 65 -7.51 -6.08 13.46
N CYS B 66 -7.15 -4.99 12.79
CA CYS B 66 -8.07 -3.90 12.55
C CYS B 66 -8.68 -4.03 11.17
N GLN B 67 -10.00 -3.99 11.12
CA GLN B 67 -10.70 -4.11 9.86
C GLN B 67 -11.29 -2.76 9.47
N VAL B 68 -10.63 -1.69 9.93
CA VAL B 68 -11.08 -0.34 9.61
C VAL B 68 -10.82 -0.04 8.15
N ALA B 69 -11.88 0.33 7.44
CA ALA B 69 -11.79 0.63 6.02
C ALA B 69 -10.74 -0.26 5.33
N HIS B 70 -9.58 0.32 5.02
CA HIS B 70 -8.50 -0.42 4.36
C HIS B 70 -7.38 -0.80 5.34
N CYS B 71 -7.47 -0.32 6.59
CA CYS B 71 -6.45 -0.59 7.60
C CYS B 71 -5.85 -1.98 7.45
N ALA B 72 -6.67 -3.01 7.68
CA ALA B 72 -6.20 -4.38 7.56
C ALA B 72 -5.59 -4.63 6.19
N SER B 73 -6.19 -4.03 5.17
CA SER B 73 -5.70 -4.17 3.81
C SER B 73 -4.34 -3.53 3.67
N SER B 74 -4.21 -2.30 4.18
CA SER B 74 -2.95 -1.58 4.14
C SER B 74 -1.87 -2.37 4.87
N ARG B 75 -2.18 -2.74 6.11
CA ARG B 75 -1.25 -3.51 6.91
C ARG B 75 -0.95 -4.84 6.24
N GLN B 76 -2.00 -5.58 5.91
CA GLN B 76 -1.85 -6.88 5.25
C GLN B 76 -1.05 -6.72 3.96
N ILE B 77 -1.41 -5.73 3.16
CA ILE B 77 -0.71 -5.49 1.90
C ILE B 77 0.75 -5.10 2.17
N ILE B 78 0.94 -3.99 2.87
CA ILE B 78 2.28 -3.52 3.22
C ILE B 78 3.08 -4.66 3.87
N SER B 79 2.36 -5.59 4.51
CA SER B 79 2.99 -6.73 5.15
C SER B 79 3.76 -7.55 4.12
N HIS B 80 3.06 -8.02 3.08
CA HIS B 80 3.71 -8.79 2.02
C HIS B 80 4.95 -8.05 1.55
N TRP B 81 4.71 -6.84 1.09
CA TRP B 81 5.77 -6.00 0.57
C TRP B 81 6.95 -5.91 1.55
N LYS B 82 6.66 -6.13 2.83
CA LYS B 82 7.70 -6.07 3.87
C LYS B 82 8.30 -7.45 4.10
N ASN B 83 7.44 -8.47 4.19
CA ASN B 83 7.89 -9.83 4.41
C ASN B 83 8.58 -10.40 3.18
N CYS B 84 8.22 -9.90 2.01
CA CYS B 84 8.80 -10.35 0.75
C CYS B 84 10.33 -10.27 0.79
N THR B 85 10.97 -11.19 0.09
CA THR B 85 12.43 -11.22 0.03
C THR B 85 12.96 -10.14 -0.90
N ARG B 86 14.01 -9.46 -0.47
CA ARG B 86 14.61 -8.40 -1.27
C ARG B 86 15.23 -8.96 -2.55
N HIS B 87 15.63 -10.22 -2.50
CA HIS B 87 16.25 -10.87 -3.65
C HIS B 87 15.20 -11.28 -4.67
N ASP B 88 14.80 -10.34 -5.53
CA ASP B 88 13.81 -10.60 -6.55
C ASP B 88 12.45 -10.93 -5.93
N CYS B 89 11.58 -9.92 -5.86
CA CYS B 89 10.25 -10.09 -5.29
C CYS B 89 9.18 -10.00 -6.38
N PRO B 90 8.17 -10.86 -6.36
CA PRO B 90 7.09 -10.85 -7.36
C PRO B 90 6.40 -9.50 -7.48
N VAL B 91 6.11 -8.88 -6.33
CA VAL B 91 5.42 -7.59 -6.30
C VAL B 91 6.41 -6.43 -6.16
N CYS B 92 7.07 -6.37 -5.00
CA CYS B 92 8.03 -5.30 -4.70
C CYS B 92 8.97 -5.01 -5.87
N LEU B 93 9.22 -6.01 -6.71
CA LEU B 93 10.12 -5.83 -7.86
C LEU B 93 9.47 -5.05 -9.00
N PRO B 94 8.37 -5.57 -9.61
CA PRO B 94 7.70 -4.88 -10.70
C PRO B 94 7.46 -3.41 -10.41
N LEU B 95 7.18 -3.10 -9.15
CA LEU B 95 6.94 -1.72 -8.74
C LEU B 95 8.27 -1.00 -8.54
N LYS B 96 9.30 -1.76 -8.15
CA LYS B 96 10.63 -1.18 -7.93
C LYS B 96 11.28 -0.82 -9.25
N ASN B 97 10.81 -1.44 -10.31
CA ASN B 97 11.33 -1.21 -11.64
C ASN B 97 10.81 0.11 -12.21
N ALA B 98 9.57 0.09 -12.70
CA ALA B 98 8.96 1.29 -13.27
C ALA B 98 7.51 1.03 -13.65
N GLY B 99 7.32 0.43 -14.82
CA GLY B 99 5.98 0.13 -15.29
C GLY B 99 5.88 0.21 -16.81
N ASP B 100 6.35 1.32 -17.36
CA ASP B 100 6.31 1.53 -18.81
C ASP B 100 7.54 2.30 -19.28
N LYS B 101 7.70 2.40 -20.60
CA LYS B 101 8.83 3.10 -21.17
C LYS B 101 8.69 3.24 -22.68
N GLY A 1 17.29 -8.31 21.10
CA GLY A 1 16.49 -7.40 20.26
C GLY A 1 17.15 -6.04 20.07
N SER A 2 16.96 -5.44 18.90
CA SER A 2 17.54 -4.14 18.60
C SER A 2 17.07 -3.63 17.24
N GLY A 3 15.88 -3.02 17.23
CA GLY A 3 15.34 -2.50 15.99
C GLY A 3 13.84 -2.66 15.91
N SER A 4 13.13 -2.21 16.94
CA SER A 4 11.68 -2.30 16.98
C SER A 4 11.05 -0.92 17.06
N GLY A 5 9.72 -0.88 17.11
CA GLY A 5 9.01 0.38 17.19
C GLY A 5 8.39 0.77 15.86
N SER A 6 7.73 1.93 15.83
CA SER A 6 7.09 2.42 14.62
C SER A 6 8.11 3.02 13.66
N GLY A 7 8.13 2.53 12.43
CA GLY A 7 9.06 3.04 11.44
C GLY A 7 10.41 2.35 11.51
N SER A 8 10.47 1.13 11.00
CA SER A 8 11.72 0.36 11.00
C SER A 8 11.73 -0.68 9.88
N ASN A 9 12.12 -0.24 8.69
CA ASN A 9 12.18 -1.13 7.54
C ASN A 9 10.79 -1.72 7.24
N VAL A 10 9.82 -0.84 7.04
CA VAL A 10 8.46 -1.26 6.74
C VAL A 10 8.36 -1.80 5.31
N ILE A 11 8.05 -0.92 4.39
CA ILE A 11 7.92 -1.28 2.99
C ILE A 11 9.29 -1.24 2.30
N ASP A 12 9.29 -1.21 0.97
CA ASP A 12 10.53 -1.17 0.21
C ASP A 12 10.55 0.02 -0.73
N THR A 13 10.05 1.14 -0.25
CA THR A 13 10.00 2.37 -1.03
C THR A 13 11.31 3.15 -0.94
N ASP A 14 12.34 2.53 -0.36
CA ASP A 14 13.63 3.18 -0.22
C ASP A 14 14.36 3.27 -1.55
N PHE A 15 13.80 2.64 -2.58
CA PHE A 15 14.40 2.65 -3.91
C PHE A 15 13.44 3.25 -4.93
N ILE A 16 12.20 3.51 -4.52
CA ILE A 16 11.20 4.06 -5.40
C ILE A 16 11.49 5.52 -5.70
N ASP A 17 11.12 5.95 -6.89
CA ASP A 17 11.32 7.33 -7.32
C ASP A 17 10.02 8.10 -7.27
N GLU A 18 10.10 9.32 -6.75
CA GLU A 18 8.93 10.18 -6.64
C GLU A 18 8.28 10.42 -8.00
N GLU A 19 9.04 10.18 -9.08
CA GLU A 19 8.53 10.37 -10.42
C GLU A 19 7.86 9.10 -10.94
N VAL A 20 8.35 7.96 -10.47
CA VAL A 20 7.81 6.68 -10.86
C VAL A 20 6.40 6.51 -10.32
N LEU A 21 6.24 6.79 -9.03
CA LEU A 21 4.95 6.70 -8.37
C LEU A 21 3.92 7.52 -9.14
N MET A 22 4.19 8.81 -9.21
CA MET A 22 3.32 9.74 -9.92
C MET A 22 3.05 9.28 -11.34
N SER A 23 4.11 9.00 -12.08
CA SER A 23 3.98 8.55 -13.47
C SER A 23 3.02 7.37 -13.57
N LEU A 24 3.26 6.34 -12.76
CA LEU A 24 2.42 5.15 -12.75
C LEU A 24 1.01 5.48 -12.28
N VAL A 25 0.86 6.57 -11.54
CA VAL A 25 -0.43 6.98 -11.03
C VAL A 25 -1.28 7.61 -12.13
N ILE A 26 -0.63 8.23 -13.10
CA ILE A 26 -1.34 8.87 -14.21
C ILE A 26 -1.45 7.92 -15.39
N GLU A 27 -0.41 7.11 -15.57
CA GLU A 27 -0.37 6.15 -16.66
C GLU A 27 -1.41 5.05 -16.50
N MET A 28 -1.60 4.60 -15.26
CA MET A 28 -2.56 3.54 -14.99
C MET A 28 -3.96 4.11 -14.75
N GLY A 29 -4.03 5.21 -14.02
CA GLY A 29 -5.30 5.83 -13.72
C GLY A 29 -5.57 5.85 -12.25
N LEU A 30 -4.53 6.15 -11.48
CA LEU A 30 -4.61 6.19 -10.04
C LEU A 30 -4.96 7.60 -9.53
N ASP A 31 -4.80 8.59 -10.39
CA ASP A 31 -5.09 9.98 -10.02
C ASP A 31 -6.49 10.38 -10.48
N ARG A 32 -7.42 9.43 -10.44
CA ARG A 32 -8.80 9.68 -10.85
C ARG A 32 -9.66 8.44 -10.65
N ILE A 33 -9.97 8.13 -9.40
CA ILE A 33 -10.79 6.96 -9.07
C ILE A 33 -12.22 7.36 -8.75
N LYS A 34 -13.17 6.56 -9.22
CA LYS A 34 -14.59 6.81 -8.99
C LYS A 34 -15.11 5.97 -7.83
N GLU A 35 -14.70 4.70 -7.80
CA GLU A 35 -15.12 3.79 -6.74
C GLU A 35 -13.92 3.02 -6.20
N LEU A 36 -13.60 3.24 -4.93
CA LEU A 36 -12.48 2.58 -4.28
C LEU A 36 -12.81 1.12 -3.97
N PRO A 37 -12.15 0.16 -4.64
CA PRO A 37 -12.39 -1.26 -4.41
C PRO A 37 -11.76 -1.76 -3.12
N GLU A 38 -12.17 -2.95 -2.68
CA GLU A 38 -11.65 -3.53 -1.45
C GLU A 38 -10.45 -4.42 -1.72
N LEU A 39 -9.53 -4.47 -0.77
CA LEU A 39 -8.34 -5.30 -0.89
C LEU A 39 -8.28 -6.34 0.22
N TRP A 40 -8.73 -7.55 -0.09
CA TRP A 40 -8.72 -8.64 0.88
C TRP A 40 -8.14 -9.91 0.29
N LEU A 41 -7.55 -10.74 1.13
CA LEU A 41 -6.96 -12.00 0.69
C LEU A 41 -8.03 -12.93 0.14
N GLY A 42 -8.51 -12.64 -1.07
CA GLY A 42 -9.53 -13.46 -1.69
C GLY A 42 -8.98 -14.77 -2.23
N GLN A 43 -8.54 -14.74 -3.48
CA GLN A 43 -7.99 -15.93 -4.12
C GLN A 43 -6.84 -16.50 -3.30
N ASN A 44 -6.39 -17.69 -3.70
CA ASN A 44 -5.29 -18.36 -3.01
C ASN A 44 -4.08 -18.52 -3.93
N GLU A 45 -3.92 -17.59 -4.86
CA GLU A 45 -2.79 -17.64 -5.80
C GLU A 45 -1.64 -16.75 -5.33
N PHE A 46 -1.91 -15.93 -4.33
CA PHE A 46 -0.91 -15.03 -3.77
C PHE A 46 -0.90 -15.11 -2.25
N ASP A 47 -1.28 -16.26 -1.74
CA ASP A 47 -1.34 -16.48 -0.29
C ASP A 47 0.03 -16.25 0.35
N PHE A 48 1.07 -16.26 -0.46
CA PHE A 48 2.43 -16.05 0.03
C PHE A 48 2.58 -14.63 0.59
N MET A 49 1.57 -13.79 0.38
CA MET A 49 1.61 -12.41 0.87
C MET A 49 1.18 -12.31 2.34
N THR A 50 1.09 -13.46 3.01
CA THR A 50 0.69 -13.48 4.42
C THR A 50 1.89 -13.14 5.31
N ASP A 51 2.69 -14.15 5.63
CA ASP A 51 3.87 -13.96 6.47
C ASP A 51 5.14 -13.95 5.64
N PHE A 52 4.97 -13.85 4.34
CA PHE A 52 6.09 -13.82 3.40
C PHE A 52 6.08 -12.55 2.57
N MET B 1 -29.97 -15.03 -9.27
CA MET B 1 -29.71 -14.04 -8.20
C MET B 1 -28.29 -14.16 -7.66
N GLY B 2 -27.55 -13.05 -7.71
CA GLY B 2 -26.19 -13.06 -7.21
C GLY B 2 -25.17 -13.18 -8.33
N SER B 3 -23.92 -12.84 -8.03
CA SER B 3 -22.84 -12.91 -9.02
C SER B 3 -21.70 -13.77 -8.52
N GLY B 4 -21.27 -13.52 -7.28
CA GLY B 4 -20.19 -14.28 -6.70
C GLY B 4 -19.11 -13.40 -6.09
N ALA B 5 -18.95 -13.47 -4.78
CA ALA B 5 -17.96 -12.67 -4.08
C ALA B 5 -18.23 -11.18 -4.26
N HIS B 6 -19.03 -10.61 -3.36
CA HIS B 6 -19.36 -9.20 -3.43
C HIS B 6 -18.32 -8.35 -2.71
N THR B 7 -17.66 -8.94 -1.72
CA THR B 7 -16.64 -8.23 -0.97
C THR B 7 -15.25 -8.57 -1.50
N ALA B 8 -14.51 -9.39 -0.75
CA ALA B 8 -13.17 -9.78 -1.15
C ALA B 8 -13.18 -10.49 -2.50
N ASP B 9 -12.54 -9.89 -3.50
CA ASP B 9 -12.49 -10.46 -4.83
C ASP B 9 -11.05 -10.76 -5.25
N PRO B 10 -10.86 -11.74 -6.16
CA PRO B 10 -9.52 -12.11 -6.65
C PRO B 10 -8.78 -10.93 -7.26
N GLU B 11 -9.53 -9.93 -7.70
CA GLU B 11 -8.93 -8.73 -8.26
C GLU B 11 -8.09 -8.03 -7.21
N LYS B 12 -8.25 -8.47 -5.95
CA LYS B 12 -7.52 -7.91 -4.83
C LYS B 12 -6.02 -7.99 -5.08
N ARG B 13 -5.52 -9.17 -5.43
CA ARG B 13 -4.09 -9.33 -5.70
C ARG B 13 -3.66 -8.28 -6.71
N LYS B 14 -4.53 -8.03 -7.69
CA LYS B 14 -4.26 -7.03 -8.71
C LYS B 14 -4.33 -5.64 -8.07
N LEU B 15 -5.24 -5.50 -7.12
CA LEU B 15 -5.41 -4.25 -6.40
C LEU B 15 -4.28 -4.06 -5.40
N ILE B 16 -3.70 -5.17 -4.95
CA ILE B 16 -2.60 -5.12 -4.00
C ILE B 16 -1.42 -4.40 -4.64
N GLN B 17 -1.10 -4.80 -5.87
CA GLN B 17 -0.01 -4.17 -6.60
C GLN B 17 -0.30 -2.69 -6.83
N GLN B 18 -1.47 -2.41 -7.39
CA GLN B 18 -1.88 -1.03 -7.66
C GLN B 18 -2.00 -0.25 -6.36
N GLN B 19 -2.73 -0.81 -5.40
CA GLN B 19 -2.91 -0.16 -4.12
C GLN B 19 -1.57 0.19 -3.50
N LEU B 20 -0.67 -0.77 -3.46
CA LEU B 20 0.65 -0.52 -2.92
C LEU B 20 1.23 0.73 -3.58
N VAL B 21 0.96 0.90 -4.86
CA VAL B 21 1.46 2.05 -5.58
C VAL B 21 0.97 3.33 -4.93
N LEU B 22 -0.26 3.26 -4.41
CA LEU B 22 -0.86 4.39 -3.72
C LEU B 22 -0.54 4.35 -2.24
N LEU B 23 -0.21 3.17 -1.73
CA LEU B 23 0.14 3.03 -0.32
C LEU B 23 1.63 3.31 -0.15
N LEU B 24 2.39 3.03 -1.20
CA LEU B 24 3.82 3.27 -1.21
C LEU B 24 4.06 4.76 -1.34
N HIS B 25 3.42 5.35 -2.33
CA HIS B 25 3.53 6.79 -2.56
C HIS B 25 2.97 7.53 -1.36
N ALA B 26 1.74 7.21 -1.00
CA ALA B 26 1.09 7.84 0.15
C ALA B 26 1.99 7.75 1.37
N HIS B 27 2.80 6.69 1.44
CA HIS B 27 3.70 6.51 2.55
C HIS B 27 4.73 7.62 2.59
N LYS B 28 5.66 7.60 1.63
CA LYS B 28 6.69 8.62 1.56
C LYS B 28 6.04 9.99 1.34
N CYS B 29 4.80 9.99 0.86
CA CYS B 29 4.07 11.22 0.63
C CYS B 29 3.55 11.79 1.94
N GLN B 30 3.30 10.91 2.90
CA GLN B 30 2.80 11.33 4.22
C GLN B 30 3.92 11.97 5.04
N ARG B 31 5.16 11.58 4.77
CA ARG B 31 6.31 12.12 5.49
C ARG B 31 6.83 13.40 4.83
N ARG B 32 6.38 13.67 3.61
CA ARG B 32 6.82 14.86 2.90
C ARG B 32 6.11 16.11 3.40
N GLU B 33 5.03 15.90 4.13
CA GLU B 33 4.25 17.00 4.70
C GLU B 33 4.56 17.17 6.18
N GLN B 34 4.67 16.05 6.90
CA GLN B 34 4.96 16.08 8.32
C GLN B 34 6.42 16.43 8.58
N ALA B 35 7.27 16.22 7.57
CA ALA B 35 8.69 16.52 7.72
C ALA B 35 8.98 18.01 7.51
N ASN B 36 7.93 18.75 7.20
CA ASN B 36 8.04 20.19 6.98
C ASN B 36 7.04 20.95 7.85
N GLY B 37 6.24 20.21 8.61
CA GLY B 37 5.24 20.82 9.47
C GLY B 37 3.97 21.22 8.73
N GLU B 38 4.08 21.44 7.42
CA GLU B 38 2.93 21.83 6.61
C GLU B 38 2.62 20.78 5.56
N VAL B 39 1.43 20.86 4.98
CA VAL B 39 1.01 19.93 3.95
C VAL B 39 0.92 20.61 2.59
N ARG B 40 1.03 19.83 1.52
CA ARG B 40 0.95 20.36 0.17
C ARG B 40 -0.07 19.60 -0.67
N GLN B 41 -0.72 20.30 -1.60
CA GLN B 41 -1.72 19.69 -2.46
C GLN B 41 -1.10 18.57 -3.30
N CYS B 42 -1.82 17.46 -3.40
CA CYS B 42 -1.35 16.32 -4.18
C CYS B 42 -2.08 16.25 -5.52
N ASN B 43 -1.41 15.71 -6.53
CA ASN B 43 -1.99 15.57 -7.85
C ASN B 43 -3.03 14.46 -7.88
N LEU B 44 -2.83 13.45 -7.05
CA LEU B 44 -3.76 12.32 -6.98
C LEU B 44 -4.50 12.30 -5.65
N PRO B 45 -5.77 12.74 -5.63
CA PRO B 45 -6.57 12.76 -4.40
C PRO B 45 -6.53 11.44 -3.65
N HIS B 46 -6.26 10.35 -4.37
CA HIS B 46 -6.20 9.03 -3.78
C HIS B 46 -5.21 9.01 -2.61
N CYS B 47 -4.16 9.82 -2.71
CA CYS B 47 -3.15 9.90 -1.67
C CYS B 47 -3.79 10.23 -0.31
N ARG B 48 -4.94 10.89 -0.36
CA ARG B 48 -5.66 11.27 0.85
C ARG B 48 -6.14 10.04 1.61
N THR B 49 -6.71 9.09 0.86
CA THR B 49 -7.23 7.85 1.47
C THR B 49 -6.14 7.16 2.28
N MET B 50 -5.06 6.77 1.60
CA MET B 50 -3.95 6.09 2.26
C MET B 50 -3.45 6.91 3.44
N LYS B 51 -3.52 8.24 3.31
CA LYS B 51 -3.09 9.14 4.36
C LYS B 51 -3.87 8.88 5.64
N ASN B 52 -5.18 8.74 5.50
CA ASN B 52 -6.05 8.48 6.65
C ASN B 52 -5.85 7.06 7.16
N VAL B 53 -5.30 6.20 6.30
CA VAL B 53 -5.04 4.81 6.65
C VAL B 53 -3.72 4.69 7.39
N LEU B 54 -2.64 5.17 6.77
CA LEU B 54 -1.33 5.12 7.39
C LEU B 54 -1.37 5.79 8.76
N ASN B 55 -2.24 6.79 8.90
CA ASN B 55 -2.40 7.49 10.17
C ASN B 55 -3.27 6.66 11.11
N HIS B 56 -4.26 6.00 10.55
CA HIS B 56 -5.16 5.15 11.31
C HIS B 56 -4.40 3.92 11.79
N MET B 57 -3.52 3.42 10.94
CA MET B 57 -2.72 2.25 11.28
C MET B 57 -1.89 2.55 12.53
N THR B 58 -1.68 3.84 12.79
CA THR B 58 -0.93 4.29 13.95
C THR B 58 -1.81 4.21 15.18
N HIS B 59 -3.11 4.39 14.95
CA HIS B 59 -4.09 4.30 16.02
C HIS B 59 -4.73 2.92 16.01
N CYS B 60 -4.34 2.14 15.01
CA CYS B 60 -4.81 0.78 14.83
C CYS B 60 -4.03 -0.17 15.72
N GLN B 61 -4.65 -0.60 16.81
CA GLN B 61 -4.01 -1.48 17.79
C GLN B 61 -4.32 -2.96 17.55
N SER B 62 -5.06 -3.25 16.49
CA SER B 62 -5.41 -4.61 16.17
C SER B 62 -4.63 -5.03 14.94
N GLY B 63 -4.31 -4.03 14.12
CA GLY B 63 -3.55 -4.25 12.92
C GLY B 63 -4.13 -5.35 12.05
N LYS B 64 -3.78 -6.57 12.38
CA LYS B 64 -4.25 -7.74 11.64
C LYS B 64 -5.65 -8.15 12.10
N SER B 65 -6.20 -7.42 13.07
CA SER B 65 -7.53 -7.71 13.60
C SER B 65 -8.47 -6.53 13.37
N CYS B 66 -7.92 -5.45 12.81
CA CYS B 66 -8.71 -4.27 12.52
C CYS B 66 -9.17 -4.29 11.08
N GLN B 67 -10.47 -4.32 10.90
CA GLN B 67 -11.05 -4.34 9.57
C GLN B 67 -11.55 -2.95 9.19
N VAL B 68 -10.93 -1.94 9.80
CA VAL B 68 -11.29 -0.56 9.52
C VAL B 68 -10.92 -0.20 8.10
N ALA B 69 -11.91 0.21 7.33
CA ALA B 69 -11.70 0.56 5.93
C ALA B 69 -10.66 -0.36 5.29
N HIS B 70 -9.45 0.15 5.07
CA HIS B 70 -8.38 -0.63 4.47
C HIS B 70 -7.33 -1.08 5.51
N CYS B 71 -7.48 -0.63 6.75
CA CYS B 71 -6.55 -0.98 7.82
C CYS B 71 -6.01 -2.39 7.70
N ALA B 72 -6.87 -3.37 7.87
CA ALA B 72 -6.46 -4.77 7.77
C ALA B 72 -5.74 -5.03 6.45
N SER B 73 -6.18 -4.33 5.41
CA SER B 73 -5.57 -4.47 4.10
C SER B 73 -4.19 -3.83 4.07
N SER B 74 -4.11 -2.57 4.47
CA SER B 74 -2.83 -1.86 4.50
C SER B 74 -1.84 -2.62 5.38
N ARG B 75 -2.34 -3.24 6.44
CA ARG B 75 -1.49 -4.00 7.34
C ARG B 75 -1.02 -5.29 6.67
N GLN B 76 -1.98 -6.05 6.15
CA GLN B 76 -1.66 -7.30 5.47
C GLN B 76 -0.83 -7.03 4.23
N ILE B 77 -1.23 -6.02 3.46
CA ILE B 77 -0.51 -5.67 2.24
C ILE B 77 0.94 -5.28 2.54
N ILE B 78 1.13 -4.15 3.24
CA ILE B 78 2.47 -3.69 3.61
C ILE B 78 3.30 -4.84 4.16
N SER B 79 2.62 -5.81 4.79
CA SER B 79 3.29 -6.98 5.35
C SER B 79 4.04 -7.72 4.26
N HIS B 80 3.33 -8.14 3.22
CA HIS B 80 3.94 -8.84 2.10
C HIS B 80 5.09 -8.02 1.55
N TRP B 81 4.77 -6.81 1.13
CA TRP B 81 5.74 -5.90 0.57
C TRP B 81 6.90 -5.66 1.54
N LYS B 82 6.64 -5.88 2.83
CA LYS B 82 7.66 -5.70 3.86
C LYS B 82 8.58 -6.92 3.94
N ASN B 83 7.98 -8.09 4.05
CA ASN B 83 8.73 -9.34 4.14
C ASN B 83 9.43 -9.65 2.81
N CYS B 84 8.64 -9.74 1.74
CA CYS B 84 9.17 -10.04 0.42
C CYS B 84 10.27 -9.05 0.03
N THR B 85 11.10 -9.43 -0.94
CA THR B 85 12.18 -8.58 -1.41
C THR B 85 12.99 -9.27 -2.50
N ARG B 86 13.25 -10.56 -2.32
CA ARG B 86 14.01 -11.32 -3.30
C ARG B 86 13.37 -12.68 -3.57
N HIS B 87 14.15 -13.61 -4.12
CA HIS B 87 13.67 -14.95 -4.44
C HIS B 87 12.80 -14.94 -5.69
N ASP B 88 11.57 -14.44 -5.55
CA ASP B 88 10.64 -14.38 -6.67
C ASP B 88 9.39 -13.60 -6.31
N CYS B 89 9.52 -12.28 -6.28
CA CYS B 89 8.40 -11.41 -5.94
C CYS B 89 8.08 -10.45 -7.09
N PRO B 90 6.93 -10.63 -7.76
CA PRO B 90 6.53 -9.77 -8.88
C PRO B 90 5.93 -8.44 -8.41
N VAL B 91 5.94 -8.21 -7.11
CA VAL B 91 5.39 -6.98 -6.53
C VAL B 91 6.47 -5.93 -6.25
N CYS B 92 7.26 -6.20 -5.21
CA CYS B 92 8.33 -5.29 -4.78
C CYS B 92 9.44 -5.17 -5.83
N LEU B 93 10.03 -6.31 -6.20
CA LEU B 93 11.12 -6.33 -7.17
C LEU B 93 10.83 -5.44 -8.39
N PRO B 94 9.85 -5.82 -9.23
CA PRO B 94 9.50 -5.05 -10.42
C PRO B 94 9.28 -3.57 -10.10
N LEU B 95 8.58 -3.30 -9.00
CA LEU B 95 8.31 -1.92 -8.60
C LEU B 95 9.61 -1.15 -8.39
N LYS B 96 10.70 -1.86 -8.10
CA LYS B 96 11.99 -1.21 -7.90
C LYS B 96 12.68 -0.93 -9.21
N ASN B 97 12.43 -1.80 -10.16
CA ASN B 97 13.01 -1.68 -11.49
C ASN B 97 12.37 -0.54 -12.28
N ALA B 98 11.03 -0.54 -12.32
CA ALA B 98 10.30 0.50 -13.03
C ALA B 98 8.82 0.45 -12.69
N GLY B 99 8.11 -0.46 -13.34
CA GLY B 99 6.69 -0.61 -13.11
C GLY B 99 5.91 -0.85 -14.38
N ASP B 100 6.11 -2.01 -14.99
CA ASP B 100 5.43 -2.36 -16.23
C ASP B 100 5.79 -1.39 -17.34
N LYS B 101 6.76 -1.77 -18.17
CA LYS B 101 7.20 -0.93 -19.27
C LYS B 101 7.74 0.40 -18.76
N GLY A 1 19.19 14.03 20.67
CA GLY A 1 17.82 13.51 20.90
C GLY A 1 16.78 14.20 20.04
N SER A 2 17.05 15.45 19.69
CA SER A 2 16.14 16.23 18.85
C SER A 2 16.47 16.06 17.37
N GLY A 3 15.75 15.16 16.71
CA GLY A 3 15.97 14.92 15.29
C GLY A 3 14.71 14.58 14.55
N SER A 4 14.86 14.19 13.29
CA SER A 4 13.70 13.83 12.46
C SER A 4 13.86 12.42 11.89
N GLY A 5 12.94 12.04 11.02
CA GLY A 5 12.99 10.72 10.41
C GLY A 5 12.96 9.61 11.44
N SER A 6 11.82 9.44 12.10
CA SER A 6 11.67 8.41 13.12
C SER A 6 10.79 7.28 12.62
N GLY A 7 11.30 6.50 11.68
CA GLY A 7 10.54 5.39 11.13
C GLY A 7 11.07 4.04 11.59
N SER A 8 10.53 2.97 11.02
CA SER A 8 10.95 1.62 11.38
C SER A 8 11.17 0.76 10.14
N ASN A 9 11.44 1.41 9.01
CA ASN A 9 11.67 0.70 7.75
C ASN A 9 10.58 -0.34 7.49
N VAL A 10 9.37 0.15 7.22
CA VAL A 10 8.24 -0.72 6.95
C VAL A 10 8.28 -1.25 5.53
N ILE A 11 7.64 -0.55 4.62
CA ILE A 11 7.59 -0.93 3.22
C ILE A 11 9.00 -0.90 2.63
N ASP A 12 9.10 -0.79 1.30
CA ASP A 12 10.39 -0.75 0.63
C ASP A 12 10.48 0.41 -0.34
N THR A 13 9.94 1.54 0.08
CA THR A 13 9.94 2.75 -0.75
C THR A 13 11.28 3.49 -0.66
N ASP A 14 12.28 2.88 -0.02
CA ASP A 14 13.59 3.50 0.11
C ASP A 14 14.33 3.55 -1.22
N PHE A 15 13.78 2.89 -2.22
CA PHE A 15 14.39 2.87 -3.55
C PHE A 15 13.40 3.34 -4.63
N ILE A 16 12.21 3.73 -4.20
CA ILE A 16 11.19 4.20 -5.12
C ILE A 16 11.55 5.57 -5.69
N ASP A 17 11.14 5.81 -6.92
CA ASP A 17 11.39 7.08 -7.59
C ASP A 17 10.15 7.94 -7.62
N GLU A 18 10.31 9.20 -7.27
CA GLU A 18 9.21 10.15 -7.24
C GLU A 18 8.59 10.32 -8.62
N GLU A 19 9.33 9.94 -9.67
CA GLU A 19 8.85 10.06 -11.03
C GLU A 19 8.17 8.78 -11.49
N VAL A 20 8.49 7.67 -10.85
CA VAL A 20 7.90 6.39 -11.17
C VAL A 20 6.45 6.36 -10.70
N LEU A 21 6.25 6.78 -9.46
CA LEU A 21 4.93 6.83 -8.86
C LEU A 21 3.99 7.62 -9.76
N MET A 22 4.29 8.90 -9.87
CA MET A 22 3.51 9.82 -10.69
C MET A 22 3.16 9.21 -12.04
N SER A 23 4.16 8.65 -12.71
CA SER A 23 3.95 8.02 -14.01
C SER A 23 2.99 6.85 -13.90
N LEU A 24 3.18 6.02 -12.88
CA LEU A 24 2.33 4.87 -12.66
C LEU A 24 0.90 5.29 -12.33
N VAL A 25 0.75 6.51 -11.82
CA VAL A 25 -0.54 7.03 -11.45
C VAL A 25 -1.35 7.39 -12.70
N ILE A 26 -0.72 8.12 -13.60
CA ILE A 26 -1.37 8.53 -14.85
C ILE A 26 -1.50 7.34 -15.79
N GLU A 27 -0.49 6.50 -15.81
CA GLU A 27 -0.47 5.33 -16.68
C GLU A 27 -1.66 4.41 -16.41
N MET A 28 -1.91 4.12 -15.13
CA MET A 28 -3.01 3.25 -14.75
C MET A 28 -4.31 4.05 -14.60
N GLY A 29 -4.19 5.24 -14.02
CA GLY A 29 -5.36 6.07 -13.80
C GLY A 29 -5.65 6.25 -12.32
N LEU A 30 -4.59 6.27 -11.54
CA LEU A 30 -4.68 6.42 -10.09
C LEU A 30 -5.08 7.83 -9.69
N ASP A 31 -5.05 8.75 -10.64
CA ASP A 31 -5.42 10.15 -10.37
C ASP A 31 -6.88 10.41 -10.72
N ARG A 32 -7.69 9.36 -10.74
CA ARG A 32 -9.11 9.48 -11.05
C ARG A 32 -9.82 8.14 -10.95
N ILE A 33 -10.09 7.71 -9.73
CA ILE A 33 -10.77 6.44 -9.50
C ILE A 33 -12.26 6.64 -9.28
N LYS A 34 -13.07 6.02 -10.13
CA LYS A 34 -14.52 6.12 -10.04
C LYS A 34 -15.04 5.42 -8.78
N GLU A 35 -14.50 4.23 -8.53
CA GLU A 35 -14.91 3.44 -7.37
C GLU A 35 -13.72 2.69 -6.78
N LEU A 36 -13.39 2.99 -5.52
CA LEU A 36 -12.28 2.35 -4.84
C LEU A 36 -12.65 0.93 -4.41
N PRO A 37 -12.04 -0.10 -5.03
CA PRO A 37 -12.32 -1.50 -4.70
C PRO A 37 -11.68 -1.94 -3.39
N GLU A 38 -12.12 -3.07 -2.86
CA GLU A 38 -11.59 -3.61 -1.62
C GLU A 38 -10.20 -4.20 -1.85
N LEU A 39 -9.38 -4.23 -0.81
CA LEU A 39 -8.04 -4.77 -0.91
C LEU A 39 -7.83 -5.94 0.06
N TRP A 40 -7.97 -7.16 -0.45
CA TRP A 40 -7.79 -8.35 0.37
C TRP A 40 -6.89 -9.37 -0.34
N LEU A 41 -6.36 -10.32 0.43
CA LEU A 41 -5.49 -11.35 -0.12
C LEU A 41 -6.03 -11.90 -1.44
N GLY A 42 -7.35 -12.04 -1.51
CA GLY A 42 -7.98 -12.55 -2.72
C GLY A 42 -7.50 -13.95 -3.10
N GLN A 43 -6.90 -14.06 -4.29
CA GLN A 43 -6.40 -15.34 -4.78
C GLN A 43 -5.55 -16.06 -3.73
N ASN A 44 -5.34 -17.34 -3.94
CA ASN A 44 -4.55 -18.15 -3.02
C ASN A 44 -3.09 -18.25 -3.47
N GLU A 45 -2.84 -17.87 -4.72
CA GLU A 45 -1.48 -17.91 -5.27
C GLU A 45 -0.61 -16.82 -4.66
N PHE A 46 -1.22 -15.92 -3.90
CA PHE A 46 -0.51 -14.82 -3.27
C PHE A 46 -0.81 -14.79 -1.76
N ASP A 47 -1.28 -15.91 -1.24
CA ASP A 47 -1.60 -16.02 0.18
C ASP A 47 -0.38 -15.74 1.05
N PHE A 48 0.80 -15.81 0.45
CA PHE A 48 2.04 -15.56 1.16
C PHE A 48 2.13 -14.11 1.62
N MET A 49 1.22 -13.27 1.14
CA MET A 49 1.20 -11.86 1.51
C MET A 49 0.45 -11.62 2.82
N THR A 50 0.16 -12.70 3.54
CA THR A 50 -0.55 -12.60 4.80
C THR A 50 0.42 -12.38 5.97
N ASP A 51 1.51 -13.15 5.97
CA ASP A 51 2.52 -13.04 7.01
C ASP A 51 1.99 -13.50 8.36
N PHE A 52 0.82 -14.11 8.33
CA PHE A 52 0.17 -14.61 9.54
C PHE A 52 0.98 -15.75 10.16
N MET B 1 -18.54 -21.83 -6.51
CA MET B 1 -18.49 -22.62 -5.26
C MET B 1 -19.39 -22.04 -4.17
N GLY B 2 -19.29 -20.73 -3.98
CA GLY B 2 -20.11 -20.06 -2.98
C GLY B 2 -20.00 -20.72 -1.62
N SER B 3 -18.89 -20.49 -0.94
CA SER B 3 -18.66 -21.06 0.39
C SER B 3 -17.34 -20.58 0.98
N GLY B 4 -16.23 -21.07 0.41
CA GLY B 4 -14.92 -20.68 0.89
C GLY B 4 -14.43 -19.40 0.25
N ALA B 5 -14.23 -18.37 1.07
CA ALA B 5 -13.75 -17.09 0.57
C ALA B 5 -14.70 -16.50 -0.47
N HIS B 6 -15.80 -15.91 0.01
CA HIS B 6 -16.79 -15.31 -0.87
C HIS B 6 -16.74 -13.79 -0.81
N THR B 7 -15.70 -13.25 -0.19
CA THR B 7 -15.53 -11.80 -0.06
C THR B 7 -14.41 -11.31 -0.97
N ALA B 8 -13.20 -11.35 -0.45
CA ALA B 8 -12.02 -10.92 -1.19
C ALA B 8 -12.03 -11.46 -2.62
N ASP B 9 -12.06 -10.56 -3.59
CA ASP B 9 -12.07 -10.96 -4.99
C ASP B 9 -10.67 -11.32 -5.48
N PRO B 10 -10.55 -11.85 -6.71
CA PRO B 10 -9.26 -12.23 -7.29
C PRO B 10 -8.53 -11.04 -7.86
N GLU B 11 -9.28 -10.06 -8.35
CA GLU B 11 -8.69 -8.84 -8.88
C GLU B 11 -7.92 -8.10 -7.79
N LYS B 12 -8.14 -8.53 -6.55
CA LYS B 12 -7.49 -7.94 -5.39
C LYS B 12 -5.98 -8.01 -5.55
N ARG B 13 -5.47 -9.18 -5.92
CA ARG B 13 -4.02 -9.32 -6.11
C ARG B 13 -3.54 -8.24 -7.07
N LYS B 14 -4.34 -7.98 -8.09
CA LYS B 14 -4.02 -6.95 -9.07
C LYS B 14 -4.22 -5.57 -8.46
N LEU B 15 -5.26 -5.46 -7.64
CA LEU B 15 -5.56 -4.21 -6.96
C LEU B 15 -4.55 -3.95 -5.86
N ILE B 16 -3.94 -5.01 -5.35
CA ILE B 16 -2.94 -4.89 -4.31
C ILE B 16 -1.71 -4.20 -4.88
N GLN B 17 -1.33 -4.61 -6.09
CA GLN B 17 -0.19 -4.01 -6.76
C GLN B 17 -0.42 -2.52 -6.96
N GLN B 18 -1.55 -2.18 -7.59
CA GLN B 18 -1.89 -0.79 -7.81
C GLN B 18 -2.14 -0.09 -6.48
N GLN B 19 -2.70 -0.83 -5.52
CA GLN B 19 -2.96 -0.29 -4.21
C GLN B 19 -1.65 0.06 -3.53
N LEU B 20 -0.75 -0.90 -3.45
CA LEU B 20 0.54 -0.67 -2.84
C LEU B 20 1.11 0.63 -3.37
N VAL B 21 0.85 0.92 -4.63
CA VAL B 21 1.37 2.15 -5.24
C VAL B 21 0.71 3.37 -4.60
N LEU B 22 -0.58 3.26 -4.32
CA LEU B 22 -1.30 4.34 -3.68
C LEU B 22 -0.92 4.41 -2.21
N LEU B 23 -0.53 3.27 -1.66
CA LEU B 23 -0.09 3.19 -0.27
C LEU B 23 1.38 3.55 -0.19
N LEU B 24 2.09 3.30 -1.29
CA LEU B 24 3.51 3.61 -1.38
C LEU B 24 3.69 5.11 -1.54
N HIS B 25 2.91 5.67 -2.46
CA HIS B 25 2.94 7.09 -2.70
C HIS B 25 2.41 7.82 -1.49
N ALA B 26 1.20 7.43 -1.07
CA ALA B 26 0.57 8.04 0.10
C ALA B 26 1.50 8.00 1.29
N HIS B 27 2.36 6.97 1.33
CA HIS B 27 3.32 6.82 2.41
C HIS B 27 4.31 7.98 2.40
N LYS B 28 5.20 7.98 1.42
CA LYS B 28 6.17 9.05 1.29
C LYS B 28 5.46 10.39 1.13
N CYS B 29 4.23 10.34 0.64
CA CYS B 29 3.43 11.55 0.46
C CYS B 29 2.99 12.09 1.81
N GLN B 30 2.79 11.18 2.77
CA GLN B 30 2.38 11.57 4.11
C GLN B 30 3.59 11.95 4.96
N ARG B 31 4.73 11.34 4.65
CA ARG B 31 5.97 11.63 5.38
C ARG B 31 6.70 12.83 4.80
N ARG B 32 6.32 13.23 3.59
CA ARG B 32 6.94 14.37 2.93
C ARG B 32 6.61 15.68 3.64
N GLU B 33 5.61 15.62 4.49
CA GLU B 33 5.17 16.78 5.25
C GLU B 33 5.81 16.82 6.63
N GLN B 34 6.06 15.64 7.19
CA GLN B 34 6.66 15.53 8.50
C GLN B 34 8.19 15.64 8.44
N ALA B 35 8.74 15.52 7.23
CA ALA B 35 10.19 15.59 7.05
C ALA B 35 10.64 16.98 6.62
N ASN B 36 9.68 17.88 6.50
CA ASN B 36 9.95 19.26 6.10
C ASN B 36 9.34 20.24 7.09
N GLY B 37 8.65 19.72 8.10
CA GLY B 37 8.02 20.56 9.10
C GLY B 37 6.69 21.13 8.65
N GLU B 38 6.50 21.23 7.33
CA GLU B 38 5.26 21.77 6.77
C GLU B 38 4.54 20.71 5.95
N VAL B 39 3.27 20.96 5.64
CA VAL B 39 2.47 20.03 4.87
C VAL B 39 2.19 20.57 3.46
N ARG B 40 1.97 19.67 2.52
CA ARG B 40 1.68 20.05 1.14
C ARG B 40 0.42 19.38 0.64
N GLN B 41 -0.41 20.13 -0.09
CA GLN B 41 -1.65 19.59 -0.63
C GLN B 41 -1.36 18.54 -1.71
N CYS B 42 -2.19 17.50 -1.74
CA CYS B 42 -2.02 16.42 -2.70
C CYS B 42 -3.00 16.58 -3.86
N ASN B 43 -2.54 16.25 -5.06
CA ASN B 43 -3.37 16.36 -6.26
C ASN B 43 -4.15 15.06 -6.50
N LEU B 44 -3.55 13.93 -6.12
CA LEU B 44 -4.19 12.64 -6.31
C LEU B 44 -5.44 12.52 -5.45
N PRO B 45 -6.49 11.84 -5.97
CA PRO B 45 -7.74 11.66 -5.24
C PRO B 45 -7.69 10.53 -4.22
N HIS B 46 -7.14 9.39 -4.63
CA HIS B 46 -7.02 8.24 -3.74
C HIS B 46 -6.02 8.50 -2.63
N CYS B 47 -5.04 9.37 -2.90
CA CYS B 47 -4.02 9.71 -1.91
C CYS B 47 -4.65 10.08 -0.58
N ARG B 48 -5.88 10.59 -0.62
CA ARG B 48 -6.59 10.99 0.59
C ARG B 48 -6.97 9.78 1.43
N THR B 49 -7.51 8.74 0.79
CA THR B 49 -7.91 7.53 1.49
C THR B 49 -6.75 6.97 2.32
N MET B 50 -5.64 6.68 1.65
CA MET B 50 -4.46 6.15 2.32
C MET B 50 -4.06 7.05 3.48
N LYS B 51 -4.13 8.36 3.25
CA LYS B 51 -3.78 9.34 4.27
C LYS B 51 -4.51 9.05 5.58
N ASN B 52 -5.82 8.86 5.47
CA ASN B 52 -6.65 8.57 6.64
C ASN B 52 -6.35 7.17 7.17
N VAL B 53 -5.76 6.33 6.32
CA VAL B 53 -5.41 4.97 6.70
C VAL B 53 -4.09 4.95 7.44
N LEU B 54 -3.05 5.51 6.82
CA LEU B 54 -1.74 5.58 7.43
C LEU B 54 -1.84 6.23 8.80
N ASN B 55 -2.80 7.14 8.95
CA ASN B 55 -3.03 7.83 10.20
C ASN B 55 -3.80 6.93 11.16
N HIS B 56 -4.72 6.16 10.59
CA HIS B 56 -5.52 5.23 11.37
C HIS B 56 -4.64 4.08 11.84
N MET B 57 -3.67 3.70 11.02
CA MET B 57 -2.74 2.64 11.36
C MET B 57 -2.05 2.97 12.68
N THR B 58 -1.99 4.27 12.99
CA THR B 58 -1.39 4.75 14.21
C THR B 58 -2.34 4.49 15.37
N HIS B 59 -3.63 4.50 15.04
CA HIS B 59 -4.68 4.23 16.02
C HIS B 59 -5.05 2.76 15.95
N CYS B 60 -4.50 2.10 14.93
CA CYS B 60 -4.73 0.69 14.68
C CYS B 60 -3.79 -0.15 15.54
N GLN B 61 -4.36 -0.95 16.45
CA GLN B 61 -3.57 -1.77 17.35
C GLN B 61 -3.78 -3.27 17.11
N SER B 62 -4.63 -3.60 16.15
CA SER B 62 -4.90 -4.99 15.83
C SER B 62 -4.30 -5.32 14.49
N GLY B 63 -4.27 -4.29 13.64
CA GLY B 63 -3.72 -4.43 12.32
C GLY B 63 -4.28 -5.60 11.57
N LYS B 64 -3.68 -6.75 11.79
CA LYS B 64 -4.11 -7.99 11.16
C LYS B 64 -5.52 -8.36 11.61
N SER B 65 -5.96 -7.77 12.72
CA SER B 65 -7.29 -8.03 13.27
C SER B 65 -8.18 -6.80 13.07
N CYS B 66 -7.56 -5.70 12.68
CA CYS B 66 -8.28 -4.46 12.44
C CYS B 66 -8.85 -4.46 11.04
N GLN B 67 -10.16 -4.53 10.96
CA GLN B 67 -10.84 -4.54 9.67
C GLN B 67 -11.39 -3.16 9.36
N VAL B 68 -10.80 -2.13 9.97
CA VAL B 68 -11.23 -0.77 9.75
C VAL B 68 -10.90 -0.36 8.33
N ALA B 69 -11.93 0.05 7.61
CA ALA B 69 -11.77 0.45 6.21
C ALA B 69 -10.74 -0.44 5.51
N HIS B 70 -9.55 0.10 5.26
CA HIS B 70 -8.48 -0.65 4.61
C HIS B 70 -7.41 -1.10 5.60
N CYS B 71 -7.50 -0.67 6.86
CA CYS B 71 -6.53 -1.03 7.90
C CYS B 71 -5.97 -2.44 7.70
N ALA B 72 -6.82 -3.44 7.82
CA ALA B 72 -6.40 -4.82 7.65
C ALA B 72 -5.69 -5.02 6.32
N SER B 73 -6.16 -4.32 5.30
CA SER B 73 -5.55 -4.40 3.97
C SER B 73 -4.21 -3.67 3.95
N SER B 74 -4.21 -2.44 4.43
CA SER B 74 -2.99 -1.64 4.45
C SER B 74 -1.95 -2.30 5.36
N ARG B 75 -2.42 -2.96 6.41
CA ARG B 75 -1.52 -3.63 7.35
C ARG B 75 -1.06 -4.95 6.77
N GLN B 76 -1.99 -5.71 6.21
CA GLN B 76 -1.67 -7.00 5.60
C GLN B 76 -0.88 -6.81 4.32
N ILE B 77 -1.29 -5.82 3.53
CA ILE B 77 -0.61 -5.52 2.28
C ILE B 77 0.82 -5.05 2.53
N ILE B 78 0.99 -3.86 3.09
CA ILE B 78 2.32 -3.33 3.40
C ILE B 78 3.15 -4.37 4.15
N SER B 79 2.48 -5.22 4.91
CA SER B 79 3.16 -6.28 5.66
C SER B 79 3.91 -7.18 4.70
N HIS B 80 3.23 -7.61 3.65
CA HIS B 80 3.84 -8.46 2.63
C HIS B 80 5.07 -7.77 2.07
N TRP B 81 4.84 -6.57 1.56
CA TRP B 81 5.88 -5.76 0.97
C TRP B 81 7.08 -5.62 1.90
N LYS B 82 6.83 -5.72 3.20
CA LYS B 82 7.90 -5.59 4.18
C LYS B 82 8.56 -6.94 4.44
N ASN B 83 7.77 -8.01 4.42
CA ASN B 83 8.27 -9.35 4.65
C ASN B 83 8.56 -10.08 3.34
N CYS B 84 8.53 -9.35 2.23
CA CYS B 84 8.78 -9.94 0.92
C CYS B 84 10.28 -10.10 0.68
N THR B 85 10.70 -11.34 0.41
CA THR B 85 12.10 -11.63 0.17
C THR B 85 12.25 -12.70 -0.91
N ARG B 86 13.49 -12.95 -1.32
CA ARG B 86 13.76 -13.95 -2.35
C ARG B 86 13.09 -13.59 -3.66
N HIS B 87 13.08 -14.52 -4.61
CA HIS B 87 12.47 -14.29 -5.91
C HIS B 87 11.00 -14.67 -5.89
N ASP B 88 10.36 -14.65 -7.06
CA ASP B 88 8.95 -15.00 -7.18
C ASP B 88 8.07 -13.92 -6.55
N CYS B 89 8.62 -12.71 -6.43
CA CYS B 89 7.89 -11.58 -5.86
C CYS B 89 7.76 -10.44 -6.87
N PRO B 90 6.66 -10.39 -7.64
CA PRO B 90 6.44 -9.36 -8.64
C PRO B 90 5.82 -8.08 -8.07
N VAL B 91 5.87 -7.94 -6.74
CA VAL B 91 5.30 -6.77 -6.09
C VAL B 91 6.38 -5.71 -5.81
N CYS B 92 7.22 -5.98 -4.80
CA CYS B 92 8.28 -5.06 -4.40
C CYS B 92 9.40 -4.99 -5.44
N LEU B 93 9.79 -6.14 -5.99
CA LEU B 93 10.86 -6.18 -6.98
C LEU B 93 10.52 -5.31 -8.20
N PRO B 94 9.52 -5.68 -9.01
CA PRO B 94 9.14 -4.89 -10.19
C PRO B 94 8.94 -3.42 -9.86
N LEU B 95 8.21 -3.15 -8.78
CA LEU B 95 7.97 -1.77 -8.37
C LEU B 95 9.27 -1.10 -7.93
N LYS B 96 10.29 -1.91 -7.67
CA LYS B 96 11.60 -1.39 -7.25
C LYS B 96 12.43 -1.01 -8.46
N ASN B 97 12.11 -1.62 -9.58
CA ASN B 97 12.80 -1.39 -10.84
C ASN B 97 11.96 -0.52 -11.77
N ALA B 98 11.38 0.55 -11.22
CA ALA B 98 10.56 1.46 -12.00
C ALA B 98 9.36 0.72 -12.61
N GLY B 99 9.01 -0.42 -12.04
CA GLY B 99 7.89 -1.19 -12.55
C GLY B 99 8.10 -1.64 -13.98
N ASP B 100 8.84 -2.72 -14.16
CA ASP B 100 9.12 -3.26 -15.50
C ASP B 100 8.82 -4.76 -15.55
N LYS B 101 7.58 -5.09 -15.83
CA LYS B 101 7.17 -6.49 -15.92
C LYS B 101 7.50 -7.07 -17.29
N GLY A 1 15.50 -6.16 24.88
CA GLY A 1 14.84 -4.91 24.43
C GLY A 1 13.44 -4.76 25.01
N SER A 2 13.24 -3.67 25.76
CA SER A 2 11.94 -3.40 26.37
C SER A 2 10.91 -3.03 25.32
N GLY A 3 11.11 -1.90 24.67
CA GLY A 3 10.18 -1.45 23.65
C GLY A 3 10.88 -0.92 22.41
N SER A 4 11.48 0.26 22.53
CA SER A 4 12.19 0.87 21.42
C SER A 4 11.24 1.17 20.27
N GLY A 5 10.50 2.26 20.38
CA GLY A 5 9.56 2.63 19.34
C GLY A 5 10.24 3.21 18.12
N SER A 6 9.51 4.07 17.40
CA SER A 6 10.06 4.70 16.20
C SER A 6 10.45 3.65 15.16
N GLY A 7 9.54 3.37 14.23
CA GLY A 7 9.82 2.39 13.19
C GLY A 7 10.11 3.04 11.86
N SER A 8 11.12 2.52 11.16
CA SER A 8 11.51 3.04 9.86
C SER A 8 12.10 1.95 8.98
N ASN A 9 11.22 1.17 8.36
CA ASN A 9 11.63 0.08 7.48
C ASN A 9 10.47 -0.86 7.19
N VAL A 10 9.30 -0.29 6.93
CA VAL A 10 8.12 -1.06 6.65
C VAL A 10 8.10 -1.53 5.19
N ILE A 11 7.50 -0.75 4.33
CA ILE A 11 7.42 -1.09 2.91
C ILE A 11 8.83 -1.05 2.29
N ASP A 12 8.91 -0.88 0.98
CA ASP A 12 10.18 -0.85 0.29
C ASP A 12 10.30 0.38 -0.61
N THR A 13 9.80 1.50 -0.13
CA THR A 13 9.84 2.75 -0.88
C THR A 13 11.17 3.48 -0.71
N ASP A 14 12.12 2.83 -0.03
CA ASP A 14 13.43 3.44 0.20
C ASP A 14 14.20 3.64 -1.11
N PHE A 15 13.71 2.98 -2.16
CA PHE A 15 14.35 3.08 -3.46
C PHE A 15 13.35 3.52 -4.55
N ILE A 16 12.08 3.59 -4.18
CA ILE A 16 11.05 3.97 -5.12
C ILE A 16 11.11 5.45 -5.46
N ASP A 17 10.77 5.77 -6.69
CA ASP A 17 10.78 7.14 -7.17
C ASP A 17 9.35 7.68 -7.25
N GLU A 18 9.13 8.83 -6.65
CA GLU A 18 7.81 9.46 -6.65
C GLU A 18 7.40 9.89 -8.05
N GLU A 19 8.35 9.89 -8.98
CA GLU A 19 8.06 10.28 -10.36
C GLU A 19 7.70 9.08 -11.21
N VAL A 20 8.26 7.92 -10.87
CA VAL A 20 8.01 6.70 -11.60
C VAL A 20 6.61 6.15 -11.30
N LEU A 21 6.30 5.98 -10.02
CA LEU A 21 5.00 5.46 -9.63
C LEU A 21 3.89 6.41 -10.09
N MET A 22 4.23 7.67 -10.26
CA MET A 22 3.27 8.67 -10.70
C MET A 22 2.88 8.44 -12.16
N SER A 23 3.87 8.39 -13.03
CA SER A 23 3.63 8.16 -14.46
C SER A 23 2.73 6.95 -14.68
N LEU A 24 3.02 5.85 -13.98
CA LEU A 24 2.22 4.64 -14.11
C LEU A 24 0.86 4.81 -13.45
N VAL A 25 0.80 5.69 -12.45
CA VAL A 25 -0.43 5.96 -11.73
C VAL A 25 -1.44 6.63 -12.65
N ILE A 26 -0.98 7.63 -13.41
CA ILE A 26 -1.83 8.35 -14.34
C ILE A 26 -2.17 7.47 -15.54
N GLU A 27 -1.21 6.66 -15.94
CA GLU A 27 -1.38 5.77 -17.09
C GLU A 27 -2.41 4.68 -16.80
N MET A 28 -2.42 4.17 -15.58
CA MET A 28 -3.35 3.12 -15.21
C MET A 28 -4.69 3.71 -14.77
N GLY A 29 -4.62 4.79 -14.00
CA GLY A 29 -5.82 5.44 -13.51
C GLY A 29 -5.90 5.40 -12.01
N LEU A 30 -4.75 5.60 -11.37
CA LEU A 30 -4.64 5.58 -9.93
C LEU A 30 -4.76 6.97 -9.32
N ASP A 31 -5.17 7.94 -10.13
CA ASP A 31 -5.32 9.31 -9.66
C ASP A 31 -6.71 9.85 -10.02
N ARG A 32 -7.70 8.96 -10.07
CA ARG A 32 -9.06 9.36 -10.39
C ARG A 32 -10.01 8.16 -10.28
N ILE A 33 -9.78 7.33 -9.28
CA ILE A 33 -10.62 6.15 -9.06
C ILE A 33 -11.96 6.54 -8.44
N LYS A 34 -13.04 6.05 -9.04
CA LYS A 34 -14.38 6.34 -8.53
C LYS A 34 -14.63 5.64 -7.20
N GLU A 35 -14.56 4.32 -7.21
CA GLU A 35 -14.77 3.53 -6.01
C GLU A 35 -13.52 2.70 -5.68
N LEU A 36 -13.01 2.87 -4.46
CA LEU A 36 -11.83 2.14 -4.03
C LEU A 36 -12.16 0.68 -3.74
N PRO A 37 -11.70 -0.26 -4.59
CA PRO A 37 -11.96 -1.68 -4.42
C PRO A 37 -11.44 -2.22 -3.09
N GLU A 38 -11.89 -3.41 -2.71
CA GLU A 38 -11.49 -4.02 -1.45
C GLU A 38 -10.33 -4.99 -1.66
N LEU A 39 -9.39 -5.00 -0.72
CA LEU A 39 -8.25 -5.91 -0.80
C LEU A 39 -8.23 -6.85 0.40
N TRP A 40 -8.78 -8.04 0.22
CA TRP A 40 -8.83 -9.05 1.28
C TRP A 40 -8.35 -10.40 0.77
N LEU A 41 -7.40 -11.00 1.49
CA LEU A 41 -6.85 -12.31 1.12
C LEU A 41 -7.91 -13.20 0.46
N GLY A 42 -7.95 -13.17 -0.87
CA GLY A 42 -8.92 -13.97 -1.60
C GLY A 42 -8.30 -15.22 -2.18
N GLN A 43 -7.24 -15.06 -2.96
CA GLN A 43 -6.57 -16.19 -3.58
C GLN A 43 -5.58 -16.84 -2.61
N ASN A 44 -5.29 -18.12 -2.83
CA ASN A 44 -4.36 -18.85 -1.98
C ASN A 44 -2.99 -18.98 -2.64
N GLU A 45 -2.91 -18.64 -3.93
CA GLU A 45 -1.64 -18.73 -4.65
C GLU A 45 -0.75 -17.53 -4.36
N PHE A 46 -1.27 -16.57 -3.60
CA PHE A 46 -0.52 -15.38 -3.25
C PHE A 46 -0.13 -15.39 -1.78
N ASP A 47 0.09 -16.59 -1.27
CA ASP A 47 0.46 -16.79 0.12
C ASP A 47 1.75 -16.07 0.47
N PHE A 48 2.46 -15.60 -0.55
CA PHE A 48 3.71 -14.88 -0.35
C PHE A 48 3.49 -13.58 0.43
N MET A 49 2.22 -13.21 0.62
CA MET A 49 1.88 -11.99 1.35
C MET A 49 2.01 -12.18 2.87
N THR A 50 2.54 -13.32 3.29
CA THR A 50 2.72 -13.60 4.70
C THR A 50 4.19 -13.81 5.04
N ASP A 51 4.88 -14.57 4.20
CA ASP A 51 6.30 -14.86 4.40
C ASP A 51 6.54 -15.65 5.67
N PHE A 52 5.47 -16.15 6.23
CA PHE A 52 5.54 -16.93 7.46
C PHE A 52 4.21 -17.64 7.73
N MET B 1 -16.97 -21.37 4.65
CA MET B 1 -15.81 -20.66 5.26
C MET B 1 -14.57 -20.79 4.39
N GLY B 2 -14.47 -21.89 3.65
CA GLY B 2 -13.34 -22.11 2.77
C GLY B 2 -13.21 -21.05 1.70
N SER B 3 -13.91 -21.25 0.58
CA SER B 3 -13.87 -20.30 -0.52
C SER B 3 -14.55 -18.98 -0.12
N GLY B 4 -14.36 -17.97 -0.96
CA GLY B 4 -14.96 -16.67 -0.69
C GLY B 4 -16.48 -16.71 -0.68
N ALA B 5 -17.07 -16.01 0.28
CA ALA B 5 -18.53 -15.97 0.40
C ALA B 5 -19.12 -14.76 -0.33
N HIS B 6 -18.73 -14.60 -1.59
CA HIS B 6 -19.23 -13.48 -2.40
C HIS B 6 -18.79 -12.15 -1.81
N THR B 7 -17.71 -12.16 -1.03
CA THR B 7 -17.20 -10.95 -0.41
C THR B 7 -16.03 -10.39 -1.21
N ALA B 8 -14.82 -10.55 -0.70
CA ALA B 8 -13.64 -10.06 -1.37
C ALA B 8 -13.56 -10.56 -2.82
N ASP B 9 -12.51 -10.17 -3.52
CA ASP B 9 -12.35 -10.58 -4.92
C ASP B 9 -10.88 -10.88 -5.26
N PRO B 10 -10.63 -11.95 -6.03
CA PRO B 10 -9.27 -12.33 -6.43
C PRO B 10 -8.61 -11.25 -7.28
N GLU B 11 -9.42 -10.46 -7.97
CA GLU B 11 -8.90 -9.37 -8.78
C GLU B 11 -8.15 -8.38 -7.89
N LYS B 12 -8.32 -8.53 -6.59
CA LYS B 12 -7.67 -7.68 -5.61
C LYS B 12 -6.17 -7.68 -5.81
N ARG B 13 -5.60 -8.86 -6.02
CA ARG B 13 -4.16 -8.97 -6.24
C ARG B 13 -3.73 -7.96 -7.30
N LYS B 14 -4.62 -7.73 -8.26
CA LYS B 14 -4.33 -6.77 -9.32
C LYS B 14 -4.36 -5.37 -8.73
N LEU B 15 -5.38 -5.11 -7.93
CA LEU B 15 -5.53 -3.82 -7.27
C LEU B 15 -4.52 -3.69 -6.13
N ILE B 16 -4.04 -4.83 -5.64
CA ILE B 16 -3.05 -4.84 -4.57
C ILE B 16 -1.81 -4.13 -5.05
N GLN B 17 -1.39 -4.49 -6.25
CA GLN B 17 -0.23 -3.88 -6.87
C GLN B 17 -0.48 -2.39 -7.09
N GLN B 18 -1.59 -2.07 -7.76
CA GLN B 18 -1.93 -0.68 -8.01
C GLN B 18 -2.18 0.04 -6.70
N GLN B 19 -2.79 -0.66 -5.75
CA GLN B 19 -3.07 -0.08 -4.44
C GLN B 19 -1.77 0.23 -3.74
N LEU B 20 -0.87 -0.75 -3.70
CA LEU B 20 0.42 -0.56 -3.08
C LEU B 20 1.00 0.76 -3.54
N VAL B 21 0.78 1.09 -4.81
CA VAL B 21 1.29 2.34 -5.35
C VAL B 21 0.62 3.53 -4.68
N LEU B 22 -0.69 3.42 -4.46
CA LEU B 22 -1.42 4.48 -3.80
C LEU B 22 -1.05 4.52 -2.34
N LEU B 23 -0.67 3.37 -1.80
CA LEU B 23 -0.26 3.27 -0.40
C LEU B 23 1.23 3.58 -0.31
N LEU B 24 1.94 3.34 -1.41
CA LEU B 24 3.36 3.60 -1.49
C LEU B 24 3.59 5.10 -1.62
N HIS B 25 2.90 5.70 -2.57
CA HIS B 25 2.97 7.14 -2.78
C HIS B 25 2.44 7.85 -1.54
N ALA B 26 1.21 7.50 -1.18
CA ALA B 26 0.56 8.08 0.00
C ALA B 26 1.49 7.99 1.21
N HIS B 27 2.31 6.94 1.23
CA HIS B 27 3.26 6.76 2.34
C HIS B 27 4.25 7.91 2.37
N LYS B 28 5.15 7.93 1.40
CA LYS B 28 6.14 9.00 1.32
C LYS B 28 5.45 10.34 1.13
N CYS B 29 4.21 10.30 0.65
CA CYS B 29 3.42 11.50 0.44
C CYS B 29 2.89 12.03 1.76
N GLN B 30 2.66 11.11 2.70
CA GLN B 30 2.15 11.49 4.02
C GLN B 30 3.29 11.71 5.01
N ARG B 31 4.44 11.09 4.74
CA ARG B 31 5.60 11.22 5.62
C ARG B 31 6.44 12.44 5.25
N ARG B 32 6.26 12.93 4.03
CA ARG B 32 7.00 14.10 3.57
C ARG B 32 6.53 15.37 4.27
N GLU B 33 5.38 15.28 4.91
CA GLU B 33 4.81 16.41 5.63
C GLU B 33 5.14 16.34 7.11
N GLN B 34 5.21 15.12 7.63
CA GLN B 34 5.52 14.90 9.04
C GLN B 34 7.02 14.94 9.31
N ALA B 35 7.81 14.80 8.25
CA ALA B 35 9.26 14.82 8.39
C ALA B 35 9.84 16.21 8.21
N ASN B 36 8.96 17.17 7.96
CA ASN B 36 9.37 18.55 7.78
C ASN B 36 8.57 19.48 8.68
N GLY B 37 7.67 18.90 9.46
CA GLY B 37 6.84 19.68 10.38
C GLY B 37 5.67 20.35 9.69
N GLU B 38 5.77 20.58 8.39
CA GLU B 38 4.71 21.22 7.62
C GLU B 38 4.15 20.27 6.57
N VAL B 39 2.99 20.61 6.02
CA VAL B 39 2.36 19.79 4.99
C VAL B 39 2.42 20.47 3.63
N ARG B 40 2.36 19.66 2.58
CA ARG B 40 2.42 20.18 1.22
C ARG B 40 1.26 19.64 0.39
N GLN B 41 0.83 20.43 -0.60
CA GLN B 41 -0.27 20.04 -1.47
C GLN B 41 0.09 18.80 -2.28
N CYS B 42 -0.76 17.77 -2.19
CA CYS B 42 -0.53 16.53 -2.90
C CYS B 42 -1.15 16.59 -4.30
N ASN B 43 -0.32 16.36 -5.32
CA ASN B 43 -0.78 16.38 -6.70
C ASN B 43 -1.82 15.30 -6.95
N LEU B 44 -1.70 14.20 -6.22
CA LEU B 44 -2.64 13.08 -6.36
C LEU B 44 -3.81 13.24 -5.40
N PRO B 45 -5.04 13.36 -5.95
CA PRO B 45 -6.25 13.51 -5.12
C PRO B 45 -6.61 12.22 -4.38
N HIS B 46 -6.32 11.08 -5.00
CA HIS B 46 -6.61 9.79 -4.39
C HIS B 46 -5.80 9.58 -3.12
N CYS B 47 -4.70 10.32 -2.98
CA CYS B 47 -3.84 10.21 -1.81
C CYS B 47 -4.63 10.45 -0.53
N ARG B 48 -5.74 11.17 -0.65
CA ARG B 48 -6.59 11.48 0.50
C ARG B 48 -7.04 10.21 1.21
N THR B 49 -7.48 9.23 0.42
CA THR B 49 -7.94 7.95 0.98
C THR B 49 -6.86 7.32 1.86
N MET B 50 -5.75 6.95 1.24
CA MET B 50 -4.65 6.33 1.97
C MET B 50 -4.19 7.23 3.12
N LYS B 51 -4.22 8.54 2.88
CA LYS B 51 -3.83 9.51 3.91
C LYS B 51 -4.63 9.29 5.18
N ASN B 52 -5.93 9.02 5.01
CA ASN B 52 -6.81 8.78 6.14
C ASN B 52 -6.54 7.40 6.75
N VAL B 53 -5.98 6.51 5.93
CA VAL B 53 -5.66 5.17 6.37
C VAL B 53 -4.33 5.17 7.13
N LEU B 54 -3.29 5.69 6.49
CA LEU B 54 -1.98 5.77 7.11
C LEU B 54 -2.10 6.50 8.45
N ASN B 55 -3.03 7.45 8.52
CA ASN B 55 -3.25 8.19 9.74
C ASN B 55 -3.99 7.32 10.75
N HIS B 56 -4.91 6.51 10.24
CA HIS B 56 -5.68 5.59 11.06
C HIS B 56 -4.76 4.48 11.55
N MET B 57 -3.81 4.09 10.70
CA MET B 57 -2.86 3.05 11.06
C MET B 57 -2.13 3.43 12.34
N THR B 58 -2.10 4.73 12.61
CA THR B 58 -1.46 5.25 13.81
C THR B 58 -2.38 5.00 15.00
N HIS B 59 -3.67 4.98 14.71
CA HIS B 59 -4.67 4.71 15.74
C HIS B 59 -5.03 3.24 15.72
N CYS B 60 -4.52 2.56 14.69
CA CYS B 60 -4.73 1.14 14.49
C CYS B 60 -3.74 0.34 15.33
N GLN B 61 -4.28 -0.38 16.32
CA GLN B 61 -3.46 -1.18 17.22
C GLN B 61 -3.63 -2.67 17.02
N SER B 62 -4.46 -3.06 16.08
CA SER B 62 -4.70 -4.46 15.80
C SER B 62 -4.09 -4.80 14.46
N GLY B 63 -4.08 -3.81 13.59
CA GLY B 63 -3.51 -3.96 12.28
C GLY B 63 -4.09 -5.13 11.54
N LYS B 64 -3.52 -6.30 11.80
CA LYS B 64 -3.95 -7.54 11.18
C LYS B 64 -5.33 -7.95 11.71
N SER B 65 -5.76 -7.31 12.79
CA SER B 65 -7.06 -7.61 13.39
C SER B 65 -8.01 -6.43 13.23
N CYS B 66 -7.46 -5.32 12.74
CA CYS B 66 -8.25 -4.12 12.52
C CYS B 66 -8.89 -4.16 11.15
N GLN B 67 -10.20 -4.26 11.14
CA GLN B 67 -10.94 -4.32 9.90
C GLN B 67 -11.53 -2.96 9.55
N VAL B 68 -10.87 -1.90 10.05
CA VAL B 68 -11.31 -0.56 9.78
C VAL B 68 -11.04 -0.20 8.33
N ALA B 69 -12.09 0.18 7.63
CA ALA B 69 -11.99 0.53 6.22
C ALA B 69 -10.96 -0.36 5.51
N HIS B 70 -9.79 0.20 5.20
CA HIS B 70 -8.72 -0.54 4.54
C HIS B 70 -7.61 -0.94 5.51
N CYS B 71 -7.68 -0.46 6.76
CA CYS B 71 -6.66 -0.77 7.78
C CYS B 71 -6.07 -2.16 7.61
N ALA B 72 -6.91 -3.18 7.80
CA ALA B 72 -6.46 -4.56 7.67
C ALA B 72 -5.77 -4.79 6.33
N SER B 73 -6.29 -4.14 5.29
CA SER B 73 -5.72 -4.27 3.95
C SER B 73 -4.41 -3.52 3.85
N SER B 74 -4.41 -2.26 4.30
CA SER B 74 -3.20 -1.45 4.26
C SER B 74 -2.10 -2.13 5.08
N ARG B 75 -2.51 -2.84 6.13
CA ARG B 75 -1.57 -3.56 6.98
C ARG B 75 -1.23 -4.91 6.37
N GLN B 76 -2.23 -5.57 5.80
CA GLN B 76 -2.04 -6.86 5.15
C GLN B 76 -1.25 -6.69 3.86
N ILE B 77 -1.61 -5.67 3.09
CA ILE B 77 -0.92 -5.39 1.83
C ILE B 77 0.54 -5.00 2.10
N ILE B 78 0.74 -3.89 2.80
CA ILE B 78 2.09 -3.43 3.13
C ILE B 78 2.87 -4.55 3.81
N SER B 79 2.16 -5.40 4.54
CA SER B 79 2.78 -6.53 5.22
C SER B 79 3.53 -7.38 4.21
N HIS B 80 2.85 -7.74 3.13
CA HIS B 80 3.46 -8.53 2.07
C HIS B 80 4.74 -7.85 1.61
N TRP B 81 4.56 -6.62 1.18
CA TRP B 81 5.65 -5.80 0.68
C TRP B 81 6.80 -5.73 1.69
N LYS B 82 6.47 -5.82 2.98
CA LYS B 82 7.47 -5.76 4.03
C LYS B 82 8.44 -6.93 3.95
N ASN B 83 7.89 -8.14 4.02
CA ASN B 83 8.70 -9.35 3.96
C ASN B 83 9.04 -9.72 2.52
N CYS B 84 8.03 -9.67 1.65
CA CYS B 84 8.21 -10.00 0.25
C CYS B 84 9.34 -9.17 -0.36
N THR B 85 10.49 -9.82 -0.60
CA THR B 85 11.65 -9.15 -1.19
C THR B 85 12.87 -10.05 -1.17
N ARG B 86 12.99 -10.87 -0.13
CA ARG B 86 14.13 -11.78 0.01
C ARG B 86 13.72 -13.22 -0.31
N HIS B 87 12.94 -13.37 -1.38
CA HIS B 87 12.49 -14.71 -1.79
C HIS B 87 11.65 -14.62 -3.07
N ASP B 88 12.29 -14.19 -4.15
CA ASP B 88 11.60 -14.06 -5.44
C ASP B 88 10.34 -13.22 -5.29
N CYS B 89 10.50 -11.90 -5.33
CA CYS B 89 9.37 -10.99 -5.19
C CYS B 89 9.11 -10.23 -6.50
N PRO B 90 8.09 -10.64 -7.26
CA PRO B 90 7.75 -9.99 -8.53
C PRO B 90 6.91 -8.71 -8.33
N VAL B 91 6.61 -8.38 -7.08
CA VAL B 91 5.82 -7.20 -6.76
C VAL B 91 6.72 -6.02 -6.41
N CYS B 92 7.33 -6.08 -5.22
CA CYS B 92 8.23 -5.02 -4.76
C CYS B 92 9.40 -4.84 -5.73
N LEU B 93 9.65 -5.87 -6.55
CA LEU B 93 10.74 -5.82 -7.52
C LEU B 93 10.46 -4.80 -8.62
N PRO B 94 9.40 -5.00 -9.43
CA PRO B 94 9.06 -4.07 -10.51
C PRO B 94 8.93 -2.65 -9.97
N LEU B 95 8.30 -2.50 -8.82
CA LEU B 95 8.13 -1.19 -8.21
C LEU B 95 9.48 -0.66 -7.73
N LYS B 96 10.43 -1.57 -7.52
CA LYS B 96 11.78 -1.20 -7.07
C LYS B 96 12.62 -0.75 -8.25
N ASN B 97 12.26 -1.23 -9.42
CA ASN B 97 12.97 -0.90 -10.64
C ASN B 97 12.03 -0.89 -11.83
N ALA B 98 11.33 0.23 -12.02
CA ALA B 98 10.39 0.37 -13.12
C ALA B 98 10.98 1.21 -14.25
N GLY B 99 12.31 1.31 -14.28
CA GLY B 99 12.97 2.08 -15.31
C GLY B 99 14.44 2.31 -15.01
N ASP B 100 14.77 2.45 -13.72
CA ASP B 100 16.14 2.67 -13.30
C ASP B 100 16.32 2.33 -11.82
N LYS B 101 17.54 2.48 -11.33
CA LYS B 101 17.84 2.19 -9.93
C LYS B 101 17.09 3.15 -9.00
N GLY A 1 8.99 -10.10 29.68
CA GLY A 1 9.65 -9.26 28.65
C GLY A 1 9.22 -9.61 27.24
N SER A 2 7.94 -9.94 27.09
CA SER A 2 7.38 -10.30 25.78
C SER A 2 6.46 -9.20 25.26
N GLY A 3 6.89 -8.54 24.20
CA GLY A 3 6.08 -7.47 23.63
C GLY A 3 6.22 -7.40 22.11
N SER A 4 5.15 -6.96 21.45
CA SER A 4 5.16 -6.84 19.99
C SER A 4 6.07 -5.71 19.54
N GLY A 5 7.05 -6.03 18.70
CA GLY A 5 7.97 -5.04 18.21
C GLY A 5 7.69 -4.66 16.77
N SER A 6 8.10 -3.45 16.38
CA SER A 6 7.89 -2.97 15.02
C SER A 6 8.69 -1.70 14.76
N GLY A 7 8.58 -1.17 13.54
CA GLY A 7 9.30 0.04 13.19
C GLY A 7 10.71 -0.24 12.72
N SER A 8 10.83 -0.97 11.62
CA SER A 8 12.14 -1.31 11.06
C SER A 8 12.01 -1.75 9.61
N ASN A 9 12.01 -0.78 8.69
CA ASN A 9 11.90 -1.07 7.27
C ASN A 9 10.56 -1.74 6.95
N VAL A 10 9.53 -0.93 6.78
CA VAL A 10 8.20 -1.43 6.48
C VAL A 10 8.09 -1.82 5.00
N ILE A 11 7.66 -0.90 4.19
CA ILE A 11 7.52 -1.13 2.75
C ILE A 11 8.89 -1.10 2.06
N ASP A 12 8.92 -0.85 0.76
CA ASP A 12 10.17 -0.82 0.02
C ASP A 12 10.30 0.46 -0.81
N THR A 13 9.84 1.56 -0.25
CA THR A 13 9.90 2.85 -0.92
C THR A 13 11.23 3.56 -0.64
N ASP A 14 12.16 2.86 0.00
CA ASP A 14 13.46 3.45 0.32
C ASP A 14 14.29 3.70 -0.94
N PHE A 15 13.85 3.12 -2.04
CA PHE A 15 14.53 3.25 -3.33
C PHE A 15 13.59 3.78 -4.40
N ILE A 16 12.29 3.72 -4.14
CA ILE A 16 11.29 4.17 -5.09
C ILE A 16 11.29 5.68 -5.22
N ASP A 17 11.00 6.16 -6.42
CA ASP A 17 10.95 7.58 -6.70
C ASP A 17 9.51 8.05 -6.80
N GLU A 18 9.21 9.14 -6.11
CA GLU A 18 7.87 9.71 -6.10
C GLU A 18 7.47 10.23 -7.47
N GLU A 19 8.46 10.38 -8.36
CA GLU A 19 8.19 10.88 -9.71
C GLU A 19 7.94 9.71 -10.66
N VAL A 20 8.59 8.59 -10.39
CA VAL A 20 8.44 7.41 -11.22
C VAL A 20 7.05 6.79 -11.06
N LEU A 21 6.69 6.46 -9.82
CA LEU A 21 5.39 5.86 -9.54
C LEU A 21 4.27 6.82 -9.96
N MET A 22 4.57 8.11 -9.96
CA MET A 22 3.60 9.12 -10.34
C MET A 22 3.21 8.96 -11.81
N SER A 23 4.21 8.98 -12.68
CA SER A 23 3.98 8.82 -14.11
C SER A 23 3.21 7.54 -14.39
N LEU A 24 3.48 6.51 -13.58
CA LEU A 24 2.81 5.23 -13.72
C LEU A 24 1.36 5.33 -13.25
N VAL A 25 1.13 6.15 -12.23
CA VAL A 25 -0.20 6.34 -11.69
C VAL A 25 -1.15 6.88 -12.76
N ILE A 26 -0.64 7.79 -13.58
CA ILE A 26 -1.44 8.38 -14.65
C ILE A 26 -1.64 7.40 -15.79
N GLU A 27 -0.60 6.62 -16.06
CA GLU A 27 -0.64 5.64 -17.15
C GLU A 27 -1.52 4.45 -16.80
N MET A 28 -1.47 4.02 -15.54
CA MET A 28 -2.26 2.89 -15.09
C MET A 28 -3.71 3.28 -14.85
N GLY A 29 -3.89 4.45 -14.25
CA GLY A 29 -5.22 4.94 -13.94
C GLY A 29 -5.45 5.02 -12.45
N LEU A 30 -4.42 5.50 -11.75
CA LEU A 30 -4.45 5.61 -10.32
C LEU A 30 -4.77 7.04 -9.87
N ASP A 31 -5.20 7.88 -10.80
CA ASP A 31 -5.53 9.26 -10.49
C ASP A 31 -6.94 9.61 -10.96
N ARG A 32 -7.85 8.63 -10.90
CA ARG A 32 -9.22 8.85 -11.32
C ARG A 32 -10.05 7.59 -11.11
N ILE A 33 -10.19 7.18 -9.85
CA ILE A 33 -10.97 5.99 -9.52
C ILE A 33 -12.34 6.37 -8.96
N LYS A 34 -13.40 5.82 -9.54
CA LYS A 34 -14.75 6.10 -9.08
C LYS A 34 -15.16 5.15 -7.96
N GLU A 35 -14.63 3.94 -8.00
CA GLU A 35 -14.93 2.95 -6.98
C GLU A 35 -13.68 2.18 -6.57
N LEU A 36 -13.23 2.40 -5.34
CA LEU A 36 -12.04 1.74 -4.83
C LEU A 36 -12.37 0.33 -4.35
N PRO A 37 -11.88 -0.71 -5.08
CA PRO A 37 -12.14 -2.11 -4.71
C PRO A 37 -11.54 -2.49 -3.36
N GLU A 38 -11.97 -3.62 -2.83
CA GLU A 38 -11.49 -4.11 -1.55
C GLU A 38 -10.32 -5.09 -1.72
N LEU A 39 -9.37 -5.04 -0.78
CA LEU A 39 -8.23 -5.94 -0.83
C LEU A 39 -8.18 -6.81 0.42
N TRP A 40 -8.72 -8.03 0.31
CA TRP A 40 -8.73 -8.97 1.42
C TRP A 40 -8.24 -10.34 0.97
N LEU A 41 -7.34 -10.94 1.75
CA LEU A 41 -6.80 -12.26 1.44
C LEU A 41 -7.85 -13.17 0.81
N GLY A 42 -7.90 -13.19 -0.52
CA GLY A 42 -8.87 -14.01 -1.22
C GLY A 42 -8.22 -15.05 -2.11
N GLN A 43 -7.39 -14.60 -3.03
CA GLN A 43 -6.70 -15.49 -3.94
C GLN A 43 -5.87 -16.52 -3.18
N ASN A 44 -5.37 -17.51 -3.90
CA ASN A 44 -4.56 -18.57 -3.31
C ASN A 44 -3.14 -18.59 -3.88
N GLU A 45 -2.89 -17.74 -4.87
CA GLU A 45 -1.57 -17.67 -5.50
C GLU A 45 -0.71 -16.57 -4.88
N PHE A 46 -1.26 -15.84 -3.93
CA PHE A 46 -0.54 -14.76 -3.26
C PHE A 46 -0.61 -14.91 -1.75
N ASP A 47 -0.85 -16.13 -1.29
CA ASP A 47 -0.95 -16.42 0.14
C ASP A 47 0.35 -16.06 0.87
N PHE A 48 1.41 -15.81 0.10
CA PHE A 48 2.70 -15.46 0.69
C PHE A 48 2.64 -14.13 1.43
N MET A 49 1.53 -13.41 1.29
CA MET A 49 1.36 -12.12 1.96
C MET A 49 1.05 -12.28 3.45
N THR A 50 1.07 -13.52 3.93
CA THR A 50 0.79 -13.81 5.33
C THR A 50 2.05 -14.25 6.05
N ASP A 51 2.63 -15.37 5.60
CA ASP A 51 3.84 -15.91 6.20
C ASP A 51 3.61 -16.36 7.63
N PHE A 52 2.35 -16.42 8.01
CA PHE A 52 1.97 -16.83 9.36
C PHE A 52 0.50 -17.22 9.40
N MET B 1 -23.22 -1.33 -8.88
CA MET B 1 -24.52 -1.93 -8.48
C MET B 1 -24.38 -3.43 -8.25
N GLY B 2 -25.46 -4.05 -7.76
CA GLY B 2 -25.44 -5.48 -7.50
C GLY B 2 -24.69 -5.82 -6.23
N SER B 3 -25.41 -6.29 -5.22
CA SER B 3 -24.82 -6.66 -3.95
C SER B 3 -24.27 -8.08 -3.99
N GLY B 4 -23.74 -8.54 -2.85
CA GLY B 4 -23.21 -9.89 -2.79
C GLY B 4 -21.69 -9.92 -2.83
N ALA B 5 -21.06 -8.93 -2.21
CA ALA B 5 -19.61 -8.84 -2.19
C ALA B 5 -19.10 -8.45 -0.80
N HIS B 6 -19.69 -9.07 0.23
CA HIS B 6 -19.30 -8.80 1.61
C HIS B 6 -18.04 -9.58 1.99
N THR B 7 -17.54 -10.40 1.08
CA THR B 7 -16.35 -11.19 1.34
C THR B 7 -15.10 -10.49 0.80
N ALA B 8 -14.70 -10.87 -0.40
CA ALA B 8 -13.53 -10.30 -1.04
C ALA B 8 -13.37 -10.83 -2.47
N ASP B 9 -12.33 -10.37 -3.15
CA ASP B 9 -12.08 -10.82 -4.52
C ASP B 9 -10.59 -11.08 -4.77
N PRO B 10 -10.26 -12.09 -5.59
CA PRO B 10 -8.87 -12.44 -5.91
C PRO B 10 -8.22 -11.40 -6.82
N GLU B 11 -9.04 -10.63 -7.52
CA GLU B 11 -8.53 -9.58 -8.39
C GLU B 11 -7.75 -8.55 -7.57
N LYS B 12 -7.89 -8.65 -6.25
CA LYS B 12 -7.22 -7.76 -5.32
C LYS B 12 -5.72 -7.80 -5.56
N ARG B 13 -5.17 -9.01 -5.74
CA ARG B 13 -3.75 -9.15 -6.00
C ARG B 13 -3.31 -8.14 -7.05
N LYS B 14 -4.19 -7.93 -8.03
CA LYS B 14 -3.93 -6.96 -9.08
C LYS B 14 -4.10 -5.55 -8.53
N LEU B 15 -5.17 -5.38 -7.76
CA LEU B 15 -5.46 -4.09 -7.15
C LEU B 15 -4.47 -3.80 -6.02
N ILE B 16 -3.88 -4.87 -5.47
CA ILE B 16 -2.90 -4.72 -4.41
C ILE B 16 -1.69 -4.01 -4.99
N GLN B 17 -1.30 -4.42 -6.19
CA GLN B 17 -0.17 -3.80 -6.87
C GLN B 17 -0.44 -2.31 -7.09
N GLN B 18 -1.58 -2.02 -7.71
CA GLN B 18 -1.96 -0.63 -7.96
C GLN B 18 -2.21 0.08 -6.64
N GLN B 19 -2.80 -0.63 -5.69
CA GLN B 19 -3.08 -0.08 -4.38
C GLN B 19 -1.79 0.26 -3.68
N LEU B 20 -0.86 -0.70 -3.64
CA LEU B 20 0.42 -0.47 -3.03
C LEU B 20 0.99 0.86 -3.51
N VAL B 21 0.74 1.16 -4.78
CA VAL B 21 1.24 2.41 -5.35
C VAL B 21 0.56 3.60 -4.69
N LEU B 22 -0.72 3.46 -4.40
CA LEU B 22 -1.45 4.52 -3.73
C LEU B 22 -1.04 4.58 -2.27
N LEU B 23 -0.67 3.43 -1.72
CA LEU B 23 -0.21 3.35 -0.34
C LEU B 23 1.28 3.68 -0.29
N LEU B 24 1.96 3.44 -1.40
CA LEU B 24 3.38 3.71 -1.52
C LEU B 24 3.60 5.21 -1.66
N HIS B 25 2.87 5.81 -2.59
CA HIS B 25 2.94 7.24 -2.81
C HIS B 25 2.43 7.97 -1.58
N ALA B 26 1.19 7.64 -1.20
CA ALA B 26 0.57 8.24 -0.03
C ALA B 26 1.52 8.16 1.16
N HIS B 27 2.32 7.10 1.21
CA HIS B 27 3.29 6.93 2.29
C HIS B 27 4.25 8.09 2.31
N LYS B 28 5.08 8.19 1.27
CA LYS B 28 6.04 9.27 1.17
C LYS B 28 5.31 10.60 1.03
N CYS B 29 4.02 10.53 0.66
CA CYS B 29 3.21 11.72 0.51
C CYS B 29 2.75 12.23 1.88
N GLN B 30 2.56 11.29 2.81
CA GLN B 30 2.12 11.64 4.16
C GLN B 30 3.31 11.80 5.09
N ARG B 31 4.44 11.19 4.73
CA ARG B 31 5.65 11.26 5.54
C ARG B 31 6.43 12.55 5.26
N ARG B 32 6.03 13.28 4.22
CA ARG B 32 6.70 14.51 3.86
C ARG B 32 6.62 15.55 4.98
N GLU B 33 5.71 15.31 5.91
CA GLU B 33 5.51 16.21 7.05
C GLU B 33 6.31 15.73 8.26
N GLN B 34 6.86 14.53 8.18
CA GLN B 34 7.64 13.96 9.27
C GLN B 34 9.04 14.55 9.32
N ALA B 35 9.56 14.96 8.17
CA ALA B 35 10.91 15.52 8.09
C ALA B 35 10.88 17.03 7.91
N ASN B 36 9.69 17.56 7.73
CA ASN B 36 9.52 19.00 7.55
C ASN B 36 8.47 19.56 8.52
N GLY B 37 7.78 18.66 9.21
CA GLY B 37 6.77 19.06 10.16
C GLY B 37 5.46 19.46 9.50
N GLU B 38 5.51 19.88 8.25
CA GLU B 38 4.31 20.28 7.52
C GLU B 38 4.05 19.37 6.33
N VAL B 39 2.78 19.07 6.08
CA VAL B 39 2.41 18.20 4.96
C VAL B 39 2.06 19.03 3.72
N ARG B 40 2.11 18.38 2.58
CA ARG B 40 1.80 19.04 1.31
C ARG B 40 0.69 18.30 0.57
N GLN B 41 -0.16 19.06 -0.11
CA GLN B 41 -1.27 18.48 -0.86
C GLN B 41 -0.76 17.53 -1.94
N CYS B 42 -1.49 16.45 -2.15
CA CYS B 42 -1.11 15.46 -3.15
C CYS B 42 -1.83 15.72 -4.47
N ASN B 43 -1.12 15.51 -5.57
CA ASN B 43 -1.68 15.72 -6.90
C ASN B 43 -2.97 14.93 -7.08
N LEU B 44 -2.85 13.61 -7.09
CA LEU B 44 -4.00 12.73 -7.25
C LEU B 44 -4.95 12.88 -6.07
N PRO B 45 -6.27 12.86 -6.33
CA PRO B 45 -7.29 13.00 -5.28
C PRO B 45 -7.43 11.73 -4.44
N HIS B 46 -6.97 10.60 -4.98
CA HIS B 46 -7.05 9.33 -4.28
C HIS B 46 -6.09 9.29 -3.09
N CYS B 47 -5.02 10.08 -3.15
CA CYS B 47 -4.05 10.12 -2.07
C CYS B 47 -4.73 10.40 -0.73
N ARG B 48 -5.89 11.05 -0.79
CA ARG B 48 -6.64 11.37 0.42
C ARG B 48 -7.02 10.11 1.20
N THR B 49 -7.51 9.11 0.48
CA THR B 49 -7.91 7.85 1.09
C THR B 49 -6.80 7.29 1.97
N MET B 50 -5.68 6.92 1.33
CA MET B 50 -4.54 6.38 2.05
C MET B 50 -4.12 7.31 3.18
N LYS B 51 -4.22 8.61 2.94
CA LYS B 51 -3.86 9.61 3.94
C LYS B 51 -4.59 9.35 5.24
N ASN B 52 -5.90 9.11 5.13
CA ASN B 52 -6.72 8.83 6.30
C ASN B 52 -6.43 7.45 6.86
N VAL B 53 -5.86 6.59 6.02
CA VAL B 53 -5.52 5.24 6.44
C VAL B 53 -4.18 5.24 7.18
N LEU B 54 -3.14 5.75 6.53
CA LEU B 54 -1.83 5.82 7.15
C LEU B 54 -1.92 6.57 8.48
N ASN B 55 -2.84 7.52 8.55
CA ASN B 55 -3.05 8.29 9.77
C ASN B 55 -3.80 7.43 10.79
N HIS B 56 -4.72 6.63 10.28
CA HIS B 56 -5.51 5.73 11.11
C HIS B 56 -4.61 4.61 11.61
N MET B 57 -3.66 4.21 10.77
CA MET B 57 -2.72 3.16 11.13
C MET B 57 -1.98 3.55 12.41
N THR B 58 -1.93 4.85 12.66
CA THR B 58 -1.29 5.39 13.85
C THR B 58 -2.20 5.17 15.05
N HIS B 59 -3.49 5.17 14.77
CA HIS B 59 -4.51 4.93 15.79
C HIS B 59 -4.88 3.46 15.80
N CYS B 60 -4.38 2.76 14.78
CA CYS B 60 -4.61 1.35 14.60
C CYS B 60 -3.64 0.54 15.47
N GLN B 61 -4.19 -0.15 16.46
CA GLN B 61 -3.38 -0.94 17.39
C GLN B 61 -3.56 -2.44 17.21
N SER B 62 -4.40 -2.83 16.26
CA SER B 62 -4.64 -4.23 15.99
C SER B 62 -4.03 -4.59 14.66
N GLY B 63 -4.00 -3.60 13.78
CA GLY B 63 -3.43 -3.77 12.47
C GLY B 63 -4.01 -4.97 11.74
N LYS B 64 -3.45 -6.11 12.03
CA LYS B 64 -3.89 -7.37 11.42
C LYS B 64 -5.27 -7.77 11.94
N SER B 65 -5.70 -7.11 13.01
CA SER B 65 -7.01 -7.39 13.61
C SER B 65 -7.96 -6.21 13.41
N CYS B 66 -7.41 -5.11 12.92
CA CYS B 66 -8.18 -3.90 12.67
C CYS B 66 -8.82 -3.99 11.30
N GLN B 67 -10.12 -4.06 11.28
CA GLN B 67 -10.86 -4.15 10.03
C GLN B 67 -11.43 -2.79 9.66
N VAL B 68 -10.77 -1.73 10.12
CA VAL B 68 -11.20 -0.38 9.82
C VAL B 68 -10.92 -0.06 8.38
N ALA B 69 -11.96 0.31 7.65
CA ALA B 69 -11.84 0.63 6.24
C ALA B 69 -10.81 -0.27 5.56
N HIS B 70 -9.64 0.28 5.25
CA HIS B 70 -8.57 -0.48 4.61
C HIS B 70 -7.46 -0.86 5.60
N CYS B 71 -7.54 -0.36 6.83
CA CYS B 71 -6.53 -0.64 7.86
C CYS B 71 -5.95 -2.05 7.73
N ALA B 72 -6.79 -3.06 7.92
CA ALA B 72 -6.35 -4.45 7.82
C ALA B 72 -5.67 -4.70 6.48
N SER B 73 -6.20 -4.08 5.43
CA SER B 73 -5.64 -4.24 4.09
C SER B 73 -4.31 -3.51 3.98
N SER B 74 -4.28 -2.27 4.44
CA SER B 74 -3.06 -1.47 4.40
C SER B 74 -1.97 -2.17 5.22
N ARG B 75 -2.38 -2.87 6.26
CA ARG B 75 -1.45 -3.59 7.12
C ARG B 75 -1.08 -4.92 6.49
N GLN B 76 -2.07 -5.61 5.95
CA GLN B 76 -1.85 -6.90 5.31
C GLN B 76 -1.09 -6.70 4.00
N ILE B 77 -1.47 -5.68 3.24
CA ILE B 77 -0.81 -5.38 1.98
C ILE B 77 0.65 -4.98 2.21
N ILE B 78 0.85 -3.83 2.86
CA ILE B 78 2.19 -3.34 3.16
C ILE B 78 3.01 -4.44 3.84
N SER B 79 2.33 -5.31 4.57
CA SER B 79 2.98 -6.41 5.25
C SER B 79 3.74 -7.27 4.26
N HIS B 80 3.04 -7.72 3.21
CA HIS B 80 3.66 -8.52 2.16
C HIS B 80 4.89 -7.80 1.64
N TRP B 81 4.65 -6.58 1.18
CA TRP B 81 5.70 -5.74 0.63
C TRP B 81 6.89 -5.65 1.58
N LYS B 82 6.62 -5.79 2.88
CA LYS B 82 7.65 -5.73 3.90
C LYS B 82 8.40 -7.05 3.99
N ASN B 83 7.66 -8.14 4.09
CA ASN B 83 8.24 -9.47 4.19
C ASN B 83 8.89 -9.88 2.86
N CYS B 84 8.36 -9.35 1.76
CA CYS B 84 8.88 -9.65 0.44
C CYS B 84 10.36 -9.29 0.33
N THR B 85 11.03 -9.79 -0.70
CA THR B 85 12.43 -9.51 -0.91
C THR B 85 12.79 -9.61 -2.39
N ARG B 86 12.50 -10.76 -2.99
CA ARG B 86 12.78 -10.98 -4.40
C ARG B 86 12.40 -12.40 -4.82
N HIS B 87 12.62 -12.71 -6.09
CA HIS B 87 12.30 -14.03 -6.62
C HIS B 87 10.81 -14.32 -6.52
N ASP B 88 10.15 -14.42 -7.68
CA ASP B 88 8.72 -14.70 -7.72
C ASP B 88 7.92 -13.59 -7.05
N CYS B 89 8.46 -12.38 -7.05
CA CYS B 89 7.78 -11.24 -6.44
C CYS B 89 7.54 -10.14 -7.48
N PRO B 90 6.36 -10.13 -8.11
CA PRO B 90 6.02 -9.14 -9.12
C PRO B 90 5.40 -7.88 -8.52
N VAL B 91 5.53 -7.72 -7.20
CA VAL B 91 4.98 -6.56 -6.52
C VAL B 91 6.05 -5.49 -6.27
N CYS B 92 6.93 -5.77 -5.31
CA CYS B 92 8.00 -4.84 -4.93
C CYS B 92 9.10 -4.78 -5.98
N LEU B 93 9.53 -5.95 -6.47
CA LEU B 93 10.60 -6.01 -7.47
C LEU B 93 10.34 -5.06 -8.64
N PRO B 94 9.22 -5.24 -9.37
CA PRO B 94 8.89 -4.38 -10.51
C PRO B 94 8.73 -2.93 -10.09
N LEU B 95 7.96 -2.68 -9.04
CA LEU B 95 7.75 -1.31 -8.57
C LEU B 95 9.10 -0.68 -8.18
N LYS B 96 10.09 -1.52 -7.92
CA LYS B 96 11.42 -1.05 -7.56
C LYS B 96 12.23 -0.69 -8.79
N ASN B 97 11.90 -1.36 -9.87
CA ASN B 97 12.57 -1.15 -11.15
C ASN B 97 11.55 -0.84 -12.25
N ALA B 98 10.98 0.36 -12.20
CA ALA B 98 9.99 0.78 -13.19
C ALA B 98 10.55 0.69 -14.60
N GLY B 99 11.26 1.73 -15.01
CA GLY B 99 11.85 1.76 -16.34
C GLY B 99 12.27 3.16 -16.74
N ASP B 100 13.18 3.75 -15.98
CA ASP B 100 13.67 5.09 -16.27
C ASP B 100 15.09 5.27 -15.77
N LYS B 101 15.94 5.83 -16.62
CA LYS B 101 17.35 6.07 -16.27
C LYS B 101 18.03 6.92 -17.33
N GLY A 1 15.90 -7.11 25.46
CA GLY A 1 14.78 -8.05 25.80
C GLY A 1 13.49 -7.32 26.13
N SER A 2 12.41 -7.70 25.46
CA SER A 2 11.11 -7.08 25.68
C SER A 2 11.15 -5.60 25.35
N GLY A 3 11.58 -5.27 24.14
CA GLY A 3 11.67 -3.89 23.72
C GLY A 3 10.65 -3.54 22.65
N SER A 4 10.79 -4.18 21.48
CA SER A 4 9.88 -3.94 20.36
C SER A 4 9.94 -2.48 19.92
N GLY A 5 10.78 -2.20 18.94
CA GLY A 5 10.91 -0.85 18.44
C GLY A 5 9.82 -0.48 17.44
N SER A 6 10.16 0.33 16.46
CA SER A 6 9.21 0.75 15.44
C SER A 6 9.91 1.49 14.30
N GLY A 7 9.42 1.28 13.08
CA GLY A 7 10.01 1.93 11.92
C GLY A 7 11.25 1.23 11.44
N SER A 8 11.26 -0.10 11.53
CA SER A 8 12.39 -0.90 11.10
C SER A 8 12.27 -1.29 9.63
N ASN A 9 12.05 -0.29 8.78
CA ASN A 9 11.91 -0.53 7.35
C ASN A 9 10.69 -1.39 7.05
N VAL A 10 9.52 -0.77 6.97
CA VAL A 10 8.29 -1.48 6.70
C VAL A 10 8.20 -1.87 5.23
N ILE A 11 7.63 -1.01 4.43
CA ILE A 11 7.48 -1.25 3.00
C ILE A 11 8.86 -1.30 2.33
N ASP A 12 8.91 -1.03 1.03
CA ASP A 12 10.18 -1.05 0.29
C ASP A 12 10.34 0.21 -0.54
N THR A 13 9.92 1.33 0.03
CA THR A 13 10.01 2.62 -0.64
C THR A 13 11.40 3.24 -0.47
N ASP A 14 12.32 2.52 0.17
CA ASP A 14 13.66 3.02 0.40
C ASP A 14 14.42 3.22 -0.91
N PHE A 15 13.89 2.63 -1.98
CA PHE A 15 14.51 2.74 -3.29
C PHE A 15 13.52 3.27 -4.33
N ILE A 16 12.24 3.27 -3.99
CA ILE A 16 11.21 3.73 -4.90
C ILE A 16 11.25 5.24 -5.08
N ASP A 17 10.97 5.68 -6.29
CA ASP A 17 10.96 7.10 -6.62
C ASP A 17 9.54 7.61 -6.72
N GLU A 18 9.26 8.71 -6.04
CA GLU A 18 7.93 9.31 -6.05
C GLU A 18 7.55 9.81 -7.44
N GLU A 19 8.53 9.90 -8.33
CA GLU A 19 8.28 10.37 -9.69
C GLU A 19 7.91 9.19 -10.60
N VAL A 20 8.47 8.02 -10.31
CA VAL A 20 8.21 6.84 -11.09
C VAL A 20 6.78 6.35 -10.90
N LEU A 21 6.41 6.06 -9.66
CA LEU A 21 5.06 5.60 -9.35
C LEU A 21 4.02 6.62 -9.80
N MET A 22 4.42 7.89 -9.80
CA MET A 22 3.52 8.96 -10.22
C MET A 22 3.09 8.76 -11.67
N SER A 23 4.07 8.59 -12.55
CA SER A 23 3.79 8.37 -13.97
C SER A 23 2.87 7.16 -14.14
N LEU A 24 3.08 6.16 -13.29
CA LEU A 24 2.26 4.95 -13.33
C LEU A 24 0.88 5.21 -12.74
N VAL A 25 0.81 6.18 -11.81
CA VAL A 25 -0.43 6.53 -11.17
C VAL A 25 -1.39 7.18 -12.17
N ILE A 26 -0.83 7.83 -13.18
CA ILE A 26 -1.63 8.50 -14.20
C ILE A 26 -1.83 7.58 -15.40
N GLU A 27 -0.82 6.79 -15.70
CA GLU A 27 -0.86 5.87 -16.83
C GLU A 27 -1.84 4.73 -16.60
N MET A 28 -1.93 4.26 -15.36
CA MET A 28 -2.82 3.18 -15.02
C MET A 28 -4.23 3.69 -14.77
N GLY A 29 -4.31 4.83 -14.08
CA GLY A 29 -5.60 5.42 -13.76
C GLY A 29 -5.84 5.45 -12.27
N LEU A 30 -4.78 5.76 -11.54
CA LEU A 30 -4.83 5.80 -10.09
C LEU A 30 -5.22 7.19 -9.59
N ASP A 31 -5.10 8.19 -10.45
CA ASP A 31 -5.44 9.56 -10.09
C ASP A 31 -6.73 10.01 -10.77
N ARG A 32 -7.69 9.08 -10.85
CA ARG A 32 -8.99 9.37 -11.46
C ARG A 32 -9.95 8.20 -11.30
N ILE A 33 -9.86 7.53 -10.16
CA ILE A 33 -10.73 6.39 -9.88
C ILE A 33 -12.07 6.85 -9.31
N LYS A 34 -13.14 6.20 -9.77
CA LYS A 34 -14.49 6.53 -9.31
C LYS A 34 -14.87 5.68 -8.11
N GLU A 35 -14.61 4.38 -8.21
CA GLU A 35 -14.92 3.45 -7.12
C GLU A 35 -13.70 2.58 -6.79
N LEU A 36 -13.11 2.82 -5.63
CA LEU A 36 -11.95 2.06 -5.20
C LEU A 36 -12.35 0.66 -4.71
N PRO A 37 -11.93 -0.40 -5.44
CA PRO A 37 -12.26 -1.78 -5.06
C PRO A 37 -11.63 -2.19 -3.74
N GLU A 38 -12.11 -3.29 -3.18
CA GLU A 38 -11.60 -3.79 -1.90
C GLU A 38 -10.35 -4.63 -2.11
N LEU A 39 -9.46 -4.62 -1.12
CA LEU A 39 -8.23 -5.39 -1.18
C LEU A 39 -8.19 -6.41 -0.03
N TRP A 40 -8.56 -7.65 -0.33
CA TRP A 40 -8.56 -8.70 0.69
C TRP A 40 -7.86 -9.95 0.17
N LEU A 41 -7.21 -10.68 1.06
CA LEU A 41 -6.51 -11.91 0.69
C LEU A 41 -7.49 -12.97 0.22
N GLY A 42 -8.15 -12.70 -0.92
CA GLY A 42 -9.10 -13.65 -1.46
C GLY A 42 -8.41 -14.75 -2.25
N GLN A 43 -9.09 -15.90 -2.39
CA GLN A 43 -8.51 -17.02 -3.11
C GLN A 43 -7.19 -17.45 -2.48
N ASN A 44 -6.37 -18.17 -3.24
CA ASN A 44 -5.09 -18.64 -2.73
C ASN A 44 -4.01 -18.58 -3.82
N GLU A 45 -3.97 -17.47 -4.55
CA GLU A 45 -2.99 -17.28 -5.62
C GLU A 45 -1.82 -16.41 -5.15
N PHE A 46 -2.08 -15.62 -4.12
CA PHE A 46 -1.07 -14.74 -3.55
C PHE A 46 -1.03 -14.85 -2.04
N ASP A 47 -1.43 -16.00 -1.53
CA ASP A 47 -1.46 -16.26 -0.10
C ASP A 47 -0.09 -16.10 0.54
N PHE A 48 0.95 -15.99 -0.28
CA PHE A 48 2.31 -15.83 0.22
C PHE A 48 2.47 -14.51 0.99
N MET A 49 1.44 -13.67 0.98
CA MET A 49 1.48 -12.39 1.67
C MET A 49 1.34 -12.56 3.19
N THR A 50 1.25 -13.80 3.64
CA THR A 50 1.12 -14.08 5.07
C THR A 50 2.49 -14.14 5.74
N ASP A 51 3.14 -15.30 5.65
CA ASP A 51 4.46 -15.48 6.25
C ASP A 51 5.56 -15.20 5.25
N PHE A 52 5.18 -14.61 4.13
CA PHE A 52 6.12 -14.28 3.06
C PHE A 52 5.77 -12.93 2.43
N MET B 1 -16.63 -21.95 5.83
CA MET B 1 -15.52 -21.00 6.12
C MET B 1 -16.03 -19.57 6.28
N GLY B 2 -17.13 -19.43 7.01
CA GLY B 2 -17.72 -18.12 7.24
C GLY B 2 -16.94 -17.31 8.25
N SER B 3 -16.18 -16.34 7.78
CA SER B 3 -15.38 -15.49 8.66
C SER B 3 -15.27 -14.07 8.09
N GLY B 4 -14.37 -13.28 8.66
CA GLY B 4 -14.18 -11.91 8.20
C GLY B 4 -13.89 -11.84 6.71
N ALA B 5 -14.31 -10.75 6.08
CA ALA B 5 -14.09 -10.57 4.65
C ALA B 5 -14.77 -11.67 3.84
N HIS B 6 -16.09 -11.69 3.89
CA HIS B 6 -16.86 -12.71 3.17
C HIS B 6 -16.63 -12.60 1.66
N THR B 7 -16.49 -11.37 1.18
CA THR B 7 -16.27 -11.12 -0.24
C THR B 7 -14.82 -11.43 -0.62
N ALA B 8 -14.02 -10.39 -0.71
CA ALA B 8 -12.61 -10.52 -1.07
C ALA B 8 -12.45 -11.25 -2.39
N ASP B 9 -12.04 -10.51 -3.42
CA ASP B 9 -11.85 -11.09 -4.75
C ASP B 9 -10.36 -11.27 -5.07
N PRO B 10 -10.01 -12.33 -5.82
CA PRO B 10 -8.61 -12.60 -6.21
C PRO B 10 -8.02 -11.48 -7.05
N GLU B 11 -8.88 -10.72 -7.72
CA GLU B 11 -8.44 -9.60 -8.53
C GLU B 11 -7.75 -8.55 -7.65
N LYS B 12 -7.89 -8.72 -6.33
CA LYS B 12 -7.28 -7.80 -5.38
C LYS B 12 -5.77 -7.78 -5.54
N ARG B 13 -5.19 -8.96 -5.77
CA ARG B 13 -3.74 -9.04 -5.97
C ARG B 13 -3.31 -7.99 -6.99
N LYS B 14 -4.16 -7.78 -7.98
CA LYS B 14 -3.91 -6.78 -9.01
C LYS B 14 -4.05 -5.40 -8.38
N LEU B 15 -5.06 -5.28 -7.53
CA LEU B 15 -5.32 -4.03 -6.83
C LEU B 15 -4.27 -3.80 -5.77
N ILE B 16 -3.63 -4.88 -5.31
CA ILE B 16 -2.58 -4.78 -4.31
C ILE B 16 -1.44 -3.97 -4.89
N GLN B 17 -1.01 -4.34 -6.08
CA GLN B 17 0.06 -3.62 -6.76
C GLN B 17 -0.33 -2.16 -6.94
N GLN B 18 -1.53 -1.93 -7.48
CA GLN B 18 -2.03 -0.58 -7.68
C GLN B 18 -2.23 0.12 -6.35
N GLN B 19 -2.83 -0.59 -5.40
CA GLN B 19 -3.07 -0.03 -4.08
C GLN B 19 -1.75 0.31 -3.42
N LEU B 20 -0.82 -0.64 -3.41
CA LEU B 20 0.48 -0.39 -2.82
C LEU B 20 1.03 0.93 -3.33
N VAL B 21 0.75 1.25 -4.59
CA VAL B 21 1.23 2.50 -5.16
C VAL B 21 0.56 3.69 -4.50
N LEU B 22 -0.73 3.55 -4.21
CA LEU B 22 -1.45 4.62 -3.54
C LEU B 22 -1.08 4.64 -2.06
N LEU B 23 -0.66 3.49 -1.56
CA LEU B 23 -0.23 3.37 -0.18
C LEU B 23 1.25 3.71 -0.09
N LEU B 24 1.96 3.48 -1.19
CA LEU B 24 3.38 3.76 -1.27
C LEU B 24 3.58 5.26 -1.41
N HIS B 25 2.83 5.86 -2.32
CA HIS B 25 2.88 7.30 -2.53
C HIS B 25 2.36 8.00 -1.29
N ALA B 26 1.13 7.65 -0.90
CA ALA B 26 0.52 8.24 0.29
C ALA B 26 1.50 8.19 1.47
N HIS B 27 2.32 7.14 1.48
CA HIS B 27 3.32 6.97 2.53
C HIS B 27 4.30 8.13 2.53
N LYS B 28 5.18 8.13 1.55
CA LYS B 28 6.18 9.17 1.42
C LYS B 28 5.50 10.52 1.21
N CYS B 29 4.23 10.47 0.80
CA CYS B 29 3.45 11.67 0.60
C CYS B 29 2.96 12.22 1.94
N GLN B 30 2.78 11.32 2.90
CA GLN B 30 2.33 11.71 4.24
C GLN B 30 3.50 12.12 5.13
N ARG B 31 4.69 11.60 4.80
CA ARG B 31 5.89 11.91 5.57
C ARG B 31 6.65 13.10 4.99
N ARG B 32 6.27 13.53 3.79
CA ARG B 32 6.93 14.65 3.14
C ARG B 32 6.38 15.98 3.63
N GLU B 33 5.25 15.93 4.29
CA GLU B 33 4.60 17.13 4.82
C GLU B 33 4.84 17.25 6.32
N GLN B 34 4.74 16.13 7.02
CA GLN B 34 4.94 16.10 8.46
C GLN B 34 6.42 16.22 8.82
N ALA B 35 7.29 16.10 7.82
CA ALA B 35 8.73 16.19 8.05
C ALA B 35 9.25 17.60 7.87
N ASN B 36 8.35 18.50 7.51
CA ASN B 36 8.71 19.91 7.32
C ASN B 36 7.80 20.81 8.13
N GLY B 37 6.85 20.21 8.85
CA GLY B 37 5.92 20.97 9.66
C GLY B 37 4.76 21.55 8.87
N GLU B 38 4.97 21.73 7.57
CA GLU B 38 3.92 22.28 6.71
C GLU B 38 3.50 21.26 5.64
N VAL B 39 2.37 21.52 5.00
CA VAL B 39 1.86 20.64 3.95
C VAL B 39 1.88 21.32 2.59
N ARG B 40 1.88 20.52 1.53
CA ARG B 40 1.90 21.05 0.17
C ARG B 40 0.78 20.45 -0.67
N GLN B 41 0.33 21.20 -1.67
CA GLN B 41 -0.73 20.74 -2.56
C GLN B 41 -0.34 19.46 -3.27
N CYS B 42 -1.19 18.44 -3.17
CA CYS B 42 -0.92 17.17 -3.82
C CYS B 42 -1.66 17.07 -5.16
N ASN B 43 -0.95 16.58 -6.18
CA ASN B 43 -1.53 16.43 -7.51
C ASN B 43 -2.77 15.53 -7.46
N LEU B 44 -2.60 14.34 -6.89
CA LEU B 44 -3.71 13.39 -6.79
C LEU B 44 -4.21 13.29 -5.35
N PRO B 45 -5.47 13.68 -5.10
CA PRO B 45 -6.06 13.63 -3.76
C PRO B 45 -6.39 12.21 -3.32
N HIS B 46 -6.23 11.25 -4.21
CA HIS B 46 -6.53 9.85 -3.90
C HIS B 46 -5.70 9.37 -2.71
N CYS B 47 -4.50 9.92 -2.57
CA CYS B 47 -3.60 9.56 -1.48
C CYS B 47 -4.27 9.81 -0.12
N ARG B 48 -5.21 10.74 -0.09
CA ARG B 48 -5.92 11.08 1.14
C ARG B 48 -6.40 9.83 1.87
N THR B 49 -7.00 8.90 1.13
CA THR B 49 -7.49 7.66 1.71
C THR B 49 -6.37 6.89 2.39
N MET B 50 -5.40 6.45 1.60
CA MET B 50 -4.27 5.70 2.13
C MET B 50 -3.57 6.48 3.23
N LYS B 51 -3.63 7.81 3.14
CA LYS B 51 -3.01 8.67 4.13
C LYS B 51 -3.61 8.40 5.51
N ASN B 52 -4.94 8.43 5.58
CA ASN B 52 -5.64 8.18 6.83
C ASN B 52 -5.50 6.72 7.25
N VAL B 53 -5.15 5.85 6.30
CA VAL B 53 -4.98 4.44 6.59
C VAL B 53 -3.63 4.19 7.23
N LEU B 54 -2.54 4.50 6.50
CA LEU B 54 -1.21 4.32 7.04
C LEU B 54 -1.10 4.96 8.41
N ASN B 55 -1.84 6.05 8.61
CA ASN B 55 -1.84 6.75 9.89
C ASN B 55 -2.73 6.00 10.89
N HIS B 56 -3.85 5.50 10.41
CA HIS B 56 -4.78 4.75 11.25
C HIS B 56 -4.13 3.45 11.69
N MET B 57 -3.46 2.78 10.74
CA MET B 57 -2.78 1.53 11.03
C MET B 57 -1.63 1.77 12.01
N THR B 58 -1.21 3.02 12.12
CA THR B 58 -0.13 3.40 13.02
C THR B 58 -0.67 3.57 14.43
N HIS B 59 -1.94 3.94 14.51
CA HIS B 59 -2.62 4.13 15.78
C HIS B 59 -3.53 2.94 16.05
N CYS B 60 -3.63 2.07 15.06
CA CYS B 60 -4.46 0.88 15.15
C CYS B 60 -3.80 -0.18 16.03
N GLN B 61 -4.44 -0.47 17.15
CA GLN B 61 -3.93 -1.43 18.13
C GLN B 61 -4.23 -2.87 17.74
N SER B 62 -4.82 -3.07 16.57
CA SER B 62 -5.15 -4.40 16.11
C SER B 62 -4.25 -4.74 14.94
N GLY B 63 -3.81 -3.71 14.26
CA GLY B 63 -2.93 -3.87 13.13
C GLY B 63 -3.51 -4.79 12.08
N LYS B 64 -3.35 -6.07 12.31
CA LYS B 64 -3.85 -7.10 11.40
C LYS B 64 -5.14 -7.73 11.93
N SER B 65 -5.66 -7.20 13.04
CA SER B 65 -6.89 -7.72 13.63
C SER B 65 -8.04 -6.74 13.41
N CYS B 66 -7.72 -5.60 12.82
CA CYS B 66 -8.70 -4.57 12.53
C CYS B 66 -9.23 -4.75 11.13
N GLN B 67 -10.43 -4.27 10.91
CA GLN B 67 -11.05 -4.36 9.61
C GLN B 67 -11.57 -2.98 9.19
N VAL B 68 -11.05 -1.95 9.84
CA VAL B 68 -11.44 -0.59 9.54
C VAL B 68 -11.12 -0.28 8.09
N ALA B 69 -12.14 0.13 7.34
CA ALA B 69 -11.98 0.43 5.92
C ALA B 69 -10.93 -0.47 5.27
N HIS B 70 -9.74 0.07 5.04
CA HIS B 70 -8.65 -0.67 4.43
C HIS B 70 -7.59 -1.12 5.44
N CYS B 71 -7.72 -0.69 6.70
CA CYS B 71 -6.76 -1.02 7.76
C CYS B 71 -6.18 -2.42 7.58
N ALA B 72 -7.01 -3.44 7.76
CA ALA B 72 -6.56 -4.82 7.61
C ALA B 72 -5.87 -5.02 6.27
N SER B 73 -6.39 -4.33 5.25
CA SER B 73 -5.82 -4.42 3.91
C SER B 73 -4.43 -3.81 3.90
N SER B 74 -4.32 -2.59 4.41
CA SER B 74 -3.04 -1.90 4.48
C SER B 74 -2.02 -2.77 5.20
N ARG B 75 -2.40 -3.27 6.37
CA ARG B 75 -1.54 -4.13 7.16
C ARG B 75 -1.16 -5.37 6.36
N GLN B 76 -2.16 -6.12 5.93
CA GLN B 76 -1.92 -7.33 5.14
C GLN B 76 -1.10 -7.00 3.90
N ILE B 77 -1.47 -5.92 3.22
CA ILE B 77 -0.75 -5.50 2.01
C ILE B 77 0.69 -5.10 2.34
N ILE B 78 0.86 -3.95 2.99
CA ILE B 78 2.18 -3.47 3.37
C ILE B 78 3.00 -4.59 4.03
N SER B 79 2.30 -5.53 4.66
CA SER B 79 2.95 -6.66 5.32
C SER B 79 3.72 -7.47 4.28
N HIS B 80 3.03 -7.85 3.21
CA HIS B 80 3.66 -8.61 2.13
C HIS B 80 4.89 -7.88 1.65
N TRP B 81 4.66 -6.63 1.25
CA TRP B 81 5.73 -5.79 0.74
C TRP B 81 6.89 -5.69 1.72
N LYS B 82 6.60 -5.89 3.00
CA LYS B 82 7.62 -5.84 4.04
C LYS B 82 8.37 -7.16 4.14
N ASN B 83 7.63 -8.25 4.22
CA ASN B 83 8.23 -9.59 4.32
C ASN B 83 8.65 -10.12 2.95
N CYS B 84 8.35 -9.34 1.90
CA CYS B 84 8.71 -9.74 0.55
C CYS B 84 10.15 -9.34 0.21
N THR B 85 10.80 -10.14 -0.62
CA THR B 85 12.17 -9.87 -1.03
C THR B 85 12.66 -10.91 -2.03
N ARG B 86 12.46 -10.63 -3.31
CA ARG B 86 12.86 -11.55 -4.36
C ARG B 86 12.09 -12.86 -4.26
N HIS B 87 12.57 -13.87 -4.97
CA HIS B 87 11.92 -15.18 -4.96
C HIS B 87 10.53 -15.11 -5.56
N ASP B 88 10.46 -14.77 -6.84
CA ASP B 88 9.18 -14.65 -7.54
C ASP B 88 8.29 -13.59 -6.90
N CYS B 89 8.79 -12.36 -6.86
CA CYS B 89 8.05 -11.25 -6.27
C CYS B 89 7.80 -10.15 -7.31
N PRO B 90 6.65 -10.18 -7.99
CA PRO B 90 6.31 -9.19 -9.02
C PRO B 90 5.70 -7.92 -8.43
N VAL B 91 5.78 -7.76 -7.12
CA VAL B 91 5.21 -6.59 -6.45
C VAL B 91 6.28 -5.53 -6.15
N CYS B 92 7.11 -5.81 -5.14
CA CYS B 92 8.18 -4.89 -4.72
C CYS B 92 9.31 -4.82 -5.74
N LEU B 93 9.83 -5.98 -6.15
CA LEU B 93 10.92 -6.04 -7.11
C LEU B 93 10.67 -5.11 -8.30
N PRO B 94 9.66 -5.41 -9.14
CA PRO B 94 9.33 -4.59 -10.30
C PRO B 94 9.17 -3.13 -9.92
N LEU B 95 8.41 -2.88 -8.84
CA LEU B 95 8.21 -1.51 -8.39
C LEU B 95 9.56 -0.86 -8.07
N LYS B 96 10.57 -1.69 -7.83
CA LYS B 96 11.91 -1.20 -7.51
C LYS B 96 12.72 -0.99 -8.79
N ASN B 97 12.27 -1.62 -9.85
CA ASN B 97 12.93 -1.54 -11.15
C ASN B 97 11.92 -1.33 -12.26
N ALA B 98 11.42 -0.10 -12.39
CA ALA B 98 10.44 0.23 -13.41
C ALA B 98 11.02 0.07 -14.82
N GLY B 99 12.34 0.00 -14.91
CA GLY B 99 12.99 -0.15 -16.20
C GLY B 99 13.34 1.18 -16.83
N ASP B 100 13.63 2.18 -16.01
CA ASP B 100 13.97 3.51 -16.49
C ASP B 100 15.41 3.54 -17.01
N LYS B 101 15.59 4.13 -18.20
CA LYS B 101 16.90 4.23 -18.81
C LYS B 101 17.56 5.57 -18.48
N GLY A 1 11.06 -2.95 11.74
CA GLY A 1 11.67 -2.41 12.99
C GLY A 1 10.64 -1.93 13.99
N SER A 2 11.05 -1.87 15.26
CA SER A 2 10.15 -1.43 16.33
C SER A 2 10.17 0.08 16.47
N GLY A 3 9.82 0.78 15.40
CA GLY A 3 9.81 2.24 15.42
C GLY A 3 8.44 2.79 15.79
N SER A 4 8.28 4.10 15.63
CA SER A 4 7.02 4.76 15.95
C SER A 4 6.29 5.20 14.67
N GLY A 5 6.27 4.32 13.68
CA GLY A 5 5.60 4.65 12.43
C GLY A 5 6.55 5.24 11.40
N SER A 6 6.88 4.44 10.39
CA SER A 6 7.78 4.89 9.34
C SER A 6 9.17 5.18 9.89
N GLY A 7 10.20 4.72 9.17
CA GLY A 7 11.57 4.94 9.62
C GLY A 7 12.22 3.67 10.14
N SER A 8 11.40 2.66 10.45
CA SER A 8 11.93 1.40 10.96
C SER A 8 12.05 0.36 9.84
N ASN A 9 12.25 0.85 8.62
CA ASN A 9 12.39 -0.04 7.46
C ASN A 9 11.15 -0.90 7.28
N VAL A 10 10.01 -0.27 7.03
CA VAL A 10 8.76 -0.97 6.83
C VAL A 10 8.67 -1.52 5.41
N ILE A 11 8.10 -0.74 4.52
CA ILE A 11 7.94 -1.13 3.12
C ILE A 11 9.32 -1.13 2.43
N ASP A 12 9.31 -1.00 1.10
CA ASP A 12 10.56 -1.00 0.34
C ASP A 12 10.64 0.21 -0.58
N THR A 13 10.16 1.33 -0.08
CA THR A 13 10.16 2.58 -0.83
C THR A 13 11.52 3.29 -0.73
N ASP A 14 12.48 2.66 -0.05
CA ASP A 14 13.80 3.24 0.11
C ASP A 14 14.54 3.35 -1.23
N PHE A 15 14.02 2.66 -2.24
CA PHE A 15 14.62 2.69 -3.57
C PHE A 15 13.60 3.10 -4.63
N ILE A 16 12.33 3.19 -4.26
CA ILE A 16 11.29 3.56 -5.18
C ILE A 16 11.37 5.03 -5.55
N ASP A 17 10.96 5.34 -6.77
CA ASP A 17 10.97 6.69 -7.27
C ASP A 17 9.56 7.28 -7.28
N GLU A 18 9.43 8.47 -6.73
CA GLU A 18 8.14 9.15 -6.66
C GLU A 18 7.66 9.58 -8.04
N GLU A 19 8.57 9.56 -9.01
CA GLU A 19 8.24 9.96 -10.38
C GLU A 19 7.79 8.75 -11.19
N VAL A 20 8.37 7.59 -10.87
CA VAL A 20 8.05 6.36 -11.56
C VAL A 20 6.61 5.91 -11.26
N LEU A 21 6.29 5.76 -9.98
CA LEU A 21 4.95 5.35 -9.58
C LEU A 21 3.91 6.37 -10.04
N MET A 22 4.33 7.63 -10.13
CA MET A 22 3.44 8.70 -10.56
C MET A 22 2.95 8.42 -11.98
N SER A 23 3.88 8.15 -12.88
CA SER A 23 3.53 7.86 -14.27
C SER A 23 2.58 6.68 -14.34
N LEU A 24 2.82 5.69 -13.47
CA LEU A 24 1.97 4.50 -13.43
C LEU A 24 0.61 4.84 -12.81
N VAL A 25 0.58 5.85 -11.97
CA VAL A 25 -0.64 6.27 -11.31
C VAL A 25 -1.60 6.91 -12.32
N ILE A 26 -1.06 7.77 -13.18
CA ILE A 26 -1.86 8.45 -14.20
C ILE A 26 -2.19 7.49 -15.35
N GLU A 27 -1.23 6.63 -15.66
CA GLU A 27 -1.39 5.67 -16.75
C GLU A 27 -2.51 4.68 -16.44
N MET A 28 -2.61 4.25 -15.19
CA MET A 28 -3.63 3.31 -14.78
C MET A 28 -4.94 4.01 -14.48
N GLY A 29 -4.83 5.17 -13.82
CA GLY A 29 -6.00 5.93 -13.46
C GLY A 29 -6.20 5.99 -11.97
N LEU A 30 -5.07 6.08 -11.26
CA LEU A 30 -5.06 6.12 -9.81
C LEU A 30 -5.25 7.54 -9.28
N ASP A 31 -5.43 8.49 -10.19
CA ASP A 31 -5.61 9.89 -9.79
C ASP A 31 -7.04 10.35 -10.09
N ARG A 32 -7.95 9.39 -10.21
CA ARG A 32 -9.35 9.70 -10.49
C ARG A 32 -10.17 8.42 -10.62
N ILE A 33 -10.37 7.74 -9.49
CA ILE A 33 -11.13 6.50 -9.46
C ILE A 33 -12.58 6.73 -9.03
N LYS A 34 -13.52 6.36 -9.90
CA LYS A 34 -14.93 6.53 -9.59
C LYS A 34 -15.35 5.61 -8.45
N GLU A 35 -14.84 4.38 -8.47
CA GLU A 35 -15.15 3.41 -7.44
C GLU A 35 -13.89 2.75 -6.93
N LEU A 36 -13.64 2.86 -5.63
CA LEU A 36 -12.45 2.27 -5.02
C LEU A 36 -12.71 0.83 -4.58
N PRO A 37 -12.17 -0.15 -5.32
CA PRO A 37 -12.35 -1.57 -5.00
C PRO A 37 -11.70 -1.95 -3.68
N GLU A 38 -12.06 -3.12 -3.15
CA GLU A 38 -11.50 -3.59 -1.89
C GLU A 38 -10.27 -4.47 -2.12
N LEU A 39 -9.37 -4.48 -1.15
CA LEU A 39 -8.15 -5.27 -1.24
C LEU A 39 -8.08 -6.29 -0.12
N TRP A 40 -8.44 -7.53 -0.42
CA TRP A 40 -8.39 -8.60 0.57
C TRP A 40 -7.69 -9.83 -0.01
N LEU A 41 -7.07 -10.62 0.87
CA LEU A 41 -6.38 -11.83 0.46
C LEU A 41 -7.21 -12.66 -0.51
N GLY A 42 -8.50 -12.79 -0.22
CA GLY A 42 -9.39 -13.56 -1.08
C GLY A 42 -8.82 -14.91 -1.46
N GLN A 43 -8.49 -15.07 -2.73
CA GLN A 43 -7.95 -16.33 -3.22
C GLN A 43 -6.65 -16.69 -2.48
N ASN A 44 -6.19 -17.91 -2.68
CA ASN A 44 -4.97 -18.38 -2.03
C ASN A 44 -3.84 -18.53 -3.03
N GLU A 45 -3.73 -17.57 -3.95
CA GLU A 45 -2.68 -17.60 -4.97
C GLU A 45 -1.54 -16.66 -4.60
N PHE A 46 -1.71 -15.92 -3.50
CA PHE A 46 -0.70 -15.00 -3.04
C PHE A 46 -0.48 -15.15 -1.54
N ASP A 47 -0.70 -16.36 -1.05
CA ASP A 47 -0.55 -16.67 0.37
C ASP A 47 0.88 -16.37 0.85
N PHE A 48 1.79 -16.20 -0.08
CA PHE A 48 3.18 -15.90 0.25
C PHE A 48 3.31 -14.53 0.91
N MET A 49 2.20 -13.77 0.93
CA MET A 49 2.20 -12.44 1.52
C MET A 49 2.42 -12.49 3.02
N THR A 50 2.39 -13.69 3.59
CA THR A 50 2.59 -13.87 5.03
C THR A 50 3.64 -14.94 5.30
N ASP A 51 3.22 -16.20 5.26
CA ASP A 51 4.12 -17.32 5.50
C ASP A 51 4.64 -17.33 6.94
N PHE A 52 4.02 -16.51 7.76
CA PHE A 52 4.39 -16.41 9.17
C PHE A 52 3.37 -17.11 10.05
N MET B 1 -28.27 -12.83 3.69
CA MET B 1 -27.27 -13.91 3.50
C MET B 1 -26.09 -13.42 2.67
N GLY B 2 -24.89 -13.83 3.06
CA GLY B 2 -23.69 -13.43 2.34
C GLY B 2 -23.16 -12.09 2.81
N SER B 3 -23.30 -11.81 4.10
CA SER B 3 -22.83 -10.56 4.67
C SER B 3 -21.50 -10.75 5.39
N GLY B 4 -20.87 -9.64 5.77
CA GLY B 4 -19.60 -9.72 6.46
C GLY B 4 -18.45 -9.20 5.62
N ALA B 5 -17.28 -9.81 5.78
CA ALA B 5 -16.10 -9.40 5.03
C ALA B 5 -15.69 -10.47 4.03
N HIS B 6 -16.66 -10.99 3.29
CA HIS B 6 -16.38 -12.03 2.30
C HIS B 6 -16.45 -11.47 0.88
N THR B 7 -16.37 -10.15 0.76
CA THR B 7 -16.41 -9.49 -0.55
C THR B 7 -15.07 -9.60 -1.25
N ALA B 8 -14.07 -10.07 -0.53
CA ALA B 8 -12.72 -10.23 -1.07
C ALA B 8 -12.74 -10.90 -2.45
N ASP B 9 -12.26 -10.17 -3.45
CA ASP B 9 -12.23 -10.69 -4.82
C ASP B 9 -10.79 -10.87 -5.30
N PRO B 10 -10.57 -11.79 -6.27
CA PRO B 10 -9.22 -12.05 -6.83
C PRO B 10 -8.60 -10.78 -7.39
N GLU B 11 -9.43 -9.80 -7.71
CA GLU B 11 -8.93 -8.53 -8.24
C GLU B 11 -8.01 -7.88 -7.20
N LYS B 12 -8.03 -8.41 -5.98
CA LYS B 12 -7.21 -7.91 -4.89
C LYS B 12 -5.75 -7.89 -5.29
N ARG B 13 -5.21 -9.04 -5.70
CA ARG B 13 -3.81 -9.12 -6.12
C ARG B 13 -3.51 -8.00 -7.11
N LYS B 14 -4.48 -7.75 -8.00
CA LYS B 14 -4.32 -6.69 -8.98
C LYS B 14 -4.28 -5.35 -8.26
N LEU B 15 -5.13 -5.24 -7.24
CA LEU B 15 -5.20 -4.04 -6.43
C LEU B 15 -3.99 -3.98 -5.50
N ILE B 16 -3.39 -5.14 -5.21
CA ILE B 16 -2.22 -5.21 -4.36
C ILE B 16 -1.13 -4.34 -4.93
N GLN B 17 -0.78 -4.59 -6.18
CA GLN B 17 0.26 -3.83 -6.86
C GLN B 17 -0.16 -2.36 -6.99
N GLN B 18 -1.36 -2.15 -7.53
CA GLN B 18 -1.86 -0.79 -7.71
C GLN B 18 -1.99 -0.07 -6.38
N GLN B 19 -2.66 -0.70 -5.43
CA GLN B 19 -2.84 -0.11 -4.11
C GLN B 19 -1.50 0.21 -3.50
N LEU B 20 -0.58 -0.74 -3.53
CA LEU B 20 0.74 -0.51 -2.98
C LEU B 20 1.29 0.80 -3.50
N VAL B 21 0.99 1.11 -4.76
CA VAL B 21 1.47 2.36 -5.34
C VAL B 21 0.82 3.55 -4.68
N LEU B 22 -0.45 3.40 -4.32
CA LEU B 22 -1.17 4.46 -3.63
C LEU B 22 -0.75 4.49 -2.16
N LEU B 23 -0.34 3.34 -1.67
CA LEU B 23 0.13 3.22 -0.29
C LEU B 23 1.61 3.55 -0.23
N LEU B 24 2.29 3.32 -1.34
CA LEU B 24 3.71 3.61 -1.44
C LEU B 24 3.92 5.11 -1.55
N HIS B 25 3.17 5.72 -2.46
CA HIS B 25 3.23 7.15 -2.66
C HIS B 25 2.69 7.85 -1.40
N ALA B 26 1.46 7.50 -1.03
CA ALA B 26 0.83 8.06 0.15
C ALA B 26 1.76 7.96 1.35
N HIS B 27 2.58 6.92 1.36
CA HIS B 27 3.54 6.74 2.45
C HIS B 27 4.51 7.91 2.49
N LYS B 28 5.34 8.02 1.46
CA LYS B 28 6.29 9.12 1.38
C LYS B 28 5.55 10.44 1.27
N CYS B 29 4.29 10.38 0.85
CA CYS B 29 3.46 11.57 0.72
C CYS B 29 2.94 12.00 2.09
N GLN B 30 2.80 11.04 2.99
CA GLN B 30 2.31 11.33 4.34
C GLN B 30 3.43 11.93 5.20
N ARG B 31 4.65 11.43 5.00
CA ARG B 31 5.80 11.92 5.75
C ARG B 31 6.22 13.32 5.29
N ARG B 32 5.67 13.77 4.18
CA ARG B 32 6.00 15.09 3.65
C ARG B 32 5.52 16.21 4.57
N GLU B 33 4.64 15.85 5.49
CA GLU B 33 4.10 16.80 6.46
C GLU B 33 4.79 16.67 7.80
N GLN B 34 5.21 15.45 8.13
CA GLN B 34 5.88 15.18 9.40
C GLN B 34 7.36 15.55 9.34
N ALA B 35 7.92 15.54 8.14
CA ALA B 35 9.35 15.86 7.98
C ALA B 35 9.57 17.34 7.70
N ASN B 36 8.48 18.06 7.48
CA ASN B 36 8.54 19.49 7.22
C ASN B 36 7.62 20.27 8.15
N GLY B 37 6.80 19.53 8.90
CA GLY B 37 5.88 20.16 9.83
C GLY B 37 4.64 20.73 9.15
N GLU B 38 4.75 21.04 7.86
CA GLU B 38 3.62 21.58 7.11
C GLU B 38 3.21 20.64 5.98
N VAL B 39 1.94 20.67 5.62
CA VAL B 39 1.43 19.83 4.54
C VAL B 39 1.78 20.42 3.18
N ARG B 40 1.78 19.57 2.15
CA ARG B 40 2.09 20.01 0.80
C ARG B 40 1.00 19.58 -0.18
N GLN B 41 0.70 20.46 -1.13
CA GLN B 41 -0.32 20.17 -2.13
C GLN B 41 0.03 18.92 -2.92
N CYS B 42 -0.94 18.03 -3.08
CA CYS B 42 -0.74 16.79 -3.82
C CYS B 42 -1.33 16.89 -5.22
N ASN B 43 -0.82 16.06 -6.13
CA ASN B 43 -1.28 16.05 -7.51
C ASN B 43 -2.51 15.16 -7.65
N LEU B 44 -2.54 14.07 -6.90
CA LEU B 44 -3.65 13.14 -6.94
C LEU B 44 -4.41 13.12 -5.61
N PRO B 45 -5.61 13.73 -5.57
CA PRO B 45 -6.43 13.78 -4.35
C PRO B 45 -6.59 12.41 -3.69
N HIS B 46 -6.47 11.35 -4.50
CA HIS B 46 -6.62 9.99 -4.00
C HIS B 46 -5.69 9.73 -2.82
N CYS B 47 -4.59 10.48 -2.75
CA CYS B 47 -3.62 10.33 -1.67
C CYS B 47 -4.29 10.49 -0.30
N ARG B 48 -5.35 11.30 -0.26
CA ARG B 48 -6.08 11.53 0.97
C ARG B 48 -6.57 10.22 1.58
N THR B 49 -6.96 9.28 0.72
CA THR B 49 -7.44 7.98 1.17
C THR B 49 -6.41 7.29 2.04
N MET B 50 -5.28 6.95 1.43
CA MET B 50 -4.19 6.29 2.16
C MET B 50 -3.74 7.15 3.33
N LYS B 51 -3.83 8.46 3.15
CA LYS B 51 -3.46 9.41 4.20
C LYS B 51 -4.29 9.17 5.45
N ASN B 52 -5.58 8.93 5.26
CA ASN B 52 -6.48 8.67 6.37
C ASN B 52 -6.22 7.28 6.95
N VAL B 53 -5.64 6.42 6.12
CA VAL B 53 -5.32 5.06 6.54
C VAL B 53 -4.01 5.04 7.30
N LEU B 54 -2.96 5.57 6.69
CA LEU B 54 -1.66 5.65 7.34
C LEU B 54 -1.79 6.30 8.71
N ASN B 55 -2.74 7.22 8.81
CA ASN B 55 -2.99 7.93 10.08
C ASN B 55 -3.76 7.01 11.02
N HIS B 56 -4.69 6.25 10.45
CA HIS B 56 -5.48 5.32 11.22
C HIS B 56 -4.61 4.16 11.69
N MET B 57 -3.67 3.76 10.83
CA MET B 57 -2.74 2.69 11.15
C MET B 57 -2.00 3.03 12.45
N THR B 58 -1.93 4.32 12.75
CA THR B 58 -1.28 4.80 13.95
C THR B 58 -2.19 4.56 15.15
N HIS B 59 -3.49 4.57 14.87
CA HIS B 59 -4.51 4.32 15.89
C HIS B 59 -4.90 2.85 15.84
N CYS B 60 -4.44 2.19 14.78
CA CYS B 60 -4.72 0.79 14.54
C CYS B 60 -3.78 -0.07 15.41
N GLN B 61 -4.37 -0.77 16.37
CA GLN B 61 -3.61 -1.61 17.30
C GLN B 61 -3.82 -3.10 17.06
N SER B 62 -4.64 -3.43 16.07
CA SER B 62 -4.91 -4.82 15.76
C SER B 62 -4.25 -5.17 14.44
N GLY B 63 -4.16 -4.15 13.60
CA GLY B 63 -3.55 -4.30 12.30
C GLY B 63 -4.11 -5.47 11.52
N LYS B 64 -3.57 -6.62 11.80
CA LYS B 64 -4.01 -7.85 11.13
C LYS B 64 -5.41 -8.26 11.59
N SER B 65 -5.88 -7.62 12.66
CA SER B 65 -7.21 -7.90 13.20
C SER B 65 -8.13 -6.70 13.01
N CYS B 66 -7.54 -5.58 12.58
CA CYS B 66 -8.29 -4.37 12.34
C CYS B 66 -8.83 -4.37 10.92
N GLN B 67 -10.14 -4.46 10.82
CA GLN B 67 -10.79 -4.48 9.52
C GLN B 67 -11.36 -3.10 9.20
N VAL B 68 -10.76 -2.07 9.81
CA VAL B 68 -11.19 -0.71 9.57
C VAL B 68 -10.86 -0.30 8.16
N ALA B 69 -11.89 0.10 7.43
CA ALA B 69 -11.73 0.49 6.03
C ALA B 69 -10.68 -0.38 5.33
N HIS B 70 -9.50 0.17 5.09
CA HIS B 70 -8.42 -0.56 4.44
C HIS B 70 -7.35 -1.00 5.43
N CYS B 71 -7.45 -0.58 6.69
CA CYS B 71 -6.47 -0.92 7.73
C CYS B 71 -5.89 -2.32 7.54
N ALA B 72 -6.73 -3.33 7.69
CA ALA B 72 -6.30 -4.71 7.54
C ALA B 72 -5.60 -4.92 6.20
N SER B 73 -6.06 -4.20 5.19
CA SER B 73 -5.48 -4.29 3.86
C SER B 73 -4.13 -3.56 3.82
N SER B 74 -4.13 -2.32 4.28
CA SER B 74 -2.90 -1.53 4.29
C SER B 74 -1.85 -2.20 5.16
N ARG B 75 -2.30 -2.87 6.22
CA ARG B 75 -1.39 -3.56 7.12
C ARG B 75 -0.98 -4.90 6.52
N GLN B 76 -1.96 -5.61 5.97
CA GLN B 76 -1.70 -6.90 5.35
C GLN B 76 -0.83 -6.74 4.10
N ILE B 77 -1.17 -5.75 3.28
CA ILE B 77 -0.41 -5.50 2.06
C ILE B 77 1.03 -5.12 2.40
N ILE B 78 1.20 -3.97 3.07
CA ILE B 78 2.53 -3.50 3.47
C ILE B 78 3.33 -4.65 4.09
N SER B 79 2.62 -5.58 4.71
CA SER B 79 3.25 -6.74 5.33
C SER B 79 4.00 -7.54 4.27
N HIS B 80 3.28 -7.92 3.22
CA HIS B 80 3.89 -8.67 2.12
C HIS B 80 5.11 -7.94 1.61
N TRP B 81 4.88 -6.72 1.14
CA TRP B 81 5.94 -5.89 0.60
C TRP B 81 7.13 -5.80 1.55
N LYS B 82 6.87 -6.00 2.84
CA LYS B 82 7.93 -5.93 3.85
C LYS B 82 8.54 -7.30 4.10
N ASN B 83 7.72 -8.34 3.99
CA ASN B 83 8.19 -9.71 4.22
C ASN B 83 8.44 -10.44 2.90
N CYS B 84 8.44 -9.69 1.80
CA CYS B 84 8.67 -10.28 0.49
C CYS B 84 10.15 -10.62 0.30
N THR B 85 10.42 -11.85 -0.13
CA THR B 85 11.78 -12.30 -0.35
C THR B 85 12.26 -11.93 -1.75
N ARG B 86 13.47 -12.37 -2.09
CA ARG B 86 14.05 -12.07 -3.40
C ARG B 86 13.53 -13.06 -4.45
N HIS B 87 13.38 -12.57 -5.68
CA HIS B 87 12.90 -13.41 -6.78
C HIS B 87 11.48 -13.89 -6.51
N ASP B 88 10.74 -14.17 -7.58
CA ASP B 88 9.37 -14.65 -7.47
C ASP B 88 8.46 -13.59 -6.86
N CYS B 89 8.94 -12.36 -6.80
CA CYS B 89 8.16 -11.26 -6.24
C CYS B 89 7.94 -10.15 -7.28
N PRO B 90 6.81 -10.19 -8.01
CA PRO B 90 6.51 -9.19 -9.03
C PRO B 90 5.95 -7.90 -8.46
N VAL B 91 5.97 -7.77 -7.14
CA VAL B 91 5.45 -6.58 -6.48
C VAL B 91 6.56 -5.58 -6.14
N CYS B 92 7.36 -5.90 -5.13
CA CYS B 92 8.45 -5.04 -4.68
C CYS B 92 9.57 -4.95 -5.70
N LEU B 93 10.03 -6.10 -6.21
CA LEU B 93 11.12 -6.12 -7.18
C LEU B 93 10.82 -5.22 -8.38
N PRO B 94 9.82 -5.54 -9.21
CA PRO B 94 9.47 -4.72 -10.37
C PRO B 94 9.35 -3.24 -10.02
N LEU B 95 8.63 -2.94 -8.93
CA LEU B 95 8.47 -1.56 -8.51
C LEU B 95 9.82 -0.98 -8.03
N LYS B 96 10.77 -1.87 -7.74
CA LYS B 96 12.10 -1.45 -7.29
C LYS B 96 12.99 -1.11 -8.47
N ASN B 97 12.61 -1.62 -9.62
CA ASN B 97 13.37 -1.39 -10.86
C ASN B 97 13.73 0.09 -11.02
N ALA B 98 12.78 0.88 -11.49
CA ALA B 98 13.00 2.31 -11.67
C ALA B 98 14.25 2.57 -12.49
N GLY B 99 14.08 2.66 -13.81
CA GLY B 99 15.22 2.90 -14.69
C GLY B 99 15.02 2.30 -16.07
N ASP B 100 14.43 3.08 -16.97
CA ASP B 100 14.18 2.62 -18.33
C ASP B 100 14.22 3.79 -19.31
N LYS B 101 15.40 4.35 -19.50
CA LYS B 101 15.58 5.48 -20.41
C LYS B 101 16.30 5.05 -21.68
N GLY A 1 3.01 9.28 23.80
CA GLY A 1 3.41 10.01 25.04
C GLY A 1 4.60 9.36 25.72
N SER A 2 4.72 8.04 25.59
CA SER A 2 5.82 7.31 26.20
C SER A 2 7.10 7.45 25.38
N GLY A 3 7.09 6.83 24.19
CA GLY A 3 8.25 6.89 23.33
C GLY A 3 7.92 6.54 21.89
N SER A 4 8.91 6.05 21.16
CA SER A 4 8.72 5.67 19.76
C SER A 4 9.77 4.67 19.32
N GLY A 5 9.50 3.39 19.54
CA GLY A 5 10.43 2.35 19.15
C GLY A 5 9.91 1.48 18.03
N SER A 6 8.64 1.09 18.13
CA SER A 6 8.01 0.25 17.10
C SER A 6 7.98 0.97 15.76
N GLY A 7 7.72 0.21 14.70
CA GLY A 7 7.66 0.80 13.37
C GLY A 7 9.04 1.10 12.81
N SER A 8 9.21 2.31 12.29
CA SER A 8 10.49 2.73 11.73
C SER A 8 10.87 1.85 10.54
N ASN A 9 9.87 1.46 9.75
CA ASN A 9 10.08 0.63 8.58
C ASN A 9 8.76 0.03 8.10
N VAL A 10 7.94 0.83 7.45
CA VAL A 10 6.66 0.39 6.94
C VAL A 10 6.83 -0.39 5.64
N ILE A 11 6.75 0.30 4.52
CA ILE A 11 6.89 -0.31 3.21
C ILE A 11 8.36 -0.39 2.82
N ASP A 12 8.62 -0.59 1.53
CA ASP A 12 9.99 -0.68 1.02
C ASP A 12 10.28 0.41 0.01
N THR A 13 9.79 1.60 0.29
CA THR A 13 9.98 2.75 -0.58
C THR A 13 11.41 3.28 -0.50
N ASP A 14 12.24 2.65 0.34
CA ASP A 14 13.63 3.07 0.51
C ASP A 14 14.38 3.12 -0.82
N PHE A 15 13.86 2.39 -1.80
CA PHE A 15 14.49 2.35 -3.12
C PHE A 15 13.54 2.86 -4.19
N ILE A 16 12.24 2.92 -3.87
CA ILE A 16 11.24 3.38 -4.81
C ILE A 16 11.34 4.89 -5.01
N ASP A 17 11.05 5.31 -6.23
CA ASP A 17 11.08 6.72 -6.59
C ASP A 17 9.67 7.29 -6.65
N GLU A 18 9.47 8.42 -6.00
CA GLU A 18 8.17 9.08 -5.97
C GLU A 18 7.74 9.49 -7.38
N GLU A 19 8.68 9.52 -8.32
CA GLU A 19 8.38 9.89 -9.68
C GLU A 19 7.98 8.67 -10.51
N VAL A 20 8.53 7.52 -10.14
CA VAL A 20 8.24 6.27 -10.82
C VAL A 20 6.79 5.86 -10.59
N LEU A 21 6.41 5.68 -9.33
CA LEU A 21 5.05 5.30 -8.99
C LEU A 21 4.06 6.33 -9.50
N MET A 22 4.52 7.58 -9.64
CA MET A 22 3.68 8.66 -10.13
C MET A 22 3.18 8.35 -11.54
N SER A 23 4.12 7.99 -12.42
CA SER A 23 3.77 7.66 -13.80
C SER A 23 2.80 6.49 -13.84
N LEU A 24 3.06 5.48 -13.01
CA LEU A 24 2.21 4.30 -12.95
C LEU A 24 0.79 4.68 -12.52
N VAL A 25 0.69 5.73 -11.72
CA VAL A 25 -0.60 6.20 -11.24
C VAL A 25 -1.42 6.81 -12.38
N ILE A 26 -0.75 7.55 -13.25
CA ILE A 26 -1.42 8.18 -14.39
C ILE A 26 -1.60 7.18 -15.52
N GLU A 27 -0.63 6.30 -15.68
CA GLU A 27 -0.66 5.30 -16.75
C GLU A 27 -1.78 4.29 -16.53
N MET A 28 -1.96 3.85 -15.28
CA MET A 28 -3.00 2.88 -14.97
C MET A 28 -4.36 3.55 -14.83
N GLY A 29 -4.38 4.71 -14.19
CA GLY A 29 -5.61 5.44 -13.98
C GLY A 29 -5.94 5.54 -12.50
N LEU A 30 -4.90 5.76 -11.71
CA LEU A 30 -5.03 5.87 -10.27
C LEU A 30 -5.29 7.31 -9.83
N ASP A 31 -5.59 8.18 -10.78
CA ASP A 31 -5.86 9.58 -10.48
C ASP A 31 -7.24 10.00 -10.98
N ARG A 32 -8.17 9.05 -10.96
CA ARG A 32 -9.54 9.31 -11.41
C ARG A 32 -10.41 8.06 -11.22
N ILE A 33 -10.43 7.53 -10.00
CA ILE A 33 -11.22 6.34 -9.71
C ILE A 33 -12.56 6.71 -9.09
N LYS A 34 -13.64 6.21 -9.68
CA LYS A 34 -14.98 6.49 -9.18
C LYS A 34 -15.28 5.66 -7.94
N GLU A 35 -15.09 4.36 -8.05
CA GLU A 35 -15.33 3.45 -6.94
C GLU A 35 -14.06 2.69 -6.58
N LEU A 36 -13.65 2.79 -5.31
CA LEU A 36 -12.45 2.11 -4.85
C LEU A 36 -12.75 0.67 -4.41
N PRO A 37 -12.36 -0.32 -5.24
CA PRO A 37 -12.57 -1.74 -4.93
C PRO A 37 -11.92 -2.16 -3.63
N GLU A 38 -12.31 -3.34 -3.12
CA GLU A 38 -11.77 -3.86 -1.87
C GLU A 38 -10.49 -4.65 -2.12
N LEU A 39 -9.57 -4.59 -1.16
CA LEU A 39 -8.31 -5.31 -1.25
C LEU A 39 -8.16 -6.30 -0.10
N TRP A 40 -8.46 -7.56 -0.38
CA TRP A 40 -8.37 -8.60 0.64
C TRP A 40 -7.60 -9.82 0.14
N LEU A 41 -7.14 -10.64 1.08
CA LEU A 41 -6.40 -11.85 0.75
C LEU A 41 -7.33 -12.93 0.20
N GLY A 42 -7.97 -12.64 -0.94
CA GLY A 42 -8.88 -13.59 -1.54
C GLY A 42 -8.16 -14.83 -2.06
N GLN A 43 -7.64 -14.73 -3.28
CA GLN A 43 -6.94 -15.85 -3.89
C GLN A 43 -5.80 -16.34 -3.00
N ASN A 44 -5.24 -17.49 -3.36
CA ASN A 44 -4.14 -18.07 -2.61
C ASN A 44 -2.82 -18.00 -3.37
N GLU A 45 -2.88 -17.51 -4.61
CA GLU A 45 -1.67 -17.39 -5.43
C GLU A 45 -0.71 -16.34 -4.88
N PHE A 46 -1.21 -15.54 -3.94
CA PHE A 46 -0.41 -14.50 -3.31
C PHE A 46 -0.53 -14.57 -1.79
N ASP A 47 -0.83 -15.76 -1.30
CA ASP A 47 -0.98 -16.01 0.13
C ASP A 47 0.30 -15.69 0.89
N PHE A 48 1.40 -15.51 0.17
CA PHE A 48 2.68 -15.19 0.78
C PHE A 48 2.65 -13.84 1.51
N MET A 49 1.55 -13.10 1.35
CA MET A 49 1.41 -11.80 2.01
C MET A 49 1.05 -11.95 3.49
N THR A 50 1.04 -13.19 3.97
CA THR A 50 0.71 -13.46 5.37
C THR A 50 1.68 -14.47 5.97
N ASP A 51 1.44 -15.75 5.69
CA ASP A 51 2.29 -16.83 6.19
C ASP A 51 2.17 -16.96 7.70
N PHE A 52 1.20 -16.28 8.26
CA PHE A 52 0.95 -16.31 9.70
C PHE A 52 -0.37 -17.01 10.00
N MET B 1 -26.00 -12.72 2.47
CA MET B 1 -24.94 -13.53 1.84
C MET B 1 -25.28 -13.87 0.39
N GLY B 2 -24.53 -13.29 -0.54
CA GLY B 2 -24.76 -13.54 -1.95
C GLY B 2 -24.86 -12.26 -2.76
N SER B 3 -25.61 -11.29 -2.25
CA SER B 3 -25.78 -10.01 -2.93
C SER B 3 -25.08 -8.89 -2.17
N GLY B 4 -23.77 -8.76 -2.39
CA GLY B 4 -23.01 -7.73 -1.71
C GLY B 4 -21.51 -7.87 -1.95
N ALA B 5 -20.77 -6.82 -1.61
CA ALA B 5 -19.32 -6.83 -1.79
C ALA B 5 -18.60 -6.64 -0.45
N HIS B 6 -18.66 -7.66 0.39
CA HIS B 6 -18.03 -7.61 1.70
C HIS B 6 -17.06 -8.78 1.89
N THR B 7 -16.87 -9.58 0.85
CA THR B 7 -15.97 -10.72 0.92
C THR B 7 -14.58 -10.36 0.42
N ALA B 8 -14.26 -10.78 -0.80
CA ALA B 8 -12.96 -10.50 -1.40
C ALA B 8 -12.86 -11.13 -2.79
N ASP B 9 -12.22 -10.44 -3.71
CA ASP B 9 -12.06 -10.94 -5.08
C ASP B 9 -10.58 -11.05 -5.47
N PRO B 10 -10.26 -11.94 -6.43
CA PRO B 10 -8.89 -12.15 -6.91
C PRO B 10 -8.25 -10.86 -7.41
N GLU B 11 -9.08 -9.87 -7.72
CA GLU B 11 -8.58 -8.58 -8.17
C GLU B 11 -7.68 -7.96 -7.11
N LYS B 12 -7.68 -8.55 -5.92
CA LYS B 12 -6.87 -8.07 -4.80
C LYS B 12 -5.40 -8.06 -5.17
N ARG B 13 -4.95 -9.14 -5.82
CA ARG B 13 -3.55 -9.22 -6.23
C ARG B 13 -3.24 -8.13 -7.24
N LYS B 14 -4.18 -7.89 -8.15
CA LYS B 14 -4.01 -6.86 -9.16
C LYS B 14 -4.17 -5.49 -8.52
N LEU B 15 -5.18 -5.38 -7.67
CA LEU B 15 -5.45 -4.15 -6.97
C LEU B 15 -4.37 -3.91 -5.92
N ILE B 16 -3.71 -4.98 -5.50
CA ILE B 16 -2.65 -4.87 -4.52
C ILE B 16 -1.49 -4.07 -5.12
N GLN B 17 -1.10 -4.45 -6.33
CA GLN B 17 -0.02 -3.74 -7.02
C GLN B 17 -0.38 -2.27 -7.16
N GLN B 18 -1.54 -1.99 -7.74
CA GLN B 18 -1.99 -0.61 -7.93
C GLN B 18 -2.23 0.05 -6.58
N GLN B 19 -2.80 -0.70 -5.64
CA GLN B 19 -3.07 -0.18 -4.31
C GLN B 19 -1.78 0.20 -3.63
N LEU B 20 -0.82 -0.73 -3.60
CA LEU B 20 0.46 -0.46 -3.00
C LEU B 20 0.98 0.89 -3.49
N VAL B 21 0.71 1.19 -4.76
CA VAL B 21 1.15 2.45 -5.33
C VAL B 21 0.44 3.61 -4.66
N LEU B 22 -0.83 3.42 -4.34
CA LEU B 22 -1.59 4.45 -3.66
C LEU B 22 -1.16 4.55 -2.21
N LEU B 23 -0.72 3.42 -1.66
CA LEU B 23 -0.24 3.38 -0.28
C LEU B 23 1.23 3.77 -0.26
N LEU B 24 1.90 3.54 -1.39
CA LEU B 24 3.30 3.89 -1.53
C LEU B 24 3.43 5.39 -1.73
N HIS B 25 2.66 5.90 -2.69
CA HIS B 25 2.63 7.33 -2.96
C HIS B 25 2.13 8.05 -1.70
N ALA B 26 0.95 7.66 -1.25
CA ALA B 26 0.35 8.24 -0.07
C ALA B 26 1.33 8.23 1.10
N HIS B 27 2.21 7.23 1.11
CA HIS B 27 3.21 7.12 2.17
C HIS B 27 4.13 8.33 2.14
N LYS B 28 4.98 8.40 1.13
CA LYS B 28 5.90 9.51 1.00
C LYS B 28 5.14 10.81 0.73
N CYS B 29 3.86 10.67 0.36
CA CYS B 29 3.01 11.82 0.09
C CYS B 29 2.40 12.36 1.39
N GLN B 30 2.19 11.46 2.35
CA GLN B 30 1.62 11.86 3.63
C GLN B 30 2.72 12.10 4.66
N ARG B 31 3.85 11.45 4.47
CA ARG B 31 4.97 11.58 5.39
C ARG B 31 5.81 12.82 5.08
N ARG B 32 5.53 13.45 3.93
CA ARG B 32 6.26 14.66 3.53
C ARG B 32 6.24 15.72 4.62
N GLU B 33 5.25 15.62 5.49
CA GLU B 33 5.09 16.56 6.60
C GLU B 33 5.93 16.14 7.80
N GLN B 34 6.28 14.85 7.86
CA GLN B 34 7.07 14.33 8.96
C GLN B 34 8.57 14.52 8.73
N ALA B 35 9.01 14.29 7.49
CA ALA B 35 10.43 14.42 7.16
C ALA B 35 10.82 15.86 6.90
N ASN B 36 9.82 16.72 6.80
CA ASN B 36 10.05 18.15 6.57
C ASN B 36 9.33 19.01 7.60
N GLY B 37 8.52 18.37 8.42
CA GLY B 37 7.77 19.07 9.44
C GLY B 37 6.53 19.78 8.90
N GLU B 38 6.56 20.11 7.60
CA GLU B 38 5.43 20.79 6.97
C GLU B 38 4.85 19.92 5.86
N VAL B 39 3.52 19.79 5.84
CA VAL B 39 2.85 19.00 4.82
C VAL B 39 2.76 19.76 3.51
N ARG B 40 2.58 19.03 2.42
CA ARG B 40 2.48 19.63 1.10
C ARG B 40 1.20 19.20 0.40
N GLN B 41 0.60 20.11 -0.37
CA GLN B 41 -0.62 19.81 -1.09
C GLN B 41 -0.42 18.65 -2.06
N CYS B 42 -1.31 17.66 -1.99
CA CYS B 42 -1.22 16.51 -2.86
C CYS B 42 -2.15 16.64 -4.06
N ASN B 43 -1.65 16.27 -5.23
CA ASN B 43 -2.43 16.35 -6.46
C ASN B 43 -3.05 15.00 -6.79
N LEU B 44 -3.43 14.25 -5.76
CA LEU B 44 -4.03 12.94 -5.93
C LEU B 44 -5.26 12.79 -5.04
N PRO B 45 -6.45 13.10 -5.56
CA PRO B 45 -7.70 13.00 -4.80
C PRO B 45 -7.86 11.66 -4.09
N HIS B 46 -7.20 10.63 -4.63
CA HIS B 46 -7.28 9.30 -4.04
C HIS B 46 -6.32 9.16 -2.86
N CYS B 47 -5.24 9.93 -2.87
CA CYS B 47 -4.26 9.90 -1.79
C CYS B 47 -4.91 10.14 -0.44
N ARG B 48 -5.99 10.93 -0.45
CA ARG B 48 -6.71 11.25 0.79
C ARG B 48 -7.13 9.99 1.53
N THR B 49 -7.50 8.95 0.78
CA THR B 49 -7.92 7.69 1.37
C THR B 49 -6.77 7.04 2.14
N MET B 50 -5.73 6.64 1.41
CA MET B 50 -4.57 6.00 2.03
C MET B 50 -3.99 6.88 3.15
N LYS B 51 -4.15 8.19 3.00
CA LYS B 51 -3.66 9.13 4.00
C LYS B 51 -4.30 8.85 5.35
N ASN B 52 -5.63 8.73 5.34
CA ASN B 52 -6.38 8.45 6.55
C ASN B 52 -6.14 7.02 7.00
N VAL B 53 -5.63 6.19 6.10
CA VAL B 53 -5.34 4.79 6.40
C VAL B 53 -3.97 4.65 7.04
N LEU B 54 -2.94 5.17 6.35
CA LEU B 54 -1.59 5.11 6.86
C LEU B 54 -1.53 5.72 8.26
N ASN B 55 -2.38 6.72 8.50
CA ASN B 55 -2.43 7.38 9.79
C ASN B 55 -3.30 6.57 10.75
N HIS B 56 -4.37 5.98 10.21
CA HIS B 56 -5.27 5.17 10.99
C HIS B 56 -4.55 3.93 11.49
N MET B 57 -3.81 3.28 10.60
CA MET B 57 -3.04 2.09 10.94
C MET B 57 -1.93 2.44 11.94
N THR B 58 -1.62 3.73 12.04
CA THR B 58 -0.61 4.21 12.95
C THR B 58 -1.19 4.36 14.34
N HIS B 59 -2.49 4.62 14.39
CA HIS B 59 -3.21 4.78 15.64
C HIS B 59 -4.02 3.53 15.93
N CYS B 60 -4.08 2.65 14.92
CA CYS B 60 -4.81 1.41 15.02
C CYS B 60 -4.08 0.42 15.94
N GLN B 61 -4.71 0.12 17.07
CA GLN B 61 -4.14 -0.78 18.07
C GLN B 61 -4.34 -2.25 17.73
N SER B 62 -4.93 -2.52 16.58
CA SER B 62 -5.17 -3.89 16.16
C SER B 62 -4.26 -4.22 15.00
N GLY B 63 -3.90 -3.17 14.27
CA GLY B 63 -3.02 -3.33 13.14
C GLY B 63 -3.53 -4.34 12.14
N LYS B 64 -3.27 -5.61 12.44
CA LYS B 64 -3.70 -6.71 11.59
C LYS B 64 -4.96 -7.38 12.12
N SER B 65 -5.54 -6.79 13.18
CA SER B 65 -6.76 -7.32 13.78
C SER B 65 -7.95 -6.41 13.49
N CYS B 66 -7.67 -5.27 12.87
CA CYS B 66 -8.69 -4.31 12.51
C CYS B 66 -9.18 -4.56 11.11
N GLN B 67 -10.40 -4.16 10.85
CA GLN B 67 -10.99 -4.32 9.55
C GLN B 67 -11.57 -2.99 9.07
N VAL B 68 -11.10 -1.90 9.68
CA VAL B 68 -11.56 -0.57 9.32
C VAL B 68 -11.24 -0.32 7.86
N ALA B 69 -12.26 0.00 7.09
CA ALA B 69 -12.11 0.26 5.66
C ALA B 69 -10.99 -0.60 5.05
N HIS B 70 -9.83 0.00 4.83
CA HIS B 70 -8.68 -0.70 4.26
C HIS B 70 -7.62 -1.06 5.30
N CYS B 71 -7.80 -0.60 6.54
CA CYS B 71 -6.84 -0.87 7.62
C CYS B 71 -6.19 -2.24 7.49
N ALA B 72 -6.97 -3.29 7.71
CA ALA B 72 -6.45 -4.64 7.61
C ALA B 72 -5.77 -4.87 6.27
N SER B 73 -6.30 -4.22 5.23
CA SER B 73 -5.74 -4.35 3.90
C SER B 73 -4.37 -3.69 3.84
N SER B 74 -4.29 -2.44 4.30
CA SER B 74 -3.02 -1.72 4.32
C SER B 74 -1.99 -2.52 5.09
N ARG B 75 -2.42 -3.16 6.17
CA ARG B 75 -1.55 -3.98 6.99
C ARG B 75 -1.14 -5.24 6.23
N GLN B 76 -2.12 -5.97 5.74
CA GLN B 76 -1.86 -7.19 4.98
C GLN B 76 -1.02 -6.87 3.76
N ILE B 77 -1.39 -5.81 3.05
CA ILE B 77 -0.65 -5.40 1.86
C ILE B 77 0.77 -5.01 2.21
N ILE B 78 0.93 -3.87 2.89
CA ILE B 78 2.26 -3.39 3.30
C ILE B 78 3.05 -4.52 3.95
N SER B 79 2.34 -5.45 4.59
CA SER B 79 2.98 -6.58 5.24
C SER B 79 3.81 -7.37 4.22
N HIS B 80 3.17 -7.72 3.11
CA HIS B 80 3.85 -8.44 2.05
C HIS B 80 5.07 -7.65 1.61
N TRP B 81 4.81 -6.43 1.20
CA TRP B 81 5.85 -5.52 0.74
C TRP B 81 6.96 -5.38 1.78
N LYS B 82 6.63 -5.63 3.03
CA LYS B 82 7.59 -5.52 4.13
C LYS B 82 8.43 -6.80 4.23
N ASN B 83 7.77 -7.95 4.26
CA ASN B 83 8.45 -9.23 4.35
C ASN B 83 9.12 -9.59 3.04
N CYS B 84 8.46 -9.25 1.94
CA CYS B 84 8.99 -9.55 0.61
C CYS B 84 10.38 -8.94 0.42
N THR B 85 11.36 -9.79 0.15
CA THR B 85 12.73 -9.34 -0.03
C THR B 85 13.20 -9.62 -1.46
N ARG B 86 14.46 -9.32 -1.73
CA ARG B 86 15.03 -9.54 -3.06
C ARG B 86 15.10 -11.02 -3.38
N HIS B 87 13.99 -11.58 -3.87
CA HIS B 87 13.94 -13.00 -4.23
C HIS B 87 12.70 -13.30 -5.07
N ASP B 88 12.77 -12.99 -6.35
CA ASP B 88 11.65 -13.23 -7.26
C ASP B 88 10.38 -12.55 -6.77
N CYS B 89 10.46 -11.24 -6.58
CA CYS B 89 9.32 -10.46 -6.11
C CYS B 89 8.78 -9.55 -7.22
N PRO B 90 7.68 -9.96 -7.89
CA PRO B 90 7.09 -9.17 -8.96
C PRO B 90 6.32 -7.96 -8.46
N VAL B 91 6.30 -7.76 -7.13
CA VAL B 91 5.59 -6.63 -6.54
C VAL B 91 6.53 -5.45 -6.24
N CYS B 92 7.34 -5.61 -5.20
CA CYS B 92 8.28 -4.56 -4.77
C CYS B 92 9.38 -4.29 -5.80
N LEU B 93 10.16 -5.32 -6.11
CA LEU B 93 11.27 -5.19 -7.06
C LEU B 93 10.88 -4.36 -8.30
N PRO B 94 9.96 -4.88 -9.13
CA PRO B 94 9.53 -4.18 -10.34
C PRO B 94 9.06 -2.76 -10.05
N LEU B 95 8.24 -2.60 -9.00
CA LEU B 95 7.75 -1.28 -8.64
C LEU B 95 8.91 -0.29 -8.49
N LYS B 96 10.08 -0.83 -8.15
CA LYS B 96 11.28 0.00 -7.97
C LYS B 96 11.94 0.26 -9.32
N ASN B 97 11.74 -0.68 -10.23
CA ASN B 97 12.30 -0.59 -11.57
C ASN B 97 11.20 -0.63 -12.62
N ALA B 98 10.40 0.44 -12.68
CA ALA B 98 9.31 0.52 -13.63
C ALA B 98 9.73 1.27 -14.90
N GLY B 99 11.04 1.36 -15.12
CA GLY B 99 11.54 2.03 -16.30
C GLY B 99 11.48 1.18 -17.54
N ASP B 100 11.70 -0.12 -17.37
CA ASP B 100 11.67 -1.06 -18.49
C ASP B 100 10.27 -1.66 -18.66
N LYS B 101 10.04 -2.27 -19.81
CA LYS B 101 8.74 -2.89 -20.10
C LYS B 101 8.90 -4.06 -21.05
N GLY A 1 2.94 10.27 20.38
CA GLY A 1 3.40 11.68 20.61
C GLY A 1 3.11 12.57 19.42
N SER A 2 4.12 13.29 18.96
CA SER A 2 3.97 14.19 17.83
C SER A 2 4.57 13.59 16.56
N GLY A 3 5.73 12.98 16.70
CA GLY A 3 6.41 12.37 15.57
C GLY A 3 6.77 10.92 15.82
N SER A 4 5.90 10.21 16.51
CA SER A 4 6.14 8.79 16.82
C SER A 4 6.06 7.94 15.56
N GLY A 5 6.30 6.64 15.71
CA GLY A 5 6.26 5.74 14.58
C GLY A 5 7.59 5.07 14.31
N SER A 6 8.52 5.82 13.72
CA SER A 6 9.84 5.30 13.40
C SER A 6 9.75 4.07 12.50
N GLY A 7 10.09 4.25 11.23
CA GLY A 7 10.03 3.15 10.29
C GLY A 7 11.03 2.05 10.62
N SER A 8 10.56 0.81 10.62
CA SER A 8 11.42 -0.34 10.92
C SER A 8 11.45 -1.31 9.75
N ASN A 9 11.80 -0.81 8.57
CA ASN A 9 11.87 -1.64 7.37
C ASN A 9 10.49 -2.21 7.02
N VAL A 10 9.53 -1.32 6.80
CA VAL A 10 8.19 -1.73 6.46
C VAL A 10 8.07 -2.05 4.97
N ILE A 11 7.68 -1.07 4.19
CA ILE A 11 7.54 -1.24 2.75
C ILE A 11 8.91 -1.18 2.07
N ASP A 12 8.94 -0.88 0.77
CA ASP A 12 10.19 -0.82 0.03
C ASP A 12 10.30 0.47 -0.77
N THR A 13 9.83 1.55 -0.18
CA THR A 13 9.87 2.86 -0.83
C THR A 13 11.21 3.56 -0.57
N ASP A 14 12.12 2.89 0.11
CA ASP A 14 13.43 3.47 0.42
C ASP A 14 14.24 3.72 -0.85
N PHE A 15 13.80 3.11 -1.94
CA PHE A 15 14.47 3.26 -3.23
C PHE A 15 13.50 3.76 -4.31
N ILE A 16 12.20 3.64 -4.04
CA ILE A 16 11.19 4.07 -4.97
C ILE A 16 11.12 5.58 -5.08
N ASP A 17 10.84 6.05 -6.29
CA ASP A 17 10.73 7.48 -6.55
C ASP A 17 9.28 7.87 -6.70
N GLU A 18 8.92 8.97 -6.05
CA GLU A 18 7.53 9.47 -6.10
C GLU A 18 7.15 9.89 -7.52
N GLU A 19 8.14 10.02 -8.40
CA GLU A 19 7.89 10.42 -9.78
C GLU A 19 7.62 9.20 -10.64
N VAL A 20 8.29 8.10 -10.31
CA VAL A 20 8.14 6.85 -11.04
C VAL A 20 6.73 6.31 -10.90
N LEU A 21 6.31 6.04 -9.66
CA LEU A 21 4.97 5.53 -9.41
C LEU A 21 3.91 6.46 -9.96
N MET A 22 4.25 7.75 -10.06
CA MET A 22 3.34 8.75 -10.59
C MET A 22 2.97 8.44 -12.02
N SER A 23 3.99 8.27 -12.87
CA SER A 23 3.77 7.95 -14.27
C SER A 23 2.99 6.65 -14.41
N LEU A 24 3.22 5.73 -13.48
CA LEU A 24 2.54 4.45 -13.48
C LEU A 24 1.07 4.62 -13.07
N VAL A 25 0.80 5.62 -12.25
CA VAL A 25 -0.54 5.91 -11.79
C VAL A 25 -1.43 6.34 -12.95
N ILE A 26 -0.90 7.21 -13.80
CA ILE A 26 -1.64 7.71 -14.95
C ILE A 26 -1.83 6.61 -15.99
N GLU A 27 -0.82 5.77 -16.13
CA GLU A 27 -0.87 4.68 -17.10
C GLU A 27 -1.94 3.65 -16.74
N MET A 28 -2.04 3.33 -15.45
CA MET A 28 -3.02 2.35 -14.99
C MET A 28 -4.38 3.00 -14.79
N GLY A 29 -4.37 4.20 -14.22
CA GLY A 29 -5.60 4.93 -13.96
C GLY A 29 -5.83 5.07 -12.47
N LEU A 30 -4.75 5.34 -11.75
CA LEU A 30 -4.78 5.50 -10.32
C LEU A 30 -4.99 6.95 -9.89
N ASP A 31 -4.95 7.86 -10.87
CA ASP A 31 -5.13 9.28 -10.58
C ASP A 31 -6.57 9.71 -10.84
N ARG A 32 -7.49 8.75 -10.78
CA ARG A 32 -8.91 9.04 -11.01
C ARG A 32 -9.75 7.78 -10.83
N ILE A 33 -9.74 7.22 -9.63
CA ILE A 33 -10.49 6.01 -9.34
C ILE A 33 -11.86 6.36 -8.76
N LYS A 34 -12.92 5.90 -9.42
CA LYS A 34 -14.28 6.15 -8.98
C LYS A 34 -14.61 5.30 -7.76
N GLU A 35 -14.45 3.99 -7.89
CA GLU A 35 -14.73 3.07 -6.80
C GLU A 35 -13.48 2.27 -6.42
N LEU A 36 -13.00 2.48 -5.20
CA LEU A 36 -11.82 1.77 -4.72
C LEU A 36 -12.17 0.36 -4.26
N PRO A 37 -11.72 -0.67 -5.01
CA PRO A 37 -12.01 -2.07 -4.67
C PRO A 37 -11.40 -2.48 -3.34
N GLU A 38 -11.85 -3.61 -2.80
CA GLU A 38 -11.36 -4.12 -1.53
C GLU A 38 -10.19 -5.08 -1.72
N LEU A 39 -9.27 -5.08 -0.76
CA LEU A 39 -8.12 -5.96 -0.82
C LEU A 39 -8.09 -6.91 0.38
N TRP A 40 -8.61 -8.12 0.18
CA TRP A 40 -8.65 -9.12 1.24
C TRP A 40 -8.15 -10.46 0.73
N LEU A 41 -7.42 -11.18 1.59
CA LEU A 41 -6.88 -12.49 1.23
C LEU A 41 -7.93 -13.35 0.52
N GLY A 42 -7.95 -13.25 -0.81
CA GLY A 42 -8.91 -14.02 -1.60
C GLY A 42 -8.30 -15.27 -2.18
N GLN A 43 -7.90 -15.19 -3.44
CA GLN A 43 -7.30 -16.33 -4.13
C GLN A 43 -6.10 -16.85 -3.35
N ASN A 44 -5.54 -17.95 -3.84
CA ASN A 44 -4.39 -18.58 -3.20
C ASN A 44 -3.13 -18.40 -4.05
N GLU A 45 -3.09 -17.34 -4.84
CA GLU A 45 -1.94 -17.07 -5.69
C GLU A 45 -1.02 -16.01 -5.08
N PHE A 46 -1.49 -15.39 -4.01
CA PHE A 46 -0.72 -14.36 -3.31
C PHE A 46 -0.73 -14.58 -1.80
N ASP A 47 -0.91 -15.83 -1.41
CA ASP A 47 -0.95 -16.19 0.01
C ASP A 47 0.35 -15.83 0.72
N PHE A 48 1.38 -15.46 -0.04
CA PHE A 48 2.65 -15.08 0.54
C PHE A 48 2.55 -13.79 1.36
N MET A 49 1.40 -13.12 1.30
CA MET A 49 1.20 -11.89 2.04
C MET A 49 0.86 -12.16 3.51
N THR A 50 0.91 -13.41 3.92
CA THR A 50 0.61 -13.78 5.30
C THR A 50 1.49 -14.95 5.75
N ASP A 51 1.09 -16.17 5.42
CA ASP A 51 1.85 -17.36 5.79
C ASP A 51 1.86 -17.57 7.30
N PHE A 52 1.02 -16.82 7.98
CA PHE A 52 0.91 -16.91 9.43
C PHE A 52 -0.19 -17.88 9.84
N MET B 1 -7.09 -20.11 7.54
CA MET B 1 -6.88 -20.38 6.09
C MET B 1 -8.02 -19.79 5.25
N GLY B 2 -9.24 -19.90 5.77
CA GLY B 2 -10.39 -19.38 5.05
C GLY B 2 -10.56 -17.89 5.24
N SER B 3 -11.68 -17.36 4.78
CA SER B 3 -11.97 -15.93 4.90
C SER B 3 -13.44 -15.70 5.27
N GLY B 4 -14.34 -16.16 4.42
CA GLY B 4 -15.75 -15.99 4.66
C GLY B 4 -16.61 -16.55 3.56
N ALA B 5 -17.06 -15.67 2.66
CA ALA B 5 -17.90 -16.07 1.55
C ALA B 5 -17.27 -15.64 0.22
N HIS B 6 -18.04 -14.93 -0.59
CA HIS B 6 -17.55 -14.47 -1.88
C HIS B 6 -17.38 -12.95 -1.89
N THR B 7 -17.21 -12.37 -0.70
CA THR B 7 -17.02 -10.93 -0.56
C THR B 7 -15.82 -10.45 -1.38
N ALA B 8 -14.65 -10.54 -0.77
CA ALA B 8 -13.41 -10.12 -1.41
C ALA B 8 -13.29 -10.66 -2.82
N ASP B 9 -12.27 -10.23 -3.55
CA ASP B 9 -12.05 -10.67 -4.92
C ASP B 9 -10.57 -10.94 -5.20
N PRO B 10 -10.27 -11.93 -6.05
CA PRO B 10 -8.89 -12.28 -6.41
C PRO B 10 -8.17 -11.13 -7.12
N GLU B 11 -8.95 -10.25 -7.74
CA GLU B 11 -8.38 -9.09 -8.41
C GLU B 11 -7.65 -8.21 -7.40
N LYS B 12 -7.85 -8.50 -6.11
CA LYS B 12 -7.22 -7.76 -5.04
C LYS B 12 -5.71 -7.83 -5.18
N ARG B 13 -5.21 -8.99 -5.61
CA ARG B 13 -3.77 -9.15 -5.80
C ARG B 13 -3.31 -8.17 -6.86
N LYS B 14 -4.11 -8.01 -7.90
CA LYS B 14 -3.80 -7.07 -8.97
C LYS B 14 -3.97 -5.66 -8.44
N LEU B 15 -5.08 -5.45 -7.75
CA LEU B 15 -5.37 -4.17 -7.15
C LEU B 15 -4.37 -3.88 -6.04
N ILE B 16 -3.74 -4.94 -5.52
CA ILE B 16 -2.74 -4.80 -4.49
C ILE B 16 -1.57 -4.02 -5.05
N GLN B 17 -1.15 -4.42 -6.25
CA GLN B 17 -0.05 -3.75 -6.92
C GLN B 17 -0.38 -2.27 -7.11
N GLN B 18 -1.54 -1.99 -7.71
CA GLN B 18 -1.96 -0.61 -7.93
C GLN B 18 -2.21 0.08 -6.59
N GLN B 19 -2.80 -0.67 -5.67
CA GLN B 19 -3.10 -0.15 -4.35
C GLN B 19 -1.81 0.21 -3.64
N LEU B 20 -0.87 -0.73 -3.62
CA LEU B 20 0.41 -0.48 -3.00
C LEU B 20 0.95 0.86 -3.46
N VAL B 21 0.71 1.18 -4.73
CA VAL B 21 1.18 2.44 -5.28
C VAL B 21 0.48 3.62 -4.60
N LEU B 22 -0.81 3.43 -4.31
CA LEU B 22 -1.57 4.46 -3.62
C LEU B 22 -1.18 4.51 -2.15
N LEU B 23 -0.77 3.36 -1.63
CA LEU B 23 -0.32 3.26 -0.25
C LEU B 23 1.15 3.61 -0.17
N LEU B 24 1.85 3.40 -1.28
CA LEU B 24 3.28 3.70 -1.38
C LEU B 24 3.46 5.20 -1.49
N HIS B 25 2.74 5.80 -2.44
CA HIS B 25 2.79 7.24 -2.63
C HIS B 25 2.25 7.93 -1.39
N ALA B 26 1.03 7.55 -1.01
CA ALA B 26 0.39 8.10 0.18
C ALA B 26 1.34 8.03 1.36
N HIS B 27 2.18 7.00 1.39
CA HIS B 27 3.14 6.84 2.47
C HIS B 27 4.11 8.01 2.50
N LYS B 28 4.98 8.09 1.50
CA LYS B 28 5.93 9.18 1.42
C LYS B 28 5.19 10.51 1.31
N CYS B 29 3.95 10.44 0.83
CA CYS B 29 3.12 11.62 0.69
C CYS B 29 2.70 12.12 2.07
N GLN B 30 2.56 11.19 3.00
CA GLN B 30 2.17 11.53 4.36
C GLN B 30 3.39 11.77 5.25
N ARG B 31 4.53 11.21 4.85
CA ARG B 31 5.77 11.36 5.61
C ARG B 31 6.54 12.60 5.18
N ARG B 32 6.25 13.09 3.97
CA ARG B 32 6.92 14.27 3.44
C ARG B 32 6.52 15.52 4.20
N GLU B 33 5.45 15.41 4.96
CA GLU B 33 4.94 16.53 5.74
C GLU B 33 5.39 16.41 7.20
N GLN B 34 5.57 15.19 7.67
CA GLN B 34 6.00 14.95 9.03
C GLN B 34 7.52 14.89 9.16
N ALA B 35 8.22 15.18 8.05
CA ALA B 35 9.68 15.15 8.06
C ALA B 35 10.28 16.54 7.87
N ASN B 36 9.41 17.51 7.67
CA ASN B 36 9.83 18.89 7.49
C ASN B 36 9.09 19.83 8.43
N GLY B 37 8.22 19.26 9.26
CA GLY B 37 7.46 20.05 10.21
C GLY B 37 6.22 20.67 9.61
N GLU B 38 6.22 20.87 8.29
CA GLU B 38 5.08 21.46 7.60
C GLU B 38 4.46 20.47 6.62
N VAL B 39 3.25 20.78 6.16
CA VAL B 39 2.55 19.92 5.22
C VAL B 39 2.54 20.53 3.81
N ARG B 40 2.38 19.67 2.80
CA ARG B 40 2.36 20.13 1.42
C ARG B 40 1.12 19.62 0.70
N GLN B 41 0.70 20.35 -0.33
CA GLN B 41 -0.48 19.98 -1.11
C GLN B 41 -0.21 18.70 -1.91
N CYS B 42 -1.12 17.73 -1.78
CA CYS B 42 -0.99 16.46 -2.48
C CYS B 42 -1.70 16.53 -3.83
N ASN B 43 -0.92 16.52 -4.90
CA ASN B 43 -1.46 16.57 -6.26
C ASN B 43 -2.43 15.42 -6.49
N LEU B 44 -2.02 14.22 -6.11
CA LEU B 44 -2.85 13.03 -6.27
C LEU B 44 -4.14 13.15 -5.45
N PRO B 45 -5.30 13.29 -6.12
CA PRO B 45 -6.59 13.42 -5.43
C PRO B 45 -7.05 12.10 -4.81
N HIS B 46 -6.35 11.01 -5.13
CA HIS B 46 -6.70 9.70 -4.59
C HIS B 46 -5.91 9.37 -3.33
N CYS B 47 -4.74 10.00 -3.17
CA CYS B 47 -3.90 9.77 -2.01
C CYS B 47 -4.63 10.13 -0.71
N ARG B 48 -5.69 10.92 -0.83
CA ARG B 48 -6.46 11.34 0.33
C ARG B 48 -6.95 10.12 1.13
N THR B 49 -7.38 9.08 0.41
CA THR B 49 -7.87 7.86 1.04
C THR B 49 -6.81 7.27 1.96
N MET B 50 -5.70 6.83 1.36
CA MET B 50 -4.61 6.24 2.13
C MET B 50 -4.18 7.19 3.25
N LYS B 51 -4.32 8.49 3.01
CA LYS B 51 -3.97 9.49 4.00
C LYS B 51 -4.73 9.25 5.30
N ASN B 52 -6.02 8.99 5.17
CA ASN B 52 -6.88 8.72 6.32
C ASN B 52 -6.58 7.34 6.88
N VAL B 53 -6.00 6.47 6.06
CA VAL B 53 -5.66 5.12 6.49
C VAL B 53 -4.34 5.13 7.26
N LEU B 54 -3.29 5.65 6.64
CA LEU B 54 -1.99 5.72 7.28
C LEU B 54 -2.13 6.46 8.62
N ASN B 55 -3.04 7.41 8.65
CA ASN B 55 -3.29 8.18 9.87
C ASN B 55 -4.03 7.30 10.88
N HIS B 56 -4.95 6.49 10.37
CA HIS B 56 -5.71 5.58 11.18
C HIS B 56 -4.80 4.45 11.67
N MET B 57 -3.85 4.07 10.83
CA MET B 57 -2.90 3.02 11.19
C MET B 57 -2.15 3.42 12.46
N THR B 58 -2.11 4.73 12.72
CA THR B 58 -1.46 5.27 13.89
C THR B 58 -2.36 5.05 15.10
N HIS B 59 -3.66 5.03 14.83
CA HIS B 59 -4.67 4.80 15.87
C HIS B 59 -5.04 3.33 15.87
N CYS B 60 -4.52 2.63 14.86
CA CYS B 60 -4.76 1.22 14.68
C CYS B 60 -3.79 0.40 15.54
N GLN B 61 -4.32 -0.22 16.59
CA GLN B 61 -3.51 -1.00 17.53
C GLN B 61 -3.62 -2.50 17.30
N SER B 62 -4.40 -2.90 16.30
CA SER B 62 -4.57 -4.30 15.99
C SER B 62 -3.90 -4.60 14.67
N GLY B 63 -3.85 -3.57 13.83
CA GLY B 63 -3.23 -3.68 12.54
C GLY B 63 -3.78 -4.83 11.72
N LYS B 64 -3.24 -6.00 11.97
CA LYS B 64 -3.67 -7.21 11.28
C LYS B 64 -4.98 -7.74 11.85
N SER B 65 -5.47 -7.10 12.91
CA SER B 65 -6.73 -7.50 13.54
C SER B 65 -7.77 -6.40 13.41
N CYS B 66 -7.34 -5.26 12.85
CA CYS B 66 -8.21 -4.12 12.65
C CYS B 66 -8.80 -4.18 11.25
N GLN B 67 -10.11 -4.33 11.18
CA GLN B 67 -10.79 -4.41 9.90
C GLN B 67 -11.41 -3.06 9.55
N VAL B 68 -10.81 -1.99 10.07
CA VAL B 68 -11.29 -0.65 9.79
C VAL B 68 -11.01 -0.29 8.36
N ALA B 69 -12.06 0.06 7.63
CA ALA B 69 -11.94 0.40 6.22
C ALA B 69 -10.90 -0.48 5.53
N HIS B 70 -9.73 0.09 5.23
CA HIS B 70 -8.65 -0.65 4.59
C HIS B 70 -7.55 -1.05 5.57
N CYS B 71 -7.63 -0.55 6.81
CA CYS B 71 -6.62 -0.83 7.84
C CYS B 71 -6.05 -2.24 7.71
N ALA B 72 -6.88 -3.25 7.94
CA ALA B 72 -6.44 -4.64 7.85
C ALA B 72 -5.75 -4.91 6.52
N SER B 73 -6.27 -4.32 5.45
CA SER B 73 -5.70 -4.49 4.12
C SER B 73 -4.37 -3.75 4.01
N SER B 74 -4.37 -2.48 4.44
CA SER B 74 -3.16 -1.68 4.40
C SER B 74 -2.05 -2.37 5.18
N ARG B 75 -2.43 -3.10 6.22
CA ARG B 75 -1.48 -3.82 7.05
C ARG B 75 -1.07 -5.12 6.36
N GLN B 76 -2.08 -5.83 5.84
CA GLN B 76 -1.84 -7.09 5.15
C GLN B 76 -1.05 -6.85 3.86
N ILE B 77 -1.44 -5.80 3.13
CA ILE B 77 -0.78 -5.44 1.90
C ILE B 77 0.68 -5.03 2.16
N ILE B 78 0.86 -3.90 2.83
CA ILE B 78 2.20 -3.42 3.17
C ILE B 78 3.03 -4.53 3.82
N SER B 79 2.35 -5.44 4.51
CA SER B 79 3.02 -6.56 5.16
C SER B 79 3.77 -7.39 4.14
N HIS B 80 3.08 -7.80 3.08
CA HIS B 80 3.69 -8.57 2.01
C HIS B 80 4.92 -7.85 1.49
N TRP B 81 4.69 -6.62 1.07
CA TRP B 81 5.74 -5.78 0.52
C TRP B 81 6.94 -5.71 1.47
N LYS B 82 6.70 -5.94 2.75
CA LYS B 82 7.75 -5.90 3.75
C LYS B 82 8.53 -7.21 3.80
N ASN B 83 7.78 -8.32 3.85
CA ASN B 83 8.40 -9.64 3.90
C ASN B 83 8.89 -10.09 2.53
N CYS B 84 8.34 -9.50 1.47
CA CYS B 84 8.72 -9.85 0.11
C CYS B 84 10.23 -9.75 -0.08
N THR B 85 10.83 -10.86 -0.52
CA THR B 85 12.27 -10.90 -0.75
C THR B 85 12.61 -10.49 -2.18
N ARG B 86 13.85 -10.07 -2.39
CA ARG B 86 14.30 -9.66 -3.71
C ARG B 86 14.50 -10.87 -4.62
N HIS B 87 13.41 -11.57 -4.91
CA HIS B 87 13.47 -12.74 -5.77
C HIS B 87 12.08 -13.34 -5.98
N ASP B 88 11.67 -13.41 -7.24
CA ASP B 88 10.35 -13.95 -7.59
C ASP B 88 9.24 -13.09 -7.00
N CYS B 89 9.47 -11.78 -6.94
CA CYS B 89 8.49 -10.85 -6.40
C CYS B 89 8.05 -9.86 -7.46
N PRO B 90 6.90 -10.10 -8.11
CA PRO B 90 6.38 -9.22 -9.16
C PRO B 90 5.72 -7.95 -8.60
N VAL B 91 5.78 -7.77 -7.29
CA VAL B 91 5.18 -6.61 -6.66
C VAL B 91 6.21 -5.51 -6.37
N CYS B 92 7.05 -5.74 -5.37
CA CYS B 92 8.08 -4.78 -4.96
C CYS B 92 9.20 -4.65 -5.98
N LEU B 93 9.83 -5.77 -6.34
CA LEU B 93 10.93 -5.78 -7.30
C LEU B 93 10.61 -4.91 -8.53
N PRO B 94 9.63 -5.32 -9.35
CA PRO B 94 9.26 -4.57 -10.55
C PRO B 94 8.95 -3.11 -10.24
N LEU B 95 8.15 -2.89 -9.20
CA LEU B 95 7.79 -1.53 -8.81
C LEU B 95 9.04 -0.70 -8.56
N LYS B 96 10.17 -1.38 -8.28
CA LYS B 96 11.44 -0.72 -8.04
C LYS B 96 12.20 -0.52 -9.33
N ASN B 97 11.88 -1.35 -10.31
CA ASN B 97 12.53 -1.29 -11.62
C ASN B 97 11.69 -0.51 -12.62
N ALA B 98 10.42 -0.29 -12.30
CA ALA B 98 9.52 0.45 -13.18
C ALA B 98 9.35 -0.26 -14.51
N GLY B 99 9.64 -1.55 -14.54
CA GLY B 99 9.51 -2.32 -15.76
C GLY B 99 10.59 -1.99 -16.78
N ASP B 100 11.76 -2.61 -16.63
CA ASP B 100 12.87 -2.38 -17.54
C ASP B 100 13.27 -0.91 -17.55
N LYS B 101 14.41 -0.59 -16.94
CA LYS B 101 14.89 0.78 -16.89
C LYS B 101 15.20 1.31 -18.29
N GLY A 1 9.70 7.25 20.36
CA GLY A 1 10.09 8.16 21.47
C GLY A 1 10.40 9.56 20.99
N SER A 2 9.66 10.01 19.98
CA SER A 2 9.87 11.35 19.43
C SER A 2 11.29 11.50 18.88
N GLY A 3 11.49 12.52 18.06
CA GLY A 3 12.80 12.76 17.49
C GLY A 3 12.88 12.36 16.03
N SER A 4 12.65 13.32 15.14
CA SER A 4 12.70 13.07 13.70
C SER A 4 11.79 11.90 13.31
N GLY A 5 12.32 10.68 13.39
CA GLY A 5 11.54 9.52 13.04
C GLY A 5 12.27 8.21 13.31
N SER A 6 12.09 7.24 12.43
CA SER A 6 12.75 5.94 12.59
C SER A 6 12.72 5.16 11.27
N GLY A 7 13.81 4.44 11.00
CA GLY A 7 13.88 3.65 9.78
C GLY A 7 14.44 2.27 10.03
N SER A 8 13.57 1.27 9.94
CA SER A 8 13.97 -0.11 10.16
C SER A 8 13.54 -1.00 8.99
N ASN A 9 13.84 -0.55 7.78
CA ASN A 9 13.47 -1.29 6.57
C ASN A 9 11.97 -1.53 6.51
N VAL A 10 11.23 -0.47 6.19
CA VAL A 10 9.79 -0.54 6.08
C VAL A 10 9.37 -1.14 4.74
N ILE A 11 9.11 -0.27 3.78
CA ILE A 11 8.70 -0.68 2.45
C ILE A 11 9.88 -0.56 1.48
N ASP A 12 9.73 -1.17 0.33
CA ASP A 12 10.77 -1.16 -0.70
C ASP A 12 10.51 -0.09 -1.74
N THR A 13 10.27 1.11 -1.27
CA THR A 13 10.02 2.25 -2.14
C THR A 13 10.65 3.52 -1.59
N ASP A 14 11.53 3.37 -0.60
CA ASP A 14 12.21 4.52 -0.01
C ASP A 14 13.33 5.02 -0.93
N PHE A 15 13.59 4.25 -1.97
CA PHE A 15 14.62 4.56 -2.95
C PHE A 15 13.97 5.13 -4.22
N ILE A 16 12.72 4.74 -4.43
CA ILE A 16 11.95 5.17 -5.57
C ILE A 16 11.58 6.65 -5.47
N ASP A 17 11.35 7.26 -6.60
CA ASP A 17 10.96 8.67 -6.65
C ASP A 17 9.45 8.81 -6.72
N GLU A 18 8.94 9.72 -5.91
CA GLU A 18 7.49 9.98 -5.86
C GLU A 18 6.95 10.35 -7.24
N GLU A 19 7.83 10.74 -8.15
CA GLU A 19 7.42 11.11 -9.50
C GLU A 19 7.34 9.88 -10.40
N VAL A 20 8.23 8.92 -10.15
CA VAL A 20 8.27 7.69 -10.90
C VAL A 20 6.93 6.95 -10.81
N LEU A 21 6.52 6.63 -9.58
CA LEU A 21 5.26 5.94 -9.37
C LEU A 21 4.10 6.82 -9.82
N MET A 22 4.31 8.14 -9.80
CA MET A 22 3.28 9.08 -10.22
C MET A 22 2.99 8.91 -11.70
N SER A 23 4.06 8.89 -12.52
CA SER A 23 3.90 8.72 -13.95
C SER A 23 3.16 7.43 -14.26
N LEU A 24 3.46 6.39 -13.47
CA LEU A 24 2.81 5.09 -13.64
C LEU A 24 1.35 5.17 -13.20
N VAL A 25 1.07 6.06 -12.25
CA VAL A 25 -0.27 6.23 -11.75
C VAL A 25 -1.19 6.81 -12.83
N ILE A 26 -0.75 7.89 -13.45
CA ILE A 26 -1.54 8.52 -14.51
C ILE A 26 -1.73 7.55 -15.67
N GLU A 27 -0.71 6.76 -15.93
CA GLU A 27 -0.75 5.79 -17.01
C GLU A 27 -1.73 4.67 -16.71
N MET A 28 -1.85 4.30 -15.44
CA MET A 28 -2.76 3.23 -15.03
C MET A 28 -4.16 3.78 -14.78
N GLY A 29 -4.22 4.95 -14.15
CA GLY A 29 -5.49 5.56 -13.84
C GLY A 29 -5.74 5.58 -12.35
N LEU A 30 -4.68 5.86 -11.61
CA LEU A 30 -4.74 5.90 -10.15
C LEU A 30 -4.91 7.32 -9.62
N ASP A 31 -5.22 8.25 -10.51
CA ASP A 31 -5.42 9.65 -10.11
C ASP A 31 -6.88 10.08 -10.28
N ARG A 32 -7.77 9.10 -10.42
CA ARG A 32 -9.19 9.38 -10.59
C ARG A 32 -10.00 8.09 -10.67
N ILE A 33 -10.05 7.36 -9.56
CA ILE A 33 -10.79 6.10 -9.51
C ILE A 33 -12.26 6.33 -9.17
N LYS A 34 -13.15 5.86 -10.04
CA LYS A 34 -14.58 6.02 -9.82
C LYS A 34 -15.03 5.25 -8.59
N GLU A 35 -14.56 4.01 -8.46
CA GLU A 35 -14.92 3.17 -7.32
C GLU A 35 -13.72 2.38 -6.83
N LEU A 36 -13.37 2.57 -5.56
CA LEU A 36 -12.24 1.86 -4.97
C LEU A 36 -12.63 0.45 -4.54
N PRO A 37 -12.09 -0.58 -5.21
CA PRO A 37 -12.41 -1.98 -4.89
C PRO A 37 -11.82 -2.42 -3.56
N GLU A 38 -12.30 -3.56 -3.05
CA GLU A 38 -11.82 -4.09 -1.78
C GLU A 38 -10.54 -4.89 -1.97
N LEU A 39 -9.64 -4.80 -1.00
CA LEU A 39 -8.37 -5.53 -1.07
C LEU A 39 -8.24 -6.49 0.10
N TRP A 40 -8.56 -7.76 -0.13
CA TRP A 40 -8.46 -8.78 0.90
C TRP A 40 -7.75 -10.02 0.38
N LEU A 41 -7.21 -10.81 1.30
CA LEU A 41 -6.51 -12.04 0.95
C LEU A 41 -7.49 -13.08 0.41
N GLY A 42 -8.00 -12.83 -0.79
CA GLY A 42 -8.95 -13.75 -1.40
C GLY A 42 -8.32 -15.08 -1.77
N GLN A 43 -8.07 -15.26 -3.07
CA GLN A 43 -7.48 -16.50 -3.57
C GLN A 43 -6.23 -16.87 -2.78
N ASN A 44 -5.76 -18.09 -2.99
CA ASN A 44 -4.57 -18.59 -2.29
C ASN A 44 -3.32 -18.45 -3.16
N GLU A 45 -3.44 -17.71 -4.27
CA GLU A 45 -2.31 -17.52 -5.17
C GLU A 45 -1.39 -16.41 -4.66
N PHE A 46 -1.78 -15.78 -3.55
CA PHE A 46 -0.99 -14.72 -2.96
C PHE A 46 -0.84 -14.93 -1.46
N ASP A 47 -0.90 -16.19 -1.05
CA ASP A 47 -0.78 -16.56 0.35
C ASP A 47 0.57 -16.10 0.95
N PHE A 48 1.46 -15.62 0.09
CA PHE A 48 2.76 -15.15 0.55
C PHE A 48 2.63 -13.93 1.48
N MET A 49 1.42 -13.40 1.60
CA MET A 49 1.17 -12.25 2.45
C MET A 49 1.04 -12.65 3.93
N THR A 50 1.33 -13.91 4.23
CA THR A 50 1.25 -14.40 5.60
C THR A 50 2.60 -14.94 6.07
N ASP A 51 3.15 -15.88 5.31
CA ASP A 51 4.44 -16.47 5.63
C ASP A 51 4.40 -17.23 6.96
N PHE A 52 3.20 -17.44 7.45
CA PHE A 52 2.99 -18.15 8.70
C PHE A 52 2.26 -19.47 8.47
N MET B 1 -28.16 -14.79 -9.66
CA MET B 1 -26.94 -14.79 -10.52
C MET B 1 -26.10 -13.54 -10.27
N GLY B 2 -25.20 -13.63 -9.28
CA GLY B 2 -24.35 -12.50 -8.96
C GLY B 2 -24.80 -11.78 -7.70
N SER B 3 -24.39 -10.52 -7.57
CA SER B 3 -24.75 -9.72 -6.41
C SER B 3 -24.22 -10.35 -5.12
N GLY B 4 -23.01 -10.90 -5.20
CA GLY B 4 -22.40 -11.53 -4.04
C GLY B 4 -20.91 -11.34 -3.99
N ALA B 5 -20.20 -12.29 -3.40
CA ALA B 5 -18.75 -12.22 -3.29
C ALA B 5 -18.33 -10.99 -2.50
N HIS B 6 -19.16 -10.58 -1.55
CA HIS B 6 -18.87 -9.42 -0.72
C HIS B 6 -17.58 -9.63 0.08
N THR B 7 -17.21 -10.89 0.28
CA THR B 7 -16.01 -11.21 1.03
C THR B 7 -14.78 -10.55 0.41
N ALA B 8 -14.44 -11.00 -0.77
CA ALA B 8 -13.29 -10.49 -1.49
C ALA B 8 -13.18 -11.11 -2.88
N ASP B 9 -12.36 -10.51 -3.74
CA ASP B 9 -12.17 -11.02 -5.10
C ASP B 9 -10.69 -11.20 -5.42
N PRO B 10 -10.34 -12.26 -6.17
CA PRO B 10 -8.94 -12.54 -6.55
C PRO B 10 -8.26 -11.34 -7.17
N GLU B 11 -9.05 -10.42 -7.72
CA GLU B 11 -8.49 -9.21 -8.31
C GLU B 11 -7.71 -8.42 -7.27
N LYS B 12 -7.87 -8.81 -6.00
CA LYS B 12 -7.18 -8.18 -4.89
C LYS B 12 -5.69 -8.18 -5.12
N ARG B 13 -5.15 -9.34 -5.52
CA ARG B 13 -3.72 -9.43 -5.78
C ARG B 13 -3.32 -8.41 -6.84
N LYS B 14 -4.20 -8.24 -7.83
CA LYS B 14 -3.96 -7.27 -8.89
C LYS B 14 -4.12 -5.86 -8.33
N LEU B 15 -5.17 -5.66 -7.57
CA LEU B 15 -5.44 -4.38 -6.95
C LEU B 15 -4.36 -4.09 -5.90
N ILE B 16 -3.75 -5.14 -5.39
CA ILE B 16 -2.69 -5.00 -4.40
C ILE B 16 -1.53 -4.24 -5.02
N GLN B 17 -1.11 -4.69 -6.20
CA GLN B 17 -0.02 -4.04 -6.90
C GLN B 17 -0.36 -2.56 -7.14
N GLN B 18 -1.53 -2.30 -7.69
CA GLN B 18 -1.97 -0.93 -7.95
C GLN B 18 -2.16 -0.19 -6.63
N GLN B 19 -2.80 -0.84 -5.69
CA GLN B 19 -3.04 -0.24 -4.38
C GLN B 19 -1.72 0.10 -3.71
N LEU B 20 -0.81 -0.86 -3.67
CA LEU B 20 0.48 -0.62 -3.09
C LEU B 20 1.07 0.67 -3.63
N VAL B 21 0.81 0.93 -4.91
CA VAL B 21 1.33 2.15 -5.52
C VAL B 21 0.65 3.37 -4.95
N LEU B 22 -0.62 3.24 -4.58
CA LEU B 22 -1.35 4.35 -3.98
C LEU B 22 -1.01 4.46 -2.51
N LEU B 23 -0.65 3.33 -1.91
CA LEU B 23 -0.27 3.30 -0.51
C LEU B 23 1.21 3.64 -0.40
N LEU B 24 1.95 3.24 -1.44
CA LEU B 24 3.38 3.50 -1.52
C LEU B 24 3.62 4.99 -1.62
N HIS B 25 2.81 5.62 -2.45
CA HIS B 25 2.87 7.05 -2.66
C HIS B 25 2.45 7.76 -1.39
N ALA B 26 1.36 7.29 -0.80
CA ALA B 26 0.85 7.86 0.44
C ALA B 26 1.95 7.94 1.49
N HIS B 27 2.89 6.98 1.45
CA HIS B 27 4.00 7.00 2.37
C HIS B 27 4.89 8.18 2.08
N LYS B 28 5.31 8.23 0.83
CA LYS B 28 6.18 9.27 0.32
C LYS B 28 5.43 10.61 0.27
N CYS B 29 4.10 10.53 0.37
CA CYS B 29 3.27 11.73 0.35
C CYS B 29 3.00 12.22 1.79
N GLN B 30 3.06 11.29 2.75
CA GLN B 30 2.82 11.64 4.14
C GLN B 30 4.14 11.88 4.88
N ARG B 31 5.19 11.18 4.44
CA ARG B 31 6.50 11.32 5.07
C ARG B 31 7.20 12.61 4.64
N ARG B 32 6.68 13.23 3.58
CA ARG B 32 7.27 14.47 3.06
C ARG B 32 6.76 15.68 3.84
N GLU B 33 5.70 15.48 4.59
CA GLU B 33 5.10 16.54 5.39
C GLU B 33 5.50 16.43 6.85
N GLN B 34 5.59 15.20 7.34
CA GLN B 34 5.96 14.95 8.73
C GLN B 34 7.47 15.06 8.93
N ALA B 35 8.24 14.93 7.85
CA ALA B 35 9.69 15.01 7.93
C ALA B 35 10.19 16.44 7.76
N ASN B 36 9.27 17.35 7.57
CA ASN B 36 9.60 18.76 7.41
C ASN B 36 8.82 19.64 8.38
N GLY B 37 7.98 19.00 9.19
CA GLY B 37 7.19 19.72 10.17
C GLY B 37 5.94 20.37 9.57
N GLU B 38 5.97 20.63 8.27
CA GLU B 38 4.83 21.25 7.59
C GLU B 38 4.25 20.31 6.54
N VAL B 39 3.04 20.62 6.08
CA VAL B 39 2.39 19.80 5.07
C VAL B 39 2.25 20.57 3.75
N ARG B 40 2.15 19.82 2.66
CA ARG B 40 2.02 20.42 1.33
C ARG B 40 0.83 19.81 0.58
N GLN B 41 0.06 20.68 -0.06
CA GLN B 41 -1.11 20.24 -0.82
C GLN B 41 -0.69 19.39 -2.03
N CYS B 42 -1.23 18.18 -2.10
CA CYS B 42 -0.92 17.28 -3.19
C CYS B 42 -2.05 17.22 -4.21
N ASN B 43 -1.69 17.19 -5.49
CA ASN B 43 -2.69 17.15 -6.56
C ASN B 43 -3.54 15.88 -6.45
N LEU B 44 -2.90 14.73 -6.58
CA LEU B 44 -3.60 13.44 -6.50
C LEU B 44 -4.52 13.41 -5.28
N PRO B 45 -5.84 13.61 -5.50
CA PRO B 45 -6.83 13.61 -4.42
C PRO B 45 -7.02 12.22 -3.79
N HIS B 46 -6.52 11.19 -4.46
CA HIS B 46 -6.64 9.83 -3.97
C HIS B 46 -5.84 9.63 -2.68
N CYS B 47 -4.78 10.42 -2.53
CA CYS B 47 -3.94 10.33 -1.33
C CYS B 47 -4.77 10.47 -0.06
N ARG B 48 -5.83 11.25 -0.14
CA ARG B 48 -6.71 11.47 1.00
C ARG B 48 -7.20 10.15 1.58
N THR B 49 -7.59 9.23 0.71
CA THR B 49 -8.06 7.91 1.15
C THR B 49 -6.97 7.18 1.91
N MET B 50 -5.86 6.92 1.23
CA MET B 50 -4.73 6.22 1.84
C MET B 50 -4.25 6.96 3.08
N LYS B 51 -4.04 8.27 2.94
CA LYS B 51 -3.59 9.10 4.06
C LYS B 51 -4.43 8.84 5.31
N ASN B 52 -5.71 8.58 5.11
CA ASN B 52 -6.63 8.32 6.21
C ASN B 52 -6.41 6.90 6.75
N VAL B 53 -5.99 6.01 5.86
CA VAL B 53 -5.74 4.62 6.23
C VAL B 53 -4.35 4.47 6.83
N LEU B 54 -3.34 4.91 6.07
CA LEU B 54 -1.96 4.84 6.52
C LEU B 54 -1.81 5.57 7.85
N ASN B 55 -2.62 6.61 8.05
CA ASN B 55 -2.60 7.38 9.28
C ASN B 55 -3.38 6.65 10.36
N HIS B 56 -4.46 5.99 9.94
CA HIS B 56 -5.30 5.22 10.84
C HIS B 56 -4.52 4.01 11.34
N MET B 57 -3.74 3.42 10.45
CA MET B 57 -2.92 2.25 10.81
C MET B 57 -1.99 2.61 11.96
N THR B 58 -1.72 3.91 12.10
CA THR B 58 -0.86 4.41 13.16
C THR B 58 -1.66 4.47 14.46
N HIS B 59 -2.95 4.70 14.32
CA HIS B 59 -3.85 4.74 15.46
C HIS B 59 -4.51 3.38 15.64
N CYS B 60 -4.22 2.51 14.68
CA CYS B 60 -4.74 1.15 14.66
C CYS B 60 -3.90 0.24 15.57
N GLN B 61 -4.49 -0.15 16.70
CA GLN B 61 -3.81 -0.98 17.68
C GLN B 61 -4.03 -2.47 17.47
N SER B 62 -4.73 -2.82 16.41
CA SER B 62 -5.00 -4.21 16.10
C SER B 62 -4.21 -4.61 14.88
N GLY B 63 -3.90 -3.60 14.07
CA GLY B 63 -3.14 -3.81 12.87
C GLY B 63 -3.71 -4.90 11.99
N LYS B 64 -3.36 -6.12 12.30
CA LYS B 64 -3.83 -7.28 11.54
C LYS B 64 -5.14 -7.82 12.11
N SER B 65 -5.67 -7.14 13.13
CA SER B 65 -6.92 -7.54 13.75
C SER B 65 -7.99 -6.47 13.54
N CYS B 66 -7.62 -5.38 12.89
CA CYS B 66 -8.54 -4.30 12.61
C CYS B 66 -9.08 -4.44 11.21
N GLN B 67 -10.38 -4.35 11.09
CA GLN B 67 -11.03 -4.46 9.80
C GLN B 67 -11.61 -3.11 9.40
N VAL B 68 -11.04 -2.04 9.95
CA VAL B 68 -11.48 -0.69 9.64
C VAL B 68 -11.21 -0.39 8.18
N ALA B 69 -12.26 -0.04 7.46
CA ALA B 69 -12.16 0.25 6.04
C ALA B 69 -11.08 -0.62 5.37
N HIS B 70 -9.93 -0.02 5.08
CA HIS B 70 -8.82 -0.74 4.45
C HIS B 70 -7.71 -1.10 5.43
N CYS B 71 -7.83 -0.65 6.69
CA CYS B 71 -6.82 -0.90 7.72
C CYS B 71 -6.17 -2.28 7.57
N ALA B 72 -6.95 -3.33 7.79
CA ALA B 72 -6.45 -4.69 7.68
C ALA B 72 -5.75 -4.91 6.34
N SER B 73 -6.26 -4.24 5.31
CA SER B 73 -5.69 -4.35 3.98
C SER B 73 -4.36 -3.61 3.90
N SER B 74 -4.35 -2.35 4.32
CA SER B 74 -3.14 -1.56 4.30
C SER B 74 -2.06 -2.21 5.16
N ARG B 75 -2.50 -2.85 6.24
CA ARG B 75 -1.58 -3.53 7.14
C ARG B 75 -1.13 -4.85 6.54
N GLN B 76 -2.10 -5.64 6.08
CA GLN B 76 -1.79 -6.93 5.47
C GLN B 76 -1.01 -6.73 4.18
N ILE B 77 -1.43 -5.74 3.39
CA ILE B 77 -0.75 -5.44 2.13
C ILE B 77 0.70 -5.05 2.37
N ILE B 78 0.93 -3.85 2.90
CA ILE B 78 2.28 -3.37 3.18
C ILE B 78 3.10 -4.44 3.90
N SER B 79 2.43 -5.30 4.65
CA SER B 79 3.09 -6.38 5.38
C SER B 79 3.80 -7.30 4.37
N HIS B 80 3.03 -7.78 3.39
CA HIS B 80 3.58 -8.64 2.36
C HIS B 80 4.78 -7.95 1.72
N TRP B 81 4.52 -6.76 1.22
CA TRP B 81 5.53 -5.94 0.57
C TRP B 81 6.74 -5.73 1.47
N LYS B 82 6.55 -5.88 2.78
CA LYS B 82 7.63 -5.69 3.74
C LYS B 82 8.56 -6.90 3.78
N ASN B 83 8.00 -8.08 3.96
CA ASN B 83 8.79 -9.30 4.03
C ASN B 83 8.99 -9.93 2.65
N CYS B 84 7.93 -9.96 1.85
CA CYS B 84 7.98 -10.54 0.51
C CYS B 84 9.22 -10.07 -0.25
N THR B 85 10.04 -11.03 -0.69
CA THR B 85 11.25 -10.73 -1.43
C THR B 85 12.02 -12.00 -1.75
N ARG B 86 11.38 -12.92 -2.46
CA ARG B 86 12.01 -14.19 -2.82
C ARG B 86 12.23 -14.28 -4.32
N HIS B 87 12.58 -13.16 -4.94
CA HIS B 87 12.83 -13.12 -6.38
C HIS B 87 11.54 -13.28 -7.17
N ASP B 88 10.92 -14.46 -7.03
CA ASP B 88 9.67 -14.74 -7.74
C ASP B 88 8.60 -13.68 -7.43
N CYS B 89 8.77 -12.98 -6.33
CA CYS B 89 7.82 -11.93 -5.93
C CYS B 89 7.71 -10.86 -7.01
N PRO B 90 6.58 -10.79 -7.71
CA PRO B 90 6.36 -9.80 -8.77
C PRO B 90 5.77 -8.48 -8.25
N VAL B 91 5.73 -8.32 -6.93
CA VAL B 91 5.20 -7.12 -6.32
C VAL B 91 6.30 -6.12 -5.96
N CYS B 92 7.04 -6.43 -4.91
CA CYS B 92 8.12 -5.57 -4.42
C CYS B 92 9.29 -5.52 -5.41
N LEU B 93 9.80 -6.69 -5.79
CA LEU B 93 10.93 -6.76 -6.71
C LEU B 93 10.72 -5.86 -7.94
N PRO B 94 9.75 -6.18 -8.82
CA PRO B 94 9.48 -5.37 -10.01
C PRO B 94 9.36 -3.89 -9.69
N LEU B 95 8.53 -3.56 -8.70
CA LEU B 95 8.38 -2.16 -8.30
C LEU B 95 9.68 -1.60 -7.76
N LYS B 96 10.60 -2.51 -7.38
CA LYS B 96 11.89 -2.11 -6.84
C LYS B 96 12.92 -1.93 -7.96
N ASN B 97 12.56 -2.42 -9.13
CA ASN B 97 13.43 -2.32 -10.30
C ASN B 97 13.24 -1.00 -11.03
N ALA B 98 12.01 -0.75 -11.48
CA ALA B 98 11.70 0.48 -12.19
C ALA B 98 12.51 0.60 -13.47
N GLY B 99 11.89 0.19 -14.58
CA GLY B 99 12.57 0.25 -15.87
C GLY B 99 12.62 -1.09 -16.58
N ASP B 100 11.92 -2.09 -16.03
CA ASP B 100 11.89 -3.42 -16.62
C ASP B 100 13.29 -4.01 -16.72
N LYS B 101 14.11 -3.73 -15.71
CA LYS B 101 15.48 -4.24 -15.68
C LYS B 101 16.27 -3.72 -16.89
N GLY A 1 23.93 6.66 13.59
CA GLY A 1 24.52 5.38 13.13
C GLY A 1 23.73 4.74 12.01
N SER A 2 23.04 5.57 11.23
CA SER A 2 22.24 5.07 10.11
C SER A 2 21.63 6.24 9.33
N GLY A 3 20.85 7.07 10.03
CA GLY A 3 20.22 8.20 9.38
C GLY A 3 19.35 8.99 10.34
N SER A 4 19.60 10.29 10.44
CA SER A 4 18.84 11.16 11.32
C SER A 4 17.45 11.46 10.72
N GLY A 5 16.48 10.63 11.09
CA GLY A 5 15.13 10.82 10.59
C GLY A 5 14.19 9.70 10.99
N SER A 6 13.37 9.25 10.05
CA SER A 6 12.43 8.17 10.32
C SER A 6 12.78 6.91 9.53
N GLY A 7 12.03 5.84 9.75
CA GLY A 7 12.28 4.59 9.06
C GLY A 7 12.19 3.39 9.98
N SER A 8 11.12 2.62 9.80
CA SER A 8 10.91 1.42 10.62
C SER A 8 10.95 0.15 9.76
N ASN A 9 11.64 0.23 8.64
CA ASN A 9 11.76 -0.91 7.74
C ASN A 9 10.38 -1.48 7.38
N VAL A 10 9.46 -0.60 7.01
CA VAL A 10 8.11 -1.00 6.66
C VAL A 10 8.07 -1.56 5.24
N ILE A 11 7.82 -0.70 4.28
CA ILE A 11 7.76 -1.10 2.88
C ILE A 11 9.16 -1.11 2.25
N ASP A 12 9.23 -1.07 0.93
CA ASP A 12 10.50 -1.09 0.23
C ASP A 12 10.63 0.09 -0.72
N THR A 13 10.16 1.24 -0.27
CA THR A 13 10.21 2.47 -1.05
C THR A 13 11.54 3.20 -0.89
N ASP A 14 12.53 2.54 -0.32
CA ASP A 14 13.84 3.15 -0.11
C ASP A 14 14.60 3.31 -1.42
N PHE A 15 14.08 2.69 -2.47
CA PHE A 15 14.70 2.77 -3.79
C PHE A 15 13.70 3.25 -4.85
N ILE A 16 12.46 3.49 -4.44
CA ILE A 16 11.43 3.94 -5.36
C ILE A 16 11.66 5.38 -5.80
N ASP A 17 11.22 5.68 -7.01
CA ASP A 17 11.36 7.01 -7.57
C ASP A 17 10.03 7.75 -7.52
N GLU A 18 10.08 9.01 -7.09
CA GLU A 18 8.88 9.83 -6.99
C GLU A 18 8.25 10.07 -8.36
N GLU A 19 8.99 9.76 -9.43
CA GLU A 19 8.48 9.94 -10.79
C GLU A 19 7.73 8.70 -11.26
N VAL A 20 8.07 7.55 -10.68
CA VAL A 20 7.43 6.31 -11.03
C VAL A 20 5.99 6.29 -10.53
N LEU A 21 5.81 6.67 -9.26
CA LEU A 21 4.49 6.72 -8.66
C LEU A 21 3.55 7.55 -9.51
N MET A 22 3.93 8.80 -9.68
CA MET A 22 3.15 9.74 -10.47
C MET A 22 2.88 9.19 -11.87
N SER A 23 3.93 8.80 -12.57
CA SER A 23 3.81 8.26 -13.92
C SER A 23 2.84 7.07 -13.94
N LEU A 24 3.09 6.11 -13.07
CA LEU A 24 2.24 4.92 -12.99
C LEU A 24 0.82 5.28 -12.54
N VAL A 25 0.69 6.42 -11.87
CA VAL A 25 -0.61 6.87 -11.39
C VAL A 25 -1.44 7.43 -12.55
N ILE A 26 -0.85 8.33 -13.33
CA ILE A 26 -1.54 8.91 -14.47
C ILE A 26 -1.70 7.90 -15.59
N GLU A 27 -0.69 7.05 -15.72
CA GLU A 27 -0.69 6.03 -16.77
C GLU A 27 -1.85 5.05 -16.60
N MET A 28 -2.07 4.58 -15.37
CA MET A 28 -3.14 3.64 -15.11
C MET A 28 -4.45 4.36 -14.84
N GLY A 29 -4.37 5.46 -14.10
CA GLY A 29 -5.56 6.23 -13.77
C GLY A 29 -5.82 6.24 -12.28
N LEU A 30 -4.73 6.37 -11.52
CA LEU A 30 -4.79 6.37 -10.07
C LEU A 30 -5.08 7.77 -9.52
N ASP A 31 -4.90 8.78 -10.35
CA ASP A 31 -5.14 10.16 -9.94
C ASP A 31 -6.52 10.63 -10.36
N ARG A 32 -7.51 9.75 -10.20
CA ARG A 32 -8.89 10.09 -10.55
C ARG A 32 -9.82 8.92 -10.22
N ILE A 33 -9.60 8.30 -9.08
CA ILE A 33 -10.42 7.17 -8.65
C ILE A 33 -11.61 7.64 -7.82
N LYS A 34 -12.80 7.17 -8.18
CA LYS A 34 -14.02 7.54 -7.47
C LYS A 34 -14.38 6.48 -6.44
N GLU A 35 -14.36 5.22 -6.87
CA GLU A 35 -14.69 4.11 -5.98
C GLU A 35 -13.50 3.16 -5.86
N LEU A 36 -12.88 3.15 -4.68
CA LEU A 36 -11.71 2.30 -4.45
C LEU A 36 -12.14 0.87 -4.08
N PRO A 37 -11.91 -0.10 -4.96
CA PRO A 37 -12.27 -1.50 -4.72
C PRO A 37 -11.66 -2.03 -3.42
N GLU A 38 -12.16 -3.18 -2.96
CA GLU A 38 -11.67 -3.78 -1.72
C GLU A 38 -10.43 -4.64 -1.97
N LEU A 39 -9.50 -4.60 -1.02
CA LEU A 39 -8.27 -5.37 -1.13
C LEU A 39 -8.15 -6.36 0.03
N TRP A 40 -8.51 -7.61 -0.22
CA TRP A 40 -8.43 -8.65 0.81
C TRP A 40 -7.73 -9.90 0.30
N LEU A 41 -7.30 -10.74 1.23
CA LEU A 41 -6.60 -11.98 0.88
C LEU A 41 -7.59 -13.02 0.36
N GLY A 42 -8.25 -12.69 -0.75
CA GLY A 42 -9.21 -13.61 -1.34
C GLY A 42 -8.55 -14.81 -1.98
N GLN A 43 -7.80 -14.58 -3.05
CA GLN A 43 -7.12 -15.65 -3.76
C GLN A 43 -6.25 -16.46 -2.80
N ASN A 44 -5.86 -17.66 -3.26
CA ASN A 44 -5.02 -18.53 -2.44
C ASN A 44 -3.64 -18.74 -3.09
N GLU A 45 -3.33 -17.93 -4.11
CA GLU A 45 -2.05 -18.02 -4.79
C GLU A 45 -1.08 -16.95 -4.31
N PHE A 46 -1.55 -16.09 -3.42
CA PHE A 46 -0.73 -15.01 -2.88
C PHE A 46 -0.78 -15.01 -1.35
N ASP A 47 -1.07 -16.16 -0.79
CA ASP A 47 -1.17 -16.32 0.66
C ASP A 47 0.16 -15.95 1.35
N PHE A 48 1.21 -15.79 0.56
CA PHE A 48 2.53 -15.45 1.09
C PHE A 48 2.51 -14.07 1.76
N MET A 49 1.41 -13.34 1.60
CA MET A 49 1.29 -12.00 2.19
C MET A 49 0.98 -12.07 3.68
N THR A 50 1.00 -13.28 4.25
CA THR A 50 0.72 -13.46 5.66
C THR A 50 1.71 -14.45 6.29
N ASP A 51 1.43 -15.75 6.13
CA ASP A 51 2.30 -16.79 6.66
C ASP A 51 2.38 -16.72 8.18
N PHE A 52 1.50 -15.95 8.77
CA PHE A 52 1.45 -15.79 10.21
C PHE A 52 0.66 -16.92 10.87
N MET B 1 -17.04 -15.83 -12.97
CA MET B 1 -17.99 -14.75 -12.61
C MET B 1 -18.48 -14.88 -11.18
N GLY B 2 -18.09 -13.94 -10.33
CA GLY B 2 -18.50 -13.98 -8.94
C GLY B 2 -19.43 -12.85 -8.57
N SER B 3 -20.73 -13.11 -8.60
CA SER B 3 -21.73 -12.10 -8.27
C SER B 3 -21.73 -11.80 -6.78
N GLY B 4 -21.99 -10.55 -6.42
CA GLY B 4 -22.02 -10.16 -5.03
C GLY B 4 -20.65 -10.25 -4.38
N ALA B 5 -20.26 -11.46 -3.99
CA ALA B 5 -18.97 -11.69 -3.35
C ALA B 5 -18.82 -10.83 -2.10
N HIS B 6 -19.03 -11.45 -0.94
CA HIS B 6 -18.93 -10.74 0.33
C HIS B 6 -17.52 -10.90 0.91
N THR B 7 -16.94 -12.07 0.72
CA THR B 7 -15.59 -12.34 1.23
C THR B 7 -14.58 -11.38 0.64
N ALA B 8 -14.24 -11.60 -0.61
CA ALA B 8 -13.29 -10.78 -1.31
C ALA B 8 -13.17 -11.21 -2.77
N ASP B 9 -12.50 -10.38 -3.58
CA ASP B 9 -12.32 -10.69 -5.00
C ASP B 9 -10.84 -10.95 -5.33
N PRO B 10 -10.57 -11.85 -6.29
CA PRO B 10 -9.20 -12.17 -6.71
C PRO B 10 -8.48 -10.97 -7.28
N GLU B 11 -9.23 -9.94 -7.64
CA GLU B 11 -8.64 -8.71 -8.16
C GLU B 11 -7.72 -8.09 -7.10
N LYS B 12 -7.79 -8.61 -5.88
CA LYS B 12 -6.98 -8.12 -4.78
C LYS B 12 -5.51 -8.21 -5.12
N ARG B 13 -5.10 -9.31 -5.75
CA ARG B 13 -3.71 -9.48 -6.14
C ARG B 13 -3.33 -8.42 -7.16
N LYS B 14 -4.25 -8.17 -8.09
CA LYS B 14 -4.03 -7.17 -9.13
C LYS B 14 -4.13 -5.78 -8.51
N LEU B 15 -5.14 -5.59 -7.68
CA LEU B 15 -5.35 -4.33 -6.99
C LEU B 15 -4.26 -4.11 -5.96
N ILE B 16 -3.69 -5.21 -5.47
CA ILE B 16 -2.62 -5.13 -4.48
C ILE B 16 -1.43 -4.39 -5.08
N GLN B 17 -1.01 -4.82 -6.26
CA GLN B 17 0.10 -4.18 -6.95
C GLN B 17 -0.20 -2.69 -7.16
N GLN B 18 -1.35 -2.41 -7.76
CA GLN B 18 -1.75 -1.03 -8.01
C GLN B 18 -1.96 -0.30 -6.70
N GLN B 19 -2.63 -0.95 -5.76
CA GLN B 19 -2.89 -0.36 -4.46
C GLN B 19 -1.58 -0.03 -3.77
N LEU B 20 -0.67 -1.00 -3.72
CA LEU B 20 0.62 -0.77 -3.11
C LEU B 20 1.21 0.53 -3.63
N VAL B 21 0.98 0.82 -4.90
CA VAL B 21 1.50 2.04 -5.49
C VAL B 21 0.83 3.26 -4.88
N LEU B 22 -0.45 3.14 -4.58
CA LEU B 22 -1.19 4.23 -3.95
C LEU B 22 -0.85 4.29 -2.47
N LEU B 23 -0.48 3.14 -1.91
CA LEU B 23 -0.09 3.05 -0.51
C LEU B 23 1.39 3.37 -0.39
N LEU B 24 2.12 3.10 -1.47
CA LEU B 24 3.56 3.38 -1.52
C LEU B 24 3.76 4.88 -1.64
N HIS B 25 3.10 5.46 -2.65
CA HIS B 25 3.17 6.89 -2.87
C HIS B 25 2.62 7.62 -1.66
N ALA B 26 1.39 7.25 -1.28
CA ALA B 26 0.75 7.84 -0.12
C ALA B 26 1.67 7.77 1.09
N HIS B 27 2.53 6.75 1.12
CA HIS B 27 3.47 6.59 2.21
C HIS B 27 4.44 7.75 2.26
N LYS B 28 5.33 7.82 1.29
CA LYS B 28 6.29 8.91 1.22
C LYS B 28 5.58 10.23 0.99
N CYS B 29 4.33 10.15 0.52
CA CYS B 29 3.52 11.33 0.28
C CYS B 29 2.90 11.83 1.58
N GLN B 30 2.69 10.91 2.52
CA GLN B 30 2.09 11.25 3.80
C GLN B 30 3.17 11.62 4.82
N ARG B 31 4.34 11.00 4.69
CA ARG B 31 5.44 11.27 5.60
C ARG B 31 6.17 12.56 5.24
N ARG B 32 5.95 13.04 4.02
CA ARG B 32 6.58 14.27 3.56
C ARG B 32 5.89 15.50 4.13
N GLU B 33 4.70 15.29 4.66
CA GLU B 33 3.92 16.37 5.25
C GLU B 33 4.03 16.36 6.77
N GLN B 34 3.94 15.17 7.36
CA GLN B 34 4.03 15.03 8.81
C GLN B 34 5.47 15.07 9.29
N ALA B 35 6.42 15.16 8.35
CA ALA B 35 7.83 15.20 8.71
C ALA B 35 8.42 16.59 8.56
N ASN B 36 7.58 17.52 8.16
CA ASN B 36 8.00 18.92 7.98
C ASN B 36 7.09 19.87 8.74
N GLY B 37 6.11 19.30 9.45
CA GLY B 37 5.17 20.10 10.22
C GLY B 37 4.06 20.71 9.38
N GLU B 38 4.31 20.88 8.08
CA GLU B 38 3.32 21.44 7.18
C GLU B 38 2.91 20.44 6.11
N VAL B 39 1.81 20.72 5.43
CA VAL B 39 1.32 19.83 4.37
C VAL B 39 1.29 20.54 3.03
N ARG B 40 1.40 19.76 1.96
CA ARG B 40 1.39 20.30 0.60
C ARG B 40 0.37 19.58 -0.26
N GLN B 41 -0.16 20.29 -1.26
CA GLN B 41 -1.14 19.73 -2.16
C GLN B 41 -0.54 18.57 -2.97
N CYS B 42 -1.24 17.43 -2.98
CA CYS B 42 -0.77 16.26 -3.70
C CYS B 42 -1.37 16.22 -5.11
N ASN B 43 -0.56 15.80 -6.06
CA ASN B 43 -0.99 15.72 -7.46
C ASN B 43 -2.27 14.90 -7.58
N LEU B 44 -2.28 13.72 -6.98
CA LEU B 44 -3.44 12.84 -7.03
C LEU B 44 -4.29 13.00 -5.75
N PRO B 45 -5.59 13.28 -5.91
CA PRO B 45 -6.49 13.46 -4.76
C PRO B 45 -6.72 12.15 -4.00
N HIS B 46 -6.53 11.03 -4.68
CA HIS B 46 -6.71 9.73 -4.07
C HIS B 46 -5.75 9.52 -2.90
N CYS B 47 -4.61 10.22 -2.96
CA CYS B 47 -3.60 10.12 -1.90
C CYS B 47 -4.22 10.33 -0.52
N ARG B 48 -5.32 11.07 -0.48
CA ARG B 48 -6.01 11.35 0.77
C ARG B 48 -6.47 10.07 1.45
N THR B 49 -7.01 9.15 0.66
CA THR B 49 -7.49 7.87 1.18
C THR B 49 -6.41 7.18 2.02
N MET B 50 -5.32 6.80 1.36
CA MET B 50 -4.21 6.13 2.05
C MET B 50 -3.70 7.00 3.19
N LYS B 51 -3.78 8.32 3.01
CA LYS B 51 -3.33 9.26 4.04
C LYS B 51 -4.06 9.01 5.35
N ASN B 52 -5.38 8.85 5.26
CA ASN B 52 -6.20 8.60 6.43
C ASN B 52 -5.99 7.18 6.93
N VAL B 53 -5.49 6.31 6.05
CA VAL B 53 -5.23 4.92 6.41
C VAL B 53 -3.89 4.79 7.13
N LEU B 54 -2.82 5.27 6.49
CA LEU B 54 -1.51 5.22 7.07
C LEU B 54 -1.50 5.91 8.43
N ASN B 55 -2.36 6.93 8.56
CA ASN B 55 -2.48 7.67 9.81
C ASN B 55 -3.30 6.85 10.80
N HIS B 56 -4.30 6.16 10.27
CA HIS B 56 -5.16 5.31 11.08
C HIS B 56 -4.37 4.11 11.57
N MET B 57 -3.51 3.58 10.71
CA MET B 57 -2.67 2.45 11.06
C MET B 57 -1.81 2.80 12.27
N THR B 58 -1.60 4.09 12.48
CA THR B 58 -0.83 4.60 13.60
C THR B 58 -1.68 4.53 14.86
N HIS B 59 -2.98 4.65 14.66
CA HIS B 59 -3.94 4.58 15.75
C HIS B 59 -4.49 3.17 15.83
N CYS B 60 -4.17 2.38 14.81
CA CYS B 60 -4.61 1.00 14.70
C CYS B 60 -3.72 0.11 15.56
N GLN B 61 -4.27 -0.34 16.68
CA GLN B 61 -3.53 -1.18 17.63
C GLN B 61 -3.76 -2.67 17.41
N SER B 62 -4.53 -3.01 16.39
CA SER B 62 -4.82 -4.40 16.08
C SER B 62 -4.10 -4.78 14.81
N GLY B 63 -3.87 -3.77 13.98
CA GLY B 63 -3.18 -3.96 12.74
C GLY B 63 -3.77 -5.07 11.90
N LYS B 64 -3.35 -6.28 12.19
CA LYS B 64 -3.83 -7.47 11.48
C LYS B 64 -5.15 -7.97 12.09
N SER B 65 -5.64 -7.26 13.11
CA SER B 65 -6.88 -7.63 13.76
C SER B 65 -7.95 -6.57 13.50
N CYS B 66 -7.53 -5.47 12.89
CA CYS B 66 -8.42 -4.37 12.56
C CYS B 66 -9.01 -4.59 11.20
N GLN B 67 -10.17 -4.01 10.98
CA GLN B 67 -10.85 -4.14 9.71
C GLN B 67 -11.39 -2.78 9.27
N VAL B 68 -10.86 -1.72 9.87
CA VAL B 68 -11.27 -0.37 9.53
C VAL B 68 -10.98 -0.11 8.07
N ALA B 69 -12.02 0.24 7.33
CA ALA B 69 -11.90 0.52 5.90
C ALA B 69 -10.83 -0.39 5.26
N HIS B 70 -9.65 0.16 5.00
CA HIS B 70 -8.56 -0.59 4.39
C HIS B 70 -7.49 -0.99 5.40
N CYS B 71 -7.61 -0.53 6.65
CA CYS B 71 -6.63 -0.82 7.69
C CYS B 71 -6.02 -2.21 7.56
N ALA B 72 -6.84 -3.24 7.72
CA ALA B 72 -6.36 -4.61 7.62
C ALA B 72 -5.68 -4.85 6.28
N SER B 73 -6.14 -4.16 5.25
CA SER B 73 -5.57 -4.31 3.91
C SER B 73 -4.26 -3.55 3.81
N SER B 74 -4.25 -2.31 4.26
CA SER B 74 -3.05 -1.49 4.23
C SER B 74 -1.97 -2.11 5.12
N ARG B 75 -2.40 -2.75 6.20
CA ARG B 75 -1.49 -3.40 7.11
C ARG B 75 -1.05 -4.75 6.55
N GLN B 76 -2.02 -5.52 6.08
CA GLN B 76 -1.74 -6.82 5.50
C GLN B 76 -0.92 -6.67 4.22
N ILE B 77 -1.31 -5.71 3.38
CA ILE B 77 -0.60 -5.47 2.13
C ILE B 77 0.85 -5.08 2.40
N ILE B 78 1.05 -3.91 3.03
CA ILE B 78 2.39 -3.44 3.35
C ILE B 78 3.22 -4.55 4.00
N SER B 79 2.53 -5.47 4.69
CA SER B 79 3.20 -6.59 5.33
C SER B 79 3.92 -7.44 4.30
N HIS B 80 3.18 -7.88 3.28
CA HIS B 80 3.77 -8.67 2.20
C HIS B 80 5.01 -7.98 1.67
N TRP B 81 4.79 -6.77 1.20
CA TRP B 81 5.84 -5.95 0.62
C TRP B 81 7.04 -5.84 1.57
N LYS B 82 6.80 -6.02 2.86
CA LYS B 82 7.86 -5.93 3.86
C LYS B 82 8.56 -7.27 4.06
N ASN B 83 7.78 -8.35 3.98
CA ASN B 83 8.33 -9.70 4.16
C ASN B 83 8.54 -10.41 2.84
N CYS B 84 8.40 -9.68 1.73
CA CYS B 84 8.56 -10.27 0.41
C CYS B 84 10.04 -10.59 0.14
N THR B 85 10.29 -11.76 -0.43
CA THR B 85 11.64 -12.19 -0.74
C THR B 85 12.11 -11.63 -2.08
N ARG B 86 13.40 -11.74 -2.36
CA ARG B 86 13.96 -11.25 -3.61
C ARG B 86 14.40 -12.41 -4.51
N HIS B 87 13.43 -13.06 -5.13
CA HIS B 87 13.71 -14.19 -6.02
C HIS B 87 12.66 -14.28 -7.12
N ASP B 88 11.41 -14.49 -6.73
CA ASP B 88 10.31 -14.60 -7.69
C ASP B 88 9.14 -13.72 -7.27
N CYS B 89 9.46 -12.55 -6.72
CA CYS B 89 8.44 -11.62 -6.26
C CYS B 89 8.20 -10.52 -7.31
N PRO B 90 7.08 -10.60 -8.06
CA PRO B 90 6.77 -9.61 -9.09
C PRO B 90 6.09 -8.36 -8.54
N VAL B 91 6.09 -8.22 -7.22
CA VAL B 91 5.47 -7.06 -6.58
C VAL B 91 6.49 -5.97 -6.25
N CYS B 92 7.29 -6.23 -5.22
CA CYS B 92 8.32 -5.26 -4.77
C CYS B 92 9.44 -5.11 -5.78
N LEU B 93 9.96 -6.22 -6.29
CA LEU B 93 11.05 -6.18 -7.26
C LEU B 93 10.71 -5.31 -8.47
N PRO B 94 9.75 -5.74 -9.31
CA PRO B 94 9.35 -4.97 -10.49
C PRO B 94 9.11 -3.49 -10.16
N LEU B 95 8.39 -3.24 -9.07
CA LEU B 95 8.12 -1.87 -8.66
C LEU B 95 9.43 -1.12 -8.40
N LYS B 96 10.47 -1.88 -8.05
CA LYS B 96 11.79 -1.30 -7.77
C LYS B 96 12.51 -1.00 -9.06
N ASN B 97 12.11 -1.68 -10.11
CA ASN B 97 12.71 -1.50 -11.43
C ASN B 97 11.93 -0.48 -12.25
N ALA B 98 10.75 -0.88 -12.71
CA ALA B 98 9.90 0.01 -13.51
C ALA B 98 10.62 0.47 -14.77
N GLY B 99 11.64 -0.27 -15.18
CA GLY B 99 12.38 0.08 -16.38
C GLY B 99 13.17 1.36 -16.21
N ASP B 100 14.38 1.24 -15.67
CA ASP B 100 15.23 2.41 -15.46
C ASP B 100 16.69 1.99 -15.30
N LYS B 101 17.57 2.98 -15.19
CA LYS B 101 19.00 2.72 -15.03
C LYS B 101 19.34 2.49 -13.56
N GLY A 1 8.69 9.55 26.59
CA GLY A 1 8.74 8.58 25.47
C GLY A 1 7.36 8.24 24.94
N SER A 2 6.88 9.03 23.99
CA SER A 2 5.56 8.81 23.41
C SER A 2 5.66 8.60 21.90
N GLY A 3 5.46 7.36 21.46
CA GLY A 3 5.54 7.05 20.05
C GLY A 3 6.94 7.16 19.50
N SER A 4 7.91 6.67 20.27
CA SER A 4 9.31 6.72 19.85
C SER A 4 9.81 5.33 19.46
N GLY A 5 10.87 5.30 18.66
CA GLY A 5 11.43 4.03 18.23
C GLY A 5 10.44 3.20 17.42
N SER A 6 9.69 3.87 16.57
CA SER A 6 8.69 3.19 15.74
C SER A 6 9.24 2.94 14.33
N GLY A 7 8.92 1.78 13.77
CA GLY A 7 9.39 1.45 12.44
C GLY A 7 10.55 0.47 12.45
N SER A 8 10.53 -0.48 11.53
CA SER A 8 11.59 -1.48 11.44
C SER A 8 11.59 -2.16 10.07
N ASN A 9 11.76 -1.36 9.02
CA ASN A 9 11.77 -1.88 7.66
C ASN A 9 10.44 -2.51 7.30
N VAL A 10 9.46 -1.67 6.98
CA VAL A 10 8.14 -2.13 6.62
C VAL A 10 8.06 -2.50 5.14
N ILE A 11 7.62 -1.55 4.32
CA ILE A 11 7.51 -1.77 2.89
C ILE A 11 8.90 -1.78 2.24
N ASP A 12 8.96 -1.56 0.93
CA ASP A 12 10.23 -1.55 0.22
C ASP A 12 10.36 -0.31 -0.66
N THR A 13 9.89 0.80 -0.13
CA THR A 13 9.93 2.08 -0.85
C THR A 13 11.31 2.75 -0.71
N ASP A 14 12.28 2.04 -0.12
CA ASP A 14 13.62 2.59 0.06
C ASP A 14 14.37 2.67 -1.26
N PHE A 15 13.78 2.13 -2.32
CA PHE A 15 14.39 2.15 -3.64
C PHE A 15 13.48 2.79 -4.69
N ILE A 16 12.25 3.11 -4.29
CA ILE A 16 11.28 3.70 -5.18
C ILE A 16 11.65 5.15 -5.51
N ASP A 17 11.28 5.58 -6.70
CA ASP A 17 11.54 6.93 -7.17
C ASP A 17 10.27 7.77 -7.10
N GLU A 18 10.43 8.99 -6.63
CA GLU A 18 9.30 9.92 -6.50
C GLU A 18 8.67 10.21 -7.86
N GLU A 19 9.40 9.90 -8.94
CA GLU A 19 8.89 10.13 -10.29
C GLU A 19 8.14 8.92 -10.82
N VAL A 20 8.47 7.75 -10.29
CA VAL A 20 7.83 6.51 -10.69
C VAL A 20 6.37 6.50 -10.27
N LEU A 21 6.13 6.78 -8.99
CA LEU A 21 4.77 6.82 -8.45
C LEU A 21 3.90 7.71 -9.32
N MET A 22 4.30 8.97 -9.41
CA MET A 22 3.58 9.95 -10.20
C MET A 22 3.32 9.45 -11.61
N SER A 23 4.37 9.03 -12.29
CA SER A 23 4.27 8.51 -13.65
C SER A 23 3.33 7.30 -13.71
N LEU A 24 3.49 6.40 -12.75
CA LEU A 24 2.66 5.20 -12.68
C LEU A 24 1.22 5.56 -12.39
N VAL A 25 1.01 6.68 -11.71
CA VAL A 25 -0.32 7.13 -11.36
C VAL A 25 -1.08 7.58 -12.61
N ILE A 26 -0.48 8.50 -13.37
CA ILE A 26 -1.10 9.00 -14.59
C ILE A 26 -1.22 7.90 -15.63
N GLU A 27 -0.22 7.03 -15.65
CA GLU A 27 -0.18 5.92 -16.60
C GLU A 27 -1.44 5.07 -16.51
N MET A 28 -1.76 4.59 -15.31
CA MET A 28 -2.92 3.76 -15.10
C MET A 28 -4.17 4.61 -14.85
N GLY A 29 -3.99 5.68 -14.07
CA GLY A 29 -5.10 6.55 -13.74
C GLY A 29 -5.37 6.56 -12.26
N LEU A 30 -4.30 6.68 -11.49
CA LEU A 30 -4.39 6.69 -10.04
C LEU A 30 -4.57 8.10 -9.48
N ASP A 31 -4.88 9.05 -10.36
CA ASP A 31 -5.08 10.44 -9.95
C ASP A 31 -6.52 10.89 -10.21
N ARG A 32 -7.45 9.94 -10.15
CA ARG A 32 -8.86 10.25 -10.38
C ARG A 32 -9.72 9.00 -10.24
N ILE A 33 -9.72 8.40 -9.04
CA ILE A 33 -10.50 7.20 -8.79
C ILE A 33 -11.85 7.55 -8.15
N LYS A 34 -12.81 6.64 -8.28
CA LYS A 34 -14.13 6.85 -7.72
C LYS A 34 -14.51 5.70 -6.78
N GLU A 35 -14.56 4.49 -7.32
CA GLU A 35 -14.91 3.31 -6.54
C GLU A 35 -13.67 2.46 -6.27
N LEU A 36 -13.28 2.38 -5.01
CA LEU A 36 -12.11 1.59 -4.62
C LEU A 36 -12.51 0.18 -4.20
N PRO A 37 -11.85 -0.84 -4.78
CA PRO A 37 -12.15 -2.24 -4.47
C PRO A 37 -11.57 -2.68 -3.13
N GLU A 38 -12.04 -3.82 -2.63
CA GLU A 38 -11.58 -4.35 -1.36
C GLU A 38 -10.52 -5.43 -1.55
N LEU A 39 -9.53 -5.46 -0.66
CA LEU A 39 -8.48 -6.46 -0.73
C LEU A 39 -8.45 -7.31 0.53
N TRP A 40 -9.07 -8.48 0.47
CA TRP A 40 -9.09 -9.39 1.62
C TRP A 40 -8.73 -10.81 1.20
N LEU A 41 -7.49 -11.20 1.48
CA LEU A 41 -7.01 -12.54 1.15
C LEU A 41 -7.26 -12.88 -0.32
N GLY A 42 -8.47 -13.34 -0.62
CA GLY A 42 -8.82 -13.70 -1.98
C GLY A 42 -8.03 -14.89 -2.50
N GLN A 43 -7.09 -14.63 -3.40
CA GLN A 43 -6.27 -15.69 -3.98
C GLN A 43 -5.52 -16.45 -2.88
N ASN A 44 -5.03 -17.63 -3.23
CA ASN A 44 -4.29 -18.46 -2.29
C ASN A 44 -2.80 -18.50 -2.62
N GLU A 45 -2.47 -18.10 -3.84
CA GLU A 45 -1.07 -18.09 -4.29
C GLU A 45 -0.34 -16.86 -3.77
N PHE A 46 -1.06 -15.99 -3.08
CA PHE A 46 -0.47 -14.77 -2.52
C PHE A 46 -0.67 -14.71 -1.01
N ASP A 47 -0.84 -15.88 -0.40
CA ASP A 47 -1.05 -15.98 1.04
C ASP A 47 0.14 -15.39 1.82
N PHE A 48 1.23 -15.10 1.12
CA PHE A 48 2.42 -14.55 1.76
C PHE A 48 2.15 -13.17 2.36
N MET A 49 0.96 -12.61 2.08
CA MET A 49 0.60 -11.30 2.59
C MET A 49 0.21 -11.34 4.08
N THR A 50 0.33 -12.52 4.67
CA THR A 50 0.01 -12.69 6.09
C THR A 50 0.89 -13.76 6.72
N ASP A 51 0.49 -15.03 6.55
CA ASP A 51 1.24 -16.15 7.09
C ASP A 51 1.27 -16.13 8.61
N PHE A 52 0.42 -15.29 9.18
CA PHE A 52 0.31 -15.15 10.62
C PHE A 52 -1.13 -14.96 11.05
N MET B 1 -17.61 -17.15 -6.03
CA MET B 1 -18.02 -18.47 -6.58
C MET B 1 -16.87 -19.47 -6.53
N GLY B 2 -15.78 -19.12 -7.20
CA GLY B 2 -14.62 -20.00 -7.22
C GLY B 2 -13.83 -19.96 -5.93
N SER B 3 -13.70 -21.11 -5.28
CA SER B 3 -12.97 -21.20 -4.03
C SER B 3 -13.58 -20.30 -2.96
N GLY B 4 -12.92 -20.20 -1.82
CA GLY B 4 -13.42 -19.37 -0.74
C GLY B 4 -13.56 -17.91 -1.15
N ALA B 5 -14.51 -17.22 -0.53
CA ALA B 5 -14.75 -15.82 -0.85
C ALA B 5 -15.63 -15.16 0.22
N HIS B 6 -15.00 -14.54 1.21
CA HIS B 6 -15.73 -13.87 2.28
C HIS B 6 -16.45 -12.64 1.75
N THR B 7 -15.75 -11.84 0.94
CA THR B 7 -16.32 -10.63 0.37
C THR B 7 -15.44 -10.09 -0.74
N ALA B 8 -14.17 -10.04 -0.45
CA ALA B 8 -13.17 -9.55 -1.39
C ALA B 8 -13.25 -10.29 -2.72
N ASP B 9 -12.38 -9.93 -3.65
CA ASP B 9 -12.35 -10.56 -4.96
C ASP B 9 -10.93 -10.87 -5.41
N PRO B 10 -10.73 -11.99 -6.15
CA PRO B 10 -9.41 -12.39 -6.64
C PRO B 10 -8.69 -11.27 -7.35
N GLU B 11 -9.45 -10.37 -7.95
CA GLU B 11 -8.87 -9.22 -8.65
C GLU B 11 -8.10 -8.35 -7.65
N LYS B 12 -8.30 -8.63 -6.36
CA LYS B 12 -7.63 -7.89 -5.30
C LYS B 12 -6.12 -7.99 -5.45
N ARG B 13 -5.64 -9.18 -5.80
CA ARG B 13 -4.21 -9.36 -6.00
C ARG B 13 -3.70 -8.36 -7.03
N LYS B 14 -4.53 -8.13 -8.06
CA LYS B 14 -4.20 -7.18 -9.09
C LYS B 14 -4.32 -5.77 -8.53
N LEU B 15 -5.38 -5.56 -7.75
CA LEU B 15 -5.62 -4.27 -7.13
C LEU B 15 -4.59 -4.02 -6.04
N ILE B 16 -4.09 -5.09 -5.43
CA ILE B 16 -3.08 -4.99 -4.40
C ILE B 16 -1.86 -4.28 -4.97
N GLN B 17 -1.43 -4.74 -6.14
CA GLN B 17 -0.28 -4.13 -6.81
C GLN B 17 -0.57 -2.65 -7.06
N GLN B 18 -1.76 -2.36 -7.58
CA GLN B 18 -2.15 -0.98 -7.85
C GLN B 18 -2.28 -0.20 -6.55
N GLN B 19 -2.94 -0.82 -5.57
CA GLN B 19 -3.13 -0.17 -4.28
C GLN B 19 -1.80 0.18 -3.67
N LEU B 20 -0.89 -0.79 -3.63
CA LEU B 20 0.43 -0.54 -3.11
C LEU B 20 1.00 0.71 -3.75
N VAL B 21 0.73 0.88 -5.04
CA VAL B 21 1.22 2.05 -5.76
C VAL B 21 0.70 3.31 -5.10
N LEU B 22 -0.51 3.24 -4.59
CA LEU B 22 -1.13 4.36 -3.91
C LEU B 22 -0.80 4.32 -2.43
N LEU B 23 -0.45 3.14 -1.93
CA LEU B 23 -0.08 2.98 -0.53
C LEU B 23 1.39 3.32 -0.35
N LEU B 24 2.15 3.03 -1.40
CA LEU B 24 3.58 3.32 -1.42
C LEU B 24 3.79 4.82 -1.54
N HIS B 25 3.11 5.40 -2.53
CA HIS B 25 3.18 6.84 -2.76
C HIS B 25 2.60 7.57 -1.57
N ALA B 26 1.35 7.25 -1.22
CA ALA B 26 0.69 7.87 -0.09
C ALA B 26 1.59 7.84 1.14
N HIS B 27 2.41 6.78 1.21
CA HIS B 27 3.34 6.63 2.32
C HIS B 27 4.33 7.77 2.36
N LYS B 28 5.25 7.77 1.41
CA LYS B 28 6.27 8.80 1.32
C LYS B 28 5.61 10.15 1.06
N CYS B 29 4.37 10.11 0.57
CA CYS B 29 3.60 11.31 0.32
C CYS B 29 3.03 11.87 1.62
N GLN B 30 2.78 10.97 2.57
CA GLN B 30 2.23 11.38 3.86
C GLN B 30 3.34 11.91 4.77
N ARG B 31 4.56 11.44 4.54
CA ARG B 31 5.71 11.87 5.33
C ARG B 31 6.24 13.21 4.85
N ARG B 32 5.81 13.65 3.69
CA ARG B 32 6.26 14.93 3.13
C ARG B 32 5.74 16.10 3.94
N GLU B 33 4.77 15.83 4.79
CA GLU B 33 4.17 16.86 5.65
C GLU B 33 4.81 16.86 7.03
N GLN B 34 5.27 15.69 7.47
CA GLN B 34 5.88 15.55 8.78
C GLN B 34 7.31 16.11 8.78
N ALA B 35 7.86 16.37 7.61
CA ALA B 35 9.22 16.91 7.50
C ALA B 35 9.22 18.43 7.41
N ASN B 36 8.03 19.00 7.35
CA ASN B 36 7.89 20.45 7.27
C ASN B 36 6.95 20.97 8.35
N GLY B 37 6.40 20.06 9.14
CA GLY B 37 5.49 20.43 10.21
C GLY B 37 4.08 20.71 9.71
N GLU B 38 3.94 21.07 8.43
CA GLU B 38 2.64 21.35 7.84
C GLU B 38 2.32 20.36 6.72
N VAL B 39 1.06 20.32 6.32
CA VAL B 39 0.64 19.42 5.25
C VAL B 39 0.51 20.16 3.93
N ARG B 40 0.72 19.43 2.83
CA ARG B 40 0.62 20.01 1.50
C ARG B 40 -0.30 19.17 0.62
N GLN B 41 -1.04 19.84 -0.26
CA GLN B 41 -1.95 19.16 -1.17
C GLN B 41 -1.17 18.36 -2.21
N CYS B 42 -1.50 17.08 -2.32
CA CYS B 42 -0.82 16.20 -3.28
C CYS B 42 -1.54 16.22 -4.62
N ASN B 43 -0.81 15.87 -5.66
CA ASN B 43 -1.35 15.83 -7.02
C ASN B 43 -2.62 14.99 -7.08
N LEU B 44 -2.47 13.68 -6.99
CA LEU B 44 -3.62 12.78 -7.03
C LEU B 44 -4.51 12.98 -5.80
N PRO B 45 -5.84 13.08 -6.01
CA PRO B 45 -6.79 13.28 -4.92
C PRO B 45 -6.99 12.02 -4.08
N HIS B 46 -6.66 10.87 -4.65
CA HIS B 46 -6.81 9.60 -3.95
C HIS B 46 -5.76 9.45 -2.85
N CYS B 47 -4.63 10.13 -3.01
CA CYS B 47 -3.55 10.08 -2.03
C CYS B 47 -4.08 10.30 -0.61
N ARG B 48 -5.15 11.07 -0.51
CA ARG B 48 -5.77 11.36 0.79
C ARG B 48 -6.29 10.08 1.45
N THR B 49 -6.79 9.17 0.63
CA THR B 49 -7.34 7.91 1.13
C THR B 49 -6.27 7.11 1.87
N MET B 50 -5.24 6.67 1.14
CA MET B 50 -4.15 5.89 1.73
C MET B 50 -3.52 6.65 2.90
N LYS B 51 -3.38 7.97 2.73
CA LYS B 51 -2.80 8.80 3.78
C LYS B 51 -3.56 8.61 5.09
N ASN B 52 -4.88 8.52 5.00
CA ASN B 52 -5.72 8.33 6.16
C ASN B 52 -5.59 6.91 6.68
N VAL B 53 -5.21 5.99 5.79
CA VAL B 53 -5.05 4.59 6.16
C VAL B 53 -3.71 4.38 6.88
N LEU B 54 -2.62 4.61 6.17
CA LEU B 54 -1.29 4.46 6.75
C LEU B 54 -1.20 5.24 8.06
N ASN B 55 -1.96 6.32 8.15
CA ASN B 55 -1.98 7.14 9.35
C ASN B 55 -2.86 6.49 10.41
N HIS B 56 -3.99 5.95 9.95
CA HIS B 56 -4.93 5.28 10.84
C HIS B 56 -4.29 4.01 11.39
N MET B 57 -3.63 3.26 10.51
CA MET B 57 -2.96 2.03 10.91
C MET B 57 -1.83 2.33 11.90
N THR B 58 -1.43 3.59 11.95
CA THR B 58 -0.37 4.04 12.84
C THR B 58 -0.96 4.40 14.21
N HIS B 59 -2.23 4.77 14.18
CA HIS B 59 -2.94 5.14 15.40
C HIS B 59 -3.86 4.00 15.82
N CYS B 60 -3.92 2.98 14.96
CA CYS B 60 -4.75 1.82 15.20
C CYS B 60 -3.98 0.74 15.95
N GLN B 61 -4.52 0.36 17.10
CA GLN B 61 -3.89 -0.64 17.96
C GLN B 61 -4.26 -2.06 17.56
N SER B 62 -5.02 -2.19 16.48
CA SER B 62 -5.43 -3.50 16.01
C SER B 62 -4.62 -3.86 14.79
N GLY B 63 -4.24 -2.82 14.06
CA GLY B 63 -3.44 -2.97 12.87
C GLY B 63 -3.85 -4.13 12.00
N LYS B 64 -3.33 -5.30 12.34
CA LYS B 64 -3.62 -6.52 11.61
C LYS B 64 -5.06 -6.95 11.81
N SER B 65 -5.57 -6.76 13.02
CA SER B 65 -6.96 -7.11 13.34
C SER B 65 -7.87 -5.96 12.94
N CYS B 66 -7.26 -4.80 12.75
CA CYS B 66 -7.95 -3.59 12.35
C CYS B 66 -8.68 -3.81 11.05
N GLN B 67 -9.97 -4.01 11.15
CA GLN B 67 -10.79 -4.23 9.98
C GLN B 67 -11.42 -2.93 9.52
N VAL B 68 -10.76 -1.82 9.85
CA VAL B 68 -11.24 -0.50 9.46
C VAL B 68 -10.96 -0.27 7.99
N ALA B 69 -12.02 0.03 7.25
CA ALA B 69 -11.91 0.28 5.82
C ALA B 69 -10.82 -0.61 5.18
N HIS B 70 -9.68 -0.01 4.85
CA HIS B 70 -8.58 -0.75 4.23
C HIS B 70 -7.45 -1.05 5.22
N CYS B 71 -7.55 -0.51 6.44
CA CYS B 71 -6.51 -0.72 7.47
C CYS B 71 -5.89 -2.12 7.39
N ALA B 72 -6.69 -3.13 7.72
CA ALA B 72 -6.20 -4.51 7.68
C ALA B 72 -5.64 -4.84 6.30
N SER B 73 -6.24 -4.27 5.26
CA SER B 73 -5.79 -4.51 3.91
C SER B 73 -4.39 -3.93 3.74
N SER B 74 -4.20 -2.71 4.21
CA SER B 74 -2.90 -2.06 4.14
C SER B 74 -1.87 -2.90 4.90
N ARG B 75 -2.29 -3.39 6.07
CA ARG B 75 -1.41 -4.23 6.88
C ARG B 75 -1.08 -5.52 6.15
N GLN B 76 -2.13 -6.23 5.71
CA GLN B 76 -1.94 -7.48 4.98
C GLN B 76 -1.16 -7.21 3.70
N ILE B 77 -1.53 -6.15 3.00
CA ILE B 77 -0.86 -5.77 1.77
C ILE B 77 0.61 -5.42 2.05
N ILE B 78 0.82 -4.38 2.89
CA ILE B 78 2.17 -3.96 3.26
C ILE B 78 2.99 -5.14 3.76
N SER B 79 2.29 -6.10 4.39
CA SER B 79 2.96 -7.29 4.92
C SER B 79 3.68 -8.03 3.81
N HIS B 80 2.95 -8.41 2.76
CA HIS B 80 3.55 -9.10 1.62
C HIS B 80 4.75 -8.31 1.12
N TRP B 81 4.47 -7.06 0.75
CA TRP B 81 5.48 -6.17 0.23
C TRP B 81 6.67 -6.06 1.20
N LYS B 82 6.43 -6.37 2.47
CA LYS B 82 7.48 -6.31 3.48
C LYS B 82 8.18 -7.65 3.62
N ASN B 83 7.40 -8.73 3.68
CA ASN B 83 7.95 -10.07 3.82
C ASN B 83 8.68 -10.50 2.55
N CYS B 84 8.23 -9.99 1.41
CA CYS B 84 8.85 -10.33 0.12
C CYS B 84 10.35 -10.02 0.14
N THR B 85 11.16 -11.05 -0.09
CA THR B 85 12.61 -10.90 -0.10
C THR B 85 13.13 -10.73 -1.53
N ARG B 86 12.30 -10.18 -2.40
CA ARG B 86 12.69 -9.96 -3.79
C ARG B 86 12.99 -11.29 -4.49
N HIS B 87 12.05 -12.22 -4.43
CA HIS B 87 12.22 -13.53 -5.04
C HIS B 87 10.96 -13.92 -5.81
N ASP B 88 11.00 -13.75 -7.13
CA ASP B 88 9.87 -14.09 -7.98
C ASP B 88 8.63 -13.28 -7.57
N CYS B 89 8.87 -12.07 -7.10
CA CYS B 89 7.79 -11.19 -6.65
C CYS B 89 7.51 -10.11 -7.70
N PRO B 90 6.40 -10.24 -8.46
CA PRO B 90 6.02 -9.27 -9.48
C PRO B 90 5.50 -7.96 -8.89
N VAL B 91 5.53 -7.84 -7.57
CA VAL B 91 5.04 -6.64 -6.90
C VAL B 91 6.19 -5.68 -6.53
N CYS B 92 6.97 -6.05 -5.52
CA CYS B 92 8.09 -5.23 -5.05
C CYS B 92 9.21 -5.12 -6.09
N LEU B 93 9.75 -6.27 -6.50
CA LEU B 93 10.84 -6.29 -7.48
C LEU B 93 10.61 -5.31 -8.63
N PRO B 94 9.60 -5.55 -9.48
CA PRO B 94 9.29 -4.66 -10.59
C PRO B 94 9.20 -3.20 -10.15
N LEU B 95 8.49 -2.96 -9.06
CA LEU B 95 8.36 -1.61 -8.54
C LEU B 95 9.74 -1.02 -8.24
N LYS B 96 10.71 -1.90 -8.03
CA LYS B 96 12.08 -1.48 -7.75
C LYS B 96 12.84 -1.23 -9.03
N ASN B 97 12.34 -1.80 -10.11
CA ASN B 97 12.95 -1.66 -11.43
C ASN B 97 12.38 -0.44 -12.16
N ALA B 98 11.13 -0.56 -12.60
CA ALA B 98 10.47 0.53 -13.32
C ALA B 98 11.25 0.94 -14.56
N GLY B 99 12.09 0.03 -15.05
CA GLY B 99 12.88 0.31 -16.24
C GLY B 99 12.56 -0.62 -17.39
N ASP B 100 13.07 -1.85 -17.31
CA ASP B 100 12.83 -2.83 -18.36
C ASP B 100 12.36 -4.16 -17.76
N LYS B 101 11.61 -4.93 -18.55
CA LYS B 101 11.11 -6.22 -18.09
C LYS B 101 12.09 -7.34 -18.43
N GLY A 1 16.63 10.65 22.21
CA GLY A 1 17.02 9.81 21.05
C GLY A 1 15.91 9.67 20.02
N SER A 2 15.44 8.45 19.83
CA SER A 2 14.37 8.19 18.86
C SER A 2 13.25 7.37 19.50
N GLY A 3 12.10 7.99 19.67
CA GLY A 3 10.97 7.30 20.28
C GLY A 3 9.81 7.11 19.31
N SER A 4 9.71 8.00 18.33
CA SER A 4 8.64 7.92 17.34
C SER A 4 9.14 8.37 15.96
N GLY A 5 9.87 9.47 15.94
CA GLY A 5 10.40 9.99 14.67
C GLY A 5 11.15 8.95 13.88
N SER A 6 10.60 8.59 12.71
CA SER A 6 11.23 7.60 11.85
C SER A 6 11.30 6.24 12.54
N GLY A 7 10.70 5.23 11.91
CA GLY A 7 10.71 3.90 12.47
C GLY A 7 12.04 3.18 12.27
N SER A 8 12.08 2.28 11.30
CA SER A 8 13.29 1.53 11.01
C SER A 8 13.10 0.62 9.80
N ASN A 9 13.14 1.21 8.61
CA ASN A 9 12.97 0.44 7.37
C ASN A 9 11.62 -0.26 7.34
N VAL A 10 10.58 0.48 6.97
CA VAL A 10 9.24 -0.07 6.91
C VAL A 10 9.03 -0.85 5.61
N ILE A 11 8.53 -0.18 4.59
CA ILE A 11 8.29 -0.81 3.31
C ILE A 11 9.54 -0.76 2.44
N ASP A 12 9.40 -1.14 1.19
CA ASP A 12 10.51 -1.15 0.23
C ASP A 12 10.53 0.13 -0.60
N THR A 13 10.22 1.23 0.04
CA THR A 13 10.20 2.53 -0.62
C THR A 13 11.54 3.25 -0.49
N ASP A 14 12.52 2.58 0.13
CA ASP A 14 13.84 3.18 0.31
C ASP A 14 14.57 3.34 -1.01
N PHE A 15 14.04 2.71 -2.05
CA PHE A 15 14.64 2.79 -3.38
C PHE A 15 13.63 3.26 -4.42
N ILE A 16 12.34 3.23 -4.07
CA ILE A 16 11.30 3.63 -4.97
C ILE A 16 11.29 5.14 -5.18
N ASP A 17 11.00 5.56 -6.40
CA ASP A 17 10.93 6.96 -6.74
C ASP A 17 9.50 7.43 -6.84
N GLU A 18 9.22 8.57 -6.24
CA GLU A 18 7.87 9.14 -6.25
C GLU A 18 7.45 9.53 -7.67
N GLU A 19 8.41 9.59 -8.59
CA GLU A 19 8.12 9.94 -9.97
C GLU A 19 7.77 8.71 -10.78
N VAL A 20 8.41 7.59 -10.45
CA VAL A 20 8.17 6.34 -11.12
C VAL A 20 6.73 5.87 -10.93
N LEU A 21 6.33 5.69 -9.67
CA LEU A 21 4.98 5.25 -9.37
C LEU A 21 3.95 6.23 -9.92
N MET A 22 4.34 7.50 -9.97
CA MET A 22 3.46 8.55 -10.48
C MET A 22 3.06 8.25 -11.92
N SER A 23 4.06 7.99 -12.76
CA SER A 23 3.82 7.68 -14.16
C SER A 23 2.92 6.45 -14.28
N LEU A 24 3.12 5.50 -13.38
CA LEU A 24 2.33 4.27 -13.37
C LEU A 24 0.89 4.55 -12.94
N VAL A 25 0.71 5.58 -12.13
CA VAL A 25 -0.60 5.96 -11.64
C VAL A 25 -1.47 6.47 -12.79
N ILE A 26 -0.89 7.32 -13.62
CA ILE A 26 -1.62 7.87 -14.76
C ILE A 26 -1.89 6.79 -15.81
N GLU A 27 -0.93 5.88 -15.95
CA GLU A 27 -1.06 4.80 -16.91
C GLU A 27 -2.21 3.86 -16.57
N MET A 28 -2.34 3.51 -15.29
CA MET A 28 -3.39 2.62 -14.85
C MET A 28 -4.68 3.38 -14.60
N GLY A 29 -4.56 4.55 -13.98
CA GLY A 29 -5.71 5.35 -13.67
C GLY A 29 -5.88 5.54 -12.18
N LEU A 30 -4.76 5.73 -11.51
CA LEU A 30 -4.74 5.89 -10.06
C LEU A 30 -4.80 7.37 -9.66
N ASP A 31 -5.09 8.23 -10.62
CA ASP A 31 -5.17 9.67 -10.36
C ASP A 31 -6.58 10.20 -10.64
N ARG A 32 -7.57 9.31 -10.65
CA ARG A 32 -8.94 9.69 -10.91
C ARG A 32 -9.86 8.47 -10.86
N ILE A 33 -10.14 8.00 -9.65
CA ILE A 33 -11.00 6.84 -9.47
C ILE A 33 -12.40 7.25 -9.02
N LYS A 34 -13.39 6.42 -9.31
CA LYS A 34 -14.77 6.68 -8.93
C LYS A 34 -15.17 5.85 -7.72
N GLU A 35 -14.71 4.60 -7.70
CA GLU A 35 -15.02 3.70 -6.59
C GLU A 35 -13.80 2.85 -6.23
N LEU A 36 -13.29 3.03 -5.03
CA LEU A 36 -12.13 2.28 -4.56
C LEU A 36 -12.52 0.87 -4.13
N PRO A 37 -12.10 -0.16 -4.89
CA PRO A 37 -12.43 -1.56 -4.58
C PRO A 37 -11.79 -2.03 -3.27
N GLU A 38 -12.29 -3.15 -2.75
CA GLU A 38 -11.77 -3.70 -1.51
C GLU A 38 -10.56 -4.60 -1.77
N LEU A 39 -9.60 -4.57 -0.85
CA LEU A 39 -8.40 -5.37 -0.98
C LEU A 39 -8.24 -6.36 0.18
N TRP A 40 -8.62 -7.61 -0.05
CA TRP A 40 -8.51 -8.63 0.99
C TRP A 40 -7.82 -9.89 0.46
N LEU A 41 -7.36 -10.73 1.38
CA LEU A 41 -6.67 -11.98 1.02
C LEU A 41 -7.33 -12.66 -0.18
N GLY A 42 -8.67 -12.66 -0.18
CA GLY A 42 -9.43 -13.28 -1.26
C GLY A 42 -8.79 -14.55 -1.80
N GLN A 43 -8.32 -14.49 -3.04
CA GLN A 43 -7.69 -15.65 -3.67
C GLN A 43 -6.43 -16.05 -2.93
N ASN A 44 -5.93 -17.25 -3.24
CA ASN A 44 -4.72 -17.77 -2.60
C ASN A 44 -3.53 -17.74 -3.56
N GLU A 45 -3.63 -16.95 -4.61
CA GLU A 45 -2.55 -16.84 -5.59
C GLU A 45 -1.44 -15.92 -5.09
N PHE A 46 -1.70 -15.24 -3.98
CA PHE A 46 -0.74 -14.33 -3.38
C PHE A 46 -0.64 -14.58 -1.87
N ASP A 47 -0.82 -15.82 -1.50
CA ASP A 47 -0.77 -16.22 -0.10
C ASP A 47 0.59 -15.88 0.53
N PHE A 48 1.55 -15.51 -0.30
CA PHE A 48 2.87 -15.14 0.19
C PHE A 48 2.81 -13.89 1.07
N MET A 49 1.65 -13.22 1.08
CA MET A 49 1.48 -12.01 1.89
C MET A 49 1.17 -12.35 3.35
N THR A 50 1.33 -13.62 3.73
CA THR A 50 1.07 -14.04 5.09
C THR A 50 2.37 -14.38 5.81
N ASP A 51 3.11 -15.33 5.25
CA ASP A 51 4.38 -15.75 5.83
C ASP A 51 4.19 -16.43 7.18
N PHE A 52 2.94 -16.72 7.49
CA PHE A 52 2.59 -17.37 8.75
C PHE A 52 2.27 -18.85 8.53
N MET B 1 -18.63 -10.28 16.35
CA MET B 1 -17.88 -10.52 15.09
C MET B 1 -18.41 -11.74 14.35
N GLY B 2 -19.37 -11.51 13.46
CA GLY B 2 -19.95 -12.60 12.69
C GLY B 2 -19.58 -12.54 11.22
N SER B 3 -19.34 -11.34 10.72
CA SER B 3 -18.97 -11.15 9.32
C SER B 3 -17.61 -10.48 9.20
N GLY B 4 -16.76 -11.02 8.33
CA GLY B 4 -15.45 -10.44 8.13
C GLY B 4 -15.00 -10.50 6.68
N ALA B 5 -13.88 -11.18 6.43
CA ALA B 5 -13.35 -11.30 5.08
C ALA B 5 -13.83 -12.59 4.42
N HIS B 6 -15.15 -12.72 4.28
CA HIS B 6 -15.74 -13.90 3.67
C HIS B 6 -16.19 -13.60 2.24
N THR B 7 -15.61 -12.56 1.64
CA THR B 7 -15.95 -12.18 0.28
C THR B 7 -14.71 -11.78 -0.51
N ALA B 8 -14.51 -10.49 -0.74
CA ALA B 8 -13.35 -9.99 -1.47
C ALA B 8 -13.33 -10.53 -2.89
N ASP B 9 -12.60 -9.84 -3.76
CA ASP B 9 -12.50 -10.23 -5.17
C ASP B 9 -11.04 -10.46 -5.57
N PRO B 10 -10.79 -11.36 -6.55
CA PRO B 10 -9.44 -11.65 -7.02
C PRO B 10 -8.74 -10.42 -7.56
N GLU B 11 -9.52 -9.41 -7.94
CA GLU B 11 -8.96 -8.17 -8.45
C GLU B 11 -8.13 -7.47 -7.38
N LYS B 12 -8.25 -7.97 -6.14
CA LYS B 12 -7.51 -7.41 -5.01
C LYS B 12 -6.02 -7.53 -5.25
N ARG B 13 -5.59 -8.68 -5.79
CA ARG B 13 -4.18 -8.89 -6.08
C ARG B 13 -3.72 -7.85 -7.08
N LYS B 14 -4.56 -7.61 -8.08
CA LYS B 14 -4.27 -6.61 -9.10
C LYS B 14 -4.31 -5.23 -8.46
N LEU B 15 -5.33 -5.03 -7.64
CA LEU B 15 -5.47 -3.77 -6.92
C LEU B 15 -4.36 -3.63 -5.90
N ILE B 16 -3.80 -4.76 -5.46
CA ILE B 16 -2.71 -4.75 -4.51
C ILE B 16 -1.55 -3.98 -5.09
N GLN B 17 -1.21 -4.31 -6.33
CA GLN B 17 -0.13 -3.64 -7.03
C GLN B 17 -0.42 -2.15 -7.14
N GLN B 18 -1.59 -1.81 -7.67
CA GLN B 18 -1.98 -0.41 -7.82
C GLN B 18 -2.16 0.23 -6.44
N GLN B 19 -2.73 -0.53 -5.51
CA GLN B 19 -2.94 -0.03 -4.17
C GLN B 19 -1.62 0.28 -3.50
N LEU B 20 -0.72 -0.70 -3.48
CA LEU B 20 0.57 -0.47 -2.89
C LEU B 20 1.16 0.83 -3.41
N VAL B 21 0.89 1.13 -4.67
CA VAL B 21 1.41 2.35 -5.27
C VAL B 21 0.75 3.57 -4.64
N LEU B 22 -0.51 3.42 -4.26
CA LEU B 22 -1.24 4.50 -3.62
C LEU B 22 -0.87 4.53 -2.13
N LEU B 23 -0.47 3.37 -1.61
CA LEU B 23 -0.06 3.27 -0.22
C LEU B 23 1.42 3.57 -0.12
N LEU B 24 2.13 3.33 -1.22
CA LEU B 24 3.56 3.60 -1.28
C LEU B 24 3.79 5.09 -1.39
N HIS B 25 3.10 5.71 -2.34
CA HIS B 25 3.18 7.15 -2.53
C HIS B 25 2.65 7.85 -1.29
N ALA B 26 1.43 7.46 -0.91
CA ALA B 26 0.78 8.02 0.26
C ALA B 26 1.69 7.92 1.47
N HIS B 27 2.54 6.89 1.49
CA HIS B 27 3.47 6.71 2.59
C HIS B 27 4.46 7.86 2.64
N LYS B 28 5.28 7.98 1.61
CA LYS B 28 6.26 9.05 1.54
C LYS B 28 5.54 10.39 1.36
N CYS B 29 4.27 10.33 0.97
CA CYS B 29 3.45 11.52 0.77
C CYS B 29 2.85 11.98 2.09
N GLN B 30 2.63 11.03 2.99
CA GLN B 30 2.06 11.34 4.30
C GLN B 30 3.15 11.73 5.30
N ARG B 31 4.35 11.22 5.08
CA ARG B 31 5.47 11.51 5.96
C ARG B 31 6.20 12.78 5.53
N ARG B 32 5.89 13.26 4.33
CA ARG B 32 6.53 14.48 3.81
C ARG B 32 5.82 15.73 4.31
N GLU B 33 4.63 15.54 4.83
CA GLU B 33 3.84 16.65 5.35
C GLU B 33 3.91 16.71 6.87
N GLN B 34 3.90 15.53 7.49
CA GLN B 34 3.95 15.43 8.94
C GLN B 34 5.40 15.45 9.46
N ALA B 35 6.36 15.57 8.55
CA ALA B 35 7.77 15.59 8.94
C ALA B 35 8.40 16.95 8.72
N ASN B 36 7.63 17.87 8.19
CA ASN B 36 8.09 19.22 7.94
C ASN B 36 7.15 20.26 8.55
N GLY B 37 6.07 19.77 9.16
CA GLY B 37 5.10 20.66 9.78
C GLY B 37 4.13 21.27 8.79
N GLU B 38 4.53 21.35 7.52
CA GLU B 38 3.68 21.91 6.47
C GLU B 38 3.32 20.86 5.43
N VAL B 39 2.32 21.16 4.60
CA VAL B 39 1.90 20.26 3.56
C VAL B 39 2.23 20.82 2.18
N ARG B 40 2.32 19.94 1.18
CA ARG B 40 2.63 20.35 -0.18
C ARG B 40 1.54 19.93 -1.15
N GLN B 41 1.42 20.65 -2.26
CA GLN B 41 0.41 20.34 -3.26
C GLN B 41 0.67 18.96 -3.87
N CYS B 42 -0.32 18.08 -3.75
CA CYS B 42 -0.20 16.74 -4.28
C CYS B 42 -0.99 16.59 -5.58
N ASN B 43 -0.39 15.89 -6.55
CA ASN B 43 -1.04 15.68 -7.84
C ASN B 43 -2.31 14.87 -7.68
N LEU B 44 -2.16 13.56 -7.43
CA LEU B 44 -3.30 12.68 -7.26
C LEU B 44 -3.88 12.82 -5.85
N PRO B 45 -5.09 13.39 -5.73
CA PRO B 45 -5.75 13.58 -4.43
C PRO B 45 -6.16 12.26 -3.78
N HIS B 46 -6.10 11.18 -4.55
CA HIS B 46 -6.47 9.86 -4.04
C HIS B 46 -5.61 9.46 -2.85
N CYS B 47 -4.38 10.00 -2.81
CA CYS B 47 -3.45 9.69 -1.72
C CYS B 47 -4.05 10.04 -0.36
N ARG B 48 -5.05 10.92 -0.35
CA ARG B 48 -5.71 11.33 0.88
C ARG B 48 -6.31 10.13 1.61
N THR B 49 -6.89 9.20 0.85
CA THR B 49 -7.51 8.02 1.44
C THR B 49 -6.48 7.26 2.29
N MET B 50 -5.40 6.82 1.65
CA MET B 50 -4.36 6.09 2.35
C MET B 50 -3.80 6.93 3.51
N LYS B 51 -3.76 8.24 3.31
CA LYS B 51 -3.27 9.15 4.35
C LYS B 51 -4.09 8.98 5.61
N ASN B 52 -5.40 8.78 5.43
CA ASN B 52 -6.30 8.58 6.55
C ASN B 52 -6.09 7.18 7.14
N VAL B 53 -5.60 6.28 6.31
CA VAL B 53 -5.34 4.91 6.74
C VAL B 53 -4.02 4.85 7.49
N LEU B 54 -2.95 5.33 6.84
CA LEU B 54 -1.64 5.36 7.47
C LEU B 54 -1.74 6.04 8.83
N ASN B 55 -2.65 7.01 8.93
CA ASN B 55 -2.86 7.73 10.18
C ASN B 55 -3.58 6.83 11.17
N HIS B 56 -4.53 6.07 10.65
CA HIS B 56 -5.29 5.14 11.47
C HIS B 56 -4.40 3.98 11.88
N MET B 57 -3.48 3.61 10.99
CA MET B 57 -2.54 2.53 11.27
C MET B 57 -1.76 2.85 12.54
N THR B 58 -1.69 4.14 12.86
CA THR B 58 -1.00 4.60 14.05
C THR B 58 -1.88 4.35 15.26
N HIS B 59 -3.20 4.35 15.03
CA HIS B 59 -4.17 4.08 16.08
C HIS B 59 -4.57 2.61 16.01
N CYS B 60 -4.12 1.97 14.94
CA CYS B 60 -4.39 0.57 14.68
C CYS B 60 -3.47 -0.31 15.52
N GLN B 61 -4.04 -1.04 16.47
CA GLN B 61 -3.26 -1.88 17.37
C GLN B 61 -3.50 -3.37 17.14
N SER B 62 -4.35 -3.69 16.18
CA SER B 62 -4.65 -5.08 15.87
C SER B 62 -4.06 -5.42 14.52
N GLY B 63 -3.99 -4.40 13.67
CA GLY B 63 -3.43 -4.56 12.36
C GLY B 63 -4.01 -5.73 11.61
N LYS B 64 -3.43 -6.89 11.86
CA LYS B 64 -3.87 -8.13 11.22
C LYS B 64 -5.29 -8.50 11.68
N SER B 65 -5.74 -7.88 12.77
CA SER B 65 -7.07 -8.13 13.30
C SER B 65 -7.95 -6.89 13.14
N CYS B 66 -7.33 -5.78 12.76
CA CYS B 66 -8.04 -4.53 12.55
C CYS B 66 -8.73 -4.56 11.21
N GLN B 67 -10.05 -4.60 11.25
CA GLN B 67 -10.84 -4.64 10.04
C GLN B 67 -11.38 -3.26 9.72
N VAL B 68 -10.66 -2.23 10.15
CA VAL B 68 -11.04 -0.86 9.91
C VAL B 68 -10.77 -0.50 8.47
N ALA B 69 -11.81 -0.07 7.78
CA ALA B 69 -11.70 0.31 6.37
C ALA B 69 -10.66 -0.57 5.64
N HIS B 70 -9.50 0.00 5.34
CA HIS B 70 -8.43 -0.72 4.67
C HIS B 70 -7.32 -1.15 5.63
N CYS B 71 -7.40 -0.72 6.89
CA CYS B 71 -6.39 -1.04 7.90
C CYS B 71 -5.79 -2.43 7.70
N ALA B 72 -6.62 -3.46 7.85
CA ALA B 72 -6.16 -4.83 7.68
C ALA B 72 -5.51 -5.00 6.32
N SER B 73 -6.10 -4.38 5.30
CA SER B 73 -5.57 -4.48 3.95
C SER B 73 -4.21 -3.81 3.88
N SER B 74 -4.13 -2.59 4.43
CA SER B 74 -2.87 -1.86 4.44
C SER B 74 -1.80 -2.65 5.18
N ARG B 75 -2.13 -3.07 6.40
CA ARG B 75 -1.20 -3.85 7.21
C ARG B 75 -0.85 -5.16 6.51
N GLN B 76 -1.89 -5.91 6.11
CA GLN B 76 -1.68 -7.17 5.42
C GLN B 76 -0.90 -6.95 4.14
N ILE B 77 -1.30 -5.95 3.37
CA ILE B 77 -0.64 -5.64 2.11
C ILE B 77 0.80 -5.17 2.37
N ILE B 78 0.96 -3.99 2.98
CA ILE B 78 2.27 -3.46 3.28
C ILE B 78 3.14 -4.51 3.97
N SER B 79 2.49 -5.42 4.70
CA SER B 79 3.21 -6.49 5.39
C SER B 79 3.98 -7.32 4.37
N HIS B 80 3.27 -7.75 3.32
CA HIS B 80 3.88 -8.53 2.25
C HIS B 80 5.10 -7.79 1.71
N TRP B 81 4.84 -6.57 1.27
CA TRP B 81 5.88 -5.72 0.70
C TRP B 81 7.08 -5.59 1.63
N LYS B 82 6.84 -5.79 2.93
CA LYS B 82 7.91 -5.68 3.92
C LYS B 82 8.81 -6.92 3.90
N ASN B 83 8.20 -8.09 3.99
CA ASN B 83 8.95 -9.34 3.99
C ASN B 83 9.44 -9.69 2.59
N CYS B 84 8.51 -9.73 1.64
CA CYS B 84 8.85 -10.07 0.26
C CYS B 84 10.06 -9.28 -0.24
N THR B 85 10.89 -9.93 -1.04
CA THR B 85 12.09 -9.29 -1.59
C THR B 85 12.85 -10.25 -2.50
N ARG B 86 13.57 -11.18 -1.91
CA ARG B 86 14.35 -12.15 -2.67
C ARG B 86 13.45 -13.19 -3.34
N HIS B 87 14.05 -14.29 -3.79
CA HIS B 87 13.30 -15.36 -4.45
C HIS B 87 12.67 -14.88 -5.76
N ASP B 88 11.53 -14.22 -5.65
CA ASP B 88 10.83 -13.70 -6.82
C ASP B 88 9.55 -12.97 -6.41
N CYS B 89 9.62 -11.65 -6.38
CA CYS B 89 8.48 -10.83 -5.99
C CYS B 89 8.03 -9.93 -7.14
N PRO B 90 6.82 -10.18 -7.68
CA PRO B 90 6.27 -9.38 -8.79
C PRO B 90 5.66 -8.06 -8.31
N VAL B 91 5.73 -7.82 -7.01
CA VAL B 91 5.18 -6.59 -6.43
C VAL B 91 6.27 -5.53 -6.20
N CYS B 92 7.09 -5.76 -5.18
CA CYS B 92 8.17 -4.83 -4.81
C CYS B 92 9.24 -4.73 -5.89
N LEU B 93 9.90 -5.85 -6.19
CA LEU B 93 10.97 -5.88 -7.19
C LEU B 93 10.63 -5.06 -8.43
N PRO B 94 9.62 -5.49 -9.22
CA PRO B 94 9.23 -4.77 -10.43
C PRO B 94 8.99 -3.29 -10.18
N LEU B 95 8.19 -2.96 -9.17
CA LEU B 95 7.93 -1.56 -8.85
C LEU B 95 9.24 -0.82 -8.58
N LYS B 96 10.28 -1.55 -8.23
CA LYS B 96 11.60 -0.96 -7.97
C LYS B 96 12.37 -0.76 -9.26
N ASN B 97 12.02 -1.55 -10.25
CA ASN B 97 12.67 -1.48 -11.56
C ASN B 97 11.65 -1.16 -12.65
N ALA B 98 10.77 -0.22 -12.38
CA ALA B 98 9.74 0.17 -13.35
C ALA B 98 10.31 1.15 -14.39
N GLY B 99 11.54 1.60 -14.18
CA GLY B 99 12.16 2.53 -15.12
C GLY B 99 13.15 1.85 -16.04
N ASP B 100 12.90 0.58 -16.33
CA ASP B 100 13.79 -0.19 -17.21
C ASP B 100 13.52 0.13 -18.67
N LYS B 101 14.16 -0.62 -19.56
CA LYS B 101 13.99 -0.41 -21.00
C LYS B 101 13.72 -1.73 -21.70
N GLY A 1 11.16 9.87 23.45
CA GLY A 1 10.95 8.41 23.65
C GLY A 1 11.33 7.60 22.43
N SER A 2 10.69 6.44 22.27
CA SER A 2 10.97 5.56 21.13
C SER A 2 9.83 4.58 20.91
N GLY A 3 9.91 3.81 19.83
CA GLY A 3 8.88 2.83 19.54
C GLY A 3 9.41 1.41 19.54
N SER A 4 8.60 0.48 20.05
CA SER A 4 8.99 -0.92 20.10
C SER A 4 9.14 -1.50 18.71
N GLY A 5 8.09 -1.39 17.90
CA GLY A 5 8.13 -1.92 16.56
C GLY A 5 7.17 -1.20 15.62
N SER A 6 6.91 0.08 15.92
CA SER A 6 6.01 0.88 15.11
C SER A 6 6.70 1.34 13.82
N GLY A 7 7.02 0.39 12.96
CA GLY A 7 7.69 0.71 11.72
C GLY A 7 8.96 -0.08 11.51
N SER A 8 10.10 0.62 11.53
CA SER A 8 11.40 -0.02 11.34
C SER A 8 11.49 -0.67 9.96
N ASN A 9 11.52 0.17 8.93
CA ASN A 9 11.61 -0.33 7.56
C ASN A 9 10.43 -1.23 7.22
N VAL A 10 9.26 -0.61 7.04
CA VAL A 10 8.06 -1.35 6.71
C VAL A 10 8.05 -1.75 5.24
N ILE A 11 7.48 -0.90 4.41
CA ILE A 11 7.41 -1.15 2.97
C ILE A 11 8.82 -1.11 2.36
N ASP A 12 8.90 -0.86 1.06
CA ASP A 12 10.19 -0.81 0.38
C ASP A 12 10.29 0.43 -0.51
N THR A 13 9.79 1.54 0.00
CA THR A 13 9.82 2.81 -0.74
C THR A 13 11.16 3.51 -0.57
N ASP A 14 12.12 2.86 0.08
CA ASP A 14 13.44 3.46 0.30
C ASP A 14 14.18 3.67 -1.01
N PHE A 15 13.69 3.05 -2.07
CA PHE A 15 14.32 3.17 -3.38
C PHE A 15 13.32 3.62 -4.45
N ILE A 16 12.04 3.67 -4.09
CA ILE A 16 11.01 4.08 -5.02
C ILE A 16 11.08 5.57 -5.31
N ASP A 17 10.77 5.93 -6.54
CA ASP A 17 10.77 7.32 -6.97
C ASP A 17 9.35 7.84 -7.08
N GLU A 18 9.12 9.01 -6.48
CA GLU A 18 7.81 9.64 -6.49
C GLU A 18 7.40 10.04 -7.91
N GLU A 19 8.36 10.04 -8.84
CA GLU A 19 8.08 10.40 -10.22
C GLU A 19 7.74 9.17 -11.06
N VAL A 20 8.23 8.01 -10.63
CA VAL A 20 7.99 6.77 -11.32
C VAL A 20 6.56 6.28 -11.09
N LEU A 21 6.18 6.12 -9.83
CA LEU A 21 4.84 5.66 -9.49
C LEU A 21 3.79 6.65 -10.00
N MET A 22 4.17 7.92 -10.06
CA MET A 22 3.27 8.96 -10.53
C MET A 22 2.87 8.71 -11.98
N SER A 23 3.87 8.52 -12.83
CA SER A 23 3.62 8.25 -14.25
C SER A 23 2.73 7.03 -14.41
N LEU A 24 2.93 6.04 -13.54
CA LEU A 24 2.14 4.81 -13.58
C LEU A 24 0.72 5.07 -13.05
N VAL A 25 0.60 6.06 -12.18
CA VAL A 25 -0.69 6.41 -11.60
C VAL A 25 -1.61 7.02 -12.66
N ILE A 26 -1.07 7.91 -13.48
CA ILE A 26 -1.83 8.56 -14.54
C ILE A 26 -2.11 7.57 -15.66
N GLU A 27 -1.15 6.71 -15.93
CA GLU A 27 -1.28 5.72 -17.00
C GLU A 27 -2.34 4.67 -16.67
N MET A 28 -2.40 4.27 -15.41
CA MET A 28 -3.37 3.27 -14.99
C MET A 28 -4.71 3.90 -14.66
N GLY A 29 -4.66 5.04 -13.99
CA GLY A 29 -5.88 5.73 -13.60
C GLY A 29 -6.03 5.78 -12.10
N LEU A 30 -4.92 6.02 -11.43
CA LEU A 30 -4.88 6.09 -9.98
C LEU A 30 -5.08 7.51 -9.46
N ASP A 31 -5.50 8.42 -10.35
CA ASP A 31 -5.73 9.80 -9.98
C ASP A 31 -7.13 10.26 -10.36
N ARG A 32 -8.04 9.30 -10.46
CA ARG A 32 -9.43 9.59 -10.83
C ARG A 32 -10.28 8.33 -10.81
N ILE A 33 -10.31 7.66 -9.66
CA ILE A 33 -11.08 6.43 -9.51
C ILE A 33 -12.48 6.72 -8.97
N LYS A 34 -13.48 6.05 -9.52
CA LYS A 34 -14.86 6.23 -9.09
C LYS A 34 -15.13 5.48 -7.78
N GLU A 35 -14.90 4.18 -7.81
CA GLU A 35 -15.11 3.34 -6.63
C GLU A 35 -13.91 2.43 -6.38
N LEU A 36 -13.28 2.61 -5.22
CA LEU A 36 -12.11 1.81 -4.86
C LEU A 36 -12.52 0.41 -4.44
N PRO A 37 -12.01 -0.63 -5.13
CA PRO A 37 -12.33 -2.03 -4.82
C PRO A 37 -11.73 -2.48 -3.49
N GLU A 38 -12.22 -3.61 -2.98
CA GLU A 38 -11.75 -4.15 -1.72
C GLU A 38 -10.44 -4.92 -1.91
N LEU A 39 -9.56 -4.85 -0.92
CA LEU A 39 -8.29 -5.56 -0.99
C LEU A 39 -8.16 -6.57 0.16
N TRP A 40 -8.50 -7.82 -0.13
CA TRP A 40 -8.40 -8.88 0.87
C TRP A 40 -7.69 -10.10 0.29
N LEU A 41 -6.94 -10.79 1.14
CA LEU A 41 -6.19 -11.99 0.73
C LEU A 41 -6.91 -12.75 -0.40
N GLY A 42 -8.19 -13.04 -0.19
CA GLY A 42 -8.96 -13.74 -1.19
C GLY A 42 -8.27 -14.99 -1.70
N GLN A 43 -7.80 -14.94 -2.95
CA GLN A 43 -7.12 -16.07 -3.56
C GLN A 43 -6.01 -16.60 -2.66
N ASN A 44 -5.45 -17.74 -3.04
CA ASN A 44 -4.38 -18.36 -2.27
C ASN A 44 -3.05 -18.35 -3.05
N GLU A 45 -3.01 -17.58 -4.13
CA GLU A 45 -1.79 -17.49 -4.95
C GLU A 45 -0.83 -16.45 -4.37
N PHE A 46 -1.29 -15.71 -3.37
CA PHE A 46 -0.48 -14.68 -2.74
C PHE A 46 -0.58 -14.79 -1.22
N ASP A 47 -0.82 -16.00 -0.75
CA ASP A 47 -0.95 -16.26 0.68
C ASP A 47 0.32 -15.88 1.44
N PHE A 48 1.40 -15.60 0.71
CA PHE A 48 2.66 -15.20 1.33
C PHE A 48 2.52 -13.88 2.09
N MET A 49 1.39 -13.20 1.92
CA MET A 49 1.16 -11.92 2.59
C MET A 49 0.74 -12.11 4.06
N THR A 50 0.81 -13.35 4.53
CA THR A 50 0.44 -13.64 5.92
C THR A 50 1.62 -14.21 6.69
N ASP A 51 2.30 -15.20 6.10
CA ASP A 51 3.45 -15.82 6.72
C ASP A 51 3.08 -16.55 8.00
N PHE A 52 1.79 -16.72 8.19
CA PHE A 52 1.26 -17.40 9.37
C PHE A 52 -0.24 -17.65 9.23
N MET B 1 -25.89 -9.05 -1.03
CA MET B 1 -24.49 -9.21 -0.55
C MET B 1 -24.40 -9.11 0.97
N GLY B 2 -25.18 -9.95 1.66
CA GLY B 2 -25.18 -9.94 3.10
C GLY B 2 -25.68 -11.25 3.69
N SER B 3 -25.17 -12.36 3.17
CA SER B 3 -25.56 -13.68 3.65
C SER B 3 -24.44 -14.68 3.47
N GLY B 4 -23.83 -14.68 2.29
CA GLY B 4 -22.75 -15.60 2.01
C GLY B 4 -21.41 -14.90 1.91
N ALA B 5 -20.78 -14.99 0.74
CA ALA B 5 -19.49 -14.37 0.51
C ALA B 5 -19.49 -13.56 -0.79
N HIS B 6 -18.56 -13.87 -1.68
CA HIS B 6 -18.44 -13.19 -2.96
C HIS B 6 -17.83 -11.79 -2.79
N THR B 7 -17.17 -11.57 -1.67
CA THR B 7 -16.55 -10.29 -1.40
C THR B 7 -15.13 -10.24 -1.96
N ALA B 8 -14.15 -10.53 -1.12
CA ALA B 8 -12.75 -10.53 -1.54
C ALA B 8 -12.56 -11.27 -2.85
N ASP B 9 -11.96 -10.61 -3.83
CA ASP B 9 -11.74 -11.21 -5.15
C ASP B 9 -10.25 -11.31 -5.49
N PRO B 10 -9.90 -12.17 -6.47
CA PRO B 10 -8.51 -12.36 -6.91
C PRO B 10 -7.92 -11.10 -7.52
N GLU B 11 -8.77 -10.11 -7.79
CA GLU B 11 -8.31 -8.85 -8.34
C GLU B 11 -7.37 -8.19 -7.33
N LYS B 12 -7.35 -8.74 -6.12
CA LYS B 12 -6.51 -8.24 -5.05
C LYS B 12 -5.07 -8.15 -5.50
N ARG B 13 -4.51 -9.27 -5.94
CA ARG B 13 -3.12 -9.28 -6.40
C ARG B 13 -2.88 -8.13 -7.39
N LYS B 14 -3.86 -7.91 -8.25
CA LYS B 14 -3.78 -6.83 -9.23
C LYS B 14 -4.00 -5.48 -8.55
N LEU B 15 -4.97 -5.46 -7.66
CA LEU B 15 -5.30 -4.24 -6.92
C LEU B 15 -4.19 -3.92 -5.94
N ILE B 16 -3.47 -4.96 -5.50
CA ILE B 16 -2.38 -4.78 -4.58
C ILE B 16 -1.31 -3.93 -5.24
N GLN B 17 -0.88 -4.36 -6.44
CA GLN B 17 0.12 -3.61 -7.18
C GLN B 17 -0.29 -2.15 -7.29
N GLN B 18 -1.52 -1.92 -7.75
CA GLN B 18 -2.03 -0.57 -7.91
C GLN B 18 -2.20 0.09 -6.54
N GLN B 19 -2.79 -0.65 -5.61
CA GLN B 19 -3.02 -0.13 -4.26
C GLN B 19 -1.70 0.22 -3.62
N LEU B 20 -0.78 -0.73 -3.58
CA LEU B 20 0.53 -0.47 -3.01
C LEU B 20 1.07 0.84 -3.52
N VAL B 21 0.79 1.14 -4.79
CA VAL B 21 1.29 2.38 -5.39
C VAL B 21 0.61 3.59 -4.75
N LEU B 22 -0.65 3.44 -4.40
CA LEU B 22 -1.39 4.51 -3.75
C LEU B 22 -1.05 4.54 -2.27
N LEU B 23 -0.64 3.39 -1.75
CA LEU B 23 -0.25 3.28 -0.36
C LEU B 23 1.24 3.62 -0.24
N LEU B 24 1.97 3.39 -1.32
CA LEU B 24 3.39 3.68 -1.37
C LEU B 24 3.60 5.18 -1.45
N HIS B 25 2.91 5.79 -2.41
CA HIS B 25 2.98 7.23 -2.58
C HIS B 25 2.38 7.92 -1.37
N ALA B 26 1.14 7.55 -1.06
CA ALA B 26 0.45 8.11 0.10
C ALA B 26 1.32 8.02 1.34
N HIS B 27 2.16 7.00 1.39
CA HIS B 27 3.05 6.80 2.52
C HIS B 27 4.04 7.96 2.62
N LYS B 28 4.99 8.00 1.71
CA LYS B 28 5.98 9.07 1.71
C LYS B 28 5.29 10.40 1.45
N CYS B 29 4.06 10.35 0.94
CA CYS B 29 3.28 11.56 0.68
C CYS B 29 2.78 12.14 1.99
N GLN B 30 2.52 11.26 2.96
CA GLN B 30 2.04 11.70 4.28
C GLN B 30 3.20 12.07 5.19
N ARG B 31 4.38 11.52 4.90
CA ARG B 31 5.57 11.78 5.70
C ARG B 31 6.19 13.13 5.35
N ARG B 32 5.71 13.75 4.27
CA ARG B 32 6.23 15.04 3.83
C ARG B 32 6.10 16.10 4.93
N GLU B 33 5.28 15.82 5.92
CA GLU B 33 5.06 16.72 7.03
C GLU B 33 6.06 16.46 8.16
N GLN B 34 6.60 15.23 8.19
CA GLN B 34 7.55 14.85 9.23
C GLN B 34 8.99 15.04 8.77
N ALA B 35 9.22 14.99 7.47
CA ALA B 35 10.56 15.15 6.92
C ALA B 35 10.94 16.61 6.76
N ASN B 36 9.92 17.44 6.69
CA ASN B 36 10.12 18.88 6.54
C ASN B 36 9.34 19.66 7.60
N GLY B 37 8.60 18.94 8.43
CA GLY B 37 7.81 19.56 9.48
C GLY B 37 6.53 20.18 8.95
N GLU B 38 6.50 20.54 7.67
CA GLU B 38 5.33 21.13 7.06
C GLU B 38 4.78 20.25 5.94
N VAL B 39 3.47 20.16 5.84
CA VAL B 39 2.84 19.35 4.80
C VAL B 39 2.47 20.19 3.59
N ARG B 40 2.30 19.54 2.45
CA ARG B 40 1.95 20.21 1.22
C ARG B 40 0.73 19.57 0.57
N GLN B 41 -0.07 20.38 -0.11
CA GLN B 41 -1.28 19.88 -0.77
C GLN B 41 -0.91 18.86 -1.85
N CYS B 42 -1.51 17.68 -1.75
CA CYS B 42 -1.24 16.61 -2.71
C CYS B 42 -2.19 16.70 -3.91
N ASN B 43 -1.63 16.81 -5.10
CA ASN B 43 -2.42 16.90 -6.32
C ASN B 43 -3.28 15.66 -6.49
N LEU B 44 -2.83 14.55 -5.93
CA LEU B 44 -3.57 13.29 -6.02
C LEU B 44 -4.73 13.27 -5.02
N PRO B 45 -5.97 13.32 -5.52
CA PRO B 45 -7.16 13.30 -4.66
C PRO B 45 -7.36 11.96 -3.97
N HIS B 46 -6.87 10.89 -4.61
CA HIS B 46 -6.99 9.55 -4.05
C HIS B 46 -6.01 9.33 -2.91
N CYS B 47 -4.91 10.07 -2.93
CA CYS B 47 -3.89 9.97 -1.89
C CYS B 47 -4.50 10.12 -0.50
N ARG B 48 -5.45 11.04 -0.37
CA ARG B 48 -6.11 11.30 0.90
C ARG B 48 -6.70 10.02 1.49
N THR B 49 -7.03 9.07 0.62
CA THR B 49 -7.61 7.80 1.07
C THR B 49 -6.56 6.94 1.77
N MET B 50 -5.55 6.51 1.02
CA MET B 50 -4.49 5.67 1.57
C MET B 50 -3.78 6.38 2.73
N LYS B 51 -3.75 7.71 2.66
CA LYS B 51 -3.12 8.51 3.70
C LYS B 51 -3.81 8.30 5.04
N ASN B 52 -5.13 8.46 5.04
CA ASN B 52 -5.93 8.30 6.25
C ASN B 52 -5.96 6.84 6.70
N VAL B 53 -5.63 5.94 5.77
CA VAL B 53 -5.63 4.51 6.08
C VAL B 53 -4.30 4.07 6.68
N LEU B 54 -3.20 4.31 5.96
CA LEU B 54 -1.91 3.93 6.44
C LEU B 54 -1.59 4.61 7.76
N ASN B 55 -2.23 5.75 7.99
CA ASN B 55 -2.05 6.48 9.23
C ASN B 55 -2.97 5.91 10.30
N HIS B 56 -4.19 5.59 9.88
CA HIS B 56 -5.19 5.03 10.78
C HIS B 56 -4.67 3.73 11.39
N MET B 57 -4.06 2.89 10.54
CA MET B 57 -3.50 1.61 10.99
C MET B 57 -2.39 1.84 12.00
N THR B 58 -1.69 2.94 11.80
CA THR B 58 -0.57 3.33 12.65
C THR B 58 -1.10 3.78 14.01
N HIS B 59 -2.34 4.25 14.00
CA HIS B 59 -2.99 4.70 15.23
C HIS B 59 -3.98 3.63 15.67
N CYS B 60 -4.16 2.65 14.79
CA CYS B 60 -5.08 1.55 15.05
C CYS B 60 -4.44 0.51 15.97
N GLN B 61 -5.17 0.18 17.03
CA GLN B 61 -4.69 -0.80 18.02
C GLN B 61 -4.88 -2.23 17.56
N SER B 62 -5.44 -2.41 16.37
CA SER B 62 -5.67 -3.74 15.84
C SER B 62 -4.76 -3.97 14.66
N GLY B 63 -4.51 -2.91 13.93
CA GLY B 63 -3.64 -2.96 12.77
C GLY B 63 -3.99 -4.06 11.81
N LYS B 64 -3.52 -5.26 12.13
CA LYS B 64 -3.77 -6.43 11.30
C LYS B 64 -5.19 -6.94 11.46
N SER B 65 -5.70 -6.90 12.69
CA SER B 65 -7.06 -7.34 12.96
C SER B 65 -8.03 -6.21 12.63
N CYS B 66 -7.46 -5.03 12.45
CA CYS B 66 -8.20 -3.84 12.11
C CYS B 66 -8.91 -4.02 10.80
N GLN B 67 -10.21 -4.22 10.88
CA GLN B 67 -11.02 -4.42 9.71
C GLN B 67 -11.68 -3.11 9.29
N VAL B 68 -11.05 -2.00 9.67
CA VAL B 68 -11.56 -0.68 9.34
C VAL B 68 -11.28 -0.39 7.87
N ALA B 69 -12.35 -0.09 7.15
CA ALA B 69 -12.25 0.20 5.72
C ALA B 69 -11.14 -0.63 5.05
N HIS B 70 -10.01 0.01 4.75
CA HIS B 70 -8.89 -0.66 4.10
C HIS B 70 -7.74 -0.97 5.08
N CYS B 71 -7.85 -0.48 6.32
CA CYS B 71 -6.81 -0.69 7.33
C CYS B 71 -6.15 -2.06 7.20
N ALA B 72 -6.90 -3.12 7.49
CA ALA B 72 -6.36 -4.47 7.40
C ALA B 72 -5.74 -4.72 6.03
N SER B 73 -6.38 -4.19 4.99
CA SER B 73 -5.87 -4.35 3.64
C SER B 73 -4.50 -3.68 3.52
N SER B 74 -4.42 -2.45 4.02
CA SER B 74 -3.17 -1.71 4.00
C SER B 74 -2.10 -2.47 4.75
N ARG B 75 -2.37 -2.73 6.02
CA ARG B 75 -1.43 -3.45 6.87
C ARG B 75 -1.11 -4.83 6.27
N GLN B 76 -2.15 -5.57 5.92
CA GLN B 76 -1.96 -6.89 5.32
C GLN B 76 -1.14 -6.79 4.04
N ILE B 77 -1.50 -5.84 3.19
CA ILE B 77 -0.77 -5.64 1.93
C ILE B 77 0.64 -5.14 2.22
N ILE B 78 0.75 -3.96 2.83
CA ILE B 78 2.05 -3.38 3.17
C ILE B 78 2.90 -4.40 3.92
N SER B 79 2.22 -5.29 4.65
CA SER B 79 2.92 -6.32 5.40
C SER B 79 3.72 -7.20 4.45
N HIS B 80 3.05 -7.69 3.39
CA HIS B 80 3.70 -8.51 2.39
C HIS B 80 4.94 -7.80 1.88
N TRP B 81 4.70 -6.61 1.34
CA TRP B 81 5.75 -5.79 0.79
C TRP B 81 6.95 -5.68 1.74
N LYS B 82 6.68 -5.81 3.04
CA LYS B 82 7.73 -5.73 4.04
C LYS B 82 8.42 -7.09 4.21
N ASN B 83 7.63 -8.15 4.23
CA ASN B 83 8.15 -9.50 4.39
C ASN B 83 8.78 -10.01 3.08
N CYS B 84 8.37 -9.42 1.96
CA CYS B 84 8.88 -9.82 0.65
C CYS B 84 10.41 -9.81 0.64
N THR B 85 11.00 -10.81 -0.03
CA THR B 85 12.45 -10.91 -0.13
C THR B 85 12.94 -10.51 -1.51
N ARG B 86 14.24 -10.58 -1.71
CA ARG B 86 14.85 -10.22 -2.98
C ARG B 86 15.15 -11.47 -3.82
N HIS B 87 14.18 -12.38 -3.86
CA HIS B 87 14.35 -13.63 -4.61
C HIS B 87 13.65 -13.53 -5.97
N ASP B 88 12.33 -13.36 -5.93
CA ASP B 88 11.54 -13.26 -7.16
C ASP B 88 10.16 -12.68 -6.87
N CYS B 89 10.13 -11.60 -6.11
CA CYS B 89 8.88 -10.93 -5.76
C CYS B 89 8.38 -10.07 -6.92
N PRO B 90 7.19 -10.37 -7.45
CA PRO B 90 6.61 -9.61 -8.57
C PRO B 90 5.95 -8.30 -8.13
N VAL B 91 5.97 -8.04 -6.82
CA VAL B 91 5.37 -6.84 -6.27
C VAL B 91 6.41 -5.73 -6.03
N CYS B 92 7.21 -5.92 -4.98
CA CYS B 92 8.25 -4.95 -4.58
C CYS B 92 9.35 -4.82 -5.64
N LEU B 93 10.02 -5.92 -5.93
CA LEU B 93 11.13 -5.93 -6.90
C LEU B 93 10.79 -5.13 -8.15
N PRO B 94 9.82 -5.58 -8.96
CA PRO B 94 9.44 -4.88 -10.19
C PRO B 94 9.14 -3.41 -9.94
N LEU B 95 8.32 -3.13 -8.93
CA LEU B 95 7.98 -1.74 -8.61
C LEU B 95 9.24 -0.96 -8.25
N LYS B 96 10.30 -1.67 -7.87
CA LYS B 96 11.56 -1.04 -7.51
C LYS B 96 12.37 -0.70 -8.76
N ASN B 97 12.11 -1.45 -9.80
CA ASN B 97 12.79 -1.25 -11.08
C ASN B 97 12.08 -0.19 -11.92
N ALA B 98 10.84 -0.50 -12.32
CA ALA B 98 10.05 0.42 -13.12
C ALA B 98 8.56 0.19 -12.92
N GLY B 99 8.02 -0.79 -13.61
CA GLY B 99 6.60 -1.10 -13.48
C GLY B 99 6.12 -2.04 -14.58
N ASP B 100 6.13 -1.56 -15.82
CA ASP B 100 5.69 -2.35 -16.96
C ASP B 100 6.87 -2.73 -17.84
N LYS B 101 7.47 -3.89 -17.56
CA LYS B 101 8.60 -4.37 -18.33
C LYS B 101 9.76 -3.39 -18.25
#